data_8GTP
#
_entry.id   8GTP
#
loop_
_entity.id
_entity.type
_entity.pdbx_description
1 polymer 'Spike glycoprotein'
2 polymer 'heavy chain of XGv289'
3 polymer 'light chain of XGv289'
4 branched 2-acetamido-2-deoxy-beta-D-glucopyranose-(1-4)-2-acetamido-2-deoxy-beta-D-glucopyranose
5 non-polymer 2-acetamido-2-deoxy-beta-D-glucopyranose
#
loop_
_entity_poly.entity_id
_entity_poly.type
_entity_poly.pdbx_seq_one_letter_code
_entity_poly.pdbx_strand_id
1 'polypeptide(L)'
;MFVFLVLLPLVSSQCVNLITRTQLPPAYTNSFTRGVYYPDKVFRSSVLHSTQDLFLPFFSNVTWFHAISGTNGTKRFDNP
VLPFNDGVYFASTEKSNIIRGWIFGTTLDSKTQSLLIVNNATNVVIKVCEFQFCNDPFLDVYYHKNNKSWMESEFRVYSS
ANNCTFEYVSQPFLMDLEGKQGNFKNLREFVFKNIDGYFKIYSKHTPINLGRDLPQGFSALEPLVDLPIGINITRFQTLL
ALHRSYLTPGDSSSGWTAGAAAYYVGYLQPRTFLLKYNENGTITDAVDCALDPLSETKCTLKSFTVEKGIYQTSNFRVQP
TESIVRFPNITNLCPFDEVFNATRFASVYAWNRKRISNCVADYSVLYNFAPFFAFKCYGVSPTKLNDLCFTNVYADSFVI
RGNEVSQIAPGQTGNIADYNYKLPDDFTGCVIAWNSNKLDSKVGGNYNYRYRLFRKSNLKPFERDISTEIYQAGNKPCNG
VAGVNCYFPLQSYGFRPTYGVGHQPYRVVVLSFELLHAPATVCGPKKSTNLVKNKCVNFNFNGLTGTGVLTESNKKFLPF
QQFGRDIADTTDAVRDPQTLEILDITPCSFGGVSVITPGTNTSNQVAVLYQGVNCTEVPVAIHADQLTPTWRVYSTGSNV
FQTRAGCLIGAEYVNNSYECDIPIGAGICASYQTQTKSHRRARSVASQSIIAYTMSLGAENSVAYSNNSIAIPTNFTISV
TTEILPVSMTKTSVDCTMYICGDSTECSNLLLQYGSFCTQLKRALTGIAVEQDKNTQEVFAQVKQIYKTPPIKYFGGFNF
SQILPDPSKPSKRSPIEDLLFNKVTLADAGFIKQYGDCLGDIAARDLICAQKFNGLTVLPPLLTDEMIAQYTSALLAGTI
TSGWTFGAGPALQIPFPMQMAYRFNGIGVTQNVLYENQKLIANQFNSAIGKIQDSLSSTPSALGKLQDVVNHNAQALNTL
VKQLSSKFGAISSVLNDILSRLDPPEAEVQIDRLITGRLQSLQTYVTQQLIRAAEIRASANLAATKMSECVLGQSKRVDF
CGKGYHLMSFPQSAPHGVVFLHVTYVPAQEKNFTTAPAICHDGKAHFPREGVFVSNGTHWFVTQRNFYEPQIITTDNTFV
SGNCDVVIGIVNNTVYDPLQPELDSFKEELDKYFKNHTSPDVDLGDISGINASVVNIQKEIDRLNEVAKNLNESLIDLQE
LGKYEQYIKWPWYIWLGFIAGLIAIVMVTIMLCCMTSCCSCLKGCCSCGSCCKFDEDDSEPVLKGVKLHYT
;
A,B,C
2 'polypeptide(L)'
;QVQLVQSGAEVKKPGASLKVSCRASGYTFTSHFIHWVRQAPGQGLEWMGIINPSGGASYAQNFRDRVTMTTDPSTSTVYM
ELGSLRSEDTAVYYCARAEGSSWLGWFDPWGQGTLVTVSS
;
H,I,J
3 'polypeptide(L)'
;SVLTQPPSASGTPGQRVTIPCSGSSSNIGNNYVYWYQQLPGTAPKLLVYGNNQRPSGVPDRFSVSKSGTSASLAISGLRS
EDEADYYCAAWDDGLSGSGWVFGGGTKLTVL
;
L,M,N
#
# COMPACT_ATOMS: atom_id res chain seq x y z
N PRO A 25 22.73 53.80 24.60
CA PRO A 25 21.83 53.07 25.51
C PRO A 25 20.53 52.66 24.80
N PRO A 26 19.96 51.53 25.19
CA PRO A 26 18.71 51.08 24.55
C PRO A 26 17.50 51.76 25.17
N ALA A 27 16.37 51.63 24.48
CA ALA A 27 15.09 52.15 24.95
C ALA A 27 13.99 51.33 24.29
N TYR A 28 13.17 50.68 25.10
CA TYR A 28 12.20 49.71 24.61
C TYR A 28 10.80 50.29 24.63
N THR A 29 9.91 49.63 23.89
CA THR A 29 8.50 49.98 23.88
C THR A 29 7.69 48.70 23.73
N ASN A 30 6.59 48.60 24.47
CA ASN A 30 5.70 47.45 24.38
C ASN A 30 4.86 47.58 23.12
N SER A 31 5.02 46.65 22.20
CA SER A 31 4.14 46.53 21.05
C SER A 31 3.04 45.56 21.41
N PHE A 32 1.80 46.04 21.43
CA PHE A 32 0.70 45.26 21.99
C PHE A 32 0.18 44.24 20.99
N THR A 33 -0.45 44.71 19.92
CA THR A 33 -0.93 43.84 18.85
C THR A 33 -0.55 44.53 17.54
N ARG A 34 0.68 44.30 17.10
CA ARG A 34 1.22 44.99 15.94
C ARG A 34 1.82 43.99 14.99
N GLY A 35 1.91 44.37 13.73
CA GLY A 35 2.62 43.57 12.75
C GLY A 35 1.90 42.32 12.31
N VAL A 36 0.58 42.29 12.42
CA VAL A 36 -0.21 41.18 11.89
C VAL A 36 -0.48 41.47 10.43
N TYR A 37 0.01 40.63 9.54
CA TYR A 37 -0.13 40.88 8.12
C TYR A 37 -1.01 39.79 7.50
N TYR A 38 -1.46 40.07 6.29
CA TYR A 38 -2.22 39.08 5.54
C TYR A 38 -1.28 37.97 5.08
N PRO A 39 -1.52 36.72 5.46
CA PRO A 39 -0.54 35.67 5.11
C PRO A 39 -0.54 35.30 3.64
N ASP A 40 -1.70 35.34 2.98
CA ASP A 40 -1.77 34.93 1.58
C ASP A 40 -2.82 35.75 0.86
N LYS A 41 -2.76 35.70 -0.47
CA LYS A 41 -3.66 36.47 -1.31
C LYS A 41 -4.90 35.63 -1.63
N VAL A 42 -5.71 35.46 -0.59
CA VAL A 42 -6.91 34.62 -0.63
C VAL A 42 -8.02 35.35 0.10
N PHE A 43 -9.16 35.52 -0.55
CA PHE A 43 -10.31 36.12 0.10
C PHE A 43 -10.96 35.10 1.02
N ARG A 44 -11.33 35.55 2.22
CA ARG A 44 -12.03 34.70 3.17
C ARG A 44 -13.12 35.52 3.85
N SER A 45 -14.30 34.92 3.96
CA SER A 45 -15.47 35.54 4.59
C SER A 45 -15.36 35.44 6.10
N SER A 46 -16.47 35.56 6.82
CA SER A 46 -16.41 35.57 8.29
C SER A 46 -15.97 34.21 8.79
N VAL A 47 -14.66 34.07 9.00
CA VAL A 47 -14.00 32.78 9.16
C VAL A 47 -12.82 33.00 10.10
N LEU A 48 -12.68 32.14 11.12
CA LEU A 48 -11.51 32.15 11.98
C LEU A 48 -10.51 31.15 11.42
N HIS A 49 -9.42 31.66 10.85
CA HIS A 49 -8.42 30.82 10.21
C HIS A 49 -7.18 30.75 11.07
N SER A 50 -6.67 29.55 11.29
CA SER A 50 -5.50 29.32 12.13
C SER A 50 -4.28 29.09 11.24
N THR A 51 -3.36 30.03 11.25
CA THR A 51 -2.19 29.98 10.40
C THR A 51 -0.93 29.84 11.24
N GLN A 52 0.16 29.47 10.60
CA GLN A 52 1.45 29.28 11.28
C GLN A 52 2.54 29.82 10.37
N ASP A 53 3.13 30.94 10.76
CA ASP A 53 4.06 31.64 9.87
C ASP A 53 4.93 32.55 10.74
N LEU A 54 5.74 33.38 10.11
CA LEU A 54 6.59 34.32 10.85
C LEU A 54 5.77 35.53 11.24
N PHE A 55 5.48 35.67 12.53
CA PHE A 55 4.75 36.81 13.04
C PHE A 55 5.54 37.46 14.16
N LEU A 56 5.38 38.75 14.33
CA LEU A 56 5.92 39.43 15.49
C LEU A 56 5.07 39.11 16.71
N PRO A 57 5.65 38.62 17.80
CA PRO A 57 4.83 38.12 18.92
C PRO A 57 4.12 39.22 19.66
N PHE A 58 2.98 38.86 20.24
CA PHE A 58 2.12 39.84 20.89
C PHE A 58 2.73 40.30 22.20
N PHE A 59 2.50 41.58 22.52
CA PHE A 59 2.96 42.23 23.76
C PHE A 59 4.46 42.14 23.92
N SER A 60 5.19 42.38 22.84
CA SER A 60 6.63 42.20 22.82
C SER A 60 7.35 43.50 23.10
N ASN A 61 8.67 43.42 23.18
CA ASN A 61 9.53 44.59 23.39
C ASN A 61 10.19 44.94 22.07
N VAL A 62 9.70 45.96 21.41
CA VAL A 62 10.40 46.47 20.24
C VAL A 62 11.37 47.53 20.72
N THR A 63 12.41 47.78 19.93
CA THR A 63 13.44 48.73 20.31
C THR A 63 13.16 50.06 19.63
N TRP A 64 13.24 51.13 20.41
CA TRP A 64 12.84 52.47 19.99
C TRP A 64 14.11 53.27 19.71
N PHE A 65 14.59 53.22 18.47
CA PHE A 65 15.79 53.95 18.10
C PHE A 65 15.44 55.39 17.78
N HIS A 66 16.42 56.26 17.96
CA HIS A 66 16.30 57.66 17.59
C HIS A 66 17.11 58.03 16.36
N ALA A 67 18.42 57.73 16.37
CA ALA A 67 19.37 58.12 15.33
C ALA A 67 19.37 59.63 15.09
N ILE A 68 19.24 60.39 16.19
CA ILE A 68 19.30 61.84 16.17
C ILE A 68 19.66 62.36 17.55
N ARG A 76 25.25 63.23 17.60
CA ARG A 76 23.80 63.20 17.43
C ARG A 76 23.39 62.09 16.46
N PHE A 77 23.94 62.12 15.26
CA PHE A 77 23.59 61.16 14.22
C PHE A 77 24.26 59.83 14.50
N ASP A 78 23.46 58.81 14.84
CA ASP A 78 24.00 57.49 15.11
C ASP A 78 22.93 56.45 14.76
N ASN A 79 23.01 55.89 13.56
CA ASN A 79 22.11 54.82 13.16
C ASN A 79 22.89 53.52 13.05
N PRO A 80 22.45 52.46 13.72
CA PRO A 80 23.24 51.23 13.77
C PRO A 80 22.90 50.26 12.64
N VAL A 81 23.79 49.29 12.47
CA VAL A 81 23.61 48.23 11.48
C VAL A 81 23.07 47.02 12.22
N LEU A 82 21.82 46.78 12.08
CA LEU A 82 21.13 45.77 12.87
C LEU A 82 21.08 44.45 12.13
N PRO A 83 20.96 43.34 12.85
CA PRO A 83 20.72 42.05 12.19
C PRO A 83 19.28 41.95 11.68
N PHE A 84 19.03 40.84 10.98
CA PHE A 84 17.74 40.55 10.38
C PHE A 84 17.08 39.34 11.03
N ASN A 85 17.74 38.18 10.95
CA ASN A 85 17.54 36.90 11.63
C ASN A 85 16.28 36.12 11.25
N ASP A 86 15.17 36.81 11.02
CA ASP A 86 13.95 36.35 10.36
C ASP A 86 13.07 37.58 10.18
N GLY A 87 13.09 38.26 9.05
CA GLY A 87 12.26 39.46 8.92
C GLY A 87 12.51 40.62 9.89
N VAL A 88 11.80 41.72 9.68
CA VAL A 88 11.87 42.91 10.52
C VAL A 88 10.52 43.61 10.46
N TYR A 89 9.95 43.91 11.62
CA TYR A 89 8.83 44.83 11.71
C TYR A 89 9.40 46.21 12.00
N PHE A 90 9.04 47.19 11.19
CA PHE A 90 9.65 48.51 11.21
C PHE A 90 8.52 49.54 11.24
N ALA A 91 8.33 50.19 12.37
CA ALA A 91 7.33 51.24 12.49
C ALA A 91 8.02 52.59 12.56
N SER A 92 7.34 53.62 12.09
CA SER A 92 7.93 54.96 12.16
C SER A 92 6.83 56.00 12.23
N THR A 93 7.12 57.09 12.93
CA THR A 93 6.17 58.19 13.13
C THR A 93 6.89 59.47 12.78
N GLU A 94 6.81 59.88 11.52
CA GLU A 94 7.55 61.05 11.06
C GLU A 94 6.71 61.82 10.05
N LYS A 95 6.37 63.07 10.38
CA LYS A 95 5.58 63.88 9.47
C LYS A 95 6.42 64.48 8.34
N SER A 96 7.74 64.55 8.51
CA SER A 96 8.63 65.00 7.45
C SER A 96 9.03 63.79 6.61
N ASN A 97 10.00 63.97 5.72
CA ASN A 97 10.52 62.89 4.90
C ASN A 97 12.00 62.74 5.21
N ILE A 98 12.30 61.97 6.26
CA ILE A 98 13.66 61.69 6.68
C ILE A 98 14.00 60.21 6.53
N ILE A 99 13.17 59.34 7.08
CA ILE A 99 13.39 57.91 6.93
C ILE A 99 13.03 57.56 5.49
N ARG A 100 14.04 57.50 4.64
CA ARG A 100 13.85 57.56 3.21
C ARG A 100 14.53 56.39 2.54
N GLY A 101 14.31 55.19 3.06
CA GLY A 101 14.78 53.97 2.42
C GLY A 101 15.58 53.10 3.37
N TRP A 102 16.03 51.98 2.82
CA TRP A 102 16.74 50.97 3.59
C TRP A 102 17.89 50.39 2.79
N ILE A 103 18.77 49.70 3.50
CA ILE A 103 19.92 49.00 2.94
C ILE A 103 19.91 47.61 3.54
N PHE A 104 19.83 46.59 2.69
CA PHE A 104 19.89 45.20 3.13
C PHE A 104 21.11 44.54 2.51
N GLY A 105 21.71 43.58 3.21
CA GLY A 105 22.83 42.87 2.63
C GLY A 105 23.36 41.84 3.59
N THR A 106 24.52 41.31 3.26
CA THR A 106 25.18 40.33 4.13
C THR A 106 26.50 40.83 4.67
N THR A 107 27.31 41.51 3.88
CA THR A 107 28.49 42.19 4.41
C THR A 107 28.43 43.70 4.25
N LEU A 108 27.46 44.21 3.49
CA LEU A 108 27.30 45.63 3.16
C LEU A 108 28.57 46.19 2.52
N ASP A 109 29.10 45.45 1.55
CA ASP A 109 30.36 45.79 0.93
C ASP A 109 30.32 45.28 -0.51
N SER A 110 31.45 45.33 -1.19
CA SER A 110 31.60 44.73 -2.51
C SER A 110 31.76 43.22 -2.35
N LYS A 111 32.08 42.54 -3.46
CA LYS A 111 32.36 41.10 -3.57
C LYS A 111 31.22 40.18 -3.11
N THR A 112 30.08 40.76 -2.76
CA THR A 112 28.82 40.07 -2.51
C THR A 112 27.72 41.09 -2.67
N GLN A 113 26.55 40.62 -3.12
CA GLN A 113 25.53 41.57 -3.54
C GLN A 113 24.73 42.07 -2.35
N SER A 114 24.02 43.16 -2.57
CA SER A 114 23.22 43.79 -1.54
C SER A 114 22.11 44.59 -2.21
N LEU A 115 21.03 44.78 -1.44
CA LEU A 115 19.80 45.39 -1.89
C LEU A 115 19.68 46.78 -1.33
N LEU A 116 19.11 47.70 -2.12
CA LEU A 116 19.01 49.10 -1.75
C LEU A 116 17.63 49.60 -2.14
N ILE A 117 16.87 50.09 -1.15
CA ILE A 117 15.57 50.70 -1.39
C ILE A 117 15.71 52.18 -1.13
N VAL A 118 15.66 52.99 -2.16
CA VAL A 118 15.66 54.43 -2.01
C VAL A 118 14.29 54.92 -2.44
N ASN A 119 13.90 56.08 -1.91
CA ASN A 119 12.51 56.52 -1.94
C ASN A 119 12.46 57.99 -2.33
N ASN A 120 12.38 58.26 -3.63
CA ASN A 120 12.34 59.63 -4.12
C ASN A 120 10.98 60.25 -3.84
N ALA A 121 10.80 61.50 -4.28
CA ALA A 121 9.54 62.17 -4.04
C ALA A 121 8.41 61.65 -4.92
N THR A 122 8.74 60.95 -6.01
CA THR A 122 7.72 60.38 -6.88
C THR A 122 7.75 58.86 -6.98
N ASN A 123 8.91 58.21 -6.83
CA ASN A 123 8.95 56.78 -7.08
C ASN A 123 10.05 56.10 -6.27
N VAL A 124 9.81 54.85 -5.93
CA VAL A 124 10.77 54.01 -5.24
C VAL A 124 11.59 53.24 -6.28
N VAL A 125 12.90 53.13 -6.04
CA VAL A 125 13.80 52.43 -6.96
C VAL A 125 14.55 51.38 -6.14
N ILE A 126 14.14 50.13 -6.27
CA ILE A 126 14.84 49.03 -5.62
C ILE A 126 15.96 48.55 -6.54
N LYS A 127 17.15 48.35 -6.00
CA LYS A 127 18.32 48.04 -6.81
C LYS A 127 19.20 47.05 -6.08
N VAL A 128 19.55 45.93 -6.71
CA VAL A 128 20.30 44.87 -6.05
C VAL A 128 21.65 44.77 -6.75
N CYS A 129 22.60 45.58 -6.33
CA CYS A 129 23.93 45.58 -6.95
C CYS A 129 25.06 45.42 -5.93
N GLU A 130 26.27 45.22 -6.42
CA GLU A 130 27.43 45.05 -5.55
C GLU A 130 27.88 46.44 -5.11
N PHE A 131 27.15 46.99 -4.14
CA PHE A 131 27.42 48.33 -3.67
C PHE A 131 28.61 48.35 -2.73
N GLN A 132 29.55 49.27 -2.96
CA GLN A 132 30.60 49.55 -1.99
C GLN A 132 30.03 50.59 -1.04
N PHE A 133 29.36 50.11 0.01
CA PHE A 133 28.65 50.98 0.92
C PHE A 133 29.62 51.75 1.79
N CYS A 134 29.30 53.03 2.04
CA CYS A 134 30.14 53.87 2.87
C CYS A 134 29.94 53.53 4.35
N ASN A 135 30.67 54.22 5.21
CA ASN A 135 30.59 53.94 6.64
C ASN A 135 29.31 54.49 7.24
N ASP A 136 29.06 55.79 7.03
CA ASP A 136 27.83 56.45 7.47
C ASP A 136 27.02 56.82 6.23
N PRO A 137 26.10 55.97 5.79
CA PRO A 137 25.37 56.27 4.54
C PRO A 137 24.21 57.22 4.79
N PHE A 138 24.09 58.23 3.93
CA PHE A 138 22.98 59.15 3.98
C PHE A 138 22.78 59.71 2.57
N LEU A 139 21.54 60.10 2.29
CA LEU A 139 21.28 60.88 1.09
C LEU A 139 21.66 62.33 1.35
N ASP A 140 21.75 63.11 0.28
CA ASP A 140 22.17 64.50 0.41
C ASP A 140 21.29 65.39 -0.46
N VAL A 141 20.40 66.14 0.18
CA VAL A 141 19.45 66.98 -0.51
C VAL A 141 19.96 68.42 -0.46
N TYR A 142 19.55 69.24 -1.43
CA TYR A 142 19.88 70.67 -1.48
C TYR A 142 19.36 71.43 -0.25
N MET A 151 17.90 69.56 -6.15
CA MET A 151 19.07 68.71 -6.11
C MET A 151 18.90 67.61 -5.08
N GLU A 152 19.19 66.37 -5.48
CA GLU A 152 19.12 65.23 -4.57
C GLU A 152 20.13 64.21 -5.04
N SER A 153 21.25 64.10 -4.33
CA SER A 153 22.37 63.30 -4.80
C SER A 153 22.37 61.92 -4.16
N GLU A 154 23.30 61.08 -4.61
CA GLU A 154 23.37 59.69 -4.16
C GLU A 154 24.78 59.25 -3.81
N PHE A 155 25.80 60.06 -4.07
CA PHE A 155 27.20 59.62 -4.00
C PHE A 155 27.73 59.55 -2.57
N ARG A 156 26.95 59.96 -1.57
CA ARG A 156 27.35 59.80 -0.18
C ARG A 156 26.86 58.49 0.42
N VAL A 157 26.07 57.73 -0.32
CA VAL A 157 25.63 56.41 0.16
C VAL A 157 26.68 55.35 -0.17
N TYR A 158 27.01 55.21 -1.45
CA TYR A 158 27.96 54.19 -1.89
C TYR A 158 28.97 54.82 -2.85
N SER A 159 29.86 53.97 -3.37
CA SER A 159 30.86 54.44 -4.31
C SER A 159 31.14 53.46 -5.45
N SER A 160 30.33 52.41 -5.61
CA SER A 160 30.49 51.47 -6.70
C SER A 160 29.14 50.79 -6.94
N ALA A 161 28.81 50.57 -8.20
CA ALA A 161 27.51 50.02 -8.57
C ALA A 161 27.68 48.95 -9.64
N ASN A 162 28.60 48.03 -9.40
CA ASN A 162 28.94 47.04 -10.42
C ASN A 162 27.96 45.87 -10.40
N ASN A 163 27.40 45.55 -11.57
CA ASN A 163 26.72 44.29 -11.88
C ASN A 163 25.49 44.06 -11.01
N CYS A 164 24.48 44.90 -11.21
CA CYS A 164 23.14 44.60 -10.72
C CYS A 164 22.26 43.89 -11.72
N THR A 165 21.54 42.90 -11.21
CA THR A 165 20.69 42.00 -11.98
C THR A 165 19.21 42.23 -11.69
N PHE A 166 18.86 43.33 -11.03
CA PHE A 166 17.46 43.57 -10.70
C PHE A 166 17.23 45.06 -10.53
N GLU A 167 16.21 45.59 -11.22
CA GLU A 167 15.77 46.97 -11.07
C GLU A 167 14.26 46.97 -10.98
N TYR A 168 13.72 47.99 -10.33
CA TYR A 168 12.28 48.06 -10.08
C TYR A 168 11.90 49.50 -9.83
N VAL A 169 10.75 49.92 -10.35
CA VAL A 169 10.22 51.27 -10.13
C VAL A 169 8.73 51.15 -9.89
N SER A 170 8.27 51.56 -8.72
CA SER A 170 6.86 51.73 -8.38
C SER A 170 6.64 53.14 -7.86
N GLN A 171 5.40 53.59 -7.87
CA GLN A 171 5.21 54.99 -7.48
C GLN A 171 5.27 55.26 -5.97
N PRO A 172 4.30 54.82 -5.13
CA PRO A 172 4.22 55.46 -3.81
C PRO A 172 5.25 55.08 -2.76
N PHE A 173 5.08 53.86 -2.21
CA PHE A 173 5.90 53.17 -1.21
C PHE A 173 6.00 53.84 0.15
N LEU A 174 5.52 55.08 0.29
CA LEU A 174 5.76 55.88 1.48
C LEU A 174 4.88 57.12 1.39
N MET A 175 4.31 57.51 2.54
CA MET A 175 3.29 58.58 2.64
C MET A 175 2.08 58.30 1.75
N ASP A 176 1.77 57.00 1.56
CA ASP A 176 0.75 56.48 0.66
C ASP A 176 0.88 57.03 -0.77
N PHE A 184 -3.62 63.64 13.43
CA PHE A 184 -2.43 64.48 13.53
C PHE A 184 -1.24 63.81 12.86
N LYS A 185 -0.48 63.06 13.63
CA LYS A 185 0.64 62.31 13.08
C LYS A 185 0.14 61.01 12.44
N ASN A 186 1.02 60.34 11.72
CA ASN A 186 0.66 59.13 10.99
C ASN A 186 1.71 58.05 11.21
N LEU A 187 1.26 56.89 11.67
CA LEU A 187 2.17 55.77 11.84
C LEU A 187 2.31 55.02 10.53
N ARG A 188 3.53 54.62 10.20
CA ARG A 188 3.78 53.84 9.00
C ARG A 188 4.49 52.57 9.41
N GLU A 189 3.90 51.42 9.09
CA GLU A 189 4.44 50.15 9.51
C GLU A 189 4.79 49.30 8.30
N PHE A 190 5.95 48.65 8.36
CA PHE A 190 6.43 47.78 7.31
C PHE A 190 6.86 46.46 7.94
N VAL A 191 6.79 45.40 7.15
CA VAL A 191 7.36 44.11 7.54
C VAL A 191 8.12 43.58 6.34
N PHE A 192 9.42 43.37 6.52
CA PHE A 192 10.26 42.78 5.49
C PHE A 192 10.56 41.34 5.86
N LYS A 193 10.40 40.43 4.91
CA LYS A 193 10.89 39.08 5.15
C LYS A 193 11.35 38.48 3.84
N ASN A 194 12.48 37.80 3.88
CA ASN A 194 13.13 37.23 2.71
C ASN A 194 13.07 35.72 2.83
N ILE A 195 12.31 35.08 1.94
CA ILE A 195 12.12 33.64 1.98
C ILE A 195 12.21 33.08 0.56
N ASP A 196 13.09 32.09 0.38
CA ASP A 196 13.25 31.33 -0.87
C ASP A 196 13.60 32.22 -2.05
N GLY A 197 14.46 33.21 -1.80
CA GLY A 197 14.83 34.15 -2.84
C GLY A 197 13.79 35.20 -3.15
N TYR A 198 12.70 35.25 -2.40
CA TYR A 198 11.64 36.22 -2.60
C TYR A 198 11.65 37.19 -1.44
N PHE A 199 11.84 38.47 -1.74
CA PHE A 199 11.71 39.53 -0.74
C PHE A 199 10.26 39.97 -0.70
N LYS A 200 9.68 40.00 0.49
CA LYS A 200 8.28 40.36 0.66
C LYS A 200 8.19 41.54 1.61
N ILE A 201 7.62 42.64 1.11
CA ILE A 201 7.43 43.86 1.89
C ILE A 201 5.93 44.05 2.08
N TYR A 202 5.51 44.14 3.33
CA TYR A 202 4.13 44.41 3.69
C TYR A 202 4.06 45.80 4.32
N SER A 203 3.01 46.55 4.05
CA SER A 203 3.00 47.94 4.50
C SER A 203 1.60 48.41 4.84
N LYS A 204 1.52 49.34 5.79
CA LYS A 204 0.25 49.94 6.18
C LYS A 204 0.50 51.29 6.81
N HIS A 205 -0.18 52.31 6.32
CA HIS A 205 -0.03 53.68 6.78
C HIS A 205 -1.34 54.12 7.40
N THR A 206 -1.32 54.39 8.71
CA THR A 206 -2.56 54.70 9.40
C THR A 206 -2.46 56.00 10.20
N PRO A 207 -3.50 56.85 10.13
CA PRO A 207 -3.50 58.07 10.94
C PRO A 207 -3.90 57.76 12.37
N ILE A 208 -3.10 58.22 13.33
CA ILE A 208 -3.33 57.96 14.74
C ILE A 208 -3.32 59.28 15.50
N ASN A 209 -3.96 59.24 16.67
CA ASN A 209 -3.94 60.35 17.60
C ASN A 209 -2.65 60.33 18.43
N LEU A 210 -2.54 61.29 19.33
CA LEU A 210 -1.34 61.39 20.17
C LEU A 210 -1.35 60.32 21.25
N GLY A 211 -0.34 59.45 21.23
CA GLY A 211 -0.25 58.37 22.19
C GLY A 211 1.19 57.90 22.38
N ARG A 212 1.38 56.59 22.53
CA ARG A 212 2.70 56.03 22.74
C ARG A 212 3.42 55.70 21.44
N ASP A 213 2.91 56.17 20.30
CA ASP A 213 3.38 55.96 18.93
C ASP A 213 3.31 54.50 18.47
N LEU A 214 2.77 53.62 19.30
CA LEU A 214 2.43 52.25 18.93
C LEU A 214 1.09 52.00 19.62
N PRO A 215 -0.01 52.44 19.01
CA PRO A 215 -1.25 52.60 19.77
C PRO A 215 -1.94 51.27 20.03
N GLN A 216 -2.79 51.30 21.06
CA GLN A 216 -3.61 50.15 21.43
C GLN A 216 -4.73 50.02 20.42
N GLY A 217 -4.61 49.04 19.53
CA GLY A 217 -5.61 48.85 18.49
C GLY A 217 -5.18 47.71 17.59
N PHE A 218 -5.75 47.69 16.39
CA PHE A 218 -5.43 46.62 15.47
C PHE A 218 -5.56 47.12 14.04
N SER A 219 -4.59 46.76 13.21
CA SER A 219 -4.61 47.13 11.80
C SER A 219 -3.75 46.12 11.04
N ALA A 220 -4.35 45.42 10.09
CA ALA A 220 -3.64 44.41 9.33
C ALA A 220 -2.78 45.05 8.25
N LEU A 221 -1.66 44.41 7.95
CA LEU A 221 -0.71 44.92 6.96
C LEU A 221 -0.94 44.22 5.62
N GLU A 222 -1.14 45.02 4.58
CA GLU A 222 -1.44 44.49 3.26
C GLU A 222 -0.19 44.49 2.39
N PRO A 223 0.00 43.48 1.54
CA PRO A 223 1.27 43.35 0.82
C PRO A 223 1.47 44.42 -0.24
N LEU A 224 2.74 44.72 -0.49
CA LEU A 224 3.12 45.80 -1.39
C LEU A 224 3.84 45.29 -2.63
N VAL A 225 4.99 44.64 -2.47
CA VAL A 225 5.76 44.10 -3.59
C VAL A 225 6.15 42.66 -3.25
N ASP A 226 6.74 41.99 -4.24
CA ASP A 226 7.17 40.61 -4.09
C ASP A 226 8.32 40.43 -5.09
N LEU A 227 9.53 40.55 -4.60
CA LEU A 227 10.67 40.70 -5.51
C LEU A 227 11.43 39.39 -5.63
N PRO A 228 11.68 38.91 -6.84
CA PRO A 228 12.58 37.76 -7.04
C PRO A 228 14.06 38.14 -7.10
N ILE A 229 14.69 38.24 -5.93
CA ILE A 229 16.06 38.72 -5.85
C ILE A 229 17.07 37.57 -5.83
N GLY A 230 16.84 36.53 -5.04
CA GLY A 230 17.82 35.47 -4.88
C GLY A 230 19.06 35.87 -4.11
N ILE A 231 18.89 36.45 -2.92
CA ILE A 231 19.98 37.06 -2.17
C ILE A 231 19.90 36.61 -0.72
N ASN A 232 21.04 36.19 -0.17
CA ASN A 232 21.17 36.02 1.28
C ASN A 232 21.18 37.37 1.96
N ILE A 233 20.26 37.58 2.90
CA ILE A 233 20.13 38.84 3.62
C ILE A 233 20.23 38.54 5.10
N THR A 234 21.18 39.18 5.78
CA THR A 234 21.29 39.02 7.22
C THR A 234 21.56 40.30 8.00
N ARG A 235 21.93 41.39 7.33
CA ARG A 235 22.19 42.66 7.99
C ARG A 235 21.44 43.78 7.27
N PHE A 236 21.04 44.82 8.00
CA PHE A 236 20.32 45.91 7.37
C PHE A 236 20.51 47.16 8.20
N GLN A 237 20.35 48.31 7.54
CA GLN A 237 20.26 49.58 8.26
C GLN A 237 19.40 50.52 7.44
N THR A 238 19.16 51.71 7.97
CA THR A 238 18.23 52.65 7.36
C THR A 238 18.95 53.84 6.75
N LEU A 239 18.48 54.27 5.60
CA LEU A 239 18.97 55.49 4.98
C LEU A 239 18.28 56.69 5.59
N LEU A 240 18.92 57.85 5.44
CA LEU A 240 18.35 59.11 5.89
C LEU A 240 18.67 60.18 4.85
N ALA A 241 18.08 61.34 5.02
CA ALA A 241 18.42 62.52 4.24
C ALA A 241 18.87 63.62 5.19
N LEU A 242 19.86 64.42 4.78
CA LEU A 242 20.46 65.36 5.70
C LEU A 242 20.43 66.82 5.27
N HIS A 243 19.83 67.15 4.12
CA HIS A 243 19.53 68.51 3.66
C HIS A 243 20.74 69.43 3.48
N ARG A 244 21.97 68.90 3.56
CA ARG A 244 23.23 69.67 3.57
C ARG A 244 23.25 70.81 4.60
N TRP A 256 24.78 66.63 8.26
CA TRP A 256 25.06 67.96 8.79
C TRP A 256 24.00 68.36 9.81
N THR A 257 22.79 68.62 9.32
CA THR A 257 21.69 69.04 10.17
C THR A 257 20.42 68.32 9.75
N ALA A 258 19.77 67.66 10.70
CA ALA A 258 18.53 66.95 10.44
C ALA A 258 17.50 67.35 11.48
N GLY A 259 16.35 66.66 11.45
CA GLY A 259 15.28 66.99 12.35
C GLY A 259 15.27 66.13 13.59
N ALA A 260 14.34 65.18 13.67
CA ALA A 260 14.25 64.29 14.82
C ALA A 260 13.62 62.98 14.34
N ALA A 261 14.46 61.98 14.09
CA ALA A 261 14.00 60.68 13.66
C ALA A 261 13.71 59.80 14.86
N ALA A 262 12.91 58.76 14.62
CA ALA A 262 12.56 57.75 15.62
C ALA A 262 11.94 56.58 14.89
N TYR A 263 12.50 55.40 15.07
CA TYR A 263 11.90 54.24 14.44
C TYR A 263 11.92 53.05 15.39
N TYR A 264 10.93 52.19 15.23
CA TYR A 264 10.73 51.07 16.14
C TYR A 264 11.01 49.79 15.37
N VAL A 265 11.91 48.97 15.89
CA VAL A 265 12.35 47.75 15.21
C VAL A 265 12.01 46.57 16.09
N GLY A 266 11.30 45.59 15.51
CA GLY A 266 11.04 44.34 16.20
C GLY A 266 11.30 43.18 15.25
N TYR A 267 11.48 42.00 15.81
CA TYR A 267 11.90 40.84 15.04
C TYR A 267 10.82 39.78 15.00
N LEU A 268 10.63 39.20 13.83
CA LEU A 268 9.60 38.20 13.60
C LEU A 268 10.08 36.84 14.09
N GLN A 269 9.14 36.03 14.58
CA GLN A 269 9.42 34.69 15.06
C GLN A 269 8.37 33.74 14.52
N PRO A 270 8.70 32.45 14.38
CA PRO A 270 7.68 31.51 13.90
C PRO A 270 6.60 31.23 14.93
N ARG A 271 5.41 31.77 14.71
CA ARG A 271 4.30 31.67 15.65
C ARG A 271 3.06 31.19 14.94
N THR A 272 2.14 30.66 15.74
CA THR A 272 0.82 30.24 15.28
C THR A 272 -0.19 31.30 15.70
N PHE A 273 -0.93 31.82 14.74
CA PHE A 273 -1.92 32.84 14.98
C PHE A 273 -3.29 32.31 14.61
N LEU A 274 -4.32 32.94 15.17
CA LEU A 274 -5.70 32.66 14.79
C LEU A 274 -6.29 34.00 14.38
N LEU A 275 -6.46 34.20 13.07
CA LEU A 275 -6.96 35.46 12.53
C LEU A 275 -8.45 35.34 12.27
N LYS A 276 -9.17 36.45 12.40
CA LYS A 276 -10.61 36.45 12.27
C LYS A 276 -11.00 37.39 11.14
N TYR A 277 -11.44 36.82 10.02
CA TYR A 277 -11.86 37.64 8.89
C TYR A 277 -13.35 37.90 8.97
N ASN A 278 -13.73 39.17 8.84
CA ASN A 278 -15.13 39.55 8.91
C ASN A 278 -15.76 39.37 7.54
N GLU A 279 -16.91 40.02 7.31
CA GLU A 279 -17.67 39.81 6.08
C GLU A 279 -16.90 40.31 4.86
N ASN A 280 -16.24 41.45 4.98
CA ASN A 280 -15.61 42.05 3.81
C ASN A 280 -14.21 41.52 3.54
N GLY A 281 -13.77 40.48 4.24
CA GLY A 281 -12.47 39.91 4.00
C GLY A 281 -11.33 40.60 4.70
N THR A 282 -11.60 41.52 5.61
CA THR A 282 -10.57 42.21 6.38
C THR A 282 -10.30 41.48 7.68
N ILE A 283 -9.09 41.63 8.20
CA ILE A 283 -8.76 41.06 9.48
C ILE A 283 -9.08 42.08 10.56
N THR A 284 -9.90 41.68 11.54
CA THR A 284 -10.25 42.57 12.63
C THR A 284 -9.63 42.16 13.96
N ASP A 285 -9.27 40.90 14.14
CA ASP A 285 -8.73 40.43 15.41
C ASP A 285 -7.87 39.20 15.17
N ALA A 286 -6.95 38.95 16.10
CA ALA A 286 -6.04 37.83 16.01
C ALA A 286 -5.67 37.40 17.42
N VAL A 287 -5.34 36.12 17.56
CA VAL A 287 -4.99 35.54 18.86
C VAL A 287 -3.68 34.76 18.69
N ASP A 288 -2.70 35.09 19.51
CA ASP A 288 -1.38 34.45 19.49
C ASP A 288 -1.39 33.21 20.38
N CYS A 289 -1.22 32.03 19.77
CA CYS A 289 -1.48 30.78 20.45
C CYS A 289 -0.35 30.31 21.36
N ALA A 290 0.37 31.27 21.95
CA ALA A 290 1.40 30.93 22.92
C ALA A 290 1.72 32.15 23.76
N LEU A 291 0.71 32.98 24.01
CA LEU A 291 0.89 34.19 24.81
C LEU A 291 0.48 33.96 26.26
N ASP A 292 -0.81 33.77 26.49
CA ASP A 292 -1.33 33.54 27.82
C ASP A 292 -2.14 32.25 27.89
N PRO A 293 -3.02 32.14 28.88
CA PRO A 293 -3.84 30.94 29.04
C PRO A 293 -5.23 31.07 28.41
N LEU A 294 -5.68 32.30 28.25
CA LEU A 294 -6.99 32.58 27.66
C LEU A 294 -6.93 32.51 26.14
N SER A 295 -5.97 33.21 25.55
CA SER A 295 -5.81 33.23 24.11
C SER A 295 -5.44 31.86 23.57
N GLU A 296 -4.69 31.07 24.35
CA GLU A 296 -4.43 29.69 23.97
C GLU A 296 -5.70 28.86 23.99
N THR A 297 -6.59 29.13 24.96
CA THR A 297 -7.88 28.44 24.99
C THR A 297 -8.75 28.81 23.80
N LYS A 298 -8.79 30.10 23.45
CA LYS A 298 -9.56 30.55 22.30
C LYS A 298 -9.02 29.98 21.00
N CYS A 299 -7.71 29.79 20.91
CA CYS A 299 -7.15 29.16 19.71
C CYS A 299 -7.34 27.65 19.70
N THR A 300 -7.50 27.03 20.87
CA THR A 300 -7.82 25.60 20.90
C THR A 300 -9.25 25.35 20.48
N LEU A 301 -10.20 26.14 20.99
CA LEU A 301 -11.60 25.96 20.66
C LEU A 301 -11.95 26.38 19.25
N LYS A 302 -11.10 27.20 18.62
CA LYS A 302 -11.39 27.92 17.38
C LYS A 302 -12.67 28.74 17.52
N SER A 303 -12.67 29.60 18.53
CA SER A 303 -13.78 30.50 18.79
C SER A 303 -13.25 31.72 19.52
N PHE A 304 -14.11 32.73 19.67
CA PHE A 304 -13.75 33.90 20.45
C PHE A 304 -14.54 34.03 21.74
N THR A 305 -15.46 33.11 22.01
CA THR A 305 -16.24 33.11 23.25
C THR A 305 -16.02 31.76 23.93
N VAL A 306 -15.56 31.80 25.17
CA VAL A 306 -15.27 30.60 25.93
C VAL A 306 -16.22 30.55 27.12
N GLU A 307 -17.14 29.59 27.10
CA GLU A 307 -18.05 29.44 28.21
C GLU A 307 -17.35 28.78 29.39
N LYS A 308 -18.05 28.79 30.52
CA LYS A 308 -17.51 28.34 31.80
C LYS A 308 -17.15 26.88 31.99
N GLY A 309 -15.87 26.61 32.19
CA GLY A 309 -15.45 25.25 32.48
C GLY A 309 -13.98 25.05 32.20
N ILE A 310 -13.47 23.91 32.69
CA ILE A 310 -12.09 23.52 32.42
C ILE A 310 -11.94 23.16 30.95
N TYR A 311 -10.93 23.63 30.26
CA TYR A 311 -10.78 23.20 28.87
C TYR A 311 -9.40 22.64 28.67
N GLN A 312 -9.23 21.33 28.68
CA GLN A 312 -7.91 20.75 28.48
C GLN A 312 -7.21 21.37 27.26
N THR A 313 -5.90 21.52 27.33
CA THR A 313 -5.16 22.11 26.21
C THR A 313 -3.76 21.50 25.98
N SER A 314 -2.71 22.29 26.19
CA SER A 314 -1.34 21.81 25.97
C SER A 314 -0.97 20.72 26.97
N ASN A 315 0.31 20.68 27.36
CA ASN A 315 0.83 19.72 28.33
C ASN A 315 2.24 20.09 28.69
N PHE A 316 2.48 20.57 29.90
CA PHE A 316 3.82 20.94 30.28
C PHE A 316 4.75 19.76 30.18
N ARG A 317 6.00 19.94 30.59
CA ARG A 317 7.02 18.89 30.57
C ARG A 317 8.38 19.53 30.69
N VAL A 318 8.95 19.51 31.89
CA VAL A 318 10.25 20.11 32.14
C VAL A 318 11.25 19.77 31.05
N GLN A 319 12.28 20.59 30.90
CA GLN A 319 13.25 20.37 29.85
C GLN A 319 14.61 19.94 30.34
N PRO A 320 15.35 19.32 29.43
CA PRO A 320 16.69 18.82 29.73
C PRO A 320 17.62 19.93 30.10
N THR A 321 18.89 19.78 29.75
CA THR A 321 19.91 20.78 30.03
C THR A 321 21.33 20.27 29.79
N GLU A 322 21.94 19.72 30.82
CA GLU A 322 23.31 19.19 30.71
C GLU A 322 23.59 18.47 29.39
N SER A 323 23.09 17.24 29.29
CA SER A 323 23.29 16.39 28.11
C SER A 323 24.61 15.63 28.13
N ILE A 324 24.79 14.79 29.15
CA ILE A 324 25.99 14.01 29.27
C ILE A 324 26.18 13.12 28.05
N VAL A 325 27.19 12.26 28.10
CA VAL A 325 27.51 11.32 27.03
C VAL A 325 28.65 10.49 27.57
N ARG A 326 28.35 9.32 28.13
CA ARG A 326 29.41 8.51 28.71
C ARG A 326 29.83 7.27 27.92
N PHE A 327 30.86 7.41 27.09
CA PHE A 327 31.30 6.27 26.31
C PHE A 327 32.36 5.51 27.06
N PRO A 328 32.66 4.25 26.57
CA PRO A 328 33.67 3.52 27.34
C PRO A 328 35.02 4.21 27.46
N ASN A 329 35.99 3.46 27.98
CA ASN A 329 37.33 3.98 28.17
C ASN A 329 38.38 3.12 27.46
N ILE A 330 38.67 3.43 26.21
CA ILE A 330 39.68 2.66 25.51
C ILE A 330 40.41 3.56 24.53
N THR A 331 41.45 3.02 23.89
CA THR A 331 42.20 3.83 22.94
C THR A 331 43.15 3.04 22.04
N ASN A 332 42.74 1.86 21.59
CA ASN A 332 43.59 1.08 20.71
C ASN A 332 43.58 1.81 19.36
N LEU A 333 42.75 1.33 18.44
CA LEU A 333 42.60 1.94 17.13
C LEU A 333 42.01 0.89 16.20
N CYS A 334 42.33 -0.36 16.47
CA CYS A 334 41.77 -1.49 15.71
C CYS A 334 42.05 -1.41 14.22
N PRO A 335 43.25 -1.80 13.81
CA PRO A 335 43.79 -1.35 12.51
C PRO A 335 43.03 -1.84 11.30
N PHE A 336 42.43 -0.90 10.61
CA PHE A 336 41.73 -1.20 9.41
C PHE A 336 42.83 -1.36 8.41
N ASP A 337 43.75 -0.39 8.42
CA ASP A 337 44.91 -0.31 7.55
C ASP A 337 45.37 -1.65 7.03
N GLU A 338 45.51 -2.61 7.94
CA GLU A 338 45.93 -3.96 7.58
C GLU A 338 44.93 -4.57 6.60
N VAL A 339 43.65 -4.54 6.96
CA VAL A 339 42.61 -5.09 6.11
C VAL A 339 42.27 -4.22 4.90
N PHE A 340 42.76 -2.99 4.86
CA PHE A 340 42.47 -2.11 3.73
C PHE A 340 43.74 -1.81 2.99
N ASN A 341 44.77 -2.61 3.24
CA ASN A 341 46.04 -2.35 2.62
C ASN A 341 46.87 -3.60 2.55
N ALA A 342 46.26 -4.75 2.73
CA ALA A 342 47.07 -5.95 2.66
C ALA A 342 47.73 -6.07 1.30
N THR A 343 48.86 -6.74 1.26
CA THR A 343 49.55 -6.96 0.01
C THR A 343 48.90 -8.05 -0.83
N ARG A 344 48.15 -8.94 -0.21
CA ARG A 344 47.54 -10.08 -0.90
C ARG A 344 46.16 -10.31 -0.31
N PHE A 345 45.12 -9.80 -0.98
CA PHE A 345 43.77 -10.20 -0.64
C PHE A 345 43.58 -11.65 -1.03
N ALA A 346 42.73 -12.35 -0.30
CA ALA A 346 42.46 -13.74 -0.60
C ALA A 346 41.43 -13.83 -1.71
N SER A 347 41.43 -14.95 -2.41
CA SER A 347 40.49 -15.12 -3.51
C SER A 347 39.09 -15.33 -2.97
N VAL A 348 38.11 -15.26 -3.87
CA VAL A 348 36.73 -15.07 -3.45
C VAL A 348 36.11 -16.34 -2.85
N TYR A 349 36.50 -17.53 -3.29
CA TYR A 349 35.90 -18.73 -2.71
C TYR A 349 36.42 -19.00 -1.31
N ALA A 350 37.60 -18.48 -0.97
CA ALA A 350 38.19 -18.67 0.36
C ALA A 350 38.57 -17.31 0.89
N TRP A 351 37.60 -16.59 1.42
CA TRP A 351 37.79 -15.24 1.92
C TRP A 351 38.20 -15.22 3.37
N ASN A 352 38.97 -14.19 3.71
CA ASN A 352 39.38 -13.99 5.09
C ASN A 352 38.21 -13.57 5.95
N ARG A 353 38.44 -13.52 7.25
CA ARG A 353 37.43 -13.01 8.16
C ARG A 353 38.15 -12.48 9.38
N LYS A 354 38.45 -11.19 9.40
CA LYS A 354 39.09 -10.61 10.56
C LYS A 354 38.02 -10.15 11.54
N ARG A 355 38.10 -10.67 12.76
CA ARG A 355 37.21 -10.29 13.84
C ARG A 355 37.90 -9.09 14.48
N ILE A 356 37.17 -8.01 14.69
CA ILE A 356 37.73 -6.80 15.25
C ILE A 356 37.35 -6.70 16.72
N SER A 357 38.36 -6.74 17.58
CA SER A 357 38.19 -6.67 19.01
C SER A 357 38.21 -5.21 19.47
N ASN A 358 38.36 -5.02 20.77
CA ASN A 358 38.19 -3.75 21.46
C ASN A 358 39.12 -2.65 20.96
N CYS A 359 38.55 -1.50 20.65
CA CYS A 359 39.29 -0.35 20.14
C CYS A 359 38.40 0.88 20.21
N VAL A 360 38.97 2.01 19.80
CA VAL A 360 38.19 3.16 19.38
C VAL A 360 38.34 3.21 17.86
N ALA A 361 37.23 3.33 17.17
CA ALA A 361 37.19 3.07 15.74
C ALA A 361 36.89 4.37 15.01
N ASP A 362 37.94 5.02 14.51
CA ASP A 362 37.79 6.25 13.75
C ASP A 362 37.57 5.84 12.30
N TYR A 363 36.37 6.06 11.80
CA TYR A 363 36.04 5.66 10.45
C TYR A 363 36.41 6.70 9.42
N SER A 364 36.80 7.87 9.92
CA SER A 364 37.22 9.00 9.09
C SER A 364 38.36 8.49 8.24
N VAL A 365 39.15 7.57 8.78
CA VAL A 365 40.23 7.02 8.00
C VAL A 365 39.39 6.31 6.96
N LEU A 366 39.89 5.22 6.41
CA LEU A 366 39.08 4.50 5.44
C LEU A 366 38.49 5.48 4.44
N TYR A 367 38.93 6.72 4.51
CA TYR A 367 38.49 7.79 3.62
C TYR A 367 39.74 8.42 3.04
N ASN A 368 40.77 7.60 2.89
CA ASN A 368 42.05 8.01 2.39
C ASN A 368 42.61 6.84 1.62
N PHE A 369 41.79 6.24 0.77
CA PHE A 369 42.25 5.08 0.01
C PHE A 369 41.99 5.16 -1.48
N ALA A 370 40.95 5.88 -1.88
CA ALA A 370 40.67 6.02 -3.29
C ALA A 370 39.30 6.62 -3.45
N PRO A 371 38.68 6.39 -4.62
CA PRO A 371 37.35 6.92 -4.91
C PRO A 371 36.30 5.88 -4.55
N PHE A 372 36.74 4.66 -4.29
CA PHE A 372 35.83 3.59 -3.92
C PHE A 372 34.72 3.50 -4.93
N PHE A 373 34.90 2.67 -5.95
CA PHE A 373 33.89 2.46 -6.98
C PHE A 373 32.51 2.32 -6.35
N ALA A 374 32.47 1.98 -5.07
CA ALA A 374 31.22 1.84 -4.34
C ALA A 374 31.46 2.24 -2.91
N PHE A 375 30.48 1.98 -2.05
CA PHE A 375 30.54 2.28 -0.63
C PHE A 375 29.10 2.41 -0.22
N LYS A 376 28.50 1.28 0.04
CA LYS A 376 27.08 1.19 0.35
C LYS A 376 26.92 0.70 1.77
N CYS A 377 26.55 1.59 2.68
CA CYS A 377 26.20 1.21 4.03
C CYS A 377 24.71 0.95 4.10
N TYR A 378 24.35 -0.21 4.65
CA TYR A 378 22.99 -0.72 4.53
C TYR A 378 22.12 -0.48 5.75
N GLY A 379 22.52 -0.95 6.92
CA GLY A 379 21.69 -0.73 8.09
C GLY A 379 21.93 0.63 8.70
N VAL A 380 23.13 1.17 8.50
CA VAL A 380 23.57 2.41 9.11
C VAL A 380 23.75 3.43 8.00
N SER A 381 23.74 4.69 8.36
CA SER A 381 24.11 5.72 7.41
C SER A 381 25.54 6.21 7.70
N PRO A 382 26.40 6.33 6.69
CA PRO A 382 27.84 6.46 6.94
C PRO A 382 28.27 7.79 7.53
N THR A 383 27.40 8.78 7.60
CA THR A 383 27.78 10.03 8.21
C THR A 383 27.72 10.00 9.73
N LYS A 384 27.08 8.97 10.26
CA LYS A 384 26.89 8.83 11.69
C LYS A 384 27.56 7.59 12.24
N LEU A 385 28.75 7.27 11.76
CA LEU A 385 29.42 6.08 12.29
C LEU A 385 30.30 6.38 13.48
N ASN A 386 30.74 7.63 13.65
CA ASN A 386 31.71 7.96 14.69
C ASN A 386 31.06 8.21 16.05
N ASP A 387 29.78 7.88 16.21
CA ASP A 387 29.09 8.11 17.47
C ASP A 387 28.24 6.93 17.90
N LEU A 388 28.58 5.72 17.48
CA LEU A 388 27.79 4.54 17.78
C LEU A 388 28.71 3.47 18.37
N CYS A 389 28.12 2.60 19.18
CA CYS A 389 28.83 1.45 19.72
C CYS A 389 28.35 0.19 19.02
N PHE A 390 29.30 -0.65 18.61
CA PHE A 390 29.00 -1.93 17.98
C PHE A 390 29.60 -3.02 18.85
N THR A 391 29.04 -4.23 18.77
CA THR A 391 29.66 -5.32 19.54
C THR A 391 30.72 -6.04 18.73
N ASN A 392 30.34 -6.63 17.60
CA ASN A 392 31.35 -7.29 16.78
C ASN A 392 31.33 -6.72 15.37
N VAL A 393 32.52 -6.42 14.87
CA VAL A 393 32.73 -5.86 13.55
C VAL A 393 33.49 -6.88 12.75
N TYR A 394 32.79 -7.69 11.97
CA TYR A 394 33.45 -8.70 11.16
C TYR A 394 33.81 -8.13 9.80
N ALA A 395 35.08 -8.19 9.45
CA ALA A 395 35.54 -7.66 8.17
C ALA A 395 35.93 -8.81 7.26
N ASP A 396 35.12 -9.07 6.25
CA ASP A 396 35.44 -10.01 5.20
C ASP A 396 36.17 -9.31 4.08
N SER A 397 36.96 -10.06 3.32
CA SER A 397 37.83 -9.42 2.34
C SER A 397 38.15 -10.36 1.20
N PHE A 398 37.99 -9.90 -0.04
CA PHE A 398 38.25 -10.75 -1.21
C PHE A 398 38.42 -9.87 -2.44
N VAL A 399 38.60 -10.50 -3.61
CA VAL A 399 38.60 -9.79 -4.89
C VAL A 399 37.52 -10.40 -5.77
N ILE A 400 36.98 -9.61 -6.69
CA ILE A 400 35.96 -10.03 -7.64
C ILE A 400 36.07 -9.19 -8.91
N ARG A 401 35.45 -9.65 -9.98
CA ARG A 401 35.39 -8.88 -11.22
C ARG A 401 34.46 -7.69 -11.05
N GLY A 402 34.53 -6.76 -11.99
CA GLY A 402 33.84 -5.50 -11.84
C GLY A 402 32.36 -5.53 -12.11
N ASN A 403 31.91 -6.42 -12.97
CA ASN A 403 30.48 -6.50 -13.22
C ASN A 403 29.75 -7.34 -12.20
N GLU A 404 30.43 -7.81 -11.16
CA GLU A 404 29.83 -8.60 -10.11
C GLU A 404 29.86 -7.90 -8.76
N VAL A 405 30.31 -6.65 -8.70
CA VAL A 405 30.27 -5.88 -7.47
C VAL A 405 28.85 -5.62 -7.02
N SER A 406 27.91 -5.56 -7.95
CA SER A 406 26.50 -5.45 -7.60
C SER A 406 25.94 -6.72 -6.99
N GLN A 407 26.66 -7.83 -7.02
CA GLN A 407 26.18 -9.05 -6.41
C GLN A 407 26.55 -9.17 -4.95
N ILE A 408 27.39 -8.28 -4.44
CA ILE A 408 27.65 -8.23 -3.01
C ILE A 408 26.60 -7.30 -2.42
N ALA A 409 25.43 -7.87 -2.17
CA ALA A 409 24.27 -7.17 -1.63
C ALA A 409 23.35 -8.22 -1.03
N PRO A 410 22.52 -7.85 -0.06
CA PRO A 410 21.57 -8.83 0.50
C PRO A 410 20.52 -9.22 -0.52
N GLY A 411 20.41 -10.53 -0.75
CA GLY A 411 19.44 -11.05 -1.68
C GLY A 411 19.77 -10.76 -3.12
N GLN A 412 20.81 -11.38 -3.65
CA GLN A 412 21.17 -11.22 -5.04
C GLN A 412 21.41 -12.59 -5.67
N THR A 413 21.49 -12.60 -7.00
CA THR A 413 21.73 -13.84 -7.72
C THR A 413 22.90 -13.64 -8.67
N GLY A 414 23.45 -14.76 -9.13
CA GLY A 414 24.64 -14.78 -9.95
C GLY A 414 25.77 -15.50 -9.27
N ASN A 415 26.77 -15.88 -10.09
CA ASN A 415 27.74 -16.91 -9.71
C ASN A 415 28.70 -16.49 -8.61
N ILE A 416 28.62 -15.28 -8.10
CA ILE A 416 29.30 -14.91 -6.87
C ILE A 416 28.38 -15.04 -5.67
N ALA A 417 27.18 -14.47 -5.76
CA ALA A 417 26.32 -14.45 -4.59
C ALA A 417 25.63 -15.76 -4.34
N ASP A 418 25.50 -16.63 -5.33
CA ASP A 418 24.83 -17.91 -5.05
C ASP A 418 25.74 -18.83 -4.25
N TYR A 419 26.87 -19.24 -4.83
CA TYR A 419 27.85 -20.04 -4.12
C TYR A 419 29.26 -19.51 -4.34
N ASN A 420 29.55 -18.36 -3.76
CA ASN A 420 30.90 -18.01 -3.33
C ASN A 420 30.84 -17.25 -2.02
N TYR A 421 29.85 -16.37 -1.92
CA TYR A 421 29.71 -15.48 -0.77
C TYR A 421 28.27 -15.00 -0.73
N LYS A 422 27.53 -15.39 0.29
CA LYS A 422 26.13 -15.06 0.38
C LYS A 422 25.90 -14.11 1.54
N LEU A 423 25.50 -12.89 1.23
CA LEU A 423 25.12 -12.01 2.31
C LEU A 423 23.73 -12.37 2.83
N PRO A 424 23.53 -12.32 4.14
CA PRO A 424 22.19 -12.56 4.67
C PRO A 424 21.22 -11.43 4.32
N ASP A 425 19.94 -11.75 4.40
CA ASP A 425 18.90 -10.74 4.18
C ASP A 425 18.65 -9.88 5.42
N ASP A 426 19.37 -10.11 6.50
CA ASP A 426 19.27 -9.37 7.74
C ASP A 426 20.53 -8.55 7.91
N PHE A 427 20.92 -7.87 6.84
CA PHE A 427 22.24 -7.27 6.78
C PHE A 427 22.22 -5.84 7.29
N THR A 428 23.25 -5.49 8.04
CA THR A 428 23.40 -4.16 8.63
C THR A 428 24.83 -3.65 8.60
N GLY A 429 25.63 -4.09 7.65
CA GLY A 429 27.02 -3.68 7.54
C GLY A 429 27.22 -2.57 6.54
N CYS A 430 28.27 -2.71 5.74
CA CYS A 430 28.65 -1.74 4.74
C CYS A 430 29.61 -2.41 3.77
N VAL A 431 29.30 -2.36 2.49
CA VAL A 431 30.09 -3.00 1.45
C VAL A 431 30.95 -1.94 0.79
N ILE A 432 32.27 -2.14 0.82
CA ILE A 432 33.22 -1.20 0.26
C ILE A 432 33.96 -1.90 -0.86
N ALA A 433 34.16 -1.22 -1.98
CA ALA A 433 34.81 -1.86 -3.11
C ALA A 433 35.56 -0.84 -3.93
N TRP A 434 36.80 -1.15 -4.25
CA TRP A 434 37.56 -0.22 -5.08
C TRP A 434 38.43 -0.98 -6.07
N ASN A 435 38.72 -0.31 -7.18
CA ASN A 435 39.50 -0.92 -8.25
C ASN A 435 40.93 -1.12 -7.80
N SER A 436 41.53 -2.20 -8.26
CA SER A 436 42.93 -2.45 -8.00
C SER A 436 43.60 -3.06 -9.22
N ASN A 437 43.30 -2.51 -10.40
CA ASN A 437 43.97 -2.99 -11.61
C ASN A 437 45.43 -2.61 -11.62
N LYS A 438 45.80 -1.65 -10.78
CA LYS A 438 47.18 -1.23 -10.67
C LYS A 438 47.96 -2.10 -9.68
N LEU A 439 47.33 -3.11 -9.10
CA LEU A 439 48.05 -3.94 -8.16
C LEU A 439 47.82 -5.44 -8.34
N ASP A 440 46.57 -5.88 -8.46
CA ASP A 440 46.25 -7.30 -8.39
C ASP A 440 46.21 -7.97 -9.76
N SER A 441 46.68 -7.32 -10.80
CA SER A 441 46.60 -7.85 -12.15
C SER A 441 47.92 -7.64 -12.84
N LYS A 442 48.46 -8.69 -13.43
CA LYS A 442 49.73 -8.57 -14.12
C LYS A 442 49.57 -8.98 -15.57
N VAL A 443 50.52 -8.53 -16.39
CA VAL A 443 50.56 -8.89 -17.79
C VAL A 443 50.91 -10.35 -17.95
N GLY A 444 50.16 -11.06 -18.77
CA GLY A 444 50.40 -12.47 -18.96
C GLY A 444 49.54 -13.37 -18.12
N GLY A 445 48.44 -12.87 -17.59
CA GLY A 445 47.51 -13.72 -16.86
C GLY A 445 47.90 -13.89 -15.41
N ASN A 446 46.95 -13.68 -14.51
CA ASN A 446 47.17 -13.85 -13.08
C ASN A 446 46.28 -15.00 -12.62
N TYR A 447 46.86 -16.19 -12.56
CA TYR A 447 46.12 -17.42 -12.31
C TYR A 447 45.99 -17.75 -10.84
N ASN A 448 46.04 -16.76 -9.96
CA ASN A 448 45.94 -17.00 -8.54
C ASN A 448 44.67 -16.47 -7.93
N TYR A 449 43.72 -16.02 -8.74
CA TYR A 449 42.39 -15.66 -8.26
C TYR A 449 41.39 -16.60 -8.91
N ARG A 450 40.70 -17.37 -8.09
CA ARG A 450 39.81 -18.41 -8.57
C ARG A 450 38.44 -18.26 -7.94
N TYR A 451 37.43 -18.65 -8.71
CA TYR A 451 36.06 -18.65 -8.23
C TYR A 451 35.42 -19.98 -8.59
N ARG A 452 34.53 -20.43 -7.72
CA ARG A 452 33.86 -21.70 -7.90
C ARG A 452 32.58 -21.52 -8.69
N LEU A 453 32.49 -22.20 -9.82
CA LEU A 453 31.37 -21.99 -10.72
C LEU A 453 30.37 -23.12 -10.75
N PHE A 454 30.72 -24.32 -10.32
CA PHE A 454 29.78 -25.43 -10.26
C PHE A 454 29.70 -25.94 -8.84
N ARG A 455 28.48 -26.18 -8.36
CA ARG A 455 28.30 -26.76 -7.03
C ARG A 455 26.99 -27.55 -7.02
N LYS A 456 26.80 -28.28 -5.93
CA LYS A 456 25.54 -29.01 -5.72
C LYS A 456 24.36 -28.06 -5.62
N SER A 457 24.39 -27.17 -4.64
CA SER A 457 23.40 -26.12 -4.52
C SER A 457 24.06 -24.90 -3.89
N ASN A 458 23.22 -23.98 -3.43
CA ASN A 458 23.70 -22.70 -2.95
C ASN A 458 24.39 -22.83 -1.59
N LEU A 459 24.81 -21.68 -1.07
CA LEU A 459 25.34 -21.65 0.27
C LEU A 459 24.32 -21.05 1.21
N LYS A 460 24.56 -21.22 2.51
CA LYS A 460 23.90 -20.42 3.52
C LYS A 460 24.59 -19.07 3.59
N PRO A 461 23.99 -18.08 4.26
CA PRO A 461 24.70 -16.83 4.52
C PRO A 461 25.99 -17.05 5.31
N PHE A 462 27.05 -16.34 4.87
CA PHE A 462 28.39 -16.38 5.48
C PHE A 462 28.98 -17.79 5.47
N GLU A 463 28.81 -18.52 4.37
CA GLU A 463 29.30 -19.89 4.28
C GLU A 463 30.53 -19.98 3.38
N ARG A 464 31.56 -20.66 3.88
CA ARG A 464 32.85 -20.73 3.21
C ARG A 464 33.24 -22.17 2.93
N ASP A 465 33.56 -22.46 1.67
CA ASP A 465 33.94 -23.80 1.26
C ASP A 465 35.29 -23.76 0.54
N ILE A 466 36.10 -24.78 0.76
CA ILE A 466 37.40 -24.86 0.11
C ILE A 466 37.53 -26.21 -0.57
N SER A 467 36.39 -26.77 -0.98
CA SER A 467 36.38 -28.09 -1.58
C SER A 467 36.96 -28.06 -2.99
N THR A 468 37.58 -29.16 -3.40
CA THR A 468 38.16 -29.31 -4.72
C THR A 468 37.73 -30.65 -5.32
N GLU A 469 36.71 -31.26 -4.72
CA GLU A 469 36.19 -32.52 -5.24
C GLU A 469 35.43 -32.28 -6.54
N ILE A 470 35.65 -33.16 -7.51
CA ILE A 470 35.10 -33.00 -8.85
C ILE A 470 33.59 -33.18 -8.79
N TYR A 471 32.86 -32.13 -9.15
CA TYR A 471 31.41 -32.18 -9.22
C TYR A 471 30.97 -33.13 -10.32
N GLN A 472 30.18 -34.12 -9.95
CA GLN A 472 29.78 -35.19 -10.84
C GLN A 472 28.43 -34.83 -11.44
N ALA A 473 28.46 -34.10 -12.54
CA ALA A 473 27.22 -33.68 -13.19
C ALA A 473 26.49 -34.83 -13.85
N GLY A 474 27.22 -35.65 -14.61
CA GLY A 474 26.63 -36.80 -15.28
C GLY A 474 26.24 -37.90 -14.31
N ASN A 475 25.53 -38.88 -14.85
CA ASN A 475 25.01 -39.98 -14.05
C ASN A 475 26.08 -40.97 -13.62
N LYS A 476 27.22 -41.00 -14.32
CA LYS A 476 28.24 -41.98 -14.00
C LYS A 476 29.35 -41.34 -13.16
N PRO A 477 29.95 -42.11 -12.26
CA PRO A 477 31.14 -41.60 -11.55
C PRO A 477 32.34 -41.54 -12.47
N CYS A 478 33.12 -40.48 -12.28
CA CYS A 478 34.41 -40.35 -12.94
C CYS A 478 35.58 -40.30 -11.98
N ASN A 479 35.38 -40.75 -10.71
CA ASN A 479 36.37 -41.14 -9.69
C ASN A 479 37.66 -40.30 -9.66
N GLY A 480 37.50 -38.97 -9.64
CA GLY A 480 38.66 -38.11 -9.52
C GLY A 480 39.36 -37.78 -10.80
N VAL A 481 38.80 -38.17 -11.94
CA VAL A 481 39.35 -37.84 -13.25
C VAL A 481 38.31 -37.02 -14.00
N ALA A 482 38.57 -35.74 -14.18
CA ALA A 482 37.58 -34.85 -14.78
C ALA A 482 37.51 -35.07 -16.29
N GLY A 483 36.54 -34.40 -16.91
CA GLY A 483 36.34 -34.56 -18.34
C GLY A 483 34.89 -34.31 -18.73
N VAL A 484 34.30 -35.25 -19.44
CA VAL A 484 32.93 -35.09 -19.91
C VAL A 484 31.97 -35.30 -18.75
N ASN A 485 31.07 -34.32 -18.56
CA ASN A 485 30.02 -34.30 -17.54
C ASN A 485 30.56 -34.38 -16.11
N CYS A 486 31.83 -34.05 -15.90
CA CYS A 486 32.35 -33.76 -14.56
C CYS A 486 33.58 -32.87 -14.74
N TYR A 487 33.51 -31.68 -14.16
CA TYR A 487 34.53 -30.66 -14.37
C TYR A 487 35.22 -30.32 -13.05
N PHE A 488 36.41 -29.76 -13.16
CA PHE A 488 37.06 -29.12 -12.04
C PHE A 488 36.19 -27.96 -11.57
N PRO A 489 36.02 -27.75 -10.28
CA PRO A 489 35.06 -26.73 -9.80
C PRO A 489 35.62 -25.32 -9.66
N LEU A 490 36.92 -25.15 -9.45
CA LEU A 490 37.50 -23.84 -9.19
C LEU A 490 38.14 -23.37 -10.47
N GLN A 491 37.56 -22.38 -11.12
CA GLN A 491 38.17 -21.82 -12.31
C GLN A 491 38.89 -20.53 -11.97
N SER A 492 40.07 -20.37 -12.54
CA SER A 492 40.87 -19.18 -12.34
C SER A 492 40.30 -18.01 -13.10
N TYR A 493 40.37 -16.84 -12.48
CA TYR A 493 40.06 -15.61 -13.17
C TYR A 493 41.14 -15.29 -14.20
N GLY A 494 40.93 -14.17 -14.89
CA GLY A 494 41.77 -13.70 -15.97
C GLY A 494 42.72 -12.64 -15.44
N PHE A 495 42.28 -11.38 -15.50
CA PHE A 495 42.95 -10.20 -14.99
C PHE A 495 44.22 -9.90 -15.78
N ARG A 496 44.05 -9.83 -17.09
CA ARG A 496 44.96 -9.08 -17.91
C ARG A 496 44.72 -7.60 -17.69
N PRO A 497 45.74 -6.75 -17.87
CA PRO A 497 45.51 -5.32 -17.73
C PRO A 497 44.71 -4.74 -18.87
N THR A 498 44.73 -5.35 -20.04
CA THR A 498 43.96 -4.84 -21.17
C THR A 498 42.57 -5.46 -21.25
N TYR A 499 41.86 -5.43 -20.14
CA TYR A 499 40.47 -5.83 -20.05
C TYR A 499 39.65 -4.59 -19.74
N GLY A 500 38.40 -4.60 -20.13
CA GLY A 500 37.51 -3.49 -19.87
C GLY A 500 37.19 -3.40 -18.39
N VAL A 501 36.81 -2.19 -17.96
CA VAL A 501 36.27 -2.04 -16.62
C VAL A 501 34.95 -2.79 -16.52
N GLY A 502 34.95 -3.83 -15.70
CA GLY A 502 33.98 -4.88 -15.80
C GLY A 502 34.62 -6.23 -16.01
N HIS A 503 35.91 -6.25 -16.29
CA HIS A 503 36.73 -7.43 -16.10
C HIS A 503 38.02 -7.10 -15.35
N GLN A 504 38.01 -6.08 -14.51
CA GLN A 504 39.20 -5.70 -13.78
C GLN A 504 39.11 -6.20 -12.34
N PRO A 505 40.24 -6.42 -11.69
CA PRO A 505 40.20 -6.90 -10.32
C PRO A 505 39.78 -5.83 -9.34
N TYR A 506 38.60 -6.00 -8.78
CA TYR A 506 38.08 -5.09 -7.77
C TYR A 506 38.20 -5.71 -6.40
N ARG A 507 38.91 -5.05 -5.51
CA ARG A 507 39.02 -5.51 -4.14
C ARG A 507 37.78 -5.10 -3.39
N VAL A 508 37.37 -5.93 -2.43
CA VAL A 508 36.12 -5.74 -1.70
C VAL A 508 36.39 -6.03 -0.24
N VAL A 509 35.91 -5.16 0.64
CA VAL A 509 35.86 -5.40 2.07
C VAL A 509 34.42 -5.23 2.53
N VAL A 510 33.87 -6.25 3.15
CA VAL A 510 32.51 -6.22 3.65
C VAL A 510 32.56 -6.13 5.15
N LEU A 511 32.15 -5.00 5.69
CA LEU A 511 32.04 -4.85 7.14
C LEU A 511 30.65 -5.29 7.55
N SER A 512 30.58 -6.04 8.63
CA SER A 512 29.31 -6.51 9.12
C SER A 512 29.42 -6.44 10.60
N PHE A 513 28.54 -5.69 11.24
CA PHE A 513 28.61 -5.55 12.67
C PHE A 513 27.25 -5.41 13.28
N GLU A 514 27.06 -6.04 14.44
CA GLU A 514 25.77 -5.98 15.14
C GLU A 514 25.84 -5.18 16.43
N LEU A 515 24.85 -4.31 16.61
CA LEU A 515 24.73 -3.46 17.78
C LEU A 515 23.50 -3.83 18.60
N LEU A 516 23.70 -4.26 19.84
CA LEU A 516 22.56 -4.63 20.68
C LEU A 516 22.92 -5.13 22.10
N HIS A 517 22.50 -6.35 22.43
CA HIS A 517 22.75 -6.95 23.75
C HIS A 517 24.23 -6.91 24.06
N ALA A 518 24.61 -7.43 25.22
CA ALA A 518 26.00 -7.44 25.60
C ALA A 518 26.51 -6.02 25.64
N PRO A 519 27.77 -5.85 26.04
CA PRO A 519 28.35 -4.50 26.12
C PRO A 519 28.37 -3.81 24.77
N ALA A 520 29.47 -3.97 24.05
CA ALA A 520 29.67 -3.38 22.75
C ALA A 520 31.16 -3.50 22.50
N THR A 521 31.92 -3.15 23.54
CA THR A 521 33.37 -3.23 23.47
C THR A 521 33.96 -2.18 22.58
N VAL A 522 33.64 -2.24 21.30
CA VAL A 522 34.22 -1.28 20.37
C VAL A 522 33.24 -0.16 20.06
N CYS A 523 33.66 1.08 20.30
CA CYS A 523 32.81 2.24 20.11
C CYS A 523 33.65 3.37 19.53
N GLY A 524 32.98 4.34 18.92
CA GLY A 524 33.67 5.46 18.32
C GLY A 524 34.19 6.44 19.35
N PRO A 525 34.76 7.53 18.84
CA PRO A 525 35.35 8.58 19.65
C PRO A 525 34.31 9.65 19.90
N LYS A 526 33.78 9.65 21.10
CA LYS A 526 32.73 10.60 21.47
C LYS A 526 33.20 11.52 22.59
N LYS A 527 34.32 11.17 23.21
CA LYS A 527 34.85 11.98 24.28
C LYS A 527 33.86 11.87 25.41
N SER A 528 34.27 11.30 26.53
CA SER A 528 33.32 11.12 27.61
C SER A 528 32.72 12.45 28.06
N THR A 529 32.45 12.57 29.35
CA THR A 529 31.88 13.78 29.91
C THR A 529 31.48 13.54 31.34
N ASN A 530 31.51 14.59 32.15
CA ASN A 530 31.16 14.43 33.54
C ASN A 530 29.73 13.99 33.72
N LEU A 531 29.57 13.05 34.62
CA LEU A 531 28.26 12.52 34.97
C LEU A 531 27.59 13.36 36.04
N VAL A 532 26.39 13.84 35.74
CA VAL A 532 25.63 14.66 36.68
C VAL A 532 24.51 13.84 37.24
N LYS A 533 23.96 14.20 38.40
CA LYS A 533 22.85 13.41 38.89
C LYS A 533 21.74 14.33 39.37
N ASN A 534 20.53 13.77 39.43
CA ASN A 534 19.33 14.47 39.86
C ASN A 534 18.96 15.62 38.95
N LYS A 535 19.27 15.54 37.67
CA LYS A 535 18.94 16.59 36.71
C LYS A 535 18.42 15.95 35.44
N CYS A 536 17.46 16.61 34.79
CA CYS A 536 16.95 16.13 33.52
C CYS A 536 18.06 16.43 32.53
N VAL A 537 18.59 15.39 31.89
CA VAL A 537 19.71 15.53 30.98
C VAL A 537 19.45 14.65 29.77
N ASN A 538 20.24 14.87 28.74
CA ASN A 538 20.26 14.02 27.55
C ASN A 538 21.43 13.06 27.74
N PHE A 539 21.14 11.76 27.79
CA PHE A 539 22.17 10.79 28.12
C PHE A 539 22.37 9.78 27.01
N ASN A 540 23.57 9.18 27.02
CA ASN A 540 23.92 8.06 26.16
C ASN A 540 24.81 7.13 26.98
N PHE A 541 24.35 5.90 27.19
CA PHE A 541 25.10 4.87 27.93
C PHE A 541 25.48 3.77 26.95
N ASN A 542 26.69 3.85 26.43
CA ASN A 542 27.29 2.92 25.47
C ASN A 542 26.32 2.49 24.37
N GLY A 543 25.64 3.46 23.76
CA GLY A 543 24.76 3.14 22.67
C GLY A 543 23.32 3.48 22.96
N LEU A 544 22.90 3.37 24.23
CA LEU A 544 21.52 3.64 24.62
C LEU A 544 21.31 5.15 24.62
N THR A 545 20.48 5.63 23.71
CA THR A 545 20.23 7.06 23.58
C THR A 545 18.88 7.36 24.22
N GLY A 546 18.84 8.34 25.12
CA GLY A 546 17.57 8.70 25.73
C GLY A 546 17.58 10.00 26.53
N THR A 547 16.47 10.27 27.20
CA THR A 547 16.31 11.47 28.01
C THR A 547 15.71 11.08 29.35
N GLY A 548 16.13 11.78 30.39
CA GLY A 548 15.55 11.51 31.69
C GLY A 548 16.48 11.93 32.81
N VAL A 549 15.98 11.74 34.02
CA VAL A 549 16.68 12.06 35.25
C VAL A 549 17.38 10.81 35.75
N LEU A 550 18.64 10.97 36.16
CA LEU A 550 19.47 9.88 36.63
C LEU A 550 19.46 9.90 38.16
N THR A 551 19.20 8.76 38.77
CA THR A 551 19.19 8.68 40.23
C THR A 551 19.83 7.39 40.70
N GLU A 552 20.32 7.39 41.94
CA GLU A 552 20.86 6.17 42.54
C GLU A 552 19.80 5.09 42.59
N SER A 553 20.18 3.89 42.17
CA SER A 553 19.25 2.79 42.13
C SER A 553 19.41 1.86 43.33
N ASN A 554 18.53 0.87 43.39
CA ASN A 554 18.67 -0.21 44.36
C ASN A 554 18.50 -1.57 43.70
N LYS A 555 18.65 -1.65 42.38
CA LYS A 555 18.60 -2.90 41.65
C LYS A 555 19.98 -3.53 41.59
N LYS A 556 20.00 -4.84 41.30
CA LYS A 556 21.23 -5.60 41.23
C LYS A 556 21.27 -6.39 39.93
N PHE A 557 22.14 -5.92 39.03
CA PHE A 557 22.41 -6.55 37.76
C PHE A 557 23.57 -7.41 38.21
N LEU A 558 23.72 -8.59 37.63
CA LEU A 558 24.77 -9.49 38.04
C LEU A 558 25.83 -9.17 37.02
N PRO A 559 27.15 -9.43 37.39
CA PRO A 559 28.18 -9.08 36.40
C PRO A 559 27.90 -9.32 34.91
N PHE A 560 26.79 -9.98 34.60
CA PHE A 560 26.48 -10.23 33.21
C PHE A 560 25.32 -9.37 32.72
N GLN A 561 24.78 -8.54 33.60
CA GLN A 561 23.66 -7.69 33.23
C GLN A 561 24.04 -6.24 32.94
N GLN A 562 23.52 -5.70 31.83
CA GLN A 562 23.82 -4.32 31.44
C GLN A 562 22.72 -3.29 31.52
N PHE A 563 21.45 -3.68 31.67
CA PHE A 563 20.40 -2.67 31.73
C PHE A 563 19.00 -3.25 31.76
N GLY A 564 18.49 -3.47 32.94
CA GLY A 564 17.17 -4.06 33.10
C GLY A 564 15.93 -3.28 32.75
N ARG A 565 15.36 -3.55 31.58
CA ARG A 565 14.14 -2.87 31.20
C ARG A 565 12.99 -3.30 32.10
N ASP A 566 11.91 -2.53 32.08
CA ASP A 566 10.75 -2.78 32.91
C ASP A 566 9.71 -3.57 32.13
N ILE A 567 8.59 -3.85 32.77
CA ILE A 567 7.45 -4.46 32.11
C ILE A 567 6.97 -3.43 31.10
N ALA A 568 6.56 -3.92 29.92
CA ALA A 568 6.22 -3.10 28.75
C ALA A 568 7.47 -2.78 27.95
N ASP A 569 8.59 -3.40 28.29
CA ASP A 569 9.80 -3.38 27.48
C ASP A 569 10.39 -2.00 27.24
N THR A 570 10.60 -1.21 28.30
CA THR A 570 11.26 0.07 28.18
C THR A 570 12.43 0.12 29.17
N THR A 571 13.55 0.68 28.73
CA THR A 571 14.73 0.78 29.58
C THR A 571 14.41 1.57 30.84
N ASP A 572 14.75 1.01 32.00
CA ASP A 572 14.48 1.67 33.27
C ASP A 572 15.73 1.89 34.13
N ALA A 573 16.81 1.16 33.82
CA ALA A 573 18.03 1.28 34.59
C ALA A 573 19.20 0.99 33.67
N VAL A 574 20.33 1.64 33.93
CA VAL A 574 21.55 1.41 33.18
C VAL A 574 22.70 1.26 34.16
N ARG A 575 23.84 0.86 33.62
CA ARG A 575 25.05 0.71 34.39
C ARG A 575 26.15 1.42 33.63
N ASP A 576 26.74 2.44 34.27
CA ASP A 576 27.81 3.24 33.70
C ASP A 576 28.78 2.40 32.89
N PRO A 577 29.42 3.03 31.91
CA PRO A 577 30.38 2.31 31.06
C PRO A 577 31.82 2.56 31.51
N GLN A 578 32.05 2.57 32.82
CA GLN A 578 33.38 2.80 33.35
C GLN A 578 33.28 3.21 34.80
N THR A 579 32.53 2.43 35.57
CA THR A 579 32.34 2.70 36.98
C THR A 579 31.43 1.62 37.52
N LEU A 580 30.57 1.12 36.64
CA LEU A 580 29.64 0.07 36.98
C LEU A 580 28.65 0.45 38.04
N GLU A 581 28.12 1.66 37.97
CA GLU A 581 27.14 2.08 38.96
C GLU A 581 25.80 1.93 38.31
N ILE A 582 24.85 1.34 39.04
CA ILE A 582 23.51 1.17 38.50
C ILE A 582 22.69 2.40 38.87
N LEU A 583 22.05 2.99 37.87
CA LEU A 583 21.29 4.22 38.01
C LEU A 583 19.91 4.03 37.41
N ASP A 584 18.88 4.46 38.13
CA ASP A 584 17.53 4.47 37.58
C ASP A 584 17.30 5.70 36.73
N ILE A 585 16.48 5.49 35.72
CA ILE A 585 16.13 6.48 34.75
C ILE A 585 14.63 6.64 34.80
N THR A 586 14.16 7.85 34.58
CA THR A 586 12.72 8.09 34.61
C THR A 586 12.43 9.31 33.77
N PRO A 587 11.29 9.26 33.00
CA PRO A 587 11.05 10.48 32.20
C PRO A 587 10.97 11.67 33.14
N CYS A 588 11.01 12.88 32.60
CA CYS A 588 10.94 14.09 33.41
C CYS A 588 9.56 14.26 34.01
N SER A 589 8.76 15.12 33.40
CA SER A 589 7.40 15.36 33.88
C SER A 589 6.44 15.71 32.76
N PHE A 590 5.14 15.65 33.05
CA PHE A 590 4.11 15.96 32.06
C PHE A 590 2.70 15.57 32.49
N GLY A 591 1.70 16.15 31.85
CA GLY A 591 0.30 15.88 32.16
C GLY A 591 -0.50 16.92 31.42
N GLY A 592 -1.61 16.57 30.77
CA GLY A 592 -2.27 17.61 30.02
C GLY A 592 -2.41 18.91 30.79
N VAL A 593 -2.60 19.98 30.05
CA VAL A 593 -2.83 21.30 30.63
C VAL A 593 -4.15 21.81 30.11
N SER A 594 -5.05 22.15 31.02
CA SER A 594 -6.36 22.67 30.66
C SER A 594 -6.53 24.05 31.27
N VAL A 595 -7.44 24.89 30.78
CA VAL A 595 -7.65 26.16 31.48
C VAL A 595 -9.03 26.24 32.11
N ILE A 596 -9.13 26.73 33.33
CA ILE A 596 -10.42 26.83 34.00
C ILE A 596 -10.86 28.27 33.87
N THR A 597 -11.78 28.55 32.96
CA THR A 597 -12.22 29.91 32.73
C THR A 597 -13.67 30.13 33.01
N PRO A 598 -14.00 31.23 33.78
CA PRO A 598 -15.45 31.40 34.01
C PRO A 598 -16.15 32.14 32.87
N GLY A 599 -15.70 31.92 31.64
CA GLY A 599 -16.30 32.57 30.48
C GLY A 599 -15.75 33.95 30.22
N THR A 600 -15.69 34.36 28.96
CA THR A 600 -15.19 35.68 28.62
C THR A 600 -16.29 36.70 28.78
N ASN A 601 -17.51 36.34 28.38
CA ASN A 601 -18.63 37.25 28.55
C ASN A 601 -18.88 37.33 30.04
N THR A 602 -17.84 37.71 30.77
CA THR A 602 -17.89 37.81 32.22
C THR A 602 -16.54 38.15 32.79
N SER A 603 -15.47 37.50 32.33
CA SER A 603 -14.17 37.85 32.86
C SER A 603 -13.12 37.26 31.94
N ASN A 604 -11.89 37.71 32.13
CA ASN A 604 -10.74 37.16 31.42
C ASN A 604 -9.78 36.47 32.37
N GLN A 605 -10.16 36.26 33.60
CA GLN A 605 -9.27 35.58 34.49
C GLN A 605 -9.34 34.11 34.10
N VAL A 606 -8.41 33.31 34.58
CA VAL A 606 -8.35 31.87 34.33
C VAL A 606 -7.50 31.23 35.40
N ALA A 607 -7.79 29.98 35.71
CA ALA A 607 -6.95 29.18 36.59
C ALA A 607 -6.54 27.91 35.84
N VAL A 608 -5.42 27.32 36.21
CA VAL A 608 -4.88 26.17 35.49
C VAL A 608 -4.63 25.03 36.47
N LEU A 609 -5.11 23.85 36.11
CA LEU A 609 -4.85 22.64 36.88
C LEU A 609 -3.88 21.76 36.10
N TYR A 610 -2.76 21.40 36.72
CA TYR A 610 -1.80 20.48 36.14
C TYR A 610 -2.07 19.13 36.76
N GLN A 611 -2.66 18.22 35.97
CA GLN A 611 -3.06 16.88 36.42
C GLN A 611 -1.98 15.97 37.00
N GLY A 612 -2.12 15.68 38.27
CA GLY A 612 -1.15 14.89 39.06
C GLY A 612 0.28 15.41 38.90
N VAL A 613 0.41 16.72 38.91
CA VAL A 613 1.70 17.38 38.93
C VAL A 613 1.87 18.07 40.27
N ASN A 614 3.00 17.85 40.90
CA ASN A 614 3.26 18.50 42.17
C ASN A 614 3.57 19.97 41.92
N CYS A 615 3.15 20.81 42.86
CA CYS A 615 3.30 22.24 42.69
C CYS A 615 4.74 22.71 42.80
N THR A 616 5.68 21.79 42.97
CA THR A 616 7.10 22.11 43.07
C THR A 616 7.83 21.80 41.77
N GLU A 617 7.11 21.15 40.84
CA GLU A 617 7.71 20.70 39.60
C GLU A 617 6.94 21.24 38.41
N VAL A 618 6.25 22.36 38.59
CA VAL A 618 5.45 22.96 37.53
C VAL A 618 6.34 23.77 36.59
N PRO A 619 7.22 24.67 37.08
CA PRO A 619 7.93 25.47 36.08
C PRO A 619 9.15 24.77 35.53
N SER A 638 0.64 34.54 45.31
CA SER A 638 -0.50 34.02 44.58
C SER A 638 -1.17 32.87 45.32
N ASN A 639 -2.08 32.19 44.63
CA ASN A 639 -2.91 31.15 45.23
C ASN A 639 -2.53 29.80 44.67
N VAL A 640 -1.78 29.03 45.44
CA VAL A 640 -1.36 27.70 45.03
C VAL A 640 -1.92 26.72 46.05
N PHE A 641 -2.63 25.72 45.56
CA PHE A 641 -3.29 24.74 46.41
C PHE A 641 -2.96 23.38 45.85
N GLN A 642 -2.51 22.48 46.71
CA GLN A 642 -2.22 21.11 46.32
C GLN A 642 -3.39 20.21 46.67
N THR A 643 -3.88 19.49 45.68
CA THR A 643 -4.96 18.53 45.83
C THR A 643 -4.48 17.20 45.29
N ARG A 644 -5.18 16.14 45.68
CA ARG A 644 -4.82 14.80 45.23
C ARG A 644 -5.04 14.64 43.73
N ALA A 645 -5.69 15.60 43.07
CA ALA A 645 -5.95 15.53 41.64
C ALA A 645 -4.93 16.30 40.82
N GLY A 646 -3.94 16.91 41.46
CA GLY A 646 -2.95 17.71 40.76
C GLY A 646 -2.70 19.04 41.45
N CYS A 647 -2.03 19.93 40.72
CA CYS A 647 -1.71 21.25 41.24
C CYS A 647 -2.64 22.31 40.68
N LEU A 648 -3.34 23.00 41.57
CA LEU A 648 -4.30 24.02 41.22
C LEU A 648 -3.69 25.40 41.47
N ILE A 649 -3.64 26.23 40.43
CA ILE A 649 -3.01 27.54 40.51
C ILE A 649 -4.02 28.59 40.07
N GLY A 650 -4.15 29.65 40.85
CA GLY A 650 -5.00 30.76 40.49
C GLY A 650 -6.34 30.81 41.17
N ALA A 651 -6.61 29.88 42.09
CA ALA A 651 -7.85 29.86 42.86
C ALA A 651 -7.47 29.59 44.31
N GLU A 652 -8.19 30.21 45.23
CA GLU A 652 -7.98 29.96 46.65
C GLU A 652 -8.93 28.88 47.14
N TYR A 653 -8.41 27.96 47.94
CA TYR A 653 -9.22 26.87 48.46
C TYR A 653 -9.80 27.22 49.81
N VAL A 654 -11.12 27.11 49.91
CA VAL A 654 -11.86 27.43 51.10
C VAL A 654 -12.45 26.15 51.69
N ASN A 655 -12.92 26.23 52.93
CA ASN A 655 -13.48 25.09 53.63
C ASN A 655 -15.00 25.05 53.59
N ASN A 656 -15.64 26.09 53.06
CA ASN A 656 -17.08 26.12 52.89
C ASN A 656 -17.51 25.19 51.76
N SER A 657 -18.79 25.18 51.45
CA SER A 657 -19.29 24.37 50.37
C SER A 657 -20.43 25.03 49.64
N TYR A 658 -20.46 24.88 48.32
CA TYR A 658 -21.52 25.45 47.51
C TYR A 658 -21.91 24.39 46.50
N GLU A 659 -22.76 24.73 45.56
CA GLU A 659 -23.16 23.76 44.56
C GLU A 659 -22.10 23.72 43.47
N CYS A 660 -21.94 22.55 42.84
CA CYS A 660 -20.95 22.41 41.79
C CYS A 660 -21.17 23.46 40.70
N ASP A 661 -20.11 24.14 40.30
CA ASP A 661 -20.21 25.16 39.28
C ASP A 661 -19.42 24.70 38.08
N ILE A 662 -18.10 24.64 38.24
CA ILE A 662 -17.21 24.19 37.20
C ILE A 662 -16.50 23.02 37.81
N PRO A 663 -16.92 21.76 37.43
CA PRO A 663 -16.23 20.64 38.11
C PRO A 663 -14.74 20.56 37.88
N ILE A 664 -13.95 20.48 38.95
CA ILE A 664 -12.52 20.36 38.82
C ILE A 664 -12.07 18.92 38.96
N GLY A 665 -12.80 18.11 39.72
CA GLY A 665 -12.43 16.73 39.87
C GLY A 665 -12.11 16.31 41.28
N ALA A 666 -12.57 15.14 41.66
CA ALA A 666 -12.33 14.57 42.99
C ALA A 666 -13.01 15.27 44.16
N GLY A 667 -14.06 16.02 43.90
CA GLY A 667 -14.77 16.71 44.95
C GLY A 667 -14.68 18.22 44.96
N ILE A 668 -13.81 18.80 44.14
CA ILE A 668 -13.56 20.25 44.07
C ILE A 668 -14.21 20.97 42.89
N CYS A 669 -14.52 22.26 43.07
CA CYS A 669 -15.12 23.10 42.02
C CYS A 669 -14.63 24.57 42.10
N ALA A 670 -15.21 25.48 41.29
CA ALA A 670 -14.78 26.90 41.31
C ALA A 670 -15.81 27.84 40.65
N SER A 671 -15.78 29.11 40.93
CA SER A 671 -16.71 29.94 40.25
C SER A 671 -16.20 31.32 40.40
N TYR A 672 -16.80 32.26 39.71
CA TYR A 672 -16.38 33.62 39.85
C TYR A 672 -17.18 34.12 41.03
N GLN A 673 -16.50 34.49 42.10
CA GLN A 673 -17.20 34.96 43.29
C GLN A 673 -16.86 36.40 43.62
N THR A 674 -16.78 36.70 44.91
CA THR A 674 -16.47 38.05 45.37
C THR A 674 -15.93 38.01 46.79
N GLN A 688 -14.43 39.17 42.68
CA GLN A 688 -13.40 39.28 41.65
C GLN A 688 -12.27 38.28 41.88
N SER A 689 -12.61 37.00 41.82
CA SER A 689 -11.63 35.94 42.03
C SER A 689 -12.25 34.56 41.82
N ILE A 690 -11.40 33.58 41.50
CA ILE A 690 -11.86 32.23 41.27
C ILE A 690 -11.49 31.44 42.49
N ILE A 691 -12.47 30.80 43.11
CA ILE A 691 -12.23 30.03 44.31
C ILE A 691 -12.54 28.58 44.08
N ALA A 692 -11.84 27.68 44.74
CA ALA A 692 -12.08 26.26 44.60
C ALA A 692 -12.46 25.75 45.97
N TYR A 693 -13.74 25.46 46.16
CA TYR A 693 -14.29 25.00 47.41
C TYR A 693 -14.71 23.57 47.29
N THR A 694 -15.50 23.10 48.25
CA THR A 694 -15.98 21.71 48.20
C THR A 694 -17.47 21.77 48.05
N MET A 695 -18.02 21.09 47.07
CA MET A 695 -19.47 21.12 46.84
C MET A 695 -20.38 20.67 47.98
N SER A 696 -21.59 21.20 47.98
CA SER A 696 -22.59 20.87 48.97
C SER A 696 -23.50 19.90 48.30
N LEU A 697 -23.76 18.78 48.94
CA LEU A 697 -24.61 17.79 48.35
C LEU A 697 -26.05 18.24 48.42
N GLY A 698 -26.35 19.17 49.31
CA GLY A 698 -27.70 19.66 49.42
C GLY A 698 -28.05 20.20 50.79
N ALA A 699 -29.19 20.86 50.88
CA ALA A 699 -29.64 21.42 52.13
C ALA A 699 -29.84 20.28 53.06
N GLU A 700 -29.50 20.45 54.31
CA GLU A 700 -29.63 19.38 55.28
C GLU A 700 -31.02 19.46 55.89
N ASN A 701 -31.61 18.29 56.18
CA ASN A 701 -32.92 18.36 56.82
C ASN A 701 -33.19 17.08 57.59
N SER A 702 -33.60 17.28 58.83
CA SER A 702 -34.06 16.21 59.70
C SER A 702 -35.56 16.05 59.58
N VAL A 703 -35.99 14.81 59.44
CA VAL A 703 -37.39 14.45 59.46
C VAL A 703 -37.80 14.32 60.92
N ALA A 704 -38.95 14.88 61.26
CA ALA A 704 -39.42 14.89 62.64
C ALA A 704 -40.10 13.56 62.99
N TYR A 705 -39.32 12.48 62.94
CA TYR A 705 -39.87 11.15 63.19
C TYR A 705 -40.19 10.97 64.67
N SER A 706 -41.31 10.32 64.96
CA SER A 706 -41.57 9.77 66.29
C SER A 706 -42.35 8.48 66.15
N ASN A 707 -42.64 7.80 67.26
CA ASN A 707 -43.32 6.52 67.13
C ASN A 707 -44.84 6.65 67.09
N ASN A 708 -45.40 7.85 67.15
CA ASN A 708 -46.84 7.99 67.04
C ASN A 708 -47.26 9.26 66.34
N SER A 709 -46.44 9.77 65.44
CA SER A 709 -46.69 11.03 64.75
C SER A 709 -46.80 10.78 63.26
N ILE A 710 -47.69 11.52 62.60
CA ILE A 710 -47.85 11.43 61.15
C ILE A 710 -48.00 12.84 60.59
N ALA A 711 -47.61 13.01 59.33
CA ALA A 711 -47.78 14.27 58.60
C ALA A 711 -48.61 14.01 57.35
N ILE A 712 -49.70 14.76 57.19
CA ILE A 712 -50.63 14.58 56.07
C ILE A 712 -50.80 15.94 55.40
N PRO A 713 -50.75 16.02 54.07
CA PRO A 713 -50.98 17.29 53.38
C PRO A 713 -52.42 17.76 53.45
N THR A 714 -52.60 19.07 53.52
CA THR A 714 -53.94 19.66 53.48
C THR A 714 -54.23 20.45 52.20
N ASN A 715 -53.24 20.56 51.33
CA ASN A 715 -53.40 21.26 50.07
C ASN A 715 -52.44 20.64 49.07
N PHE A 716 -52.48 21.14 47.84
CA PHE A 716 -51.65 20.58 46.77
C PHE A 716 -51.47 21.62 45.68
N THR A 717 -50.50 21.36 44.81
CA THR A 717 -50.35 22.11 43.57
C THR A 717 -50.22 21.16 42.39
N ILE A 718 -50.52 21.67 41.21
CA ILE A 718 -50.31 20.98 39.95
C ILE A 718 -49.04 21.54 39.30
N SER A 719 -48.07 20.67 39.03
CA SER A 719 -46.82 21.09 38.44
C SER A 719 -46.73 20.63 36.99
N VAL A 720 -45.94 21.35 36.19
CA VAL A 720 -45.64 20.95 34.82
C VAL A 720 -44.13 20.96 34.64
N THR A 721 -43.59 19.89 34.07
CA THR A 721 -42.17 19.79 33.80
C THR A 721 -41.91 19.28 32.40
N THR A 722 -40.77 19.65 31.84
CA THR A 722 -40.39 19.22 30.51
C THR A 722 -39.40 18.06 30.56
N GLU A 723 -39.46 17.23 29.53
CA GLU A 723 -38.44 16.23 29.26
C GLU A 723 -38.22 16.21 27.75
N ILE A 724 -36.98 16.13 27.33
CA ILE A 724 -36.62 16.23 25.92
C ILE A 724 -35.88 14.98 25.50
N LEU A 725 -36.26 14.40 24.37
CA LEU A 725 -35.58 13.22 23.88
C LEU A 725 -35.30 13.33 22.39
N PRO A 726 -34.07 13.05 21.96
CA PRO A 726 -33.78 12.97 20.52
C PRO A 726 -34.39 11.73 19.89
N VAL A 727 -34.77 11.85 18.62
CA VAL A 727 -35.30 10.69 17.92
C VAL A 727 -34.58 10.36 16.62
N SER A 728 -33.87 11.30 15.97
CA SER A 728 -33.26 10.97 14.68
C SER A 728 -32.07 11.87 14.39
N MET A 729 -31.22 11.41 13.47
CA MET A 729 -30.11 12.14 12.89
C MET A 729 -30.36 12.41 11.41
N THR A 730 -29.50 13.25 10.83
CA THR A 730 -29.47 13.43 9.39
C THR A 730 -28.89 12.21 8.69
N LYS A 731 -29.49 11.84 7.57
CA LYS A 731 -29.07 10.72 6.77
C LYS A 731 -28.00 11.18 5.79
N THR A 732 -26.85 10.54 5.85
CA THR A 732 -25.74 10.93 5.01
C THR A 732 -25.39 9.78 4.09
N SER A 733 -24.79 10.12 2.96
CA SER A 733 -24.29 9.16 1.99
C SER A 733 -23.00 9.68 1.35
N VAL A 734 -22.00 8.81 1.23
CA VAL A 734 -20.70 9.19 0.69
C VAL A 734 -20.50 8.42 -0.58
N ASP A 735 -20.08 9.11 -1.64
CA ASP A 735 -19.66 8.47 -2.87
C ASP A 735 -18.21 8.03 -2.71
N CYS A 736 -18.00 6.73 -2.53
CA CYS A 736 -16.67 6.21 -2.22
C CYS A 736 -15.66 6.58 -3.31
N THR A 737 -16.04 6.40 -4.57
CA THR A 737 -15.13 6.69 -5.67
C THR A 737 -14.81 8.18 -5.77
N MET A 738 -15.79 9.04 -5.55
CA MET A 738 -15.54 10.47 -5.66
C MET A 738 -14.83 11.02 -4.44
N TYR A 739 -14.99 10.40 -3.28
CA TYR A 739 -14.25 10.83 -2.11
C TYR A 739 -12.78 10.48 -2.26
N ILE A 740 -12.49 9.22 -2.58
CA ILE A 740 -11.10 8.81 -2.63
C ILE A 740 -10.42 9.37 -3.87
N CYS A 741 -10.72 8.78 -5.02
CA CYS A 741 -10.09 9.21 -6.27
C CYS A 741 -10.39 10.68 -6.50
N GLY A 742 -11.63 10.98 -6.86
CA GLY A 742 -12.03 12.34 -7.17
C GLY A 742 -11.79 12.70 -8.62
N ASP A 743 -12.79 12.47 -9.46
CA ASP A 743 -12.75 12.87 -10.86
C ASP A 743 -11.85 11.99 -11.72
N SER A 744 -10.58 11.87 -11.33
CA SER A 744 -9.60 11.09 -12.07
C SER A 744 -10.15 9.72 -12.47
N THR A 745 -9.72 9.23 -13.62
CA THR A 745 -10.21 7.95 -14.13
C THR A 745 -9.13 6.87 -14.13
N GLU A 746 -7.87 7.28 -14.02
CA GLU A 746 -6.77 6.33 -13.96
C GLU A 746 -6.82 5.67 -12.58
N CYS A 747 -7.39 6.41 -11.63
CA CYS A 747 -7.57 5.94 -10.27
C CYS A 747 -8.61 4.85 -10.17
N SER A 748 -9.68 4.92 -10.96
CA SER A 748 -10.76 3.96 -10.81
C SER A 748 -10.29 2.52 -11.00
N ASN A 749 -9.39 2.29 -11.96
CA ASN A 749 -8.87 0.94 -12.14
C ASN A 749 -8.02 0.49 -10.96
N LEU A 750 -7.35 1.43 -10.30
CA LEU A 750 -6.57 1.08 -9.12
C LEU A 750 -7.46 0.78 -7.93
N LEU A 751 -8.55 1.53 -7.77
CA LEU A 751 -9.44 1.35 -6.63
C LEU A 751 -10.15 0.01 -6.69
N LEU A 752 -10.44 -0.50 -7.89
CA LEU A 752 -11.04 -1.81 -8.05
C LEU A 752 -10.17 -2.93 -7.51
N GLN A 753 -8.88 -2.68 -7.31
CA GLN A 753 -7.93 -3.69 -6.86
C GLN A 753 -7.98 -3.95 -5.37
N TYR A 754 -8.77 -3.20 -4.63
CA TYR A 754 -8.89 -3.39 -3.20
C TYR A 754 -10.12 -4.19 -2.79
N GLY A 755 -10.89 -4.68 -3.75
CA GLY A 755 -11.99 -5.53 -3.40
C GLY A 755 -13.26 -4.75 -3.17
N SER A 756 -14.07 -5.22 -2.23
CA SER A 756 -15.43 -4.71 -2.06
C SER A 756 -15.55 -3.74 -0.91
N PHE A 757 -14.53 -2.96 -0.61
CA PHE A 757 -14.62 -2.01 0.49
C PHE A 757 -15.69 -0.95 0.23
N CYS A 758 -15.85 -0.50 -1.01
CA CYS A 758 -16.87 0.48 -1.34
C CYS A 758 -18.28 -0.08 -1.30
N THR A 759 -18.46 -1.37 -1.52
CA THR A 759 -19.76 -2.00 -1.35
C THR A 759 -20.14 -2.08 0.12
N GLN A 760 -19.18 -2.41 0.98
CA GLN A 760 -19.42 -2.46 2.41
C GLN A 760 -19.86 -1.10 2.96
N LEU A 761 -19.25 -0.02 2.48
CA LEU A 761 -19.64 1.30 2.97
C LEU A 761 -21.06 1.64 2.59
N LYS A 762 -21.48 1.32 1.37
CA LYS A 762 -22.84 1.60 0.96
C LYS A 762 -23.85 0.74 1.70
N ARG A 763 -23.53 -0.53 1.93
CA ARG A 763 -24.46 -1.36 2.68
C ARG A 763 -24.61 -0.89 4.13
N ALA A 764 -23.49 -0.55 4.76
CA ALA A 764 -23.53 -0.11 6.14
C ALA A 764 -24.32 1.18 6.29
N LEU A 765 -24.08 2.15 5.41
CA LEU A 765 -24.80 3.41 5.53
C LEU A 765 -26.28 3.28 5.18
N THR A 766 -26.65 2.39 4.26
CA THR A 766 -28.06 2.18 3.98
C THR A 766 -28.81 1.62 5.17
N GLY A 767 -28.18 0.72 5.93
CA GLY A 767 -28.80 0.23 7.15
C GLY A 767 -29.19 1.33 8.11
N ILE A 768 -28.30 2.30 8.33
CA ILE A 768 -28.58 3.47 9.12
C ILE A 768 -29.71 4.30 8.54
N ALA A 769 -29.67 4.56 7.25
CA ALA A 769 -30.67 5.39 6.59
C ALA A 769 -32.07 4.83 6.69
N VAL A 770 -32.22 3.51 6.63
CA VAL A 770 -33.56 2.93 6.75
C VAL A 770 -34.04 2.97 8.19
N GLU A 771 -33.15 2.75 9.17
CA GLU A 771 -33.57 2.73 10.55
C GLU A 771 -34.01 4.11 11.05
N GLN A 772 -33.42 5.18 10.52
CA GLN A 772 -33.72 6.52 11.02
C GLN A 772 -35.15 6.95 10.71
N ASP A 773 -35.74 6.44 9.64
CA ASP A 773 -37.13 6.72 9.36
C ASP A 773 -38.07 5.86 10.18
N LYS A 774 -37.67 4.63 10.45
CA LYS A 774 -38.43 3.76 11.32
C LYS A 774 -38.43 4.26 12.76
N ASN A 775 -37.31 4.81 13.23
CA ASN A 775 -37.27 5.41 14.56
C ASN A 775 -38.39 6.42 14.75
N THR A 776 -38.59 7.29 13.76
CA THR A 776 -39.62 8.34 13.83
C THR A 776 -41.02 7.79 13.78
N GLN A 777 -41.25 6.79 12.93
CA GLN A 777 -42.57 6.20 12.84
C GLN A 777 -42.96 5.54 14.16
N GLU A 778 -42.03 4.86 14.81
CA GLU A 778 -42.35 4.22 16.07
C GLU A 778 -42.61 5.19 17.19
N VAL A 779 -41.98 6.36 17.20
CA VAL A 779 -42.30 7.31 18.27
C VAL A 779 -43.62 8.01 17.99
N PHE A 780 -43.86 8.47 16.76
CA PHE A 780 -45.03 9.32 16.52
C PHE A 780 -46.22 8.60 15.89
N ALA A 781 -46.02 7.61 15.04
CA ALA A 781 -47.13 7.04 14.28
C ALA A 781 -47.83 5.94 15.08
N GLN A 782 -48.33 6.33 16.25
CA GLN A 782 -49.06 5.45 17.16
C GLN A 782 -50.54 5.75 17.19
N VAL A 783 -51.09 6.29 16.11
CA VAL A 783 -52.51 6.58 16.08
C VAL A 783 -53.05 6.20 14.71
N LYS A 784 -54.21 5.56 14.70
CA LYS A 784 -54.82 5.09 13.46
C LYS A 784 -55.44 6.23 12.68
N GLN A 785 -56.32 6.98 13.32
CA GLN A 785 -57.08 8.04 12.69
C GLN A 785 -56.55 9.39 13.14
N ILE A 786 -56.82 10.41 12.37
CA ILE A 786 -56.39 11.76 12.69
C ILE A 786 -57.56 12.43 13.37
N TYR A 787 -57.44 12.64 14.68
CA TYR A 787 -58.48 13.25 15.48
C TYR A 787 -58.42 14.78 15.40
N LYS A 788 -59.60 15.40 15.52
CA LYS A 788 -59.74 16.85 15.58
C LYS A 788 -60.56 17.26 16.78
N THR A 789 -60.22 18.41 17.35
CA THR A 789 -60.99 18.97 18.44
C THR A 789 -62.21 19.70 17.91
N PRO A 790 -63.25 19.86 18.73
CA PRO A 790 -64.41 20.62 18.28
C PRO A 790 -64.11 22.10 18.22
N PRO A 791 -64.84 22.80 17.36
CA PRO A 791 -64.66 24.23 17.15
C PRO A 791 -64.64 25.08 18.40
N ILE A 792 -65.51 24.79 19.36
CA ILE A 792 -65.68 25.63 20.51
C ILE A 792 -64.36 25.77 21.26
N LYS A 793 -63.67 24.64 21.44
CA LYS A 793 -62.43 24.61 22.20
C LYS A 793 -62.51 25.21 23.60
N TYR A 794 -63.48 24.76 24.39
CA TYR A 794 -63.60 25.20 25.77
C TYR A 794 -63.89 24.00 26.65
N PHE A 795 -62.87 23.47 27.31
CA PHE A 795 -62.97 22.20 28.03
C PHE A 795 -63.11 22.48 29.53
N GLY A 796 -64.32 22.81 29.95
CA GLY A 796 -64.60 23.09 31.35
C GLY A 796 -63.68 24.07 32.03
N GLY A 797 -63.01 24.91 31.23
CA GLY A 797 -62.13 25.92 31.78
C GLY A 797 -60.72 25.72 31.28
N PHE A 798 -60.12 24.64 31.68
CA PHE A 798 -58.78 24.33 31.21
C PHE A 798 -58.58 24.93 29.83
N ASN A 799 -57.46 25.63 29.65
CA ASN A 799 -57.17 26.38 28.44
C ASN A 799 -55.92 25.79 27.82
N PHE A 800 -56.05 25.15 26.66
CA PHE A 800 -54.98 24.40 26.04
C PHE A 800 -54.44 25.10 24.81
N SER A 801 -54.71 26.39 24.66
CA SER A 801 -54.35 27.07 23.43
C SER A 801 -52.86 27.09 23.17
N GLN A 802 -52.03 26.93 24.20
CA GLN A 802 -50.60 26.96 23.98
C GLN A 802 -50.05 25.66 23.43
N ILE A 803 -50.83 24.59 23.42
CA ILE A 803 -50.37 23.31 22.90
C ILE A 803 -51.18 22.82 21.72
N LEU A 804 -52.26 23.45 21.41
CA LEU A 804 -53.00 23.09 20.21
C LEU A 804 -52.54 23.93 19.03
N PRO A 805 -52.75 23.47 17.81
CA PRO A 805 -52.31 24.24 16.64
C PRO A 805 -52.95 25.62 16.54
N ASP A 806 -52.20 26.55 15.95
CA ASP A 806 -52.68 27.90 15.69
C ASP A 806 -53.25 27.98 14.28
N PRO A 807 -54.56 28.11 14.12
CA PRO A 807 -55.14 28.12 12.76
C PRO A 807 -54.66 29.28 11.90
N SER A 808 -54.12 30.34 12.49
CA SER A 808 -53.63 31.50 11.74
C SER A 808 -52.14 31.39 11.43
N LYS A 809 -51.73 30.26 10.86
CA LYS A 809 -50.34 30.04 10.48
C LYS A 809 -50.28 29.10 9.29
N PRO A 810 -49.32 29.30 8.39
CA PRO A 810 -49.16 28.34 7.28
C PRO A 810 -48.73 26.96 7.73
N SER A 811 -48.00 26.89 8.85
CA SER A 811 -47.43 25.63 9.32
C SER A 811 -48.37 24.88 10.26
N LYS A 812 -49.31 25.57 10.89
CA LYS A 812 -50.24 24.97 11.86
C LYS A 812 -49.51 24.39 13.06
N ARG A 813 -48.43 25.03 13.49
CA ARG A 813 -47.76 24.62 14.71
C ARG A 813 -48.43 25.27 15.91
N SER A 814 -48.13 24.74 17.08
CA SER A 814 -48.57 25.39 18.30
C SER A 814 -47.57 26.48 18.69
N PRO A 815 -48.03 27.38 19.55
CA PRO A 815 -47.19 28.47 20.05
C PRO A 815 -45.89 27.98 20.68
N ILE A 816 -45.95 26.84 21.36
CA ILE A 816 -44.77 26.29 22.00
C ILE A 816 -43.88 25.58 21.00
N GLU A 817 -44.47 24.90 20.03
CA GLU A 817 -43.70 24.29 18.97
C GLU A 817 -42.94 25.31 18.13
N ASP A 818 -43.49 26.51 17.95
CA ASP A 818 -42.77 27.56 17.25
C ASP A 818 -41.51 27.97 17.99
N LEU A 819 -41.54 28.02 19.31
CA LEU A 819 -40.31 28.25 20.04
C LEU A 819 -39.34 27.09 19.91
N LEU A 820 -39.84 25.86 19.91
CA LEU A 820 -38.93 24.72 19.92
C LEU A 820 -38.11 24.61 18.66
N PHE A 821 -38.64 25.03 17.51
CA PHE A 821 -37.85 25.01 16.29
C PHE A 821 -37.02 26.26 16.07
N ASN A 822 -37.07 27.22 16.98
CA ASN A 822 -36.31 28.45 16.86
C ASN A 822 -35.06 28.45 17.72
N LYS A 823 -34.77 27.33 18.38
CA LYS A 823 -33.58 27.23 19.21
C LYS A 823 -32.52 26.32 18.64
N VAL A 824 -32.86 25.46 17.68
CA VAL A 824 -31.88 24.56 17.10
C VAL A 824 -31.67 24.87 15.63
N LYS A 852 -23.65 20.76 -0.52
CA LYS A 852 -23.16 19.74 -1.44
C LYS A 852 -21.63 19.69 -1.44
N PHE A 853 -21.10 18.78 -0.64
CA PHE A 853 -19.67 18.63 -0.54
C PHE A 853 -19.19 17.79 -1.71
N ASN A 854 -17.96 17.33 -1.64
CA ASN A 854 -17.40 16.51 -2.71
C ASN A 854 -17.67 15.05 -2.53
N GLY A 855 -18.80 14.59 -3.04
CA GLY A 855 -19.15 13.20 -2.91
C GLY A 855 -20.10 13.00 -1.75
N LEU A 856 -20.14 13.98 -0.84
CA LEU A 856 -21.02 13.84 0.32
C LEU A 856 -22.38 14.45 0.02
N THR A 857 -23.44 13.74 0.42
CA THR A 857 -24.78 14.25 0.24
C THR A 857 -25.66 13.90 1.45
N VAL A 858 -26.66 14.74 1.67
CA VAL A 858 -27.60 14.60 2.76
C VAL A 858 -28.97 14.28 2.19
N LEU A 859 -29.56 13.19 2.60
CA LEU A 859 -30.84 12.77 2.08
C LEU A 859 -31.97 13.36 2.91
N PRO A 860 -33.12 13.66 2.31
CA PRO A 860 -34.23 14.22 3.07
C PRO A 860 -34.98 13.16 3.85
N PRO A 861 -35.62 13.53 4.95
CA PRO A 861 -36.47 12.58 5.67
C PRO A 861 -37.69 12.18 4.88
N LEU A 862 -38.21 10.99 5.18
CA LEU A 862 -39.44 10.51 4.54
C LEU A 862 -40.64 11.32 4.99
N LEU A 863 -40.75 11.60 6.28
CA LEU A 863 -41.86 12.37 6.82
C LEU A 863 -41.44 13.83 6.94
N THR A 864 -42.24 14.71 6.38
CA THR A 864 -42.04 16.14 6.54
C THR A 864 -42.42 16.54 7.95
N ASP A 865 -42.06 17.76 8.35
CA ASP A 865 -42.44 18.15 9.69
C ASP A 865 -43.89 18.58 9.80
N GLU A 866 -44.56 18.85 8.68
CA GLU A 866 -46.00 19.03 8.72
C GLU A 866 -46.71 17.75 9.08
N MET A 867 -46.30 16.64 8.50
CA MET A 867 -46.88 15.34 8.80
C MET A 867 -46.68 14.94 10.25
N ILE A 868 -45.52 15.24 10.82
CA ILE A 868 -45.30 14.97 12.24
C ILE A 868 -46.22 15.82 13.09
N ALA A 869 -46.41 17.09 12.71
CA ALA A 869 -47.33 17.92 13.45
C ALA A 869 -48.75 17.36 13.45
N GLN A 870 -49.13 16.69 12.38
CA GLN A 870 -50.45 16.09 12.30
C GLN A 870 -50.59 14.86 13.20
N TYR A 871 -49.51 14.08 13.38
CA TYR A 871 -49.54 13.02 14.39
C TYR A 871 -49.67 13.60 15.80
N THR A 872 -48.95 14.69 16.09
CA THR A 872 -49.03 15.26 17.42
C THR A 872 -50.40 15.87 17.71
N SER A 873 -51.00 16.55 16.75
CA SER A 873 -52.33 17.09 17.00
C SER A 873 -53.38 16.01 17.15
N ALA A 874 -53.21 14.86 16.51
CA ALA A 874 -54.12 13.75 16.69
C ALA A 874 -54.02 13.14 18.07
N LEU A 875 -52.79 13.02 18.59
CA LEU A 875 -52.64 12.54 19.96
C LEU A 875 -53.23 13.52 20.96
N LEU A 876 -53.07 14.82 20.73
CA LEU A 876 -53.66 15.81 21.62
C LEU A 876 -55.18 15.81 21.59
N ALA A 877 -55.77 15.77 20.40
CA ALA A 877 -57.22 15.72 20.27
C ALA A 877 -57.82 14.43 20.78
N GLY A 878 -57.16 13.29 20.63
CA GLY A 878 -57.67 12.07 21.20
C GLY A 878 -57.70 12.10 22.72
N THR A 879 -56.60 12.52 23.32
CA THR A 879 -56.47 12.53 24.78
C THR A 879 -57.41 13.50 25.45
N ILE A 880 -57.57 14.70 24.92
CA ILE A 880 -58.36 15.70 25.63
C ILE A 880 -59.84 15.37 25.58
N THR A 881 -60.26 14.60 24.60
CA THR A 881 -61.66 14.25 24.44
C THR A 881 -62.02 12.86 24.91
N SER A 882 -61.10 11.91 24.84
CA SER A 882 -61.41 10.56 25.24
C SER A 882 -60.39 9.94 26.19
N GLY A 883 -59.45 10.70 26.68
CA GLY A 883 -58.51 10.18 27.65
C GLY A 883 -57.61 9.12 27.08
N TRP A 884 -57.64 7.92 27.63
CA TRP A 884 -56.80 6.83 27.17
C TRP A 884 -57.57 5.72 26.49
N THR A 885 -58.86 5.91 26.21
CA THR A 885 -59.64 4.82 25.66
C THR A 885 -59.35 4.56 24.21
N PHE A 886 -58.96 5.59 23.45
CA PHE A 886 -58.74 5.41 22.02
C PHE A 886 -57.49 4.61 21.73
N GLY A 887 -56.59 4.44 22.69
CA GLY A 887 -55.41 3.62 22.47
C GLY A 887 -55.64 2.14 22.66
N ALA A 888 -56.81 1.74 23.15
CA ALA A 888 -57.13 0.35 23.36
C ALA A 888 -58.32 -0.13 22.53
N GLY A 889 -58.89 0.73 21.70
CA GLY A 889 -60.06 0.39 20.94
C GLY A 889 -60.69 1.61 20.34
N PRO A 890 -62.01 1.70 20.40
CA PRO A 890 -62.74 2.87 19.92
C PRO A 890 -62.55 4.02 20.90
N ALA A 891 -62.56 5.25 20.38
CA ALA A 891 -62.52 6.42 21.24
C ALA A 891 -63.87 6.62 21.90
N LEU A 892 -63.88 6.72 23.22
CA LEU A 892 -65.10 6.87 24.01
C LEU A 892 -65.07 8.24 24.64
N GLN A 893 -66.00 9.10 24.25
CA GLN A 893 -66.04 10.43 24.81
C GLN A 893 -66.49 10.42 26.26
N ILE A 894 -65.94 11.34 27.04
CA ILE A 894 -66.32 11.59 28.42
C ILE A 894 -65.96 13.04 28.67
N PRO A 895 -66.73 13.81 29.44
CA PRO A 895 -66.33 15.19 29.73
C PRO A 895 -64.96 15.27 30.39
N PHE A 896 -64.20 16.31 30.05
CA PHE A 896 -62.81 16.39 30.49
C PHE A 896 -62.69 16.52 32.01
N PRO A 897 -63.54 17.32 32.61
CA PRO A 897 -63.56 17.47 34.07
C PRO A 897 -63.68 16.09 34.76
N MET A 898 -64.45 15.19 34.15
CA MET A 898 -64.58 13.84 34.67
C MET A 898 -63.34 13.01 34.38
N GLN A 899 -62.65 13.31 33.30
CA GLN A 899 -61.39 12.64 33.02
C GLN A 899 -60.36 12.95 34.09
N MET A 900 -60.28 14.21 34.49
CA MET A 900 -59.33 14.62 35.52
C MET A 900 -59.64 13.98 36.85
N ALA A 901 -60.91 13.83 37.19
CA ALA A 901 -61.31 13.20 38.42
C ALA A 901 -60.93 11.72 38.49
N TYR A 902 -61.05 10.99 37.40
CA TYR A 902 -60.56 9.61 37.36
C TYR A 902 -59.06 9.54 37.56
N ARG A 903 -58.33 10.51 37.00
CA ARG A 903 -56.88 10.53 37.12
C ARG A 903 -56.43 10.78 38.55
N PHE A 904 -57.14 11.63 39.29
CA PHE A 904 -56.83 11.74 40.72
C PHE A 904 -57.16 10.46 41.47
N ASN A 905 -58.24 9.78 41.12
CA ASN A 905 -58.54 8.50 41.73
C ASN A 905 -57.47 7.46 41.50
N GLY A 906 -56.83 7.49 40.35
CA GLY A 906 -55.78 6.51 40.06
C GLY A 906 -54.57 6.67 40.94
N ILE A 907 -54.38 7.85 41.53
CA ILE A 907 -53.25 8.08 42.42
C ILE A 907 -53.67 8.04 43.88
N GLY A 908 -54.87 7.58 44.19
CA GLY A 908 -55.30 7.45 45.55
C GLY A 908 -55.91 8.69 46.18
N VAL A 909 -56.42 9.61 45.40
CA VAL A 909 -57.10 10.77 45.91
C VAL A 909 -58.58 10.61 45.60
N THR A 910 -59.41 10.93 46.56
CA THR A 910 -60.84 10.74 46.41
C THR A 910 -61.38 11.77 45.42
N GLN A 911 -62.33 11.35 44.61
CA GLN A 911 -62.68 12.16 43.45
C GLN A 911 -63.43 13.44 43.76
N ASN A 912 -63.94 13.63 44.98
CA ASN A 912 -64.58 14.90 45.27
C ASN A 912 -63.62 16.05 45.37
N VAL A 913 -62.32 15.78 45.51
CA VAL A 913 -61.34 16.84 45.61
C VAL A 913 -61.33 17.67 44.35
N LEU A 914 -61.56 17.06 43.20
CA LEU A 914 -61.66 17.84 41.97
C LEU A 914 -63.03 18.50 41.84
N TYR A 915 -64.09 17.74 42.06
CA TYR A 915 -65.42 18.24 41.72
C TYR A 915 -65.80 19.45 42.55
N GLU A 916 -65.31 19.53 43.79
CA GLU A 916 -65.59 20.68 44.63
C GLU A 916 -64.59 21.81 44.44
N ASN A 917 -63.52 21.59 43.71
CA ASN A 917 -62.46 22.56 43.52
C ASN A 917 -62.09 22.71 42.05
N GLN A 918 -62.99 22.35 41.15
CA GLN A 918 -62.74 22.38 39.72
C GLN A 918 -62.15 23.70 39.23
N LYS A 919 -62.70 24.83 39.67
CA LYS A 919 -62.20 26.12 39.21
C LYS A 919 -60.77 26.39 39.67
N LEU A 920 -60.47 26.02 40.91
CA LEU A 920 -59.13 26.25 41.44
C LEU A 920 -58.09 25.46 40.66
N ILE A 921 -58.37 24.20 40.37
CA ILE A 921 -57.38 23.36 39.69
C ILE A 921 -57.17 23.83 38.27
N ALA A 922 -58.25 24.19 37.58
CA ALA A 922 -58.16 24.68 36.21
C ALA A 922 -57.41 26.00 36.12
N ASN A 923 -57.68 26.95 37.01
CA ASN A 923 -56.93 28.21 37.03
C ASN A 923 -55.46 28.02 37.41
N GLN A 924 -55.16 27.21 38.42
CA GLN A 924 -53.78 26.95 38.74
C GLN A 924 -53.04 26.21 37.63
N PHE A 925 -53.68 25.25 36.99
CA PHE A 925 -53.06 24.59 35.85
C PHE A 925 -52.70 25.61 34.77
N ASN A 926 -53.64 26.48 34.42
CA ASN A 926 -53.45 27.40 33.30
C ASN A 926 -52.24 28.30 33.51
N SER A 927 -52.02 28.78 34.72
CA SER A 927 -50.79 29.51 35.00
C SER A 927 -49.56 28.62 34.99
N ALA A 928 -49.66 27.40 35.53
CA ALA A 928 -48.49 26.54 35.57
C ALA A 928 -47.99 26.16 34.19
N ILE A 929 -48.89 25.94 33.24
CA ILE A 929 -48.47 25.65 31.87
C ILE A 929 -47.95 26.92 31.21
N GLY A 930 -48.57 28.05 31.52
CA GLY A 930 -48.09 29.31 30.99
C GLY A 930 -46.65 29.62 31.35
N LYS A 931 -46.18 29.18 32.51
CA LYS A 931 -44.80 29.42 32.87
C LYS A 931 -43.81 28.68 31.98
N ILE A 932 -44.24 27.69 31.23
CA ILE A 932 -43.30 26.89 30.44
C ILE A 932 -42.65 27.74 29.38
N GLN A 933 -43.40 28.61 28.70
CA GLN A 933 -42.78 29.46 27.68
C GLN A 933 -41.70 30.36 28.28
N ASP A 934 -41.93 30.90 29.47
CA ASP A 934 -40.92 31.77 30.09
C ASP A 934 -39.59 31.03 30.28
N SER A 935 -39.65 29.76 30.65
CA SER A 935 -38.42 29.01 30.82
C SER A 935 -37.71 28.73 29.51
N LEU A 936 -38.38 28.93 28.37
CA LEU A 936 -37.77 28.65 27.08
C LEU A 936 -37.34 29.93 26.37
N SER A 937 -38.24 30.91 26.29
CA SER A 937 -37.93 32.18 25.63
C SER A 937 -37.21 33.14 26.58
N ALA A 942 -31.59 23.62 27.91
CA ALA A 942 -32.91 23.19 27.47
C ALA A 942 -32.79 22.19 26.33
N LEU A 943 -32.69 22.71 25.10
CA LEU A 943 -32.66 21.87 23.91
C LEU A 943 -31.24 21.56 23.49
N GLY A 944 -30.30 21.51 24.42
CA GLY A 944 -28.93 21.13 24.12
C GLY A 944 -28.79 19.71 23.64
N LYS A 945 -29.66 18.81 24.08
CA LYS A 945 -29.60 17.43 23.58
C LYS A 945 -29.92 17.33 22.11
N LEU A 946 -30.73 18.25 21.59
CA LEU A 946 -31.04 18.26 20.18
C LEU A 946 -29.98 18.94 19.35
N GLN A 947 -29.35 19.98 19.88
CA GLN A 947 -28.25 20.64 19.19
C GLN A 947 -27.01 19.75 19.13
N ASP A 948 -26.74 18.97 20.17
CA ASP A 948 -25.63 18.03 20.16
C ASP A 948 -25.73 17.01 19.03
N VAL A 949 -26.91 16.54 18.68
CA VAL A 949 -27.03 15.60 17.58
C VAL A 949 -26.60 16.27 16.27
N VAL A 950 -27.04 17.49 16.04
CA VAL A 950 -26.65 18.26 14.87
C VAL A 950 -25.15 18.53 14.87
N ASN A 951 -24.58 18.87 16.00
CA ASN A 951 -23.16 19.17 16.08
C ASN A 951 -22.31 17.95 15.79
N HIS A 952 -22.67 16.79 16.34
CA HIS A 952 -21.86 15.61 16.14
C HIS A 952 -21.80 15.20 14.68
N ASN A 953 -22.91 15.30 13.96
CA ASN A 953 -22.82 14.97 12.55
C ASN A 953 -22.11 16.06 11.76
N ALA A 954 -22.33 17.33 12.09
CA ALA A 954 -21.62 18.38 11.36
C ALA A 954 -20.11 18.26 11.55
N GLN A 955 -19.67 17.89 12.73
CA GLN A 955 -18.26 17.72 12.99
C GLN A 955 -17.68 16.54 12.25
N ALA A 956 -18.42 15.43 12.11
CA ALA A 956 -17.89 14.32 11.33
C ALA A 956 -17.82 14.63 9.85
N LEU A 957 -18.72 15.45 9.34
CA LEU A 957 -18.67 15.81 7.93
C LEU A 957 -17.62 16.87 7.64
N ASN A 958 -17.36 17.77 8.56
CA ASN A 958 -16.28 18.75 8.40
C ASN A 958 -14.90 18.10 8.51
N THR A 959 -14.73 17.14 9.41
CA THR A 959 -13.50 16.36 9.50
C THR A 959 -13.26 15.46 8.30
N LEU A 960 -14.30 14.78 7.82
CA LEU A 960 -14.15 13.90 6.67
C LEU A 960 -13.65 14.65 5.44
N VAL A 961 -14.15 15.86 5.21
CA VAL A 961 -13.67 16.64 4.09
C VAL A 961 -12.26 17.16 4.34
N LYS A 962 -11.96 17.62 5.54
CA LYS A 962 -10.63 18.15 5.80
C LYS A 962 -9.55 17.09 5.65
N GLN A 963 -9.84 15.83 5.90
CA GLN A 963 -8.87 14.77 5.76
C GLN A 963 -8.43 14.51 4.32
N LEU A 964 -9.00 15.21 3.35
CA LEU A 964 -8.50 15.08 1.99
C LEU A 964 -7.26 15.93 1.73
N SER A 965 -6.99 16.92 2.57
CA SER A 965 -5.77 17.69 2.42
C SER A 965 -4.66 17.16 3.30
N SER A 966 -4.28 15.90 3.13
CA SER A 966 -3.22 15.26 3.90
C SER A 966 -2.39 14.44 2.93
N LYS A 967 -1.07 14.48 3.07
CA LYS A 967 -0.17 13.74 2.19
C LYS A 967 0.16 12.31 2.62
N PHE A 968 -0.08 12.01 3.89
CA PHE A 968 0.15 10.67 4.41
C PHE A 968 1.52 10.15 4.06
N GLY A 969 2.48 11.04 3.86
CA GLY A 969 3.83 10.62 3.55
C GLY A 969 4.11 10.41 2.08
N ALA A 970 3.27 10.94 1.22
CA ALA A 970 3.42 10.82 -0.23
C ALA A 970 4.08 12.11 -0.71
N ILE A 971 4.42 12.16 -2.01
CA ILE A 971 5.04 13.38 -2.50
C ILE A 971 4.03 14.51 -2.55
N SER A 972 2.77 14.22 -2.84
CA SER A 972 1.75 15.25 -2.91
C SER A 972 0.45 14.66 -2.39
N SER A 973 -0.60 15.49 -2.40
CA SER A 973 -1.90 15.09 -1.95
C SER A 973 -2.94 15.17 -3.06
N VAL A 974 -2.51 15.36 -4.30
CA VAL A 974 -3.41 15.51 -5.43
C VAL A 974 -3.04 14.46 -6.47
N LEU A 975 -3.98 13.59 -6.81
CA LEU A 975 -3.78 12.47 -7.72
C LEU A 975 -3.54 12.88 -9.16
N ASN A 976 -3.82 14.12 -9.54
CA ASN A 976 -3.42 14.58 -10.87
C ASN A 976 -2.01 15.13 -10.88
N ASP A 977 -1.61 15.85 -9.83
CA ASP A 977 -0.29 16.45 -9.81
C ASP A 977 0.80 15.39 -9.82
N ILE A 978 0.50 14.22 -9.27
CA ILE A 978 1.47 13.15 -9.23
C ILE A 978 1.92 12.78 -10.64
N LEU A 979 0.94 12.63 -11.53
CA LEU A 979 1.21 12.20 -12.89
C LEU A 979 1.96 13.29 -13.65
N SER A 980 1.48 14.52 -13.47
CA SER A 980 2.08 15.69 -14.12
C SER A 980 3.59 15.80 -13.92
N ARG A 981 4.08 15.28 -12.80
CA ARG A 981 5.50 15.35 -12.48
C ARG A 981 6.05 14.01 -12.03
N LEU A 982 5.59 12.93 -12.66
CA LEU A 982 6.11 11.61 -12.34
C LEU A 982 5.60 10.49 -13.24
N ASP A 983 6.45 9.48 -13.41
CA ASP A 983 6.21 8.37 -14.32
C ASP A 983 5.26 7.39 -13.66
N PRO A 984 4.63 6.53 -14.46
CA PRO A 984 3.61 5.63 -13.91
C PRO A 984 4.13 4.65 -12.86
N PRO A 985 5.27 4.04 -13.12
CA PRO A 985 5.82 3.03 -12.20
C PRO A 985 5.89 3.55 -10.76
N GLU A 986 6.26 4.81 -10.61
CA GLU A 986 6.31 5.44 -9.29
C GLU A 986 5.02 6.14 -8.89
N ALA A 987 4.19 6.52 -9.86
CA ALA A 987 2.94 7.18 -9.54
C ALA A 987 1.91 6.25 -8.96
N GLU A 988 1.89 4.98 -9.41
CA GLU A 988 1.04 3.98 -8.82
C GLU A 988 1.31 3.79 -7.34
N VAL A 989 2.57 3.83 -6.92
CA VAL A 989 2.88 3.72 -5.50
C VAL A 989 2.37 4.93 -4.72
N GLN A 990 2.57 6.14 -5.24
CA GLN A 990 2.17 7.34 -4.51
C GLN A 990 0.66 7.44 -4.41
N ILE A 991 -0.06 7.08 -5.48
CA ILE A 991 -1.51 7.12 -5.43
C ILE A 991 -2.03 6.00 -4.54
N ASP A 992 -1.39 4.83 -4.55
CA ASP A 992 -1.85 3.79 -3.64
C ASP A 992 -1.73 4.19 -2.17
N ARG A 993 -0.73 4.96 -1.79
CA ARG A 993 -0.64 5.45 -0.42
C ARG A 993 -1.79 6.38 -0.06
N LEU A 994 -2.10 7.31 -0.94
CA LEU A 994 -3.23 8.22 -0.69
C LEU A 994 -4.55 7.49 -0.64
N ILE A 995 -4.74 6.49 -1.51
CA ILE A 995 -5.96 5.71 -1.50
C ILE A 995 -6.12 4.99 -0.17
N THR A 996 -5.05 4.35 0.31
CA THR A 996 -5.13 3.68 1.60
C THR A 996 -5.48 4.65 2.71
N GLY A 997 -4.84 5.82 2.73
CA GLY A 997 -5.14 6.79 3.77
C GLY A 997 -6.58 7.25 3.76
N ARG A 998 -7.10 7.63 2.59
CA ARG A 998 -8.47 8.09 2.50
C ARG A 998 -9.48 6.96 2.64
N LEU A 999 -9.13 5.75 2.27
CA LEU A 999 -10.00 4.62 2.57
C LEU A 999 -10.10 4.35 4.07
N GLN A 1000 -9.00 4.51 4.81
CA GLN A 1000 -9.08 4.46 6.25
C GLN A 1000 -9.99 5.54 6.83
N SER A 1001 -10.00 6.73 6.22
CA SER A 1001 -10.92 7.78 6.66
C SER A 1001 -12.37 7.37 6.58
N LEU A 1002 -12.76 6.74 5.48
CA LEU A 1002 -14.11 6.25 5.32
C LEU A 1002 -14.45 5.14 6.32
N GLN A 1003 -13.52 4.24 6.60
CA GLN A 1003 -13.81 3.23 7.60
C GLN A 1003 -14.02 3.82 8.99
N THR A 1004 -13.23 4.82 9.34
CA THR A 1004 -13.45 5.50 10.61
C THR A 1004 -14.81 6.16 10.65
N TYR A 1005 -15.16 6.88 9.58
CA TYR A 1005 -16.44 7.57 9.54
C TYR A 1005 -17.62 6.60 9.69
N VAL A 1006 -17.64 5.53 8.91
CA VAL A 1006 -18.80 4.65 8.94
C VAL A 1006 -18.89 3.90 10.26
N THR A 1007 -17.77 3.50 10.85
CA THR A 1007 -17.82 2.81 12.13
C THR A 1007 -18.43 3.70 13.20
N GLN A 1008 -18.04 4.97 13.24
CA GLN A 1008 -18.65 5.84 14.23
C GLN A 1008 -20.12 6.12 13.98
N GLN A 1009 -20.57 6.16 12.73
CA GLN A 1009 -21.99 6.38 12.50
C GLN A 1009 -22.83 5.21 13.00
N LEU A 1010 -22.33 3.99 12.86
CA LEU A 1010 -23.03 2.83 13.39
C LEU A 1010 -23.08 2.85 14.91
N ILE A 1011 -21.99 3.23 15.57
CA ILE A 1011 -22.00 3.25 17.03
C ILE A 1011 -22.91 4.37 17.54
N ARG A 1012 -22.87 5.52 16.88
CA ARG A 1012 -23.75 6.63 17.26
C ARG A 1012 -25.20 6.41 16.88
N ALA A 1013 -25.49 5.67 15.82
CA ALA A 1013 -26.87 5.38 15.48
C ALA A 1013 -27.55 4.44 16.46
N ALA A 1014 -26.78 3.57 17.10
CA ALA A 1014 -27.32 2.73 18.15
C ALA A 1014 -27.75 3.51 19.38
N GLU A 1015 -27.12 4.65 19.64
CA GLU A 1015 -27.47 5.48 20.77
C GLU A 1015 -28.74 6.29 20.56
N ILE A 1016 -28.94 6.78 19.34
CA ILE A 1016 -30.14 7.51 18.99
C ILE A 1016 -31.31 6.54 18.85
N ARG A 1017 -31.02 5.32 18.42
CA ARG A 1017 -32.03 4.28 18.39
C ARG A 1017 -32.50 3.91 19.78
N ALA A 1018 -31.59 3.80 20.74
CA ALA A 1018 -31.98 3.54 22.12
C ALA A 1018 -32.81 4.68 22.69
N SER A 1019 -32.54 5.90 22.27
CA SER A 1019 -33.32 7.07 22.66
C SER A 1019 -34.69 7.09 22.02
N ALA A 1020 -34.78 6.74 20.74
CA ALA A 1020 -36.06 6.61 20.09
C ALA A 1020 -36.92 5.51 20.69
N ASN A 1021 -36.31 4.44 21.20
CA ASN A 1021 -37.06 3.40 21.89
C ASN A 1021 -37.62 3.87 23.21
N LEU A 1022 -36.86 4.67 23.95
CA LEU A 1022 -37.34 5.28 25.17
C LEU A 1022 -38.44 6.29 24.92
N ALA A 1023 -38.29 7.13 23.91
CA ALA A 1023 -39.35 8.06 23.53
C ALA A 1023 -40.62 7.36 23.07
N ALA A 1024 -40.51 6.30 22.28
CA ALA A 1024 -41.71 5.54 21.91
C ALA A 1024 -42.39 4.87 23.10
N THR A 1025 -41.62 4.36 24.04
CA THR A 1025 -42.15 3.77 25.26
C THR A 1025 -42.85 4.79 26.12
N LYS A 1026 -42.26 5.96 26.32
CA LYS A 1026 -42.97 7.03 27.02
C LYS A 1026 -44.20 7.50 26.27
N MET A 1027 -44.17 7.55 24.95
CA MET A 1027 -45.35 7.95 24.21
C MET A 1027 -46.52 7.03 24.52
N SER A 1028 -46.26 5.74 24.65
CA SER A 1028 -47.32 4.80 24.98
C SER A 1028 -47.74 4.92 26.44
N GLU A 1029 -46.78 4.99 27.34
CA GLU A 1029 -47.06 4.84 28.75
C GLU A 1029 -47.32 6.15 29.48
N CYS A 1030 -46.94 7.28 28.91
CA CYS A 1030 -47.16 8.57 29.57
C CYS A 1030 -48.28 9.37 28.92
N VAL A 1031 -48.49 9.14 27.64
CA VAL A 1031 -49.44 9.93 26.87
C VAL A 1031 -50.72 9.17 26.61
N LEU A 1032 -50.61 7.89 26.27
CA LEU A 1032 -51.77 7.04 26.02
C LEU A 1032 -52.27 6.35 27.27
N GLY A 1033 -51.71 6.65 28.43
CA GLY A 1033 -52.23 6.07 29.65
C GLY A 1033 -51.67 6.78 30.86
N GLN A 1034 -52.01 6.24 32.02
CA GLN A 1034 -51.50 6.72 33.30
C GLN A 1034 -50.53 5.71 33.89
N SER A 1035 -49.34 6.16 34.23
CA SER A 1035 -48.29 5.29 34.71
C SER A 1035 -48.13 5.40 36.22
N LYS A 1036 -47.78 4.27 36.85
CA LYS A 1036 -47.40 4.26 38.24
C LYS A 1036 -45.89 4.15 38.42
N ARG A 1037 -45.13 4.13 37.34
CA ARG A 1037 -43.68 4.03 37.38
C ARG A 1037 -43.08 5.33 37.93
N VAL A 1038 -42.25 5.22 38.95
CA VAL A 1038 -41.72 6.39 39.66
C VAL A 1038 -40.70 7.11 38.79
N ASP A 1039 -40.90 8.42 38.63
CA ASP A 1039 -40.01 9.27 37.84
C ASP A 1039 -39.93 8.97 36.35
N PHE A 1040 -40.84 8.17 35.84
CA PHE A 1040 -40.82 7.81 34.44
C PHE A 1040 -41.56 8.86 33.62
N CYS A 1041 -42.54 9.49 34.25
CA CYS A 1041 -43.37 10.49 33.61
C CYS A 1041 -43.34 11.81 34.37
N GLY A 1042 -42.16 12.29 34.73
CA GLY A 1042 -42.04 13.52 35.51
C GLY A 1042 -41.88 13.35 37.01
N LYS A 1043 -41.76 14.47 37.72
CA LYS A 1043 -41.55 14.46 39.16
C LYS A 1043 -42.88 14.74 39.87
N GLY A 1044 -43.29 13.84 40.75
CA GLY A 1044 -44.57 13.95 41.40
C GLY A 1044 -45.44 12.79 41.01
N TYR A 1045 -46.71 12.88 41.32
CA TYR A 1045 -47.65 11.83 40.97
C TYR A 1045 -48.24 12.11 39.60
N HIS A 1046 -48.01 11.18 38.68
CA HIS A 1046 -48.39 11.37 37.29
C HIS A 1046 -49.89 11.53 37.14
N LEU A 1047 -50.32 12.62 36.52
CA LEU A 1047 -51.70 12.75 36.08
C LEU A 1047 -51.83 12.55 34.58
N MET A 1048 -51.09 13.32 33.79
CA MET A 1048 -51.26 13.27 32.33
C MET A 1048 -50.06 13.91 31.68
N SER A 1049 -49.90 13.68 30.38
CA SER A 1049 -48.82 14.28 29.61
C SER A 1049 -49.32 14.67 28.22
N PHE A 1050 -48.72 15.72 27.67
CA PHE A 1050 -49.03 16.23 26.32
C PHE A 1050 -47.77 16.29 25.47
N PRO A 1051 -47.75 15.67 24.29
CA PRO A 1051 -46.58 15.76 23.42
C PRO A 1051 -46.50 17.05 22.62
N GLN A 1052 -45.27 17.44 22.32
CA GLN A 1052 -44.99 18.53 21.39
C GLN A 1052 -43.88 18.07 20.45
N SER A 1053 -43.90 18.55 19.22
CA SER A 1053 -42.88 18.16 18.26
C SER A 1053 -41.71 19.12 18.34
N ALA A 1054 -40.51 18.58 18.25
CA ALA A 1054 -39.30 19.38 18.24
C ALA A 1054 -38.50 18.92 17.04
N PRO A 1055 -37.53 19.69 16.53
CA PRO A 1055 -36.74 19.22 15.39
C PRO A 1055 -35.82 18.07 15.78
N HIS A 1056 -36.03 16.91 15.16
CA HIS A 1056 -35.32 15.65 15.44
C HIS A 1056 -35.60 15.12 16.83
N GLY A 1057 -36.70 15.50 17.45
CA GLY A 1057 -36.94 15.03 18.80
C GLY A 1057 -38.36 15.20 19.23
N VAL A 1058 -38.59 14.91 20.50
CA VAL A 1058 -39.91 15.03 21.09
C VAL A 1058 -39.78 15.69 22.45
N VAL A 1059 -40.77 16.49 22.79
CA VAL A 1059 -40.86 17.17 24.08
C VAL A 1059 -42.13 16.68 24.76
N PHE A 1060 -42.01 16.32 26.03
CA PHE A 1060 -43.13 15.85 26.82
C PHE A 1060 -43.43 16.90 27.86
N LEU A 1061 -44.69 17.30 27.93
CA LEU A 1061 -45.17 18.18 29.00
C LEU A 1061 -45.82 17.32 30.05
N HIS A 1062 -45.16 17.14 31.18
CA HIS A 1062 -45.59 16.24 32.23
C HIS A 1062 -46.40 17.01 33.27
N VAL A 1063 -47.62 16.57 33.50
CA VAL A 1063 -48.53 17.12 34.50
C VAL A 1063 -48.57 16.18 35.70
N THR A 1064 -48.20 16.70 36.87
CA THR A 1064 -48.04 15.91 38.08
C THR A 1064 -48.83 16.53 39.23
N TYR A 1065 -49.09 15.70 40.22
CA TYR A 1065 -49.77 16.04 41.47
C TYR A 1065 -48.74 16.12 42.58
N VAL A 1066 -48.63 17.27 43.23
CA VAL A 1066 -47.64 17.45 44.29
C VAL A 1066 -48.36 17.88 45.56
N PRO A 1067 -48.28 17.14 46.66
CA PRO A 1067 -48.92 17.60 47.91
C PRO A 1067 -48.19 18.77 48.53
N ALA A 1068 -48.91 19.55 49.34
CA ALA A 1068 -48.34 20.73 49.96
C ALA A 1068 -48.98 21.00 51.31
N GLN A 1069 -48.23 21.72 52.15
CA GLN A 1069 -48.70 22.25 53.44
C GLN A 1069 -49.15 21.14 54.41
N GLU A 1070 -48.18 20.38 54.88
CA GLU A 1070 -48.50 19.28 55.79
C GLU A 1070 -48.67 19.78 57.23
N LYS A 1071 -49.51 19.04 57.97
CA LYS A 1071 -49.61 19.18 59.41
C LYS A 1071 -49.32 17.84 60.04
N ASN A 1072 -48.86 17.87 61.29
CA ASN A 1072 -48.55 16.64 62.01
C ASN A 1072 -49.74 16.28 62.91
N PHE A 1073 -49.94 14.99 63.08
CA PHE A 1073 -50.99 14.41 63.90
C PHE A 1073 -50.43 13.21 64.63
N THR A 1074 -51.14 12.82 65.67
CA THR A 1074 -50.91 11.57 66.40
C THR A 1074 -51.76 10.50 65.74
N THR A 1075 -51.26 9.28 65.70
CA THR A 1075 -51.93 8.22 64.98
C THR A 1075 -51.88 6.94 65.80
N ALA A 1076 -52.65 5.95 65.36
CA ALA A 1076 -52.69 4.64 66.00
C ALA A 1076 -53.13 3.64 64.95
N PRO A 1077 -52.66 2.41 65.01
CA PRO A 1077 -52.98 1.45 63.96
C PRO A 1077 -54.42 0.95 63.98
N ALA A 1078 -55.06 0.91 65.14
CA ALA A 1078 -56.40 0.35 65.26
C ALA A 1078 -57.10 1.01 66.42
N ILE A 1079 -58.40 0.77 66.55
CA ILE A 1079 -59.19 1.32 67.65
C ILE A 1079 -59.94 0.19 68.32
N CYS A 1080 -60.01 0.23 69.65
CA CYS A 1080 -60.73 -0.79 70.38
C CYS A 1080 -62.14 -0.31 70.69
N HIS A 1081 -63.11 -1.19 70.46
CA HIS A 1081 -64.49 -0.93 70.81
C HIS A 1081 -65.17 -2.26 71.08
N ASP A 1082 -65.86 -2.37 72.21
CA ASP A 1082 -66.47 -3.61 72.68
C ASP A 1082 -65.47 -4.74 72.81
N GLY A 1083 -64.22 -4.45 73.11
CA GLY A 1083 -63.25 -5.49 73.24
C GLY A 1083 -62.76 -6.05 71.92
N LYS A 1084 -63.06 -5.39 70.81
CA LYS A 1084 -62.66 -5.86 69.50
C LYS A 1084 -61.80 -4.81 68.82
N ALA A 1085 -60.90 -5.25 67.96
CA ALA A 1085 -60.01 -4.36 67.23
C ALA A 1085 -60.65 -3.98 65.91
N HIS A 1086 -60.64 -2.68 65.61
CA HIS A 1086 -61.14 -2.14 64.36
C HIS A 1086 -59.99 -1.54 63.59
N PHE A 1087 -59.92 -1.83 62.36
CA PHE A 1087 -58.91 -1.39 61.42
C PHE A 1087 -59.56 -0.59 60.31
N PRO A 1088 -58.89 0.41 59.76
CA PRO A 1088 -59.50 1.17 58.67
C PRO A 1088 -59.55 0.36 57.39
N ARG A 1089 -60.62 0.57 56.62
CA ARG A 1089 -60.69 0.00 55.28
C ARG A 1089 -59.69 0.66 54.35
N GLU A 1090 -59.73 1.98 54.25
CA GLU A 1090 -58.68 2.77 53.63
C GLU A 1090 -58.50 4.02 54.49
N GLY A 1091 -57.26 4.43 54.68
CA GLY A 1091 -56.99 5.62 55.43
C GLY A 1091 -56.19 5.34 56.67
N VAL A 1092 -55.97 6.39 57.45
CA VAL A 1092 -55.21 6.34 58.68
C VAL A 1092 -56.03 7.03 59.77
N PHE A 1093 -55.85 6.58 61.01
CA PHE A 1093 -56.44 7.23 62.16
C PHE A 1093 -55.55 8.41 62.56
N VAL A 1094 -56.17 9.55 62.82
CA VAL A 1094 -55.46 10.74 63.29
C VAL A 1094 -56.16 11.30 64.52
N SER A 1095 -55.42 12.09 65.27
CA SER A 1095 -55.96 12.77 66.44
C SER A 1095 -55.61 14.25 66.35
N ASN A 1096 -56.61 15.11 66.56
CA ASN A 1096 -56.36 16.55 66.51
C ASN A 1096 -55.96 17.12 67.85
N GLY A 1097 -55.83 16.28 68.88
CA GLY A 1097 -55.48 16.71 70.21
C GLY A 1097 -56.48 16.21 71.22
N THR A 1098 -57.75 16.17 70.84
CA THR A 1098 -58.81 15.73 71.73
C THR A 1098 -59.73 14.67 71.16
N HIS A 1099 -59.89 14.60 69.84
CA HIS A 1099 -60.76 13.62 69.21
C HIS A 1099 -60.01 12.92 68.08
N TRP A 1100 -60.42 11.69 67.79
CA TRP A 1100 -59.82 10.88 66.74
C TRP A 1100 -60.74 10.78 65.54
N PHE A 1101 -60.17 10.80 64.34
CA PHE A 1101 -60.91 10.74 63.09
C PHE A 1101 -60.22 9.77 62.14
N VAL A 1102 -60.92 9.39 61.07
CA VAL A 1102 -60.35 8.65 59.95
C VAL A 1102 -60.13 9.63 58.81
N THR A 1103 -58.97 9.56 58.18
CA THR A 1103 -58.70 10.39 57.02
C THR A 1103 -58.19 9.52 55.90
N GLN A 1104 -58.37 9.99 54.67
CA GLN A 1104 -57.70 9.38 53.53
C GLN A 1104 -56.23 9.81 53.55
N ARG A 1105 -55.38 8.99 52.95
CA ARG A 1105 -53.95 9.18 53.11
C ARG A 1105 -53.35 10.31 52.30
N ASN A 1106 -54.03 10.80 51.27
CA ASN A 1106 -53.41 11.76 50.36
C ASN A 1106 -53.96 13.17 50.48
N PHE A 1107 -55.01 13.38 51.25
CA PHE A 1107 -55.62 14.68 51.42
C PHE A 1107 -56.30 14.68 52.77
N TYR A 1108 -56.09 15.72 53.57
CA TYR A 1108 -56.69 15.77 54.90
C TYR A 1108 -58.18 16.06 54.80
N GLU A 1109 -58.99 15.06 55.16
CA GLU A 1109 -60.45 15.17 55.08
C GLU A 1109 -61.05 14.21 56.09
N PRO A 1110 -61.24 14.66 57.32
CA PRO A 1110 -61.65 13.77 58.41
C PRO A 1110 -63.14 13.44 58.41
N GLN A 1111 -63.44 12.18 58.76
CA GLN A 1111 -64.80 11.73 58.96
C GLN A 1111 -64.90 10.97 60.27
N ILE A 1112 -66.12 10.80 60.77
CA ILE A 1112 -66.26 10.11 62.05
C ILE A 1112 -66.10 8.61 61.83
N ILE A 1113 -65.50 7.95 62.80
CA ILE A 1113 -65.21 6.53 62.74
C ILE A 1113 -66.48 5.75 63.06
N THR A 1114 -66.97 5.02 62.08
CA THR A 1114 -68.22 4.28 62.18
C THR A 1114 -67.98 2.84 61.82
N THR A 1115 -69.03 2.04 61.88
CA THR A 1115 -68.96 0.62 61.52
C THR A 1115 -69.03 0.40 60.01
N ASP A 1116 -69.24 1.46 59.23
CA ASP A 1116 -69.28 1.33 57.78
C ASP A 1116 -67.97 1.76 57.17
N ASN A 1117 -67.14 2.42 57.96
CA ASN A 1117 -65.83 2.90 57.58
C ASN A 1117 -64.72 1.93 57.90
N THR A 1118 -64.98 0.96 58.76
CA THR A 1118 -63.94 0.11 59.32
C THR A 1118 -64.35 -1.33 59.14
N PHE A 1119 -63.42 -2.23 59.45
CA PHE A 1119 -63.74 -3.64 59.54
C PHE A 1119 -63.08 -4.20 60.78
N VAL A 1120 -63.58 -5.35 61.22
CA VAL A 1120 -63.16 -5.98 62.47
C VAL A 1120 -62.27 -7.16 62.13
N SER A 1121 -61.19 -7.31 62.87
CA SER A 1121 -60.34 -8.48 62.75
C SER A 1121 -59.52 -8.65 64.01
N GLY A 1122 -59.71 -9.75 64.72
CA GLY A 1122 -58.94 -10.04 65.90
C GLY A 1122 -59.37 -9.24 67.12
N ASN A 1123 -58.65 -9.47 68.21
CA ASN A 1123 -58.96 -8.87 69.49
C ASN A 1123 -57.88 -7.86 69.84
N CYS A 1124 -58.16 -6.99 70.81
CA CYS A 1124 -57.17 -6.02 71.24
C CYS A 1124 -56.18 -6.60 72.23
N ASP A 1125 -55.40 -7.58 71.79
CA ASP A 1125 -54.35 -8.17 72.61
C ASP A 1125 -53.09 -8.44 71.78
N VAL A 1126 -53.20 -8.28 70.46
CA VAL A 1126 -52.11 -8.57 69.54
C VAL A 1126 -51.58 -7.33 68.84
N VAL A 1127 -52.33 -6.25 68.81
CA VAL A 1127 -51.91 -5.03 68.12
C VAL A 1127 -51.14 -4.16 69.10
N ILE A 1128 -49.94 -3.75 68.71
CA ILE A 1128 -49.09 -2.91 69.53
C ILE A 1128 -49.40 -1.46 69.19
N GLY A 1129 -49.79 -0.70 70.19
CA GLY A 1129 -50.14 0.68 70.00
C GLY A 1129 -51.60 0.97 69.76
N ILE A 1130 -52.48 0.00 69.99
CA ILE A 1130 -53.91 0.21 69.82
C ILE A 1130 -54.45 1.08 70.95
N VAL A 1131 -55.44 1.91 70.61
CA VAL A 1131 -55.94 2.93 71.52
C VAL A 1131 -57.45 2.77 71.67
N ASN A 1132 -57.98 3.26 72.78
CA ASN A 1132 -59.41 3.25 73.04
C ASN A 1132 -60.08 4.44 72.39
N ASN A 1133 -61.23 4.21 71.77
CA ASN A 1133 -62.06 5.28 71.26
C ASN A 1133 -63.46 4.72 71.06
N THR A 1134 -64.35 5.57 70.59
CA THR A 1134 -65.72 5.19 70.31
C THR A 1134 -65.92 5.05 68.80
N VAL A 1135 -66.47 3.93 68.39
CA VAL A 1135 -66.88 3.69 67.02
C VAL A 1135 -68.40 3.67 66.98
N TYR A 1136 -68.99 4.57 66.23
CA TYR A 1136 -70.41 4.83 66.29
C TYR A 1136 -71.16 3.93 65.30
N ASP A 1137 -72.21 3.32 65.77
CA ASP A 1137 -73.11 2.46 65.01
C ASP A 1137 -74.32 3.27 64.57
N PRO A 1138 -74.62 3.37 63.29
CA PRO A 1138 -75.76 4.20 62.87
C PRO A 1138 -77.11 3.60 63.20
N LEU A 1139 -77.11 2.29 63.46
CA LEU A 1139 -78.37 1.58 63.64
C LEU A 1139 -79.11 2.04 64.88
N GLN A 1140 -78.43 2.13 66.02
CA GLN A 1140 -79.14 2.40 67.26
C GLN A 1140 -79.78 3.78 67.31
N PRO A 1141 -79.15 4.86 66.85
CA PRO A 1141 -79.84 6.16 66.88
C PRO A 1141 -80.94 6.26 65.85
N GLU A 1142 -80.97 5.37 64.86
CA GLU A 1142 -82.15 5.32 64.01
C GLU A 1142 -83.30 4.64 64.74
N LEU A 1143 -82.99 3.66 65.58
CA LEU A 1143 -84.01 2.96 66.35
C LEU A 1143 -84.33 3.64 67.66
N ASP A 1144 -83.79 4.84 67.87
CA ASP A 1144 -84.00 5.62 69.10
C ASP A 1144 -83.67 4.83 70.37
N PRO B 25 25.91 -50.87 28.34
CA PRO B 25 24.46 -50.70 28.50
C PRO B 25 24.11 -49.29 28.98
N PRO B 26 22.96 -48.76 28.57
CA PRO B 26 22.56 -47.43 28.99
C PRO B 26 21.91 -47.44 30.37
N ALA B 27 21.78 -46.24 30.92
CA ALA B 27 21.11 -46.05 32.21
C ALA B 27 20.61 -44.63 32.26
N TYR B 28 19.30 -44.46 32.41
CA TYR B 28 18.66 -43.17 32.28
C TYR B 28 18.29 -42.60 33.64
N THR B 29 18.01 -41.30 33.66
CA THR B 29 17.53 -40.62 34.85
C THR B 29 16.56 -39.52 34.42
N ASN B 30 15.47 -39.38 35.16
CA ASN B 30 14.48 -38.34 34.88
C ASN B 30 15.03 -37.01 35.39
N SER B 31 15.25 -36.07 34.49
CA SER B 31 15.57 -34.69 34.86
C SER B 31 14.26 -33.92 34.90
N PHE B 32 13.92 -33.42 36.08
CA PHE B 32 12.59 -32.88 36.29
C PHE B 32 12.48 -31.44 35.78
N THR B 33 13.18 -30.51 36.42
CA THR B 33 13.23 -29.13 35.97
C THR B 33 14.69 -28.70 36.10
N ARG B 34 15.47 -29.00 35.06
CA ARG B 34 16.90 -28.77 35.08
C ARG B 34 17.31 -28.03 33.83
N GLY B 35 18.45 -27.35 33.92
CA GLY B 35 19.04 -26.73 32.75
C GLY B 35 18.33 -25.49 32.25
N VAL B 36 17.61 -24.80 33.11
CA VAL B 36 17.00 -23.53 32.76
C VAL B 36 18.05 -22.45 33.00
N TYR B 37 18.45 -21.76 31.93
CA TYR B 37 19.50 -20.77 32.07
C TYR B 37 18.95 -19.39 31.77
N TYR B 38 19.71 -18.37 32.13
CA TYR B 38 19.35 -17.00 31.82
C TYR B 38 19.52 -16.77 30.34
N PRO B 39 18.48 -16.39 29.60
CA PRO B 39 18.63 -16.27 28.14
C PRO B 39 19.46 -15.08 27.71
N ASP B 40 19.39 -13.96 28.43
CA ASP B 40 20.10 -12.77 28.01
C ASP B 40 20.53 -11.98 29.24
N LYS B 41 21.46 -11.06 29.01
CA LYS B 41 22.03 -10.26 30.08
C LYS B 41 21.20 -8.98 30.25
N VAL B 42 19.99 -9.17 30.77
CA VAL B 42 19.01 -8.11 30.94
C VAL B 42 18.35 -8.30 32.30
N PHE B 43 18.35 -7.24 33.10
CA PHE B 43 17.65 -7.28 34.38
C PHE B 43 16.16 -7.15 34.16
N ARG B 44 15.39 -7.97 34.87
CA ARG B 44 13.95 -7.90 34.81
C ARG B 44 13.38 -8.08 36.21
N SER B 45 12.41 -7.23 36.57
CA SER B 45 11.75 -7.26 37.86
C SER B 45 10.70 -8.36 37.88
N SER B 46 9.72 -8.28 38.79
CA SER B 46 8.74 -9.36 38.91
C SER B 46 7.87 -9.41 37.67
N VAL B 47 8.28 -10.25 36.72
CA VAL B 47 7.80 -10.23 35.35
C VAL B 47 7.83 -11.67 34.84
N LEU B 48 6.73 -12.11 34.23
CA LEU B 48 6.70 -13.40 33.55
C LEU B 48 7.04 -13.17 32.08
N HIS B 49 8.22 -13.60 31.68
CA HIS B 49 8.71 -13.38 30.32
C HIS B 49 8.67 -14.68 29.54
N SER B 50 8.12 -14.63 28.33
CA SER B 50 7.97 -15.81 27.48
C SER B 50 9.05 -15.78 26.41
N THR B 51 9.99 -16.71 26.50
CA THR B 51 11.12 -16.76 25.59
C THR B 51 11.07 -18.03 24.75
N GLN B 52 11.85 -18.05 23.68
CA GLN B 52 11.89 -19.19 22.77
C GLN B 52 13.33 -19.39 22.34
N ASP B 53 13.95 -20.46 22.83
CA ASP B 53 15.38 -20.66 22.63
C ASP B 53 15.68 -22.14 22.83
N LEU B 54 16.96 -22.50 22.84
CA LEU B 54 17.34 -23.90 23.05
C LEU B 54 17.31 -24.20 24.55
N PHE B 55 16.36 -25.00 24.98
CA PHE B 55 16.27 -25.41 26.37
C PHE B 55 16.20 -26.92 26.44
N LEU B 56 16.70 -27.47 27.53
CA LEU B 56 16.50 -28.89 27.79
C LEU B 56 15.08 -29.13 28.27
N PRO B 57 14.34 -30.04 27.63
CA PRO B 57 12.91 -30.16 27.92
C PRO B 57 12.62 -30.72 29.30
N PHE B 58 11.48 -30.33 29.85
CA PHE B 58 11.14 -30.70 31.23
C PHE B 58 10.76 -32.17 31.30
N PHE B 59 11.11 -32.79 32.44
CA PHE B 59 10.82 -34.19 32.76
C PHE B 59 11.38 -35.13 31.71
N SER B 60 12.62 -34.88 31.28
CA SER B 60 13.22 -35.62 30.20
C SER B 60 14.08 -36.76 30.72
N ASN B 61 14.61 -37.55 29.80
CA ASN B 61 15.49 -38.66 30.12
C ASN B 61 16.92 -38.25 29.78
N VAL B 62 17.69 -37.92 30.80
CA VAL B 62 19.10 -37.71 30.59
C VAL B 62 19.81 -39.04 30.78
N THR B 63 20.99 -39.17 30.19
CA THR B 63 21.73 -40.42 30.25
C THR B 63 22.77 -40.33 31.35
N TRP B 64 22.84 -41.35 32.18
CA TRP B 64 23.66 -41.37 33.39
C TRP B 64 24.89 -42.23 33.11
N PHE B 65 25.95 -41.61 32.61
CA PHE B 65 27.17 -42.33 32.33
C PHE B 65 27.99 -42.50 33.59
N HIS B 66 28.82 -43.54 33.60
CA HIS B 66 29.76 -43.78 34.69
C HIS B 66 31.19 -43.52 34.29
N ALA B 67 31.66 -44.16 33.20
CA ALA B 67 33.05 -44.14 32.75
C ALA B 67 34.02 -44.58 33.85
N ILE B 68 33.60 -45.58 34.61
CA ILE B 68 34.42 -46.19 35.65
C ILE B 68 33.90 -47.60 35.94
N ARG B 76 37.02 -51.20 32.89
CA ARG B 76 36.43 -50.23 33.81
C ARG B 76 36.30 -48.86 33.16
N PHE B 77 37.43 -48.35 32.67
CA PHE B 77 37.47 -47.01 32.09
C PHE B 77 36.89 -47.05 30.69
N ASP B 78 35.73 -46.42 30.50
CA ASP B 78 35.08 -46.37 29.19
C ASP B 78 34.27 -45.09 29.10
N ASN B 79 34.85 -44.05 28.49
CA ASN B 79 34.12 -42.82 28.25
C ASN B 79 33.87 -42.66 26.75
N PRO B 80 32.63 -42.45 26.33
CA PRO B 80 32.33 -42.44 24.90
C PRO B 80 32.44 -41.05 24.28
N VAL B 81 32.46 -41.04 22.96
CA VAL B 81 32.50 -39.81 22.18
C VAL B 81 31.07 -39.53 21.71
N LEU B 82 30.44 -38.61 22.35
CA LEU B 82 29.02 -38.36 22.15
C LEU B 82 28.82 -37.27 21.12
N PRO B 83 27.66 -37.26 20.46
CA PRO B 83 27.32 -36.13 19.59
C PRO B 83 26.94 -34.90 20.40
N PHE B 84 26.71 -33.81 19.68
CA PHE B 84 26.34 -32.52 20.24
C PHE B 84 24.93 -32.12 19.86
N ASN B 85 24.69 -31.97 18.56
CA ASN B 85 23.45 -31.80 17.81
C ASN B 85 22.69 -30.49 18.02
N ASP B 86 22.67 -29.96 19.25
CA ASP B 86 22.30 -28.61 19.64
C ASP B 86 22.65 -28.48 21.11
N GLY B 87 23.82 -27.97 21.48
CA GLY B 87 24.15 -27.89 22.90
C GLY B 87 24.21 -29.18 23.69
N VAL B 88 24.60 -29.08 24.96
CA VAL B 88 24.69 -30.21 25.90
C VAL B 88 24.45 -29.67 27.30
N TYR B 89 23.53 -30.28 28.03
CA TYR B 89 23.41 -30.09 29.46
C TYR B 89 24.24 -31.18 30.14
N PHE B 90 25.14 -30.79 31.01
CA PHE B 90 26.12 -31.70 31.61
C PHE B 90 26.11 -31.49 33.11
N ALA B 91 25.58 -32.45 33.85
CA ALA B 91 25.57 -32.38 35.30
C ALA B 91 26.57 -33.39 35.85
N SER B 92 27.13 -33.08 37.01
CA SER B 92 28.07 -34.00 37.61
C SER B 92 28.05 -33.84 39.12
N THR B 93 28.28 -34.96 39.82
CA THR B 93 28.27 -34.99 41.28
C THR B 93 29.54 -35.69 41.72
N GLU B 94 30.61 -34.92 41.94
CA GLU B 94 31.90 -35.50 42.28
C GLU B 94 32.61 -34.61 43.28
N LYS B 95 32.88 -35.16 44.46
CA LYS B 95 33.58 -34.39 45.49
C LYS B 95 35.07 -34.32 45.26
N SER B 96 35.64 -35.23 44.46
CA SER B 96 37.03 -35.16 44.09
C SER B 96 37.17 -34.31 42.82
N ASN B 97 38.35 -34.31 42.22
CA ASN B 97 38.59 -33.57 40.98
C ASN B 97 39.01 -34.59 39.93
N ILE B 98 38.02 -35.19 39.27
CA ILE B 98 38.23 -36.17 38.22
C ILE B 98 37.71 -35.65 36.88
N ILE B 99 36.45 -35.21 36.85
CA ILE B 99 35.92 -34.64 35.62
C ILE B 99 36.55 -33.27 35.45
N ARG B 100 37.60 -33.23 34.63
CA ARG B 100 38.55 -32.13 34.64
C ARG B 100 38.70 -31.57 33.24
N GLY B 101 37.60 -31.32 32.56
CA GLY B 101 37.62 -30.64 31.28
C GLY B 101 36.89 -31.41 30.21
N TRP B 102 36.88 -30.84 29.02
CA TRP B 102 36.15 -31.38 27.88
C TRP B 102 36.96 -31.23 26.60
N ILE B 103 36.51 -31.96 25.59
CA ILE B 103 37.08 -31.94 24.26
C ILE B 103 35.92 -31.79 23.29
N PHE B 104 35.93 -30.73 22.49
CA PHE B 104 34.91 -30.51 21.47
C PHE B 104 35.58 -30.51 20.10
N GLY B 105 34.87 -30.95 19.08
CA GLY B 105 35.43 -30.90 17.75
C GLY B 105 34.47 -31.47 16.73
N THR B 106 34.97 -31.68 15.53
CA THR B 106 34.16 -32.28 14.48
C THR B 106 34.68 -33.63 14.02
N THR B 107 35.99 -33.81 13.91
CA THR B 107 36.54 -35.14 13.69
C THR B 107 37.44 -35.61 14.84
N LEU B 108 37.77 -34.71 15.78
CA LEU B 108 38.68 -34.97 16.90
C LEU B 108 40.04 -35.48 16.39
N ASP B 109 40.57 -34.80 15.39
CA ASP B 109 41.79 -35.22 14.73
C ASP B 109 42.50 -33.96 14.23
N SER B 110 43.55 -34.15 13.44
CA SER B 110 44.21 -33.06 12.75
C SER B 110 43.38 -32.65 11.54
N LYS B 111 43.94 -31.77 10.71
CA LYS B 111 43.38 -31.26 9.44
C LYS B 111 42.03 -30.56 9.56
N THR B 112 41.54 -30.39 10.79
CA THR B 112 40.40 -29.56 11.12
C THR B 112 40.52 -29.22 12.60
N GLN B 113 40.03 -28.05 12.97
CA GLN B 113 40.33 -27.55 14.29
C GLN B 113 39.38 -28.14 15.33
N SER B 114 39.78 -28.02 16.60
CA SER B 114 39.02 -28.54 17.70
C SER B 114 39.36 -27.76 18.96
N LEU B 115 38.42 -27.76 19.89
CA LEU B 115 38.47 -26.97 21.11
C LEU B 115 38.76 -27.87 22.29
N LEU B 116 39.53 -27.35 23.25
CA LEU B 116 39.96 -28.13 24.39
C LEU B 116 39.83 -27.28 25.65
N ILE B 117 39.04 -27.73 26.61
CA ILE B 117 38.90 -27.06 27.90
C ILE B 117 39.58 -27.94 28.94
N VAL B 118 40.72 -27.49 29.46
CA VAL B 118 41.38 -28.20 30.55
C VAL B 118 41.28 -27.30 31.77
N ASN B 119 41.34 -27.92 32.94
CA ASN B 119 40.92 -27.28 34.19
C ASN B 119 41.96 -27.58 35.27
N ASN B 120 42.97 -26.72 35.37
CA ASN B 120 44.02 -26.90 36.36
C ASN B 120 43.50 -26.59 37.76
N ALA B 121 44.38 -26.66 38.75
CA ALA B 121 43.97 -26.39 40.12
C ALA B 121 43.76 -24.90 40.37
N THR B 122 44.31 -24.03 39.51
CA THR B 122 44.12 -22.61 39.67
C THR B 122 43.40 -21.93 38.51
N ASN B 123 43.50 -22.43 37.28
CA ASN B 123 42.93 -21.70 36.16
C ASN B 123 42.54 -22.63 35.03
N VAL B 124 41.53 -22.22 34.29
CA VAL B 124 41.04 -22.92 33.11
C VAL B 124 41.75 -22.35 31.89
N VAL B 125 42.16 -23.22 30.96
CA VAL B 125 42.86 -22.80 29.74
C VAL B 125 42.10 -23.38 28.57
N ILE B 126 41.31 -22.55 27.90
CA ILE B 126 40.62 -22.97 26.68
C ILE B 126 41.54 -22.75 25.49
N LYS B 127 41.63 -23.75 24.61
CA LYS B 127 42.59 -23.71 23.51
C LYS B 127 41.97 -24.34 22.28
N VAL B 128 41.99 -23.63 21.15
CA VAL B 128 41.32 -24.10 19.94
C VAL B 128 42.41 -24.34 18.89
N CYS B 129 43.00 -25.52 18.91
CA CYS B 129 44.07 -25.84 17.97
C CYS B 129 43.81 -27.15 17.22
N GLU B 130 44.64 -27.42 16.21
CA GLU B 130 44.50 -28.64 15.41
C GLU B 130 45.15 -29.77 16.19
N PHE B 131 44.43 -30.26 17.18
CA PHE B 131 44.93 -31.30 18.06
C PHE B 131 44.86 -32.66 17.39
N GLN B 132 45.95 -33.40 17.42
CA GLN B 132 45.95 -34.82 17.05
C GLN B 132 45.56 -35.58 18.30
N PHE B 133 44.25 -35.75 18.49
CA PHE B 133 43.75 -36.34 19.72
C PHE B 133 44.01 -37.84 19.74
N CYS B 134 44.36 -38.35 20.92
CA CYS B 134 44.64 -39.76 21.09
C CYS B 134 43.33 -40.55 21.13
N ASN B 135 43.45 -41.87 21.25
CA ASN B 135 42.27 -42.72 21.26
C ASN B 135 41.53 -42.63 22.59
N ASP B 136 42.25 -42.88 23.69
CA ASP B 136 41.70 -42.74 25.04
C ASP B 136 42.37 -41.55 25.70
N PRO B 137 41.79 -40.36 25.65
CA PRO B 137 42.45 -39.18 26.21
C PRO B 137 42.23 -39.07 27.71
N PHE B 138 43.31 -38.81 28.43
CA PHE B 138 43.24 -38.57 29.87
C PHE B 138 44.41 -37.69 30.26
N LEU B 139 44.23 -36.93 31.33
CA LEU B 139 45.35 -36.25 31.94
C LEU B 139 46.13 -37.24 32.80
N ASP B 140 47.34 -36.86 33.20
CA ASP B 140 48.20 -37.77 33.97
C ASP B 140 48.84 -36.99 35.11
N VAL B 141 48.37 -37.24 36.33
CA VAL B 141 48.85 -36.55 37.51
C VAL B 141 49.82 -37.47 38.24
N TYR B 142 50.74 -36.88 39.01
CA TYR B 142 51.69 -37.62 39.85
C TYR B 142 50.99 -38.49 40.89
N MET B 151 53.41 -32.71 39.83
CA MET B 151 53.48 -33.07 38.42
C MET B 151 52.09 -33.25 37.83
N GLU B 152 51.85 -32.64 36.68
CA GLU B 152 50.57 -32.78 35.98
C GLU B 152 50.85 -32.60 34.49
N SER B 153 50.84 -33.71 33.75
CA SER B 153 51.28 -33.69 32.37
C SER B 153 50.09 -33.58 31.42
N GLU B 154 50.39 -33.46 30.13
CA GLU B 154 49.39 -33.25 29.11
C GLU B 154 49.58 -34.13 27.88
N PHE B 155 50.69 -34.86 27.77
CA PHE B 155 51.06 -35.54 26.55
C PHE B 155 50.29 -36.83 26.29
N ARG B 156 49.44 -37.26 27.23
CA ARG B 156 48.58 -38.41 27.00
C ARG B 156 47.23 -38.02 26.42
N VAL B 157 46.95 -36.72 26.28
CA VAL B 157 45.72 -36.28 25.66
C VAL B 157 45.88 -36.21 24.14
N TYR B 158 46.86 -35.44 23.67
CA TYR B 158 47.08 -35.25 22.24
C TYR B 158 48.56 -35.41 21.93
N SER B 159 48.90 -35.21 20.65
CA SER B 159 50.30 -35.32 20.24
C SER B 159 50.69 -34.27 19.20
N SER B 160 49.86 -33.26 18.95
CA SER B 160 50.18 -32.19 18.01
C SER B 160 49.35 -30.98 18.38
N ALA B 161 49.95 -29.80 18.30
CA ALA B 161 49.29 -28.56 18.71
C ALA B 161 49.54 -27.47 17.68
N ASN B 162 49.34 -27.78 16.41
CA ASN B 162 49.67 -26.85 15.35
C ASN B 162 48.56 -25.83 15.13
N ASN B 163 48.94 -24.55 15.14
CA ASN B 163 48.16 -23.43 14.62
C ASN B 163 46.84 -23.24 15.35
N CYS B 164 46.94 -22.86 16.62
CA CYS B 164 45.80 -22.32 17.35
C CYS B 164 45.70 -20.81 17.29
N THR B 165 44.47 -20.35 17.08
CA THR B 165 44.11 -18.96 16.91
C THR B 165 43.31 -18.40 18.07
N PHE B 166 43.27 -19.11 19.21
CA PHE B 166 42.50 -18.64 20.34
C PHE B 166 43.07 -19.23 21.62
N GLU B 167 43.34 -18.38 22.60
CA GLU B 167 43.76 -18.79 23.93
C GLU B 167 42.98 -17.99 24.95
N TYR B 168 42.80 -18.55 26.14
CA TYR B 168 41.97 -17.93 27.15
C TYR B 168 42.38 -18.48 28.51
N VAL B 169 42.42 -17.61 29.52
CA VAL B 169 42.73 -18.01 30.90
C VAL B 169 41.78 -17.28 31.83
N SER B 170 40.96 -18.02 32.56
CA SER B 170 40.14 -17.51 33.66
C SER B 170 40.42 -18.33 34.90
N GLN B 171 40.08 -17.79 36.06
CA GLN B 171 40.46 -18.53 37.27
C GLN B 171 39.58 -19.75 37.60
N PRO B 172 38.29 -19.60 38.00
CA PRO B 172 37.67 -20.76 38.68
C PRO B 172 37.24 -21.93 37.82
N PHE B 173 36.13 -21.73 37.09
CA PHE B 173 35.45 -22.63 36.15
C PHE B 173 34.91 -23.94 36.74
N LEU B 174 35.25 -24.26 37.99
CA LEU B 174 34.96 -25.56 38.55
C LEU B 174 35.25 -25.50 40.04
N MET B 175 34.39 -26.14 40.84
CA MET B 175 34.39 -26.07 42.32
C MET B 175 34.29 -24.62 42.81
N ASP B 176 33.58 -23.78 42.04
CA ASP B 176 33.44 -22.34 42.22
C ASP B 176 34.79 -21.63 42.39
N PHE B 184 26.26 -31.80 51.83
CA PHE B 184 27.21 -32.90 51.68
C PHE B 184 27.89 -32.83 50.33
N LYS B 185 27.33 -33.52 49.34
CA LYS B 185 27.85 -33.46 47.99
C LYS B 185 27.35 -32.19 47.30
N ASN B 186 27.93 -31.92 46.12
CA ASN B 186 27.62 -30.69 45.39
C ASN B 186 27.39 -31.02 43.92
N LEU B 187 26.24 -30.61 43.41
CA LEU B 187 25.95 -30.80 41.99
C LEU B 187 26.54 -29.65 41.21
N ARG B 188 27.14 -29.95 40.06
CA ARG B 188 27.68 -28.92 39.19
C ARG B 188 27.07 -29.10 37.82
N GLU B 189 26.39 -28.07 37.33
CA GLU B 189 25.67 -28.16 36.07
C GLU B 189 26.24 -27.16 35.08
N PHE B 190 26.41 -27.61 33.84
CA PHE B 190 26.89 -26.78 32.75
C PHE B 190 25.98 -26.94 31.56
N VAL B 191 25.91 -25.91 30.73
CA VAL B 191 25.24 -25.99 29.44
C VAL B 191 26.15 -25.37 28.41
N PHE B 192 26.53 -26.14 27.41
CA PHE B 192 27.34 -25.66 26.31
C PHE B 192 26.47 -25.51 25.09
N LYS B 193 26.56 -24.37 24.41
CA LYS B 193 25.92 -24.28 23.11
C LYS B 193 26.72 -23.36 22.21
N ASN B 194 26.88 -23.77 20.96
CA ASN B 194 27.71 -23.07 19.98
C ASN B 194 26.78 -22.50 18.92
N ILE B 195 26.70 -21.19 18.84
CA ILE B 195 25.81 -20.52 17.91
C ILE B 195 26.55 -19.34 17.27
N ASP B 196 26.56 -19.31 15.94
CA ASP B 196 27.11 -18.20 15.13
C ASP B 196 28.58 -17.93 15.44
N GLY B 197 29.35 -19.00 15.62
CA GLY B 197 30.75 -18.86 15.96
C GLY B 197 31.03 -18.47 17.39
N TYR B 198 30.00 -18.40 18.23
CA TYR B 198 30.15 -18.04 19.63
C TYR B 198 29.85 -19.27 20.48
N PHE B 199 30.84 -19.69 21.26
CA PHE B 199 30.65 -20.75 22.25
C PHE B 199 30.16 -20.13 23.54
N LYS B 200 29.07 -20.65 24.08
CA LYS B 200 28.47 -20.11 25.29
C LYS B 200 28.40 -21.21 26.33
N ILE B 201 29.05 -20.98 27.46
CA ILE B 201 29.07 -21.91 28.58
C ILE B 201 28.32 -21.27 29.74
N TYR B 202 27.30 -21.95 30.23
CA TYR B 202 26.52 -21.52 31.38
C TYR B 202 26.79 -22.49 32.52
N SER B 203 26.88 -22.00 33.75
CA SER B 203 27.30 -22.88 34.82
C SER B 203 26.63 -22.50 36.13
N LYS B 204 26.43 -23.51 36.99
CA LYS B 204 25.86 -23.30 38.31
C LYS B 204 26.27 -24.45 39.22
N HIS B 205 26.83 -24.12 40.37
CA HIS B 205 27.31 -25.09 41.34
C HIS B 205 26.48 -24.96 42.60
N THR B 206 25.73 -26.00 42.94
CA THR B 206 24.82 -25.92 44.07
C THR B 206 25.01 -27.06 45.05
N PRO B 207 25.01 -26.76 46.35
CA PRO B 207 25.08 -27.83 47.36
C PRO B 207 23.72 -28.49 47.54
N ILE B 208 23.70 -29.82 47.46
CA ILE B 208 22.47 -30.59 47.59
C ILE B 208 22.63 -31.66 48.64
N ASN B 209 21.51 -32.11 49.16
CA ASN B 209 21.45 -33.24 50.08
C ASN B 209 21.48 -34.55 49.31
N LEU B 210 21.41 -35.65 50.03
CA LEU B 210 21.46 -36.97 49.40
C LEU B 210 20.13 -37.29 48.74
N GLY B 211 20.17 -37.52 47.44
CA GLY B 211 18.97 -37.81 46.66
C GLY B 211 19.28 -38.58 45.40
N ARG B 212 18.58 -38.26 44.32
CA ARG B 212 18.76 -38.94 43.04
C ARG B 212 19.83 -38.30 42.17
N ASP B 213 20.63 -37.38 42.74
CA ASP B 213 21.71 -36.60 42.12
C ASP B 213 21.22 -35.64 41.04
N LEU B 214 19.90 -35.56 40.83
CA LEU B 214 19.27 -34.54 40.01
C LEU B 214 18.01 -34.16 40.78
N PRO B 215 18.14 -33.27 41.76
CA PRO B 215 17.10 -33.16 42.78
C PRO B 215 15.88 -32.41 42.29
N GLN B 216 14.78 -32.65 42.99
CA GLN B 216 13.51 -31.99 42.72
C GLN B 216 13.61 -30.57 43.25
N GLY B 217 13.76 -29.61 42.35
CA GLY B 217 13.90 -28.22 42.75
C GLY B 217 14.12 -27.36 41.53
N PHE B 218 14.67 -26.18 41.75
CA PHE B 218 14.91 -25.27 40.64
C PHE B 218 16.10 -24.38 40.93
N SER B 219 16.96 -24.21 39.94
CA SER B 219 18.13 -23.35 40.07
C SER B 219 18.53 -22.90 38.67
N ALA B 220 18.53 -21.59 38.44
CA ALA B 220 18.86 -21.04 37.14
C ALA B 220 20.37 -21.04 36.93
N LEU B 221 20.77 -21.21 35.67
CA LEU B 221 22.18 -21.27 35.31
C LEU B 221 22.64 -19.90 34.80
N GLU B 222 23.68 -19.37 35.41
CA GLU B 222 24.18 -18.04 35.07
C GLU B 222 25.39 -18.14 34.14
N PRO B 223 25.54 -17.24 33.18
CA PRO B 223 26.58 -17.41 32.16
C PRO B 223 27.98 -17.21 32.70
N LEU B 224 28.93 -17.88 32.05
CA LEU B 224 30.31 -17.90 32.51
C LEU B 224 31.26 -17.23 31.52
N VAL B 225 31.35 -17.73 30.29
CA VAL B 225 32.20 -17.17 29.26
C VAL B 225 31.39 -17.04 27.97
N ASP B 226 32.01 -16.42 26.98
CA ASP B 226 31.38 -16.21 25.67
C ASP B 226 32.53 -16.09 24.67
N LEU B 227 32.85 -17.18 24.02
CA LEU B 227 34.09 -17.25 23.28
C LEU B 227 33.84 -17.07 21.79
N PRO B 228 34.56 -16.16 21.13
CA PRO B 228 34.51 -16.05 19.66
C PRO B 228 35.47 -17.03 18.96
N ILE B 229 35.01 -18.26 18.75
CA ILE B 229 35.87 -19.31 18.21
C ILE B 229 35.73 -19.44 16.69
N GLY B 230 34.52 -19.42 16.15
CA GLY B 230 34.31 -19.67 14.74
C GLY B 230 34.58 -21.10 14.31
N ILE B 231 33.99 -22.08 14.97
CA ILE B 231 34.31 -23.48 14.79
C ILE B 231 33.02 -24.29 14.66
N ASN B 232 32.96 -25.18 13.66
CA ASN B 232 31.92 -26.19 13.60
C ASN B 232 32.17 -27.23 14.69
N ILE B 233 31.19 -27.46 15.55
CA ILE B 233 31.29 -28.40 16.66
C ILE B 233 30.15 -29.39 16.53
N THR B 234 30.48 -30.68 16.44
CA THR B 234 29.44 -31.70 16.41
C THR B 234 29.71 -32.93 17.28
N ARG B 235 30.93 -33.11 17.75
CA ARG B 235 31.26 -34.24 18.60
C ARG B 235 32.01 -33.76 19.85
N PHE B 236 31.86 -34.46 20.97
CA PHE B 236 32.54 -34.06 22.18
C PHE B 236 32.72 -35.26 23.08
N GLN B 237 33.71 -35.18 23.96
CA GLN B 237 33.85 -36.15 25.03
C GLN B 237 34.51 -35.45 26.22
N THR B 238 34.66 -36.17 27.32
CA THR B 238 35.14 -35.59 28.55
C THR B 238 36.54 -36.07 28.89
N LEU B 239 37.34 -35.15 29.40
CA LEU B 239 38.66 -35.48 29.91
C LEU B 239 38.55 -36.01 31.33
N LEU B 240 39.57 -36.75 31.75
CA LEU B 240 39.66 -37.25 33.11
C LEU B 240 41.10 -37.13 33.57
N ALA B 241 41.33 -37.39 34.85
CA ALA B 241 42.66 -37.51 35.40
C ALA B 241 42.80 -38.89 36.03
N LEU B 242 43.99 -39.49 35.93
CA LEU B 242 44.14 -40.88 36.33
C LEU B 242 45.21 -41.16 37.38
N HIS B 243 45.89 -40.13 37.89
CA HIS B 243 46.79 -40.19 39.06
C HIS B 243 47.99 -41.13 38.91
N ARG B 244 48.24 -41.68 37.72
CA ARG B 244 49.24 -42.73 37.45
C ARG B 244 49.15 -43.92 38.40
N TRP B 256 45.11 -45.70 34.69
CA TRP B 256 45.58 -46.77 35.56
C TRP B 256 44.58 -47.04 36.66
N THR B 257 44.48 -46.12 37.61
CA THR B 257 43.57 -46.26 38.73
C THR B 257 42.87 -44.93 38.99
N ALA B 258 41.55 -44.96 39.04
CA ALA B 258 40.76 -43.77 39.30
C ALA B 258 39.74 -44.08 40.40
N GLY B 259 38.85 -43.13 40.65
CA GLY B 259 37.88 -43.28 41.71
C GLY B 259 36.56 -43.81 41.20
N ALA B 260 35.55 -42.93 41.12
CA ALA B 260 34.22 -43.34 40.65
C ALA B 260 33.56 -42.10 40.04
N ALA B 261 33.60 -42.00 38.72
CA ALA B 261 32.99 -40.89 38.01
C ALA B 261 31.55 -41.22 37.68
N ALA B 262 30.77 -40.16 37.43
CA ALA B 262 29.38 -40.27 37.02
C ALA B 262 28.97 -38.91 36.47
N TYR B 263 28.47 -38.88 35.24
CA TYR B 263 28.01 -37.62 34.71
C TYR B 263 26.74 -37.81 33.92
N TYR B 264 25.90 -36.79 33.92
CA TYR B 264 24.57 -36.86 33.32
C TYR B 264 24.56 -35.95 32.10
N VAL B 265 24.20 -36.51 30.95
CA VAL B 265 24.23 -35.78 29.69
C VAL B 265 22.82 -35.72 29.13
N GLY B 266 22.36 -34.51 28.81
CA GLY B 266 21.10 -34.33 28.13
C GLY B 266 21.26 -33.34 27.00
N TYR B 267 20.32 -33.36 26.06
CA TYR B 267 20.46 -32.59 24.85
C TYR B 267 19.39 -31.50 24.77
N LEU B 268 19.81 -30.32 24.33
CA LEU B 268 18.94 -29.16 24.24
C LEU B 268 18.10 -29.23 22.97
N GLN B 269 16.89 -28.71 23.05
CA GLN B 269 15.97 -28.67 21.92
C GLN B 269 15.33 -27.29 21.85
N PRO B 270 14.90 -26.85 20.67
CA PRO B 270 14.25 -25.54 20.58
C PRO B 270 12.86 -25.55 21.20
N ARG B 271 12.73 -24.92 22.37
CA ARG B 271 11.50 -24.91 23.13
C ARG B 271 11.13 -23.49 23.52
N THR B 272 9.85 -23.31 23.83
CA THR B 272 9.31 -22.05 24.34
C THR B 272 9.10 -22.20 25.83
N PHE B 273 9.69 -21.32 26.60
CA PHE B 273 9.59 -21.34 28.05
C PHE B 273 8.90 -20.06 28.52
N LEU B 274 8.35 -20.12 29.72
CA LEU B 274 7.81 -18.96 30.39
C LEU B 274 8.52 -18.86 31.74
N LEU B 275 9.46 -17.92 31.86
CA LEU B 275 10.26 -17.76 33.05
C LEU B 275 9.66 -16.67 33.93
N LYS B 276 9.82 -16.81 35.23
CA LYS B 276 9.22 -15.88 36.18
C LYS B 276 10.32 -15.23 37.00
N TYR B 277 10.59 -13.95 36.75
CA TYR B 277 11.61 -13.24 37.51
C TYR B 277 10.97 -12.55 38.70
N ASN B 278 11.56 -12.76 39.87
CA ASN B 278 11.03 -12.16 41.09
C ASN B 278 11.59 -10.75 41.23
N GLU B 279 11.54 -10.19 42.44
CA GLU B 279 11.93 -8.80 42.64
C GLU B 279 13.41 -8.57 42.37
N ASN B 280 14.26 -9.51 42.80
CA ASN B 280 15.69 -9.28 42.69
C ASN B 280 16.27 -9.68 41.34
N GLY B 281 15.44 -10.00 40.37
CA GLY B 281 15.93 -10.35 39.06
C GLY B 281 16.35 -11.79 38.88
N THR B 282 16.08 -12.65 39.85
CA THR B 282 16.41 -14.07 39.76
C THR B 282 15.24 -14.85 39.19
N ILE B 283 15.54 -15.96 38.56
CA ILE B 283 14.50 -16.85 38.05
C ILE B 283 14.14 -17.84 39.16
N THR B 284 12.87 -17.90 39.51
CA THR B 284 12.39 -18.84 40.51
C THR B 284 11.55 -19.97 39.95
N ASP B 285 10.93 -19.78 38.79
CA ASP B 285 10.06 -20.81 38.22
C ASP B 285 9.98 -20.64 36.72
N ALA B 286 9.64 -21.72 36.04
CA ALA B 286 9.55 -21.72 34.59
C ALA B 286 8.51 -22.75 34.18
N VAL B 287 7.89 -22.53 33.02
CA VAL B 287 6.85 -23.41 32.51
C VAL B 287 7.17 -23.73 31.05
N ASP B 288 7.26 -25.02 30.73
CA ASP B 288 7.56 -25.50 29.39
C ASP B 288 6.28 -25.61 28.57
N CYS B 289 6.16 -24.80 27.52
CA CYS B 289 4.89 -24.62 26.83
C CYS B 289 4.55 -25.72 25.84
N ALA B 290 5.11 -26.91 26.02
CA ALA B 290 4.81 -28.01 25.12
C ALA B 290 4.76 -29.32 25.89
N LEU B 291 4.76 -29.20 27.20
CA LEU B 291 4.67 -30.36 28.05
C LEU B 291 3.22 -30.77 27.90
N ASP B 292 2.54 -31.08 29.01
CA ASP B 292 1.14 -31.46 28.96
C ASP B 292 0.36 -30.26 28.46
N PRO B 293 -0.97 -30.32 28.54
CA PRO B 293 -1.81 -29.20 28.09
C PRO B 293 -2.01 -28.09 29.13
N LEU B 294 -1.76 -28.37 30.41
CA LEU B 294 -1.95 -27.34 31.43
C LEU B 294 -0.84 -26.31 31.41
N SER B 295 0.39 -26.72 31.08
CA SER B 295 1.46 -25.74 30.95
C SER B 295 1.26 -24.85 29.73
N GLU B 296 0.67 -25.39 28.66
CA GLU B 296 0.32 -24.56 27.51
C GLU B 296 -0.79 -23.57 27.88
N THR B 297 -1.72 -23.98 28.73
CA THR B 297 -2.76 -23.06 29.20
C THR B 297 -2.18 -21.96 30.07
N LYS B 298 -1.26 -22.32 30.97
CA LYS B 298 -0.61 -21.33 31.83
C LYS B 298 0.24 -20.36 31.02
N CYS B 299 0.84 -20.81 29.93
CA CYS B 299 1.57 -19.89 29.08
C CYS B 299 0.67 -19.06 28.18
N THR B 300 -0.54 -19.53 27.89
CA THR B 300 -1.49 -18.71 27.15
C THR B 300 -2.05 -17.60 28.02
N LEU B 301 -2.43 -17.92 29.26
CA LEU B 301 -3.00 -16.92 30.16
C LEU B 301 -1.97 -15.93 30.68
N LYS B 302 -0.69 -16.26 30.60
CA LYS B 302 0.41 -15.58 31.30
C LYS B 302 0.13 -15.47 32.79
N SER B 303 -0.10 -16.64 33.39
CA SER B 303 -0.33 -16.73 34.83
C SER B 303 0.11 -18.11 35.28
N PHE B 304 0.12 -18.31 36.59
CA PHE B 304 0.40 -19.64 37.15
C PHE B 304 -0.80 -20.26 37.83
N THR B 305 -1.93 -19.58 37.88
CA THR B 305 -3.15 -20.12 38.46
C THR B 305 -4.24 -20.06 37.40
N VAL B 306 -4.84 -21.21 37.11
CA VAL B 306 -5.87 -21.32 36.08
C VAL B 306 -7.17 -21.71 36.76
N GLU B 307 -8.13 -20.80 36.78
CA GLU B 307 -9.41 -21.11 37.38
C GLU B 307 -10.23 -21.98 36.43
N LYS B 308 -11.36 -22.41 36.95
CA LYS B 308 -12.26 -23.30 36.28
C LYS B 308 -12.87 -22.92 34.95
N GLY B 309 -12.58 -23.68 33.90
CA GLY B 309 -13.31 -23.43 32.68
C GLY B 309 -12.51 -23.81 31.46
N ILE B 310 -13.21 -23.85 30.32
CA ILE B 310 -12.56 -24.12 29.04
C ILE B 310 -11.69 -22.93 28.66
N TYR B 311 -10.46 -23.16 28.23
CA TYR B 311 -9.62 -22.06 27.79
C TYR B 311 -9.07 -22.36 26.41
N GLN B 312 -9.77 -21.95 25.37
CA GLN B 312 -9.29 -22.21 24.02
C GLN B 312 -7.84 -21.77 23.85
N THR B 313 -6.97 -22.72 23.55
CA THR B 313 -5.57 -22.39 23.39
C THR B 313 -5.05 -22.55 21.95
N SER B 314 -4.23 -23.55 21.69
CA SER B 314 -3.64 -23.75 20.37
C SER B 314 -4.66 -24.00 19.27
N ASN B 315 -4.20 -24.69 18.24
CA ASN B 315 -5.03 -25.05 17.10
C ASN B 315 -4.73 -26.50 16.82
N PHE B 316 -5.27 -27.03 15.73
CA PHE B 316 -5.01 -28.41 15.41
C PHE B 316 -5.21 -28.66 13.94
N ARG B 317 -4.14 -28.64 13.16
CA ARG B 317 -4.26 -28.92 11.75
C ARG B 317 -3.56 -30.23 11.51
N VAL B 318 -3.94 -30.94 10.46
CA VAL B 318 -3.32 -32.23 10.20
C VAL B 318 -2.53 -32.18 8.89
N GLN B 319 -1.27 -31.79 8.99
CA GLN B 319 -0.40 -31.68 7.84
C GLN B 319 -0.57 -32.81 6.83
N PRO B 320 0.02 -32.65 5.66
CA PRO B 320 -0.09 -33.65 4.60
C PRO B 320 1.08 -34.60 4.67
N THR B 321 1.29 -35.36 3.59
CA THR B 321 2.37 -36.32 3.54
C THR B 321 2.85 -36.49 2.12
N GLU B 322 1.92 -36.82 1.22
CA GLU B 322 2.25 -37.00 -0.19
C GLU B 322 2.19 -35.67 -0.93
N SER B 323 3.15 -35.44 -1.81
CA SER B 323 3.22 -34.21 -2.59
C SER B 323 2.78 -34.47 -4.02
N ILE B 324 1.82 -35.37 -4.18
CA ILE B 324 1.30 -35.76 -5.49
C ILE B 324 1.19 -34.59 -6.45
N VAL B 325 1.97 -34.65 -7.52
CA VAL B 325 2.00 -33.61 -8.53
C VAL B 325 1.45 -34.19 -9.82
N ARG B 326 1.11 -33.34 -10.78
CA ARG B 326 0.58 -33.85 -12.02
C ARG B 326 0.56 -32.83 -13.15
N PHE B 327 0.54 -33.32 -14.38
CA PHE B 327 0.53 -32.47 -15.55
C PHE B 327 -0.13 -33.20 -16.72
N PRO B 328 0.35 -33.01 -17.93
CA PRO B 328 -0.28 -33.67 -19.08
C PRO B 328 0.44 -34.85 -19.73
N ASN B 329 -0.32 -35.87 -20.09
CA ASN B 329 0.21 -37.05 -20.76
C ASN B 329 0.91 -36.60 -22.03
N ILE B 330 0.41 -35.49 -22.57
CA ILE B 330 0.91 -34.91 -23.81
C ILE B 330 2.42 -34.79 -23.91
N THR B 331 2.86 -34.03 -24.93
CA THR B 331 4.29 -33.78 -25.20
C THR B 331 4.88 -34.31 -26.51
N ASN B 332 5.09 -33.43 -27.49
CA ASN B 332 5.70 -33.81 -28.76
C ASN B 332 7.17 -33.93 -28.36
N LEU B 333 8.11 -33.96 -29.30
CA LEU B 333 9.50 -34.10 -28.87
C LEU B 333 10.56 -33.27 -29.58
N CYS B 334 10.33 -32.97 -30.86
CA CYS B 334 11.28 -32.23 -31.67
C CYS B 334 12.45 -33.19 -31.77
N PRO B 335 12.61 -33.85 -32.91
CA PRO B 335 13.69 -34.83 -33.05
C PRO B 335 15.13 -34.30 -33.18
N PHE B 336 15.78 -33.91 -32.08
CA PHE B 336 17.14 -33.49 -32.20
C PHE B 336 17.73 -34.53 -33.11
N ASP B 337 17.43 -35.79 -32.79
CA ASP B 337 17.88 -36.98 -33.51
C ASP B 337 18.20 -36.71 -34.96
N GLU B 338 17.27 -36.04 -35.65
CA GLU B 338 17.46 -35.71 -37.05
C GLU B 338 18.69 -34.84 -37.23
N VAL B 339 18.76 -33.76 -36.46
CA VAL B 339 19.90 -32.85 -36.53
C VAL B 339 21.17 -33.37 -35.88
N PHE B 340 21.08 -34.47 -35.13
CA PHE B 340 22.25 -35.02 -34.47
C PHE B 340 22.55 -36.39 -35.05
N ASN B 341 21.97 -36.68 -36.20
CA ASN B 341 22.13 -37.99 -36.78
C ASN B 341 21.91 -37.96 -38.26
N ALA B 342 21.91 -36.77 -38.86
CA ALA B 342 21.69 -36.75 -40.29
C ALA B 342 22.76 -37.56 -41.00
N THR B 343 22.42 -38.08 -42.16
CA THR B 343 23.38 -38.81 -42.96
C THR B 343 24.37 -37.91 -43.67
N ARG B 344 24.01 -36.65 -43.89
CA ARG B 344 24.83 -35.71 -44.64
C ARG B 344 24.72 -34.34 -43.99
N PHE B 345 25.69 -34.00 -43.16
CA PHE B 345 25.81 -32.62 -42.71
C PHE B 345 26.20 -31.76 -43.89
N ALA B 346 25.78 -30.51 -43.87
CA ALA B 346 26.11 -29.58 -44.93
C ALA B 346 27.50 -29.01 -44.68
N SER B 347 28.15 -28.57 -45.75
CA SER B 347 29.48 -28.02 -45.61
C SER B 347 29.43 -26.66 -44.94
N VAL B 348 30.61 -26.16 -44.55
CA VAL B 348 30.65 -25.08 -43.58
C VAL B 348 30.27 -23.72 -44.18
N TYR B 349 30.53 -23.47 -45.46
CA TYR B 349 30.16 -22.17 -46.02
C TYR B 349 28.66 -22.07 -46.23
N ALA B 350 27.96 -23.20 -46.36
CA ALA B 350 26.51 -23.21 -46.56
C ALA B 350 25.91 -24.15 -45.53
N TRP B 351 25.74 -23.64 -44.31
CA TRP B 351 25.23 -24.42 -43.21
C TRP B 351 23.73 -24.39 -43.12
N ASN B 352 23.17 -25.49 -42.61
CA ASN B 352 21.73 -25.56 -42.39
C ASN B 352 21.32 -24.66 -41.25
N ARG B 353 20.01 -24.53 -41.08
CA ARG B 353 19.49 -23.79 -39.93
C ARG B 353 18.11 -24.34 -39.64
N LYS B 354 18.03 -25.29 -38.72
CA LYS B 354 16.73 -25.83 -38.35
C LYS B 354 16.16 -24.99 -37.22
N ARG B 355 15.02 -24.36 -37.47
CA ARG B 355 14.27 -23.68 -36.42
C ARG B 355 13.45 -24.73 -35.69
N ILE B 356 13.51 -24.71 -34.37
CA ILE B 356 12.81 -25.70 -33.56
C ILE B 356 11.54 -25.07 -32.99
N SER B 357 10.41 -25.62 -33.38
CA SER B 357 9.10 -25.16 -32.96
C SER B 357 8.70 -25.88 -31.67
N ASN B 358 7.42 -25.77 -31.33
CA ASN B 358 6.89 -26.40 -30.12
C ASN B 358 7.24 -27.89 -30.06
N CYS B 359 7.83 -28.30 -28.94
CA CYS B 359 8.21 -29.69 -28.74
C CYS B 359 9.11 -29.85 -27.52
N VAL B 360 8.80 -30.84 -26.69
CA VAL B 360 9.58 -31.11 -25.49
C VAL B 360 10.97 -31.62 -25.83
N ALA B 361 11.99 -30.99 -25.26
CA ALA B 361 13.37 -31.37 -25.54
C ALA B 361 13.97 -32.20 -24.40
N ASP B 362 13.98 -33.52 -24.59
CA ASP B 362 14.54 -34.41 -23.59
C ASP B 362 16.05 -34.18 -23.50
N TYR B 363 16.42 -33.05 -22.91
CA TYR B 363 17.83 -32.69 -22.76
C TYR B 363 18.68 -33.88 -22.33
N SER B 364 18.03 -34.90 -21.77
CA SER B 364 18.72 -36.10 -21.33
C SER B 364 19.18 -36.94 -22.52
N VAL B 365 18.74 -36.57 -23.72
CA VAL B 365 19.13 -37.30 -24.89
C VAL B 365 20.37 -36.53 -25.25
N LEU B 366 20.71 -36.45 -26.52
CA LEU B 366 21.87 -35.65 -26.89
C LEU B 366 23.03 -35.99 -25.96
N TYR B 367 22.84 -37.03 -25.15
CA TYR B 367 23.85 -37.50 -24.22
C TYR B 367 23.99 -38.99 -24.47
N ASN B 368 23.79 -39.38 -25.72
CA ASN B 368 23.85 -40.74 -26.15
C ASN B 368 24.38 -40.73 -27.57
N PHE B 369 25.44 -39.96 -27.80
CA PHE B 369 25.99 -39.87 -29.15
C PHE B 369 27.48 -40.09 -29.24
N ALA B 370 28.20 -39.78 -28.19
CA ALA B 370 29.63 -40.00 -28.19
C ALA B 370 30.26 -39.31 -27.01
N PRO B 371 31.54 -39.01 -27.11
CA PRO B 371 32.27 -38.33 -26.03
C PRO B 371 32.24 -36.82 -26.26
N PHE B 372 31.83 -36.41 -27.44
CA PHE B 372 31.76 -35.01 -27.78
C PHE B 372 33.08 -34.34 -27.47
N PHE B 373 33.96 -34.27 -28.45
CA PHE B 373 35.26 -33.64 -28.29
C PHE B 373 35.11 -32.30 -27.56
N ALA B 374 33.90 -31.76 -27.56
CA ALA B 374 33.62 -30.51 -26.87
C ALA B 374 32.18 -30.54 -26.39
N PHE B 375 31.69 -29.41 -25.91
CA PHE B 375 30.34 -29.26 -25.40
C PHE B 375 30.42 -28.10 -24.47
N LYS B 376 30.34 -26.92 -25.03
CA LYS B 376 30.51 -25.68 -24.30
C LYS B 376 29.21 -24.91 -24.34
N CYS B 377 28.50 -24.89 -23.22
CA CYS B 377 27.32 -24.05 -23.08
C CYS B 377 27.73 -22.70 -22.50
N TYR B 378 27.31 -21.63 -23.15
CA TYR B 378 27.85 -20.31 -22.88
C TYR B 378 26.99 -19.46 -21.98
N GLY B 379 25.75 -19.19 -22.36
CA GLY B 379 24.91 -18.37 -21.51
C GLY B 379 24.28 -19.16 -20.39
N VAL B 380 24.09 -20.47 -20.61
CA VAL B 380 23.39 -21.34 -19.70
C VAL B 380 24.41 -22.36 -19.18
N SER B 381 24.10 -22.97 -18.05
CA SER B 381 24.90 -24.09 -17.59
C SER B 381 24.16 -25.39 -17.88
N PRO B 382 24.85 -26.40 -18.44
CA PRO B 382 24.14 -27.55 -19.04
C PRO B 382 23.47 -28.47 -18.04
N THR B 383 23.70 -28.33 -16.76
CA THR B 383 23.03 -29.18 -15.80
C THR B 383 21.61 -28.72 -15.50
N LYS B 384 21.23 -27.52 -15.92
CA LYS B 384 19.94 -26.95 -15.58
C LYS B 384 18.99 -26.83 -16.76
N LEU B 385 19.31 -27.46 -17.89
CA LEU B 385 18.56 -27.18 -19.11
C LEU B 385 17.15 -27.75 -19.10
N ASN B 386 16.87 -28.74 -18.27
CA ASN B 386 15.59 -29.41 -18.30
C ASN B 386 14.51 -28.69 -17.49
N ASP B 387 14.78 -27.46 -17.05
CA ASP B 387 13.81 -26.74 -16.25
C ASP B 387 13.65 -25.29 -16.69
N LEU B 388 13.92 -24.99 -17.95
CA LEU B 388 13.86 -23.63 -18.45
C LEU B 388 13.00 -23.59 -19.70
N CYS B 389 12.40 -22.43 -19.96
CA CYS B 389 11.64 -22.21 -21.17
C CYS B 389 12.41 -21.29 -22.10
N PHE B 390 12.49 -21.67 -23.37
CA PHE B 390 13.16 -20.88 -24.39
C PHE B 390 12.13 -20.51 -25.43
N THR B 391 12.35 -19.41 -26.16
CA THR B 391 11.40 -19.09 -27.23
C THR B 391 11.82 -19.72 -28.55
N ASN B 392 13.00 -19.38 -29.05
CA ASN B 392 13.43 -20.01 -30.29
C ASN B 392 14.78 -20.68 -30.10
N VAL B 393 14.87 -21.91 -30.58
CA VAL B 393 16.07 -22.73 -30.48
C VAL B 393 16.56 -22.96 -31.89
N TYR B 394 17.50 -22.16 -32.34
CA TYR B 394 18.03 -22.32 -33.69
C TYR B 394 19.21 -23.27 -33.67
N ALA B 395 19.14 -24.33 -34.47
CA ALA B 395 20.20 -25.32 -34.52
C ALA B 395 20.90 -25.21 -35.85
N ASP B 396 22.12 -24.69 -35.83
CA ASP B 396 22.99 -24.68 -37.00
C ASP B 396 23.82 -25.94 -37.03
N SER B 397 24.28 -26.33 -38.21
CA SER B 397 24.93 -27.62 -38.34
C SER B 397 25.88 -27.64 -39.51
N PHE B 398 27.12 -28.09 -39.29
CA PHE B 398 28.12 -28.13 -40.35
C PHE B 398 29.26 -29.07 -39.96
N VAL B 399 30.29 -29.16 -40.82
CA VAL B 399 31.50 -29.89 -40.49
C VAL B 399 32.68 -28.93 -40.60
N ILE B 400 33.74 -29.19 -39.84
CA ILE B 400 34.97 -28.39 -39.84
C ILE B 400 36.14 -29.29 -39.46
N ARG B 401 37.35 -28.81 -39.71
CA ARG B 401 38.55 -29.51 -39.29
C ARG B 401 38.72 -29.41 -37.79
N GLY B 402 39.62 -30.23 -37.24
CA GLY B 402 39.71 -30.37 -35.80
C GLY B 402 40.44 -29.26 -35.10
N ASN B 403 41.39 -28.62 -35.77
CA ASN B 403 42.10 -27.52 -35.13
C ASN B 403 41.35 -26.20 -35.25
N GLU B 404 40.14 -26.22 -35.79
CA GLU B 404 39.32 -25.02 -35.91
C GLU B 404 38.05 -25.09 -35.07
N VAL B 405 37.88 -26.14 -34.27
CA VAL B 405 36.74 -26.22 -33.38
C VAL B 405 36.77 -25.13 -32.32
N SER B 406 37.96 -24.67 -31.95
CA SER B 406 38.08 -23.53 -31.05
C SER B 406 37.67 -22.22 -31.69
N GLN B 407 37.44 -22.18 -33.00
CA GLN B 407 37.00 -20.95 -33.62
C GLN B 407 35.49 -20.80 -33.63
N ILE B 408 34.76 -21.82 -33.23
CA ILE B 408 33.32 -21.69 -33.05
C ILE B 408 33.12 -21.23 -31.61
N ALA B 409 33.26 -19.92 -31.41
CA ALA B 409 33.13 -19.28 -30.12
C ALA B 409 32.85 -17.80 -30.37
N PRO B 410 32.20 -17.11 -29.44
CA PRO B 410 31.96 -15.68 -29.63
C PRO B 410 33.27 -14.89 -29.62
N GLY B 411 33.49 -14.12 -30.68
CA GLY B 411 34.68 -13.31 -30.78
C GLY B 411 35.94 -14.11 -30.99
N GLN B 412 36.09 -14.71 -32.17
CA GLN B 412 37.28 -15.44 -32.50
C GLN B 412 37.78 -15.02 -33.88
N THR B 413 39.01 -15.42 -34.20
CA THR B 413 39.59 -15.10 -35.49
C THR B 413 40.11 -16.37 -36.14
N GLY B 414 40.34 -16.29 -37.44
CA GLY B 414 40.75 -17.43 -38.24
C GLY B 414 39.71 -17.74 -39.31
N ASN B 415 40.15 -18.51 -40.30
CA ASN B 415 39.47 -18.60 -41.59
C ASN B 415 38.12 -19.31 -41.54
N ILE B 416 37.69 -19.79 -40.38
CA ILE B 416 36.31 -20.22 -40.20
C ILE B 416 35.48 -19.11 -39.59
N ALA B 417 35.95 -18.51 -38.50
CA ALA B 417 35.12 -17.55 -37.79
C ALA B 417 35.09 -16.20 -38.47
N ASP B 418 36.05 -15.87 -39.32
CA ASP B 418 35.98 -14.56 -39.96
C ASP B 418 34.91 -14.54 -41.05
N TYR B 419 35.09 -15.35 -42.09
CA TYR B 419 34.07 -15.47 -43.13
C TYR B 419 33.83 -16.94 -43.47
N ASN B 420 33.21 -17.68 -42.56
CA ASN B 420 32.38 -18.81 -42.91
C ASN B 420 31.18 -18.86 -41.99
N TYR B 421 31.41 -18.55 -40.71
CA TYR B 421 30.39 -18.65 -39.68
C TYR B 421 30.83 -17.78 -38.52
N LYS B 422 30.10 -16.71 -38.25
CA LYS B 422 30.48 -15.77 -37.21
C LYS B 422 29.47 -15.83 -36.08
N LEU B 423 29.93 -16.27 -34.92
CA LEU B 423 29.03 -16.20 -33.77
C LEU B 423 29.00 -14.78 -33.24
N PRO B 424 27.83 -14.30 -32.83
CA PRO B 424 27.75 -12.97 -32.22
C PRO B 424 28.42 -12.95 -30.86
N ASP B 425 28.75 -11.74 -30.41
CA ASP B 425 29.32 -11.55 -29.08
C ASP B 425 28.25 -11.51 -27.99
N ASP B 426 26.98 -11.68 -28.35
CA ASP B 426 25.86 -11.69 -27.42
C ASP B 426 25.31 -13.10 -27.39
N PHE B 427 26.20 -14.06 -27.25
CA PHE B 427 25.85 -15.46 -27.46
C PHE B 427 25.40 -16.11 -26.16
N THR B 428 24.35 -16.93 -26.27
CA THR B 428 23.78 -17.63 -25.14
C THR B 428 23.35 -19.05 -25.47
N GLY B 429 23.97 -19.68 -26.45
CA GLY B 429 23.64 -21.02 -26.85
C GLY B 429 24.55 -22.08 -26.24
N CYS B 430 24.95 -23.02 -27.09
CA CYS B 430 25.79 -24.13 -26.68
C CYS B 430 26.38 -24.75 -27.94
N VAL B 431 27.70 -24.87 -27.97
CA VAL B 431 28.42 -25.40 -29.12
C VAL B 431 28.79 -26.84 -28.85
N ILE B 432 28.32 -27.76 -29.69
CA ILE B 432 28.56 -29.18 -29.53
C ILE B 432 29.36 -29.66 -30.72
N ALA B 433 30.37 -30.48 -30.48
CA ALA B 433 31.22 -30.92 -31.58
C ALA B 433 31.76 -32.29 -31.29
N TRP B 434 31.67 -33.18 -32.27
CA TRP B 434 32.21 -34.51 -32.07
C TRP B 434 32.86 -35.03 -33.35
N ASN B 435 33.82 -35.92 -33.17
CA ASN B 435 34.56 -36.46 -34.29
C ASN B 435 33.68 -37.35 -35.13
N SER B 436 33.89 -37.34 -36.43
CA SER B 436 33.18 -38.23 -37.32
C SER B 436 34.11 -38.72 -38.42
N ASN B 437 35.33 -39.10 -38.05
CA ASN B 437 36.24 -39.67 -39.03
C ASN B 437 35.80 -41.04 -39.50
N LYS B 438 34.90 -41.64 -38.73
CA LYS B 438 34.35 -42.94 -39.08
C LYS B 438 33.14 -42.81 -40.02
N LEU B 439 32.79 -41.58 -40.41
CA LEU B 439 31.64 -41.45 -41.30
C LEU B 439 31.86 -40.47 -42.43
N ASP B 440 32.38 -39.27 -42.16
CA ASP B 440 32.40 -38.20 -43.16
C ASP B 440 33.68 -38.15 -43.96
N SER B 441 34.52 -39.16 -43.87
CA SER B 441 35.81 -39.12 -44.54
C SER B 441 36.04 -40.46 -45.21
N LYS B 442 36.41 -40.46 -46.47
CA LYS B 442 36.65 -41.70 -47.17
C LYS B 442 38.06 -41.72 -47.73
N VAL B 443 38.54 -42.93 -48.00
CA VAL B 443 39.85 -43.11 -48.60
C VAL B 443 39.83 -42.61 -50.03
N GLY B 444 40.86 -41.84 -50.39
CA GLY B 444 40.93 -41.27 -51.72
C GLY B 444 40.40 -39.87 -51.84
N GLY B 445 40.26 -39.15 -50.74
CA GLY B 445 39.86 -37.76 -50.80
C GLY B 445 38.35 -37.60 -50.86
N ASN B 446 37.83 -36.73 -50.01
CA ASN B 446 36.39 -36.44 -49.98
C ASN B 446 36.22 -34.98 -50.36
N TYR B 447 35.96 -34.74 -51.64
CA TYR B 447 35.94 -33.41 -52.23
C TYR B 447 34.58 -32.75 -52.14
N ASN B 448 33.75 -33.12 -51.17
CA ASN B 448 32.43 -32.53 -51.04
C ASN B 448 32.28 -31.68 -49.80
N TYR B 449 33.37 -31.39 -49.09
CA TYR B 449 33.35 -30.44 -48.00
C TYR B 449 34.27 -29.28 -48.37
N ARG B 450 33.70 -28.09 -48.50
CA ARG B 450 34.43 -26.93 -48.98
C ARG B 450 34.28 -25.78 -48.01
N TYR B 451 35.33 -24.97 -47.93
CA TYR B 451 35.32 -23.77 -47.12
C TYR B 451 35.84 -22.61 -47.95
N ARG B 452 35.30 -21.43 -47.68
CA ARG B 452 35.66 -20.23 -48.41
C ARG B 452 36.83 -19.54 -47.74
N LEU B 453 37.91 -19.37 -48.48
CA LEU B 453 39.13 -18.86 -47.91
C LEU B 453 39.48 -17.44 -48.31
N PHE B 454 38.93 -16.93 -49.42
CA PHE B 454 39.15 -15.54 -49.82
C PHE B 454 37.83 -14.82 -49.92
N ARG B 455 37.75 -13.61 -49.37
CA ARG B 455 36.56 -12.80 -49.49
C ARG B 455 36.94 -11.33 -49.46
N LYS B 456 35.97 -10.48 -49.74
CA LYS B 456 36.17 -9.04 -49.64
C LYS B 456 36.48 -8.62 -48.21
N SER B 457 35.55 -8.88 -47.30
CA SER B 457 35.79 -8.67 -45.87
C SER B 457 34.99 -9.70 -45.10
N ASN B 458 34.84 -9.45 -43.80
CA ASN B 458 34.27 -10.42 -42.90
C ASN B 458 32.76 -10.55 -43.10
N LEU B 459 32.15 -11.38 -42.28
CA LEU B 459 30.71 -11.47 -42.26
C LEU B 459 30.16 -10.76 -41.04
N LYS B 460 28.86 -10.52 -41.05
CA LYS B 460 28.13 -10.19 -39.84
C LYS B 460 27.86 -11.48 -39.08
N PRO B 461 27.45 -11.40 -37.82
CA PRO B 461 26.98 -12.59 -37.10
C PRO B 461 25.83 -13.28 -37.81
N PHE B 462 25.90 -14.61 -37.88
CA PHE B 462 24.90 -15.49 -38.49
C PHE B 462 24.69 -15.16 -39.96
N GLU B 463 25.76 -14.90 -40.69
CA GLU B 463 25.66 -14.54 -42.11
C GLU B 463 26.11 -15.68 -43.00
N ARG B 464 25.30 -15.98 -44.02
CA ARG B 464 25.51 -17.14 -44.88
C ARG B 464 25.61 -16.70 -46.33
N ASP B 465 26.69 -17.11 -46.99
CA ASP B 465 26.93 -16.77 -48.38
C ASP B 465 27.18 -18.02 -49.19
N ILE B 466 26.68 -18.03 -50.43
CA ILE B 466 26.88 -19.17 -51.31
C ILE B 466 27.45 -18.68 -52.63
N SER B 467 28.21 -17.59 -52.58
CA SER B 467 28.75 -16.99 -53.78
C SER B 467 29.89 -17.82 -54.33
N THR B 468 30.05 -17.79 -55.65
CA THR B 468 31.11 -18.52 -56.35
C THR B 468 31.79 -17.57 -57.35
N GLU B 469 31.55 -16.27 -57.19
CA GLU B 469 32.18 -15.29 -58.06
C GLU B 469 33.66 -15.16 -57.71
N ILE B 470 34.49 -15.09 -58.75
CA ILE B 470 35.94 -15.09 -58.59
C ILE B 470 36.38 -13.79 -57.94
N TYR B 471 36.96 -13.91 -56.75
CA TYR B 471 37.50 -12.76 -56.04
C TYR B 471 38.67 -12.16 -56.82
N GLN B 472 38.55 -10.88 -57.14
CA GLN B 472 39.50 -10.18 -57.99
C GLN B 472 40.52 -9.49 -57.10
N ALA B 473 41.57 -10.21 -56.74
CA ALA B 473 42.59 -9.65 -55.87
C ALA B 473 43.42 -8.60 -56.57
N GLY B 474 43.90 -8.90 -57.77
CA GLY B 474 44.69 -7.96 -58.54
C GLY B 474 43.89 -6.79 -59.06
N ASN B 475 44.60 -5.82 -59.60
CA ASN B 475 43.99 -4.59 -60.07
C ASN B 475 43.22 -4.76 -61.37
N LYS B 476 43.52 -5.81 -62.13
CA LYS B 476 42.86 -5.98 -63.42
C LYS B 476 41.72 -6.99 -63.32
N PRO B 477 40.66 -6.81 -64.08
CA PRO B 477 39.62 -7.83 -64.15
C PRO B 477 40.10 -9.05 -64.91
N CYS B 478 39.68 -10.22 -64.41
CA CYS B 478 39.89 -11.47 -65.12
C CYS B 478 38.59 -12.17 -65.51
N ASN B 479 37.46 -11.43 -65.51
CA ASN B 479 36.16 -11.73 -66.16
C ASN B 479 35.74 -13.19 -66.14
N GLY B 480 35.78 -13.81 -64.96
CA GLY B 480 35.31 -15.18 -64.82
C GLY B 480 36.31 -16.25 -65.20
N VAL B 481 37.56 -15.88 -65.44
CA VAL B 481 38.63 -16.85 -65.70
C VAL B 481 39.69 -16.67 -64.64
N ALA B 482 39.81 -17.66 -63.74
CA ALA B 482 40.71 -17.53 -62.61
C ALA B 482 42.15 -17.74 -63.05
N GLY B 483 43.07 -17.51 -62.12
CA GLY B 483 44.48 -17.64 -62.41
C GLY B 483 45.32 -16.75 -61.52
N VAL B 484 46.17 -15.93 -62.13
CA VAL B 484 47.07 -15.06 -61.38
C VAL B 484 46.27 -13.90 -60.80
N ASN B 485 46.40 -13.69 -59.49
CA ASN B 485 45.78 -12.62 -58.71
C ASN B 485 44.25 -12.62 -58.77
N CYS B 486 43.65 -13.75 -59.14
CA CYS B 486 42.22 -13.99 -58.90
C CYS B 486 42.01 -15.49 -58.85
N TYR B 487 41.50 -15.97 -57.72
CA TYR B 487 41.38 -17.39 -57.45
C TYR B 487 39.92 -17.78 -57.28
N PHE B 488 39.66 -19.06 -57.47
CA PHE B 488 38.39 -19.64 -57.05
C PHE B 488 38.26 -19.50 -55.54
N PRO B 489 37.09 -19.14 -55.03
CA PRO B 489 36.97 -18.84 -53.59
C PRO B 489 36.68 -20.03 -52.69
N LEU B 490 36.07 -21.09 -53.19
CA LEU B 490 35.66 -22.22 -52.36
C LEU B 490 36.67 -23.33 -52.57
N GLN B 491 37.49 -23.59 -51.57
CA GLN B 491 38.44 -24.69 -51.67
C GLN B 491 37.90 -25.90 -50.91
N SER B 492 38.06 -27.05 -51.51
CA SER B 492 37.63 -28.30 -50.93
C SER B 492 38.57 -28.71 -49.80
N TYR B 493 37.98 -29.27 -48.75
CA TYR B 493 38.75 -29.90 -47.71
C TYR B 493 39.39 -31.19 -48.20
N GLY B 494 40.13 -31.83 -47.31
CA GLY B 494 40.87 -33.03 -47.58
C GLY B 494 40.09 -34.24 -47.11
N PHE B 495 40.32 -34.62 -45.85
CA PHE B 495 39.63 -35.68 -45.12
C PHE B 495 39.98 -37.05 -45.69
N ARG B 496 41.27 -37.30 -45.81
CA ARG B 496 41.77 -38.64 -45.84
C ARG B 496 41.66 -39.24 -44.44
N PRO B 497 41.53 -40.55 -44.31
CA PRO B 497 41.50 -41.14 -42.97
C PRO B 497 42.84 -41.13 -42.30
N THR B 498 43.93 -41.12 -43.06
CA THR B 498 45.27 -41.09 -42.45
C THR B 498 45.77 -39.67 -42.24
N TYR B 499 44.95 -38.84 -41.62
CA TYR B 499 45.33 -37.50 -41.20
C TYR B 499 45.31 -37.47 -39.68
N GLY B 500 46.09 -36.59 -39.11
CA GLY B 500 46.15 -36.45 -37.67
C GLY B 500 44.86 -35.87 -37.13
N VAL B 501 44.59 -36.14 -35.85
CA VAL B 501 43.51 -35.46 -35.18
C VAL B 501 43.83 -33.97 -35.09
N GLY B 502 43.05 -33.16 -35.78
CA GLY B 502 43.43 -31.84 -36.15
C GLY B 502 43.39 -31.64 -37.64
N HIS B 503 43.24 -32.72 -38.40
CA HIS B 503 42.76 -32.64 -39.76
C HIS B 503 41.65 -33.65 -40.03
N GLN B 504 40.87 -34.00 -39.01
CA GLN B 504 39.80 -34.96 -39.19
C GLN B 504 38.46 -34.24 -39.26
N PRO B 505 37.47 -34.83 -39.92
CA PRO B 505 36.18 -34.17 -40.02
C PRO B 505 35.41 -34.19 -38.71
N TYR B 506 35.26 -33.03 -38.12
CA TYR B 506 34.50 -32.87 -36.90
C TYR B 506 33.15 -32.27 -37.21
N ARG B 507 32.09 -32.96 -36.85
CA ARG B 507 30.75 -32.44 -37.02
C ARG B 507 30.44 -31.50 -35.88
N VAL B 508 29.65 -30.46 -36.15
CA VAL B 508 29.38 -29.41 -35.20
C VAL B 508 27.90 -29.08 -35.29
N VAL B 509 27.25 -28.96 -34.14
CA VAL B 509 25.90 -28.41 -34.04
C VAL B 509 25.95 -27.27 -33.04
N VAL B 510 25.52 -26.09 -33.47
CA VAL B 510 25.49 -24.91 -32.63
C VAL B 510 24.05 -24.63 -32.29
N LEU B 511 23.69 -24.80 -31.02
CA LEU B 511 22.37 -24.41 -30.56
C LEU B 511 22.42 -22.98 -30.10
N SER B 512 21.42 -22.20 -30.47
CA SER B 512 21.31 -20.85 -29.99
C SER B 512 19.90 -20.64 -29.47
N PHE B 513 19.78 -20.50 -28.16
CA PHE B 513 18.51 -20.24 -27.51
C PHE B 513 18.31 -18.75 -27.46
N GLU B 514 17.09 -18.30 -27.69
CA GLU B 514 16.77 -16.92 -27.35
C GLU B 514 15.39 -16.89 -26.73
N LEU B 515 15.19 -15.91 -25.85
CA LEU B 515 13.90 -15.65 -25.19
C LEU B 515 13.44 -14.24 -25.54
N LEU B 516 12.59 -14.13 -26.57
CA LEU B 516 12.31 -12.81 -27.19
C LEU B 516 11.07 -12.11 -26.64
N HIS B 517 9.88 -12.63 -26.96
CA HIS B 517 8.64 -11.97 -26.54
C HIS B 517 7.58 -12.90 -25.98
N ALA B 518 7.46 -14.13 -26.46
CA ALA B 518 6.28 -14.95 -26.27
C ALA B 518 6.18 -15.40 -24.82
N PRO B 519 4.96 -15.44 -24.26
CA PRO B 519 4.82 -15.80 -22.85
C PRO B 519 4.94 -17.29 -22.60
N ALA B 520 4.84 -18.09 -23.65
CA ALA B 520 4.98 -19.55 -23.54
C ALA B 520 5.40 -20.11 -24.88
N THR B 521 6.39 -21.00 -24.86
CA THR B 521 7.02 -21.61 -26.04
C THR B 521 7.54 -22.99 -25.65
N VAL B 522 8.51 -23.49 -26.44
CA VAL B 522 9.21 -24.73 -26.12
C VAL B 522 9.86 -24.67 -24.74
N CYS B 523 9.51 -25.63 -23.90
CA CYS B 523 10.00 -25.66 -22.53
C CYS B 523 10.29 -27.11 -22.16
N GLY B 524 11.11 -27.29 -21.13
CA GLY B 524 11.47 -28.61 -20.67
C GLY B 524 10.35 -29.31 -19.95
N PRO B 525 10.68 -30.49 -19.42
CA PRO B 525 9.74 -31.37 -18.75
C PRO B 525 9.12 -30.86 -17.45
N LYS B 526 8.12 -31.59 -17.00
CA LYS B 526 7.39 -31.26 -15.79
C LYS B 526 7.03 -32.56 -15.09
N LYS B 527 8.05 -33.16 -14.50
CA LYS B 527 8.00 -34.42 -13.76
C LYS B 527 6.61 -34.97 -13.45
N SER B 528 6.39 -36.22 -13.81
CA SER B 528 5.11 -36.87 -13.57
C SER B 528 5.01 -37.24 -12.09
N THR B 529 4.20 -38.25 -11.79
CA THR B 529 4.01 -38.71 -10.42
C THR B 529 2.77 -39.58 -10.31
N ASN B 530 2.74 -40.40 -9.27
CA ASN B 530 1.60 -41.27 -9.06
C ASN B 530 0.53 -40.44 -8.38
N LEU B 531 -0.64 -41.00 -8.22
CA LEU B 531 -1.74 -40.28 -7.58
C LEU B 531 -2.43 -41.16 -6.56
N VAL B 532 -2.48 -40.66 -5.34
CA VAL B 532 -3.10 -41.38 -4.22
C VAL B 532 -4.44 -40.73 -3.95
N LYS B 533 -5.30 -41.42 -3.21
CA LYS B 533 -6.61 -40.87 -2.89
C LYS B 533 -6.93 -41.13 -1.43
N ASN B 534 -7.85 -40.33 -0.90
CA ASN B 534 -8.30 -40.39 0.48
C ASN B 534 -7.19 -40.10 1.47
N LYS B 535 -6.23 -39.25 1.12
CA LYS B 535 -5.15 -38.87 2.01
C LYS B 535 -4.92 -37.37 1.89
N CYS B 536 -4.62 -36.72 3.02
CA CYS B 536 -4.25 -35.32 2.95
C CYS B 536 -2.87 -35.22 2.34
N VAL B 537 -2.79 -34.57 1.18
CA VAL B 537 -1.57 -34.49 0.40
C VAL B 537 -1.39 -33.07 -0.07
N ASN B 538 -0.21 -32.77 -0.57
CA ASN B 538 0.10 -31.51 -1.22
C ASN B 538 -0.03 -31.76 -2.71
N PHE B 539 -0.95 -31.05 -3.37
CA PHE B 539 -1.25 -31.33 -4.77
C PHE B 539 -0.98 -30.14 -5.66
N ASN B 540 -0.78 -30.44 -6.94
CA ASN B 540 -0.69 -29.44 -8.00
C ASN B 540 -1.35 -30.05 -9.23
N PHE B 541 -2.42 -29.42 -9.71
CA PHE B 541 -3.15 -29.83 -10.89
C PHE B 541 -2.97 -28.77 -11.98
N ASN B 542 -1.99 -29.00 -12.85
CA ASN B 542 -1.61 -28.14 -13.97
C ASN B 542 -1.57 -26.67 -13.61
N GLY B 543 -0.93 -26.34 -12.50
CA GLY B 543 -0.80 -24.96 -12.12
C GLY B 543 -1.48 -24.64 -10.80
N LEU B 544 -2.58 -25.33 -10.50
CA LEU B 544 -3.33 -25.09 -9.27
C LEU B 544 -2.56 -25.69 -8.11
N THR B 545 -2.06 -24.84 -7.23
CA THR B 545 -1.28 -25.29 -6.08
C THR B 545 -2.16 -25.25 -4.85
N GLY B 546 -2.22 -26.37 -4.11
CA GLY B 546 -3.01 -26.38 -2.89
C GLY B 546 -2.79 -27.57 -1.99
N THR B 547 -3.60 -27.67 -0.94
CA THR B 547 -3.52 -28.76 0.03
C THR B 547 -4.92 -29.28 0.29
N GLY B 548 -5.03 -30.59 0.51
CA GLY B 548 -6.31 -31.15 0.83
C GLY B 548 -6.39 -32.62 0.49
N VAL B 549 -7.53 -33.18 0.80
CA VAL B 549 -7.85 -34.59 0.57
C VAL B 549 -8.58 -34.70 -0.75
N LEU B 550 -8.17 -35.68 -1.55
CA LEU B 550 -8.72 -35.93 -2.88
C LEU B 550 -9.74 -37.06 -2.77
N THR B 551 -10.92 -36.86 -3.30
CA THR B 551 -11.94 -37.90 -3.27
C THR B 551 -12.71 -37.96 -4.58
N GLU B 552 -13.30 -39.12 -4.86
CA GLU B 552 -14.15 -39.25 -6.04
C GLU B 552 -15.32 -38.27 -5.99
N SER B 553 -15.55 -37.58 -7.10
CA SER B 553 -16.59 -36.58 -7.14
C SER B 553 -17.86 -37.13 -7.81
N ASN B 554 -18.88 -36.28 -7.82
CA ASN B 554 -20.08 -36.57 -8.59
C ASN B 554 -20.51 -35.36 -9.41
N LYS B 555 -19.60 -34.41 -9.66
CA LYS B 555 -19.85 -33.25 -10.50
C LYS B 555 -19.54 -33.57 -11.95
N LYS B 556 -20.09 -32.76 -12.85
CA LYS B 556 -19.90 -32.94 -14.28
C LYS B 556 -19.47 -31.63 -14.91
N PHE B 557 -18.21 -31.61 -15.33
CA PHE B 557 -17.60 -30.48 -15.98
C PHE B 557 -17.88 -30.49 -17.46
N LEU B 558 -17.85 -29.32 -18.09
CA LEU B 558 -18.06 -29.24 -19.52
C LEU B 558 -16.71 -29.49 -20.14
N PRO B 559 -16.71 -30.47 -21.13
CA PRO B 559 -15.40 -30.80 -21.72
C PRO B 559 -14.29 -29.78 -21.83
N PHE B 560 -14.58 -28.51 -21.68
CA PHE B 560 -13.54 -27.51 -21.82
C PHE B 560 -13.06 -27.00 -20.48
N GLN B 561 -13.79 -27.33 -19.43
CA GLN B 561 -13.41 -26.92 -18.10
C GLN B 561 -12.47 -27.83 -17.37
N GLN B 562 -11.48 -27.24 -16.73
CA GLN B 562 -10.48 -27.99 -16.01
C GLN B 562 -10.77 -28.17 -14.53
N PHE B 563 -11.23 -27.12 -13.88
CA PHE B 563 -11.52 -27.15 -12.47
C PHE B 563 -12.75 -26.30 -12.18
N GLY B 564 -13.35 -26.53 -11.01
CA GLY B 564 -14.49 -25.80 -10.55
C GLY B 564 -14.20 -25.05 -9.27
N ARG B 565 -15.01 -24.02 -9.03
CA ARG B 565 -14.97 -23.30 -7.77
C ARG B 565 -16.35 -23.26 -7.16
N ASP B 566 -16.39 -23.11 -5.84
CA ASP B 566 -17.64 -23.05 -5.10
C ASP B 566 -18.06 -21.61 -4.90
N ILE B 567 -19.17 -21.42 -4.22
CA ILE B 567 -19.63 -20.10 -3.82
C ILE B 567 -18.58 -19.60 -2.85
N ALA B 568 -18.26 -18.30 -2.93
CA ALA B 568 -17.17 -17.64 -2.21
C ALA B 568 -15.86 -17.80 -2.96
N ASP B 569 -15.93 -18.30 -4.19
CA ASP B 569 -14.80 -18.29 -5.12
C ASP B 569 -13.57 -19.05 -4.64
N THR B 570 -13.73 -20.30 -4.22
CA THR B 570 -12.59 -21.13 -3.85
C THR B 570 -12.68 -22.44 -4.63
N THR B 571 -11.54 -22.92 -5.10
CA THR B 571 -11.49 -24.16 -5.87
C THR B 571 -12.03 -25.31 -5.03
N ASP B 572 -12.97 -26.07 -5.58
CA ASP B 572 -13.49 -27.21 -4.84
C ASP B 572 -13.47 -28.51 -5.62
N ALA B 573 -13.14 -28.49 -6.90
CA ALA B 573 -13.00 -29.70 -7.68
C ALA B 573 -12.00 -29.45 -8.79
N VAL B 574 -11.28 -30.48 -9.19
CA VAL B 574 -10.34 -30.41 -10.29
C VAL B 574 -10.53 -31.62 -11.19
N ARG B 575 -9.86 -31.60 -12.33
CA ARG B 575 -9.89 -32.69 -13.27
C ARG B 575 -8.43 -33.09 -13.44
N ASP B 576 -8.10 -34.36 -13.25
CA ASP B 576 -6.71 -34.80 -13.33
C ASP B 576 -6.24 -34.70 -14.76
N PRO B 577 -5.19 -33.94 -15.04
CA PRO B 577 -4.75 -33.77 -16.42
C PRO B 577 -4.44 -35.08 -17.13
N GLN B 578 -3.87 -36.05 -16.45
CA GLN B 578 -3.54 -37.28 -17.14
C GLN B 578 -4.66 -38.31 -17.26
N THR B 579 -5.44 -38.50 -16.20
CA THR B 579 -6.49 -39.50 -16.27
C THR B 579 -7.86 -38.93 -16.63
N LEU B 580 -8.02 -37.60 -16.56
CA LEU B 580 -9.28 -36.90 -16.92
C LEU B 580 -10.45 -37.35 -16.04
N GLU B 581 -10.23 -37.36 -14.74
CA GLU B 581 -11.28 -37.66 -13.79
C GLU B 581 -11.48 -36.51 -12.83
N ILE B 582 -12.73 -36.30 -12.44
CA ILE B 582 -13.11 -35.19 -11.59
C ILE B 582 -13.02 -35.63 -10.14
N LEU B 583 -12.32 -34.85 -9.33
CA LEU B 583 -12.05 -35.18 -7.93
C LEU B 583 -12.41 -33.98 -7.07
N ASP B 584 -13.13 -34.23 -5.99
CA ASP B 584 -13.38 -33.18 -5.01
C ASP B 584 -12.22 -33.01 -4.06
N ILE B 585 -12.05 -31.77 -3.63
CA ILE B 585 -10.98 -31.39 -2.76
C ILE B 585 -11.62 -30.88 -1.49
N THR B 586 -11.37 -31.57 -0.39
CA THR B 586 -11.91 -31.17 0.89
C THR B 586 -10.71 -30.72 1.68
N PRO B 587 -10.90 -29.80 2.62
CA PRO B 587 -9.78 -29.29 3.42
C PRO B 587 -9.40 -30.20 4.59
N CYS B 588 -8.11 -30.45 4.74
CA CYS B 588 -7.61 -31.28 5.84
C CYS B 588 -8.03 -30.69 7.18
N SER B 589 -8.84 -31.45 7.91
CA SER B 589 -9.35 -31.06 9.23
C SER B 589 -8.51 -30.09 10.04
N PHE B 590 -9.19 -29.27 10.81
CA PHE B 590 -8.57 -28.29 11.67
C PHE B 590 -9.65 -27.83 12.62
N GLY B 591 -9.27 -27.20 13.73
CA GLY B 591 -10.24 -26.74 14.68
C GLY B 591 -9.57 -26.36 15.97
N GLY B 592 -9.86 -25.18 16.47
CA GLY B 592 -9.26 -24.68 17.69
C GLY B 592 -9.07 -25.70 18.79
N VAL B 593 -8.13 -25.44 19.68
CA VAL B 593 -7.90 -26.35 20.78
C VAL B 593 -7.97 -25.58 22.07
N SER B 594 -8.85 -25.99 22.97
CA SER B 594 -9.00 -25.33 24.26
C SER B 594 -8.74 -26.34 25.37
N VAL B 595 -8.28 -25.83 26.50
CA VAL B 595 -7.94 -26.66 27.65
C VAL B 595 -8.88 -26.32 28.79
N ILE B 596 -9.57 -27.37 29.25
CA ILE B 596 -10.61 -27.38 30.28
C ILE B 596 -10.02 -27.78 31.60
N THR B 597 -10.04 -26.90 32.59
CA THR B 597 -9.42 -27.23 33.85
C THR B 597 -10.21 -26.87 35.08
N PRO B 598 -10.35 -27.89 36.01
CA PRO B 598 -11.08 -27.49 37.23
C PRO B 598 -10.26 -26.51 38.06
N GLY B 599 -9.44 -25.69 37.41
CA GLY B 599 -8.62 -24.72 38.11
C GLY B 599 -7.51 -25.38 38.89
N THR B 600 -6.27 -25.00 38.62
CA THR B 600 -5.12 -25.57 39.31
C THR B 600 -5.39 -25.71 40.81
N ASN B 601 -5.94 -24.66 41.41
CA ASN B 601 -6.24 -24.67 42.83
C ASN B 601 -7.33 -25.67 43.19
N THR B 602 -7.06 -26.94 42.90
CA THR B 602 -8.00 -28.01 43.20
C THR B 602 -7.62 -29.30 42.49
N SER B 603 -6.76 -29.18 41.48
CA SER B 603 -6.30 -30.34 40.72
C SER B 603 -5.57 -29.90 39.46
N ASN B 604 -4.59 -30.70 39.04
CA ASN B 604 -3.82 -30.41 37.85
C ASN B 604 -4.21 -31.23 36.65
N GLN B 605 -5.44 -31.72 36.62
CA GLN B 605 -5.89 -32.51 35.49
C GLN B 605 -6.46 -31.59 34.45
N VAL B 606 -6.77 -32.12 33.29
CA VAL B 606 -7.36 -31.31 32.24
C VAL B 606 -7.97 -32.25 31.21
N ALA B 607 -9.03 -31.78 30.55
CA ALA B 607 -9.60 -32.46 29.40
C ALA B 607 -9.59 -31.53 28.21
N VAL B 608 -9.57 -32.08 27.01
CA VAL B 608 -9.46 -31.27 25.80
C VAL B 608 -10.58 -31.61 24.84
N LEU B 609 -11.26 -30.59 24.33
CA LEU B 609 -12.29 -30.74 23.33
C LEU B 609 -11.76 -30.21 22.00
N TYR B 610 -11.77 -31.05 20.97
CA TYR B 610 -11.40 -30.66 19.62
C TYR B 610 -12.69 -30.38 18.87
N GLN B 611 -12.98 -29.10 18.64
CA GLN B 611 -14.23 -28.64 18.00
C GLN B 611 -14.55 -29.19 16.60
N GLY B 612 -15.61 -29.97 16.52
CA GLY B 612 -16.05 -30.66 15.30
C GLY B 612 -14.91 -31.44 14.64
N VAL B 613 -14.14 -32.11 15.48
CA VAL B 613 -13.10 -33.03 15.02
C VAL B 613 -13.51 -34.43 15.42
N ASN B 614 -13.45 -35.35 14.47
CA ASN B 614 -13.78 -36.72 14.79
C ASN B 614 -12.66 -37.34 15.60
N CYS B 615 -13.02 -38.23 16.50
CA CYS B 615 -12.05 -38.81 17.40
C CYS B 615 -11.11 -39.80 16.70
N THR B 616 -11.24 -39.95 15.39
CA THR B 616 -10.37 -40.84 14.62
C THR B 616 -9.33 -40.05 13.84
N GLU B 617 -9.46 -38.72 13.88
CA GLU B 617 -8.57 -37.87 13.11
C GLU B 617 -7.90 -36.83 14.00
N VAL B 618 -7.77 -37.15 15.27
CA VAL B 618 -7.16 -36.24 16.24
C VAL B 618 -5.64 -36.31 16.17
N PRO B 619 -5.01 -37.50 16.18
CA PRO B 619 -3.55 -37.44 16.21
C PRO B 619 -2.93 -37.29 14.82
N SER B 638 -8.36 -45.09 27.99
CA SER B 638 -8.77 -43.76 28.42
C SER B 638 -10.24 -43.49 28.11
N ASN B 639 -10.63 -42.22 28.26
CA ASN B 639 -12.03 -41.83 28.14
C ASN B 639 -12.21 -40.97 26.90
N VAL B 640 -12.74 -41.56 25.84
CA VAL B 640 -13.00 -40.85 24.61
C VAL B 640 -14.49 -40.92 24.34
N PHE B 641 -15.09 -39.77 24.13
CA PHE B 641 -16.53 -39.66 23.94
C PHE B 641 -16.73 -38.77 22.72
N GLN B 642 -17.56 -39.23 21.80
CA GLN B 642 -17.91 -38.46 20.62
C GLN B 642 -19.24 -37.76 20.83
N THR B 643 -19.25 -36.45 20.64
CA THR B 643 -20.44 -35.63 20.74
C THR B 643 -20.57 -34.84 19.45
N ARG B 644 -21.77 -34.34 19.20
CA ARG B 644 -22.03 -33.56 18.00
C ARG B 644 -21.26 -32.25 18.01
N ALA B 645 -20.64 -31.88 19.13
CA ALA B 645 -19.88 -30.64 19.24
C ALA B 645 -18.39 -30.84 19.02
N GLY B 646 -17.95 -32.07 18.76
CA GLY B 646 -16.55 -32.37 18.61
C GLY B 646 -16.12 -33.60 19.38
N CYS B 647 -14.82 -33.76 19.51
CA CYS B 647 -14.26 -34.91 20.22
C CYS B 647 -13.79 -34.51 21.62
N LEU B 648 -14.36 -35.18 22.62
CA LEU B 648 -14.07 -34.92 24.01
C LEU B 648 -13.16 -36.01 24.56
N ILE B 649 -11.99 -35.62 25.08
CA ILE B 649 -11.00 -36.57 25.56
C ILE B 649 -10.65 -36.23 27.00
N GLY B 650 -10.65 -37.25 27.85
CA GLY B 650 -10.25 -37.07 29.24
C GLY B 650 -11.37 -36.96 30.24
N ALA B 651 -12.62 -37.12 29.80
CA ALA B 651 -13.77 -37.12 30.68
C ALA B 651 -14.67 -38.26 30.26
N GLU B 652 -15.30 -38.92 31.23
CA GLU B 652 -16.25 -39.97 30.94
C GLU B 652 -17.67 -39.41 30.88
N TYR B 653 -18.42 -39.85 29.88
CA TYR B 653 -19.78 -39.37 29.70
C TYR B 653 -20.77 -40.27 30.39
N VAL B 654 -21.58 -39.68 31.25
CA VAL B 654 -22.58 -40.38 32.04
C VAL B 654 -23.97 -39.96 31.57
N ASN B 655 -24.98 -40.72 31.99
CA ASN B 655 -26.36 -40.47 31.61
C ASN B 655 -27.15 -39.71 32.66
N ASN B 656 -26.57 -39.47 33.83
CA ASN B 656 -27.19 -38.67 34.86
C ASN B 656 -27.18 -37.20 34.48
N SER B 657 -27.66 -36.36 35.40
CA SER B 657 -27.66 -34.94 35.14
C SER B 657 -27.41 -34.13 36.40
N TYR B 658 -26.65 -33.06 36.28
CA TYR B 658 -26.36 -32.19 37.41
C TYR B 658 -26.49 -30.77 36.92
N GLU B 659 -26.14 -29.81 37.74
CA GLU B 659 -26.22 -28.42 37.33
C GLU B 659 -24.99 -28.09 36.51
N CYS B 660 -25.13 -27.16 35.57
CA CYS B 660 -24.01 -26.76 34.73
C CYS B 660 -22.85 -26.30 35.60
N ASP B 661 -21.65 -26.81 35.32
CA ASP B 661 -20.47 -26.46 36.08
C ASP B 661 -19.53 -25.71 35.16
N ILE B 662 -18.98 -26.42 34.18
CA ILE B 662 -18.08 -25.85 33.21
C ILE B 662 -18.76 -26.13 31.89
N PRO B 663 -19.43 -25.07 31.30
CA PRO B 663 -20.12 -25.41 30.04
C PRO B 663 -19.25 -25.89 28.91
N ILE B 664 -19.58 -27.03 28.33
CA ILE B 664 -18.81 -27.57 27.22
C ILE B 664 -19.47 -27.25 25.90
N GLY B 665 -20.78 -27.11 25.86
CA GLY B 665 -21.45 -26.78 24.63
C GLY B 665 -22.43 -27.81 24.15
N ALA B 666 -23.57 -27.36 23.66
CA ALA B 666 -24.62 -28.22 23.13
C ALA B 666 -25.35 -29.10 24.12
N GLY B 667 -25.31 -28.74 25.40
CA GLY B 667 -25.99 -29.51 26.42
C GLY B 667 -25.12 -30.26 27.41
N ILE B 668 -23.81 -30.30 27.18
CA ILE B 668 -22.83 -31.01 28.02
C ILE B 668 -22.01 -30.14 28.95
N CYS B 669 -21.59 -30.67 30.08
CA CYS B 669 -20.80 -29.89 30.97
C CYS B 669 -19.73 -30.80 31.50
N ALA B 670 -18.84 -30.26 32.28
CA ALA B 670 -17.80 -31.08 32.85
C ALA B 670 -17.67 -30.58 34.24
N SER B 671 -16.84 -31.24 35.05
CA SER B 671 -16.64 -30.82 36.44
C SER B 671 -16.00 -31.95 37.26
N TYR B 672 -15.73 -31.66 38.52
CA TYR B 672 -15.11 -32.65 39.41
C TYR B 672 -16.18 -33.41 40.20
N GLN B 673 -15.85 -34.65 40.56
CA GLN B 673 -16.77 -35.48 41.32
C GLN B 673 -16.02 -36.46 42.21
N THR B 674 -16.74 -37.07 43.15
CA THR B 674 -16.14 -38.03 44.07
C THR B 674 -17.01 -39.27 44.22
N GLN B 688 -12.35 -36.15 42.36
CA GLN B 688 -11.38 -37.19 42.03
C GLN B 688 -11.32 -37.46 40.52
N SER B 689 -11.90 -36.57 39.72
CA SER B 689 -11.88 -36.77 38.28
C SER B 689 -12.74 -35.74 37.57
N ILE B 690 -12.79 -35.83 36.25
CA ILE B 690 -13.57 -34.90 35.43
C ILE B 690 -14.62 -35.70 34.72
N ILE B 691 -15.85 -35.20 34.68
CA ILE B 691 -16.94 -35.90 34.02
C ILE B 691 -17.65 -34.99 33.04
N ALA B 692 -18.39 -35.58 32.12
CA ALA B 692 -19.12 -34.81 31.15
C ALA B 692 -20.52 -35.37 31.10
N TYR B 693 -21.47 -34.63 31.66
CA TYR B 693 -22.84 -35.08 31.68
C TYR B 693 -23.64 -34.15 30.81
N THR B 694 -24.96 -34.27 30.84
CA THR B 694 -25.84 -33.41 30.06
C THR B 694 -26.68 -32.59 31.01
N MET B 695 -26.53 -31.28 31.02
CA MET B 695 -27.29 -30.44 31.94
C MET B 695 -28.77 -30.81 31.93
N SER B 696 -29.32 -31.03 33.11
CA SER B 696 -30.72 -31.40 33.31
C SER B 696 -31.49 -30.13 33.37
N LEU B 697 -32.81 -30.12 33.14
CA LEU B 697 -33.36 -28.80 33.23
C LEU B 697 -33.94 -28.39 34.57
N GLY B 698 -34.12 -29.34 35.47
CA GLY B 698 -34.64 -29.02 36.78
C GLY B 698 -35.56 -30.07 37.32
N ALA B 699 -35.88 -29.97 38.60
CA ALA B 699 -36.76 -30.94 39.23
C ALA B 699 -38.08 -30.93 38.55
N GLU B 700 -38.67 -32.09 38.38
CA GLU B 700 -39.95 -32.20 37.71
C GLU B 700 -41.06 -32.07 38.73
N ASN B 701 -42.16 -31.43 38.33
CA ASN B 701 -43.25 -31.35 39.29
C ASN B 701 -44.57 -31.15 38.58
N SER B 702 -45.53 -31.99 38.95
CA SER B 702 -46.91 -31.88 38.50
C SER B 702 -47.71 -31.04 39.49
N VAL B 703 -48.47 -30.12 38.93
CA VAL B 703 -49.43 -29.32 39.68
C VAL B 703 -50.69 -30.15 39.84
N ALA B 704 -51.24 -30.15 41.03
CA ALA B 704 -52.42 -30.98 41.33
C ALA B 704 -53.70 -30.26 40.87
N TYR B 705 -53.81 -30.04 39.57
CA TYR B 705 -54.94 -29.31 39.03
C TYR B 705 -56.20 -30.16 39.08
N SER B 706 -57.33 -29.54 39.42
CA SER B 706 -58.64 -30.13 39.17
C SER B 706 -59.63 -29.02 38.84
N ASN B 707 -60.87 -29.37 38.53
CA ASN B 707 -61.82 -28.33 38.14
C ASN B 707 -62.53 -27.68 39.30
N ASN B 708 -62.25 -28.08 40.55
CA ASN B 708 -62.88 -27.41 41.67
C ASN B 708 -61.97 -27.35 42.89
N SER B 709 -60.65 -27.31 42.69
CA SER B 709 -59.68 -27.31 43.77
C SER B 709 -58.86 -26.03 43.73
N ILE B 710 -58.52 -25.52 44.90
CA ILE B 710 -57.67 -24.34 45.01
C ILE B 710 -56.65 -24.56 46.11
N ALA B 711 -55.51 -23.88 46.01
CA ALA B 711 -54.47 -23.90 47.03
C ALA B 711 -54.19 -22.48 47.48
N ILE B 712 -54.28 -22.24 48.79
CA ILE B 712 -54.11 -20.91 49.37
C ILE B 712 -53.05 -21.01 50.47
N PRO B 713 -52.09 -20.09 50.52
CA PRO B 713 -51.10 -20.12 51.61
C PRO B 713 -51.68 -19.75 52.95
N THR B 714 -51.15 -20.38 54.01
CA THR B 714 -51.53 -20.04 55.37
C THR B 714 -50.41 -19.36 56.17
N ASN B 715 -49.23 -19.23 55.57
CA ASN B 715 -48.12 -18.56 56.22
C ASN B 715 -47.25 -17.96 55.14
N PHE B 716 -46.19 -17.27 55.54
CA PHE B 716 -45.32 -16.57 54.61
C PHE B 716 -43.96 -16.38 55.25
N THR B 717 -42.98 -16.04 54.40
CA THR B 717 -41.68 -15.58 54.85
C THR B 717 -41.31 -14.28 54.14
N ILE B 718 -40.41 -13.54 54.75
CA ILE B 718 -39.80 -12.35 54.16
C ILE B 718 -38.41 -12.71 53.67
N SER B 719 -38.15 -12.54 52.38
CA SER B 719 -36.87 -12.87 51.79
C SER B 719 -36.08 -11.61 51.46
N VAL B 720 -34.76 -11.73 51.42
CA VAL B 720 -33.88 -10.66 50.97
C VAL B 720 -32.95 -11.22 49.91
N THR B 721 -32.83 -10.50 48.80
CA THR B 721 -31.94 -10.90 47.72
C THR B 721 -31.12 -9.71 47.22
N THR B 722 -29.95 -10.00 46.68
CA THR B 722 -29.07 -8.98 46.16
C THR B 722 -29.17 -8.89 44.64
N GLU B 723 -28.94 -7.68 44.14
CA GLU B 723 -28.72 -7.44 42.72
C GLU B 723 -27.61 -6.42 42.60
N ILE B 724 -26.70 -6.62 41.67
CA ILE B 724 -25.51 -5.80 41.53
C ILE B 724 -25.47 -5.20 40.14
N LEU B 725 -25.21 -3.90 40.06
CA LEU B 725 -25.12 -3.25 38.76
C LEU B 725 -23.91 -2.33 38.69
N PRO B 726 -23.12 -2.42 37.63
CA PRO B 726 -22.03 -1.45 37.42
C PRO B 726 -22.56 -0.09 37.01
N VAL B 727 -21.86 0.96 37.41
CA VAL B 727 -22.26 2.30 37.00
C VAL B 727 -21.16 3.09 36.31
N SER B 728 -19.88 2.78 36.47
CA SER B 728 -18.85 3.61 35.85
C SER B 728 -17.56 2.84 35.63
N MET B 729 -16.72 3.38 34.75
CA MET B 729 -15.36 2.94 34.47
C MET B 729 -14.36 4.00 34.89
N THR B 730 -13.09 3.63 34.89
CA THR B 730 -12.01 4.59 35.04
C THR B 730 -11.86 5.45 33.79
N LYS B 731 -11.61 6.73 34.01
CA LYS B 731 -11.42 7.70 32.95
C LYS B 731 -9.95 7.70 32.53
N THR B 732 -9.71 7.46 31.27
CA THR B 732 -8.35 7.39 30.77
C THR B 732 -8.14 8.48 29.75
N SER B 733 -6.88 8.87 29.61
CA SER B 733 -6.46 9.84 28.60
C SER B 733 -5.07 9.48 28.06
N VAL B 734 -4.91 9.55 26.75
CA VAL B 734 -3.66 9.17 26.11
C VAL B 734 -3.08 10.41 25.46
N ASP B 735 -1.80 10.65 25.68
CA ASP B 735 -1.07 11.69 24.98
C ASP B 735 -0.63 11.13 23.63
N CYS B 736 -1.32 11.56 22.57
CA CYS B 736 -1.08 10.99 21.24
C CYS B 736 0.38 11.16 20.81
N THR B 737 0.93 12.34 21.01
CA THR B 737 2.31 12.60 20.59
C THR B 737 3.30 11.79 21.40
N MET B 738 3.05 11.66 22.70
CA MET B 738 3.93 10.92 23.59
C MET B 738 3.86 9.41 23.33
N TYR B 739 2.68 8.91 22.99
CA TYR B 739 2.51 7.50 22.72
C TYR B 739 3.20 7.12 21.43
N ILE B 740 2.94 7.86 20.36
CA ILE B 740 3.49 7.48 19.08
C ILE B 740 4.98 7.81 19.03
N CYS B 741 5.29 9.09 18.86
CA CYS B 741 6.68 9.51 18.76
C CYS B 741 7.44 9.07 20.01
N GLY B 742 7.18 9.75 21.12
CA GLY B 742 7.87 9.47 22.36
C GLY B 742 9.16 10.25 22.50
N ASP B 743 9.07 11.45 23.07
CA ASP B 743 10.23 12.27 23.38
C ASP B 743 10.85 12.93 22.14
N SER B 744 11.20 12.13 21.14
CA SER B 744 11.81 12.63 19.92
C SER B 744 11.09 13.85 19.38
N THR B 745 11.84 14.76 18.76
CA THR B 745 11.27 16.00 18.23
C THR B 745 11.29 16.05 16.71
N GLU B 746 12.09 15.19 16.10
CA GLU B 746 12.15 15.13 14.64
C GLU B 746 10.86 14.47 14.17
N CYS B 747 10.30 13.65 15.05
CA CYS B 747 9.04 12.95 14.81
C CYS B 747 7.85 13.91 14.79
N SER B 748 7.86 14.93 15.64
CA SER B 748 6.69 15.79 15.74
C SER B 748 6.34 16.44 14.41
N ASN B 749 7.34 16.86 13.64
CA ASN B 749 7.04 17.43 12.33
C ASN B 749 6.48 16.40 11.36
N LEU B 750 6.86 15.14 11.51
CA LEU B 750 6.31 14.10 10.67
C LEU B 750 4.88 13.76 11.06
N LEU B 751 4.57 13.76 12.36
CA LEU B 751 3.24 13.42 12.82
C LEU B 751 2.21 14.46 12.40
N LEU B 752 2.62 15.73 12.30
CA LEU B 752 1.72 16.78 11.83
C LEU B 752 1.25 16.54 10.39
N GLN B 753 1.93 15.68 9.64
CA GLN B 753 1.61 15.43 8.24
C GLN B 753 0.46 14.48 8.04
N TYR B 754 -0.09 13.92 9.12
CA TYR B 754 -1.21 13.01 9.01
C TYR B 754 -2.54 13.66 9.32
N GLY B 755 -2.56 14.96 9.56
CA GLY B 755 -3.82 15.64 9.75
C GLY B 755 -4.25 15.65 11.19
N SER B 756 -5.55 15.55 11.42
CA SER B 756 -6.13 15.78 12.73
C SER B 756 -6.48 14.50 13.46
N PHE B 757 -5.73 13.42 13.25
CA PHE B 757 -6.03 12.19 13.96
C PHE B 757 -5.88 12.33 15.46
N CYS B 758 -4.90 13.09 15.94
CA CYS B 758 -4.72 13.30 17.35
C CYS B 758 -5.79 14.18 17.98
N THR B 759 -6.39 15.08 17.21
CA THR B 759 -7.52 15.85 17.70
C THR B 759 -8.76 14.98 17.87
N GLN B 760 -8.98 14.07 16.92
CA GLN B 760 -10.11 13.16 17.00
C GLN B 760 -10.02 12.27 18.24
N LEU B 761 -8.82 11.81 18.58
CA LEU B 761 -8.68 10.96 19.76
C LEU B 761 -9.01 11.72 21.04
N LYS B 762 -8.56 12.95 21.15
CA LYS B 762 -8.88 13.74 22.34
C LYS B 762 -10.35 14.07 22.43
N ARG B 763 -10.99 14.40 21.31
CA ARG B 763 -12.41 14.68 21.37
C ARG B 763 -13.22 13.45 21.76
N ALA B 764 -12.88 12.30 21.17
CA ALA B 764 -13.60 11.08 21.46
C ALA B 764 -13.47 10.68 22.91
N LEU B 765 -12.25 10.74 23.46
CA LEU B 765 -12.07 10.35 24.85
C LEU B 765 -12.68 11.34 25.83
N THR B 766 -12.72 12.62 25.50
CA THR B 766 -13.38 13.58 26.37
C THR B 766 -14.88 13.31 26.48
N GLY B 767 -15.51 12.92 25.38
CA GLY B 767 -16.91 12.55 25.44
C GLY B 767 -17.21 11.47 26.45
N ILE B 768 -16.38 10.41 26.48
CA ILE B 768 -16.47 9.36 27.47
C ILE B 768 -16.24 9.89 28.88
N ALA B 769 -15.22 10.70 29.08
CA ALA B 769 -14.88 11.22 30.39
C ALA B 769 -15.99 12.06 30.99
N VAL B 770 -16.70 12.83 30.19
CA VAL B 770 -17.78 13.64 30.73
C VAL B 770 -18.99 12.76 31.07
N GLU B 771 -19.29 11.77 30.23
CA GLU B 771 -20.46 10.94 30.48
C GLU B 771 -20.32 10.07 31.73
N GLN B 772 -19.11 9.66 32.07
CA GLN B 772 -18.92 8.75 33.20
C GLN B 772 -19.24 9.42 34.53
N ASP B 773 -19.09 10.73 34.64
CA ASP B 773 -19.51 11.42 35.86
C ASP B 773 -21.00 11.67 35.89
N LYS B 774 -21.59 11.91 34.74
CA LYS B 774 -23.03 12.04 34.64
C LYS B 774 -23.75 10.74 34.94
N ASN B 775 -23.19 9.61 34.51
CA ASN B 775 -23.75 8.31 34.86
C ASN B 775 -23.96 8.16 36.36
N THR B 776 -22.96 8.55 37.15
CA THR B 776 -23.01 8.43 38.60
C THR B 776 -24.00 9.38 39.21
N GLN B 777 -24.06 10.62 38.72
CA GLN B 777 -25.02 11.57 39.26
C GLN B 777 -26.45 11.11 39.03
N GLU B 778 -26.74 10.55 37.87
CA GLU B 778 -28.09 10.08 37.60
C GLU B 778 -28.48 8.89 38.44
N VAL B 779 -27.56 8.01 38.80
CA VAL B 779 -27.96 6.89 39.65
C VAL B 779 -28.11 7.34 41.10
N PHE B 780 -27.18 8.13 41.63
CA PHE B 780 -27.20 8.41 43.06
C PHE B 780 -27.77 9.76 43.43
N ALA B 781 -27.62 10.80 42.63
CA ALA B 781 -27.98 12.15 43.06
C ALA B 781 -29.46 12.43 42.77
N GLN B 782 -30.31 11.60 43.36
CA GLN B 782 -31.75 11.68 43.24
C GLN B 782 -32.41 12.20 44.50
N VAL B 783 -31.71 12.97 45.30
CA VAL B 783 -32.29 13.48 46.54
C VAL B 783 -31.85 14.92 46.71
N LYS B 784 -32.79 15.77 47.09
CA LYS B 784 -32.51 17.20 47.23
C LYS B 784 -31.73 17.48 48.50
N GLN B 785 -32.25 17.04 49.64
CA GLN B 785 -31.68 17.32 50.94
C GLN B 785 -31.02 16.07 51.48
N ILE B 786 -30.12 16.25 52.42
CA ILE B 786 -29.42 15.15 53.04
C ILE B 786 -30.15 14.83 54.33
N TYR B 787 -30.86 13.71 54.34
CA TYR B 787 -31.64 13.28 55.48
C TYR B 787 -30.78 12.55 56.51
N LYS B 788 -31.16 12.68 57.77
CA LYS B 788 -30.53 11.97 58.88
C LYS B 788 -31.57 11.24 59.72
N THR B 789 -31.18 10.11 60.25
CA THR B 789 -32.03 9.36 61.15
C THR B 789 -31.95 9.93 62.56
N PRO B 790 -32.97 9.72 63.38
CA PRO B 790 -32.90 10.20 64.76
C PRO B 790 -31.94 9.37 65.58
N PRO B 791 -31.39 9.98 66.62
CA PRO B 791 -30.41 9.34 67.49
C PRO B 791 -30.81 7.98 68.04
N ILE B 792 -32.06 7.81 68.42
CA ILE B 792 -32.51 6.61 69.08
C ILE B 792 -32.24 5.39 68.20
N LYS B 793 -32.57 5.51 66.93
CA LYS B 793 -32.44 4.41 65.98
C LYS B 793 -33.12 3.12 66.42
N TYR B 794 -34.40 3.20 66.77
CA TYR B 794 -35.16 2.01 67.11
C TYR B 794 -36.52 2.09 66.45
N PHE B 795 -36.70 1.40 65.34
CA PHE B 795 -37.89 1.55 64.50
C PHE B 795 -38.82 0.37 64.74
N GLY B 796 -39.58 0.44 65.83
CA GLY B 796 -40.53 -0.60 66.16
C GLY B 796 -39.99 -2.01 66.16
N GLY B 797 -38.68 -2.15 66.30
CA GLY B 797 -38.05 -3.46 66.35
C GLY B 797 -37.07 -3.62 65.22
N PHE B 798 -37.57 -3.64 64.02
CA PHE B 798 -36.70 -3.75 62.87
C PHE B 798 -35.35 -3.12 63.18
N ASN B 799 -34.29 -3.85 62.88
CA ASN B 799 -32.94 -3.46 63.24
C ASN B 799 -32.15 -3.26 61.95
N PHE B 800 -31.77 -2.03 61.65
CA PHE B 800 -31.17 -1.68 60.37
C PHE B 800 -29.69 -1.37 60.52
N SER B 801 -29.08 -1.79 61.62
CA SER B 801 -27.70 -1.38 61.87
C SER B 801 -26.72 -1.87 60.83
N GLN B 802 -27.06 -2.92 60.09
CA GLN B 802 -26.14 -3.43 59.08
C GLN B 802 -26.14 -2.62 57.81
N ILE B 803 -27.09 -1.71 57.62
CA ILE B 803 -27.16 -0.90 56.41
C ILE B 803 -27.04 0.58 56.71
N LEU B 804 -27.09 0.98 57.93
CA LEU B 804 -26.86 2.38 58.25
C LEU B 804 -25.38 2.62 58.54
N PRO B 805 -24.91 3.86 58.41
CA PRO B 805 -23.49 4.13 58.67
C PRO B 805 -23.07 3.80 60.09
N ASP B 806 -21.79 3.44 60.23
CA ASP B 806 -21.18 3.17 61.52
C ASP B 806 -20.49 4.43 62.03
N PRO B 807 -21.01 5.08 63.08
CA PRO B 807 -20.39 6.33 63.55
C PRO B 807 -18.97 6.16 64.04
N SER B 808 -18.53 4.95 64.36
CA SER B 808 -17.17 4.72 64.85
C SER B 808 -16.23 4.33 63.71
N LYS B 809 -16.21 5.12 62.66
CA LYS B 809 -15.33 4.88 61.52
C LYS B 809 -14.98 6.20 60.87
N PRO B 810 -13.76 6.34 60.35
CA PRO B 810 -13.42 7.57 59.61
C PRO B 810 -14.20 7.73 58.33
N SER B 811 -14.60 6.62 57.71
CA SER B 811 -15.26 6.64 56.41
C SER B 811 -16.77 6.74 56.52
N LYS B 812 -17.35 6.35 57.66
CA LYS B 812 -18.79 6.36 57.87
C LYS B 812 -19.52 5.43 56.91
N ARG B 813 -18.91 4.31 56.57
CA ARG B 813 -19.58 3.31 55.76
C ARG B 813 -20.41 2.40 56.64
N SER B 814 -21.31 1.66 56.02
CA SER B 814 -22.03 0.63 56.75
C SER B 814 -21.21 -0.64 56.78
N PRO B 815 -21.57 -1.53 57.69
CA PRO B 815 -20.89 -2.82 57.84
C PRO B 815 -20.89 -3.62 56.55
N ILE B 816 -21.96 -3.52 55.77
CA ILE B 816 -22.04 -4.26 54.52
C ILE B 816 -21.26 -3.57 53.42
N GLU B 817 -21.27 -2.24 53.40
CA GLU B 817 -20.45 -1.50 52.46
C GLU B 817 -18.97 -1.73 52.67
N ASP B 818 -18.52 -1.96 53.90
CA ASP B 818 -17.14 -2.30 54.14
C ASP B 818 -16.73 -3.60 53.50
N LEU B 819 -17.62 -4.60 53.51
CA LEU B 819 -17.34 -5.82 52.76
C LEU B 819 -17.34 -5.57 51.27
N LEU B 820 -18.23 -4.73 50.76
CA LEU B 820 -18.35 -4.58 49.32
C LEU B 820 -17.10 -3.96 48.70
N PHE B 821 -16.40 -3.08 49.40
CA PHE B 821 -15.17 -2.52 48.86
C PHE B 821 -13.95 -3.36 49.16
N ASN B 822 -14.09 -4.49 49.83
CA ASN B 822 -12.98 -5.37 50.15
C ASN B 822 -12.89 -6.56 49.22
N LYS B 823 -13.74 -6.63 48.20
CA LYS B 823 -13.72 -7.72 47.26
C LYS B 823 -13.24 -7.32 45.88
N VAL B 824 -13.22 -6.04 45.57
CA VAL B 824 -12.77 -5.59 44.26
C VAL B 824 -11.51 -4.76 44.37
N LYS B 852 1.35 7.13 33.52
CA LYS B 852 2.18 6.25 32.72
C LYS B 852 3.25 7.06 32.03
N PHE B 853 4.48 6.61 32.16
CA PHE B 853 5.60 7.30 31.57
C PHE B 853 5.50 7.39 30.07
N ASN B 854 4.30 7.23 29.52
CA ASN B 854 4.18 7.33 28.07
C ASN B 854 2.80 7.56 27.50
N GLY B 855 2.11 8.59 27.98
CA GLY B 855 0.81 8.93 27.44
C GLY B 855 -0.45 8.52 28.15
N LEU B 856 -0.44 7.40 28.85
CA LEU B 856 -1.67 6.95 29.49
C LEU B 856 -1.84 7.27 30.98
N THR B 857 -2.59 8.33 31.24
CA THR B 857 -2.94 8.82 32.57
C THR B 857 -4.38 8.49 32.92
N VAL B 858 -4.64 8.36 34.21
CA VAL B 858 -5.96 8.04 34.75
C VAL B 858 -6.46 9.26 35.52
N LEU B 859 -7.60 9.76 35.16
CA LEU B 859 -8.15 10.94 35.82
C LEU B 859 -9.01 10.54 37.01
N PRO B 860 -9.06 11.35 38.06
CA PRO B 860 -9.87 11.01 39.22
C PRO B 860 -11.34 11.30 38.98
N PRO B 861 -12.24 10.58 39.67
CA PRO B 861 -13.66 10.91 39.58
C PRO B 861 -13.99 12.26 40.21
N LEU B 862 -15.08 12.87 39.74
CA LEU B 862 -15.54 14.12 40.31
C LEU B 862 -16.06 13.94 41.72
N LEU B 863 -16.85 12.90 41.95
CA LEU B 863 -17.41 12.61 43.26
C LEU B 863 -16.53 11.60 43.97
N THR B 864 -16.12 11.94 45.19
CA THR B 864 -15.39 11.01 46.03
C THR B 864 -16.34 9.93 46.53
N ASP B 865 -15.78 8.87 47.11
CA ASP B 865 -16.69 7.85 47.60
C ASP B 865 -17.31 8.21 48.95
N GLU B 866 -16.77 9.20 49.65
CA GLU B 866 -17.47 9.74 50.80
C GLU B 866 -18.76 10.43 50.40
N MET B 867 -18.72 11.24 49.36
CA MET B 867 -19.90 11.92 48.86
C MET B 867 -20.97 10.97 48.39
N ILE B 868 -20.59 9.87 47.74
CA ILE B 868 -21.56 8.87 47.34
C ILE B 868 -22.19 8.22 48.57
N ALA B 869 -21.38 7.95 49.60
CA ALA B 869 -21.95 7.41 50.82
C ALA B 869 -22.99 8.32 51.44
N GLN B 870 -22.81 9.62 51.29
CA GLN B 870 -23.77 10.58 51.81
C GLN B 870 -25.08 10.59 51.02
N TYR B 871 -25.03 10.37 49.71
CA TYR B 871 -26.26 10.16 48.96
C TYR B 871 -26.98 8.88 49.40
N THR B 872 -26.24 7.80 49.63
CA THR B 872 -26.88 6.57 50.05
C THR B 872 -27.50 6.68 51.43
N SER B 873 -26.82 7.30 52.38
CA SER B 873 -27.42 7.46 53.69
C SER B 873 -28.63 8.36 53.70
N ALA B 874 -28.70 9.33 52.80
CA ALA B 874 -29.88 10.17 52.66
C ALA B 874 -31.06 9.40 52.11
N LEU B 875 -30.83 8.53 51.14
CA LEU B 875 -31.91 7.69 50.65
C LEU B 875 -32.39 6.72 51.71
N LEU B 876 -31.49 6.17 52.51
CA LEU B 876 -31.89 5.28 53.59
C LEU B 876 -32.68 6.00 54.69
N ALA B 877 -32.22 7.16 55.12
CA ALA B 877 -32.92 7.94 56.12
C ALA B 877 -34.25 8.48 55.64
N GLY B 878 -34.39 8.85 54.38
CA GLY B 878 -35.67 9.28 53.87
C GLY B 878 -36.68 8.16 53.87
N THR B 879 -36.30 7.00 53.34
CA THR B 879 -37.19 5.87 53.20
C THR B 879 -37.66 5.31 54.53
N ILE B 880 -36.78 5.17 55.51
CA ILE B 880 -37.15 4.50 56.75
C ILE B 880 -38.07 5.37 57.58
N THR B 881 -38.04 6.67 57.37
CA THR B 881 -38.85 7.59 58.14
C THR B 881 -40.07 8.11 57.41
N SER B 882 -40.02 8.22 56.08
CA SER B 882 -41.15 8.74 55.35
C SER B 882 -41.56 7.90 54.16
N GLY B 883 -41.00 6.71 54.00
CA GLY B 883 -41.43 5.85 52.93
C GLY B 883 -41.10 6.39 51.56
N TRP B 884 -42.12 6.60 50.74
CA TRP B 884 -41.92 7.11 49.39
C TRP B 884 -42.44 8.51 49.19
N THR B 885 -42.83 9.20 50.25
CA THR B 885 -43.45 10.50 50.08
C THR B 885 -42.44 11.58 49.74
N PHE B 886 -41.19 11.45 50.20
CA PHE B 886 -40.21 12.49 49.97
C PHE B 886 -39.76 12.55 48.51
N GLY B 887 -40.00 11.51 47.72
CA GLY B 887 -39.66 11.55 46.32
C GLY B 887 -40.66 12.26 45.45
N ALA B 888 -41.82 12.62 46.00
CA ALA B 888 -42.85 13.31 45.24
C ALA B 888 -43.15 14.70 45.78
N GLY B 889 -42.47 15.14 46.82
CA GLY B 889 -42.76 16.40 47.46
C GLY B 889 -42.05 16.51 48.78
N PRO B 890 -42.76 17.02 49.78
CA PRO B 890 -42.22 17.12 51.13
C PRO B 890 -42.19 15.74 51.77
N ALA B 891 -41.22 15.51 52.65
CA ALA B 891 -41.17 14.27 53.41
C ALA B 891 -42.23 14.29 54.49
N LEU B 892 -43.07 13.27 54.52
CA LEU B 892 -44.17 13.16 55.47
C LEU B 892 -43.88 11.99 56.39
N GLN B 893 -43.68 12.27 57.67
CA GLN B 893 -43.39 11.22 58.61
C GLN B 893 -44.62 10.35 58.87
N ILE B 894 -44.37 9.07 59.09
CA ILE B 894 -45.37 8.10 59.48
C ILE B 894 -44.62 7.02 60.23
N PRO B 895 -45.14 6.41 61.29
CA PRO B 895 -44.41 5.33 61.96
C PRO B 895 -44.09 4.18 61.01
N PHE B 896 -42.91 3.58 61.20
CA PHE B 896 -42.44 2.57 60.24
C PHE B 896 -43.33 1.34 60.19
N PRO B 897 -43.78 0.87 61.35
CA PRO B 897 -44.71 -0.27 61.41
C PRO B 897 -45.93 -0.03 60.52
N MET B 898 -46.40 1.21 60.46
CA MET B 898 -47.51 1.57 59.59
C MET B 898 -47.09 1.65 58.13
N GLN B 899 -45.83 1.98 57.88
CA GLN B 899 -45.31 1.96 56.53
C GLN B 899 -45.32 0.55 55.96
N MET B 900 -44.91 -0.43 56.76
CA MET B 900 -44.88 -1.82 56.35
C MET B 900 -46.28 -2.35 56.07
N ALA B 901 -47.25 -1.95 56.87
CA ALA B 901 -48.63 -2.36 56.67
C ALA B 901 -49.22 -1.85 55.37
N TYR B 902 -48.91 -0.61 54.98
CA TYR B 902 -49.35 -0.12 53.66
C TYR B 902 -48.72 -0.91 52.54
N ARG B 903 -47.46 -1.30 52.71
CA ARG B 903 -46.76 -2.06 51.68
C ARG B 903 -47.35 -3.44 51.49
N PHE B 904 -47.80 -4.10 52.56
CA PHE B 904 -48.54 -5.35 52.37
C PHE B 904 -49.86 -5.12 51.67
N ASN B 905 -50.55 -4.03 51.99
CA ASN B 905 -51.78 -3.70 51.31
C ASN B 905 -51.60 -3.50 49.82
N GLY B 906 -50.46 -2.94 49.40
CA GLY B 906 -50.21 -2.71 48.00
C GLY B 906 -50.08 -3.99 47.21
N ILE B 907 -49.77 -5.10 47.87
CA ILE B 907 -49.65 -6.38 47.19
C ILE B 907 -50.87 -7.25 47.41
N GLY B 908 -51.96 -6.72 47.95
CA GLY B 908 -53.17 -7.47 48.11
C GLY B 908 -53.29 -8.27 49.38
N VAL B 909 -52.56 -7.92 50.42
CA VAL B 909 -52.67 -8.57 51.70
C VAL B 909 -53.33 -7.60 52.66
N THR B 910 -54.25 -8.09 53.45
CA THR B 910 -55.01 -7.24 54.34
C THR B 910 -54.12 -6.78 55.49
N GLN B 911 -54.28 -5.54 55.90
CA GLN B 911 -53.27 -4.93 56.75
C GLN B 911 -53.22 -5.47 58.17
N ASN B 912 -54.21 -6.22 58.63
CA ASN B 912 -54.11 -6.78 59.96
C ASN B 912 -53.07 -7.88 60.06
N VAL B 913 -52.61 -8.43 58.94
CA VAL B 913 -51.61 -9.48 58.98
C VAL B 913 -50.33 -8.98 59.60
N LEU B 914 -49.98 -7.71 59.37
CA LEU B 914 -48.82 -7.15 60.03
C LEU B 914 -49.12 -6.76 61.48
N TYR B 915 -50.23 -6.06 61.70
CA TYR B 915 -50.44 -5.46 63.01
C TYR B 915 -50.58 -6.51 64.09
N GLU B 916 -51.11 -7.68 63.76
CA GLU B 916 -51.25 -8.76 64.73
C GLU B 916 -50.00 -9.63 64.82
N ASN B 917 -49.05 -9.46 63.90
CA ASN B 917 -47.86 -10.29 63.84
C ASN B 917 -46.60 -9.45 63.73
N GLN B 918 -46.66 -8.20 64.16
CA GLN B 918 -45.54 -7.26 64.05
C GLN B 918 -44.22 -7.83 64.57
N LYS B 919 -44.23 -8.47 65.73
CA LYS B 919 -42.99 -9.00 66.29
C LYS B 919 -42.42 -10.13 65.44
N LEU B 920 -43.27 -10.99 64.91
CA LEU B 920 -42.80 -12.11 64.11
C LEU B 920 -42.12 -11.61 62.84
N ILE B 921 -42.72 -10.64 62.16
CA ILE B 921 -42.18 -10.17 60.90
C ILE B 921 -40.86 -9.43 61.11
N ALA B 922 -40.79 -8.61 62.17
CA ALA B 922 -39.57 -7.89 62.49
C ALA B 922 -38.43 -8.83 62.89
N ASN B 923 -38.68 -9.84 63.70
CA ASN B 923 -37.66 -10.82 64.04
C ASN B 923 -37.22 -11.67 62.85
N GLN B 924 -38.16 -12.14 62.03
CA GLN B 924 -37.78 -12.88 60.85
C GLN B 924 -37.02 -12.02 59.85
N PHE B 925 -37.42 -10.78 59.65
CA PHE B 925 -36.64 -9.90 58.79
C PHE B 925 -35.21 -9.77 59.28
N ASN B 926 -35.03 -9.51 60.58
CA ASN B 926 -33.70 -9.24 61.12
C ASN B 926 -32.74 -10.39 60.87
N SER B 927 -33.19 -11.63 61.00
CA SER B 927 -32.35 -12.75 60.62
C SER B 927 -32.14 -12.86 59.13
N ALA B 928 -33.19 -12.60 58.33
CA ALA B 928 -33.03 -12.72 56.88
C ALA B 928 -32.03 -11.74 56.32
N ILE B 929 -31.99 -10.52 56.83
CA ILE B 929 -30.99 -9.56 56.38
C ILE B 929 -29.62 -9.94 56.92
N GLY B 930 -29.57 -10.45 58.15
CA GLY B 930 -28.30 -10.91 58.69
C GLY B 930 -27.63 -11.97 57.87
N LYS B 931 -28.39 -12.83 57.18
CA LYS B 931 -27.76 -13.84 56.35
C LYS B 931 -27.03 -13.27 55.15
N ILE B 932 -27.26 -12.00 54.79
CA ILE B 932 -26.64 -11.45 53.59
C ILE B 932 -25.13 -11.39 53.76
N GLN B 933 -24.64 -10.98 54.92
CA GLN B 933 -23.19 -10.94 55.11
C GLN B 933 -22.55 -12.31 54.94
N ASP B 934 -23.19 -13.36 55.44
CA ASP B 934 -22.62 -14.71 55.30
C ASP B 934 -22.43 -15.08 53.84
N SER B 935 -23.36 -14.69 52.98
CA SER B 935 -23.21 -15.00 51.56
C SER B 935 -22.09 -14.21 50.90
N LEU B 936 -21.58 -13.17 51.56
CA LEU B 936 -20.52 -12.35 50.98
C LEU B 936 -19.16 -12.67 51.59
N SER B 937 -19.08 -12.69 52.92
CA SER B 937 -17.83 -12.99 53.61
C SER B 937 -17.59 -14.49 53.72
N ALA B 942 -20.38 -13.24 43.01
CA ALA B 942 -21.00 -12.11 43.68
C ALA B 942 -20.69 -10.81 42.93
N LEU B 943 -19.55 -10.21 43.27
CA LEU B 943 -19.14 -8.92 42.70
C LEU B 943 -18.27 -9.09 41.47
N GLY B 944 -18.43 -10.19 40.75
CA GLY B 944 -17.69 -10.39 39.52
C GLY B 944 -18.02 -9.40 38.42
N LYS B 945 -19.24 -8.86 38.42
CA LYS B 945 -19.58 -7.84 37.43
C LYS B 945 -18.81 -6.55 37.65
N LEU B 946 -18.41 -6.27 38.88
CA LEU B 946 -17.63 -5.09 39.16
C LEU B 946 -16.15 -5.31 38.89
N GLN B 947 -15.65 -6.51 39.15
CA GLN B 947 -14.26 -6.81 38.84
C GLN B 947 -14.02 -6.88 37.35
N ASP B 948 -14.98 -7.39 36.57
CA ASP B 948 -14.86 -7.40 35.11
C ASP B 948 -14.67 -6.02 34.51
N VAL B 949 -15.32 -4.99 35.05
CA VAL B 949 -15.10 -3.66 34.52
C VAL B 949 -13.66 -3.21 34.71
N VAL B 950 -13.11 -3.46 35.90
CA VAL B 950 -11.72 -3.17 36.20
C VAL B 950 -10.79 -3.96 35.30
N ASN B 951 -11.08 -5.23 35.10
CA ASN B 951 -10.22 -6.08 34.29
C ASN B 951 -10.18 -5.64 32.84
N HIS B 952 -11.34 -5.30 32.27
CA HIS B 952 -11.39 -4.92 30.87
C HIS B 952 -10.58 -3.66 30.60
N ASN B 953 -10.63 -2.68 31.48
CA ASN B 953 -9.81 -1.52 31.24
C ASN B 953 -8.33 -1.80 31.51
N ALA B 954 -8.02 -2.58 32.54
CA ALA B 954 -6.62 -2.90 32.79
C ALA B 954 -6.00 -3.65 31.63
N GLN B 955 -6.76 -4.55 31.02
CA GLN B 955 -6.26 -5.29 29.87
C GLN B 955 -6.06 -4.40 28.66
N ALA B 956 -6.93 -3.41 28.42
CA ALA B 956 -6.70 -2.53 27.30
C ALA B 956 -5.50 -1.62 27.51
N LEU B 957 -5.22 -1.24 28.74
CA LEU B 957 -4.06 -0.41 29.02
C LEU B 957 -2.75 -1.20 29.00
N ASN B 958 -2.78 -2.45 29.42
CA ASN B 958 -1.60 -3.30 29.33
C ASN B 958 -1.27 -3.68 27.89
N THR B 959 -2.27 -3.94 27.06
CA THR B 959 -2.08 -4.18 25.64
C THR B 959 -1.61 -2.94 24.88
N LEU B 960 -2.19 -1.78 25.17
CA LEU B 960 -1.78 -0.56 24.49
C LEU B 960 -0.31 -0.25 24.70
N VAL B 961 0.20 -0.47 25.90
CA VAL B 961 1.61 -0.25 26.16
C VAL B 961 2.46 -1.33 25.49
N LYS B 962 2.06 -2.59 25.55
CA LYS B 962 2.86 -3.63 24.95
C LYS B 962 3.00 -3.49 23.45
N GLN B 963 2.02 -2.90 22.78
CA GLN B 963 2.09 -2.71 21.34
C GLN B 963 3.16 -1.72 20.91
N LEU B 964 3.87 -1.10 21.83
CA LEU B 964 4.99 -0.25 21.43
C LEU B 964 6.25 -1.04 21.14
N SER B 965 6.34 -2.28 21.60
CA SER B 965 7.48 -3.10 21.28
C SER B 965 7.21 -4.00 20.08
N SER B 966 6.88 -3.40 18.94
CA SER B 966 6.60 -4.13 17.71
C SER B 966 7.27 -3.39 16.58
N LYS B 967 7.90 -4.11 15.65
CA LYS B 967 8.59 -3.48 14.52
C LYS B 967 7.74 -3.24 13.28
N PHE B 968 6.61 -3.92 13.18
CA PHE B 968 5.69 -3.74 12.07
C PHE B 968 6.38 -3.84 10.74
N GLY B 969 7.49 -4.57 10.68
CA GLY B 969 8.20 -4.74 9.43
C GLY B 969 9.22 -3.67 9.14
N ALA B 970 9.53 -2.90 10.19
CA ALA B 970 10.47 -1.78 10.17
C ALA B 970 11.82 -2.23 10.67
N ILE B 971 12.71 -1.28 10.90
CA ILE B 971 14.08 -1.62 11.32
C ILE B 971 14.27 -1.87 12.82
N SER B 972 13.53 -1.14 13.64
CA SER B 972 13.58 -1.28 15.09
C SER B 972 12.44 -0.47 15.65
N SER B 973 12.18 -0.56 16.94
CA SER B 973 11.04 0.13 17.50
C SER B 973 11.31 1.26 18.45
N VAL B 974 12.55 1.70 18.57
CA VAL B 974 12.84 2.80 19.45
C VAL B 974 13.06 4.00 18.56
N LEU B 975 12.11 4.89 18.51
CA LEU B 975 12.21 6.07 17.66
C LEU B 975 13.57 6.75 17.71
N ASN B 976 14.42 6.34 18.63
CA ASN B 976 15.74 6.93 18.73
C ASN B 976 16.70 6.14 17.87
N ASP B 977 16.72 4.84 18.04
CA ASP B 977 17.61 4.02 17.27
C ASP B 977 17.43 4.47 15.84
N ILE B 978 16.28 4.15 15.29
CA ILE B 978 15.95 4.53 13.92
C ILE B 978 16.37 5.93 13.56
N LEU B 979 16.73 6.76 14.53
CA LEU B 979 17.14 8.12 14.22
C LEU B 979 18.64 8.25 14.25
N SER B 980 19.22 8.11 15.42
CA SER B 980 20.67 8.18 15.56
C SER B 980 21.25 6.98 14.84
N ARG B 981 20.94 6.85 13.56
CA ARG B 981 21.44 5.73 12.80
C ARG B 981 21.06 5.80 11.34
N LEU B 982 20.40 6.87 10.93
CA LEU B 982 20.00 7.01 9.53
C LEU B 982 19.82 8.47 9.13
N ASP B 983 19.74 8.72 7.84
CA ASP B 983 19.60 10.07 7.32
C ASP B 983 18.18 10.63 7.27
N PRO B 984 18.09 11.95 7.38
CA PRO B 984 16.80 12.64 7.32
C PRO B 984 15.87 12.14 6.21
N PRO B 985 16.38 11.56 5.14
CA PRO B 985 15.53 11.09 4.04
C PRO B 985 15.44 9.58 3.98
N GLU B 986 16.13 8.92 4.89
CA GLU B 986 16.13 7.47 4.94
C GLU B 986 15.50 6.97 6.22
N ALA B 987 15.44 7.84 7.22
CA ALA B 987 14.86 7.49 8.48
C ALA B 987 13.43 7.96 8.46
N GLU B 988 13.02 8.54 7.35
CA GLU B 988 11.64 8.98 7.22
C GLU B 988 10.69 7.87 6.85
N VAL B 989 11.11 6.96 5.97
CA VAL B 989 10.25 5.83 5.62
C VAL B 989 10.08 4.88 6.80
N GLN B 990 11.16 4.57 7.52
CA GLN B 990 11.06 3.62 8.61
C GLN B 990 10.25 4.16 9.77
N ILE B 991 10.40 5.46 10.06
CA ILE B 991 9.62 6.05 11.12
C ILE B 991 8.16 6.20 10.69
N ASP B 992 7.91 6.51 9.42
CA ASP B 992 6.52 6.56 9.00
C ASP B 992 5.80 5.22 9.13
N ARG B 993 6.47 4.10 8.95
CA ARG B 993 5.85 2.80 9.18
C ARG B 993 5.47 2.58 10.62
N LEU B 994 6.38 2.91 11.53
CA LEU B 994 6.08 2.78 12.96
C LEU B 994 4.96 3.71 13.39
N ILE B 995 4.93 4.93 12.87
CA ILE B 995 3.87 5.87 13.20
C ILE B 995 2.52 5.32 12.76
N THR B 996 2.44 4.81 11.54
CA THR B 996 1.19 4.23 11.09
C THR B 996 0.75 3.08 11.97
N GLY B 997 1.68 2.19 12.32
CA GLY B 997 1.31 1.08 13.18
C GLY B 997 0.79 1.50 14.54
N ARG B 998 1.50 2.40 15.21
CA ARG B 998 1.07 2.86 16.52
C ARG B 998 -0.15 3.78 16.45
N LEU B 999 -0.33 4.50 15.37
CA LEU B 999 -1.57 5.24 15.19
C LEU B 999 -2.77 4.32 15.01
N GLN B 1000 -2.60 3.19 14.32
CA GLN B 1000 -3.64 2.19 14.29
C GLN B 1000 -3.96 1.62 15.67
N SER B 1001 -2.95 1.49 16.53
CA SER B 1001 -3.20 1.05 17.90
C SER B 1001 -4.13 1.97 18.66
N LEU B 1002 -3.92 3.28 18.54
CA LEU B 1002 -4.78 4.24 19.17
C LEU B 1002 -6.20 4.21 18.61
N GLN B 1003 -6.35 4.04 17.31
CA GLN B 1003 -7.70 3.94 16.77
C GLN B 1003 -8.44 2.72 17.29
N THR B 1004 -7.76 1.59 17.41
CA THR B 1004 -8.38 0.42 17.99
C THR B 1004 -8.79 0.67 19.43
N TYR B 1005 -7.89 1.26 20.22
CA TYR B 1005 -8.18 1.53 21.62
C TYR B 1005 -9.41 2.43 21.78
N VAL B 1006 -9.44 3.55 21.08
CA VAL B 1006 -10.53 4.50 21.29
C VAL B 1006 -11.86 3.93 20.79
N THR B 1007 -11.85 3.20 19.68
CA THR B 1007 -13.11 2.62 19.20
C THR B 1007 -13.69 1.65 20.21
N GLN B 1008 -12.86 0.82 20.83
CA GLN B 1008 -13.40 -0.08 21.83
C GLN B 1008 -13.88 0.64 23.08
N GLN B 1009 -13.25 1.73 23.48
CA GLN B 1009 -13.74 2.44 24.66
C GLN B 1009 -15.12 3.04 24.43
N LEU B 1010 -15.39 3.53 23.23
CA LEU B 1010 -16.72 4.03 22.90
C LEU B 1010 -17.75 2.93 22.88
N ILE B 1011 -17.42 1.76 22.35
CA ILE B 1011 -18.39 0.67 22.33
C ILE B 1011 -18.64 0.14 23.74
N ARG B 1012 -17.60 0.03 24.55
CA ARG B 1012 -17.76 -0.40 25.93
C ARG B 1012 -18.39 0.64 26.83
N ALA B 1013 -18.20 1.93 26.55
CA ALA B 1013 -18.85 2.95 27.36
C ALA B 1013 -20.35 2.99 27.15
N ALA B 1014 -20.82 2.61 25.97
CA ALA B 1014 -22.25 2.50 25.72
C ALA B 1014 -22.90 1.40 26.55
N GLU B 1015 -22.17 0.35 26.88
CA GLU B 1015 -22.69 -0.75 27.66
C GLU B 1015 -22.79 -0.42 29.14
N ILE B 1016 -21.83 0.32 29.68
CA ILE B 1016 -21.88 0.76 31.06
C ILE B 1016 -22.88 1.88 31.22
N ARG B 1017 -23.08 2.67 30.18
CA ARG B 1017 -24.12 3.67 30.17
C ARG B 1017 -25.51 3.05 30.21
N ALA B 1018 -25.73 1.98 29.45
CA ALA B 1018 -26.99 1.27 29.50
C ALA B 1018 -27.23 0.66 30.86
N SER B 1019 -26.18 0.23 31.54
CA SER B 1019 -26.26 -0.30 32.89
C SER B 1019 -26.54 0.79 33.92
N ALA B 1020 -25.91 1.95 33.78
CA ALA B 1020 -26.22 3.08 34.64
C ALA B 1020 -27.65 3.56 34.46
N ASN B 1021 -28.21 3.46 33.26
CA ASN B 1021 -29.61 3.81 33.04
C ASN B 1021 -30.56 2.84 33.74
N LEU B 1022 -30.25 1.55 33.71
CA LEU B 1022 -31.00 0.55 34.44
C LEU B 1022 -30.92 0.74 35.95
N ALA B 1023 -29.71 1.00 36.46
CA ALA B 1023 -29.54 1.29 37.88
C ALA B 1023 -30.26 2.56 38.31
N ALA B 1024 -30.22 3.63 37.53
CA ALA B 1024 -31.00 4.82 37.86
C ALA B 1024 -32.51 4.59 37.85
N THR B 1025 -33.00 3.80 36.91
CA THR B 1025 -34.40 3.44 36.83
C THR B 1025 -34.83 2.60 38.02
N LYS B 1026 -34.05 1.61 38.40
CA LYS B 1026 -34.35 0.88 39.62
C LYS B 1026 -34.26 1.74 40.87
N MET B 1027 -33.32 2.68 40.93
CA MET B 1027 -33.26 3.56 42.08
C MET B 1027 -34.55 4.32 42.26
N SER B 1028 -35.17 4.75 41.17
CA SER B 1028 -36.44 5.45 41.26
C SER B 1028 -37.58 4.51 41.60
N GLU B 1029 -37.64 3.38 40.93
CA GLU B 1029 -38.80 2.54 40.99
C GLU B 1029 -38.77 1.45 42.05
N CYS B 1030 -37.60 1.14 42.59
CA CYS B 1030 -37.50 0.11 43.61
C CYS B 1030 -37.25 0.68 45.00
N VAL B 1031 -36.63 1.85 45.04
CA VAL B 1031 -36.20 2.44 46.29
C VAL B 1031 -37.10 3.60 46.68
N LEU B 1032 -37.46 4.44 45.73
CA LEU B 1032 -38.35 5.57 45.98
C LEU B 1032 -39.82 5.23 45.81
N GLY B 1033 -40.15 3.97 45.59
CA GLY B 1033 -41.54 3.59 45.51
C GLY B 1033 -41.69 2.10 45.56
N GLN B 1034 -42.93 1.65 45.37
CA GLN B 1034 -43.27 0.24 45.31
C GLN B 1034 -43.68 -0.13 43.88
N SER B 1035 -43.04 -1.15 43.34
CA SER B 1035 -43.25 -1.54 41.96
C SER B 1035 -44.13 -2.79 41.87
N LYS B 1036 -44.94 -2.84 40.83
CA LYS B 1036 -45.68 -4.03 40.47
C LYS B 1036 -45.06 -4.79 39.32
N ARG B 1037 -43.93 -4.32 38.79
CA ARG B 1037 -43.24 -4.97 37.67
C ARG B 1037 -42.62 -6.28 38.14
N VAL B 1038 -42.93 -7.37 37.43
CA VAL B 1038 -42.52 -8.71 37.85
C VAL B 1038 -41.02 -8.89 37.66
N ASP B 1039 -40.36 -9.34 38.71
CA ASP B 1039 -38.91 -9.58 38.70
C ASP B 1039 -38.02 -8.37 38.48
N PHE B 1040 -38.58 -7.17 38.60
CA PHE B 1040 -37.80 -5.97 38.37
C PHE B 1040 -37.11 -5.55 39.67
N CYS B 1041 -37.73 -5.90 40.79
CA CYS B 1041 -37.21 -5.55 42.09
C CYS B 1041 -37.05 -6.78 42.98
N GLY B 1042 -36.42 -7.83 42.45
CA GLY B 1042 -36.24 -9.07 43.19
C GLY B 1042 -37.26 -10.16 42.91
N LYS B 1043 -37.09 -11.30 43.58
CA LYS B 1043 -37.96 -12.46 43.37
C LYS B 1043 -39.00 -12.53 44.50
N GLY B 1044 -40.28 -12.53 44.14
CA GLY B 1044 -41.35 -12.50 45.09
C GLY B 1044 -42.12 -11.23 44.92
N TYR B 1045 -42.97 -10.93 45.89
CA TYR B 1045 -43.77 -9.73 45.85
C TYR B 1045 -43.03 -8.58 46.50
N HIS B 1046 -42.76 -7.54 45.73
CA HIS B 1046 -41.92 -6.45 46.18
C HIS B 1046 -42.55 -5.74 47.37
N LEU B 1047 -41.79 -5.63 48.46
CA LEU B 1047 -42.17 -4.75 49.55
C LEU B 1047 -41.32 -3.48 49.57
N MET B 1048 -39.99 -3.62 49.60
CA MET B 1048 -39.15 -2.43 49.74
C MET B 1048 -37.73 -2.81 49.34
N SER B 1049 -36.89 -1.80 49.12
CA SER B 1049 -35.48 -2.03 48.79
C SER B 1049 -34.62 -0.98 49.46
N PHE B 1050 -33.38 -1.36 49.79
CA PHE B 1050 -32.38 -0.49 50.41
C PHE B 1050 -31.11 -0.46 49.57
N PRO B 1051 -30.62 0.71 49.17
CA PRO B 1051 -29.36 0.78 48.42
C PRO B 1051 -28.12 0.69 49.29
N GLN B 1052 -27.06 0.17 48.69
CA GLN B 1052 -25.73 0.18 49.29
C GLN B 1052 -24.75 0.59 48.21
N SER B 1053 -23.69 1.29 48.60
CA SER B 1053 -22.69 1.72 47.64
C SER B 1053 -21.63 0.65 47.46
N ALA B 1054 -21.20 0.44 46.22
CA ALA B 1054 -20.15 -0.50 45.92
C ALA B 1054 -19.14 0.26 45.05
N PRO B 1055 -17.89 -0.18 44.93
CA PRO B 1055 -16.95 0.54 44.07
C PRO B 1055 -17.31 0.40 42.60
N HIS B 1056 -17.59 1.55 41.96
CA HIS B 1056 -18.05 1.65 40.57
C HIS B 1056 -19.41 1.01 40.34
N GLY B 1057 -20.22 0.87 41.38
CA GLY B 1057 -21.49 0.21 41.17
C GLY B 1057 -22.46 0.44 42.30
N VAL B 1058 -23.59 -0.24 42.21
CA VAL B 1058 -24.62 -0.13 43.23
C VAL B 1058 -25.13 -1.53 43.54
N VAL B 1059 -25.48 -1.75 44.79
CA VAL B 1059 -26.04 -2.99 45.29
C VAL B 1059 -27.42 -2.67 45.83
N PHE B 1060 -28.40 -3.48 45.46
CA PHE B 1060 -29.78 -3.33 45.90
C PHE B 1060 -30.09 -4.48 46.82
N LEU B 1061 -30.61 -4.18 47.99
CA LEU B 1061 -31.13 -5.18 48.91
C LEU B 1061 -32.63 -5.23 48.75
N HIS B 1062 -33.13 -6.28 48.10
CA HIS B 1062 -34.54 -6.41 47.75
C HIS B 1062 -35.26 -7.20 48.82
N VAL B 1063 -36.30 -6.59 49.39
CA VAL B 1063 -37.17 -7.20 50.38
C VAL B 1063 -38.48 -7.59 49.71
N THR B 1064 -38.81 -8.88 49.78
CA THR B 1064 -39.94 -9.46 49.08
C THR B 1064 -40.81 -10.26 50.02
N TYR B 1065 -42.05 -10.46 49.59
CA TYR B 1065 -43.08 -11.24 50.27
C TYR B 1065 -43.23 -12.56 49.56
N VAL B 1066 -43.03 -13.68 50.26
CA VAL B 1066 -43.12 -14.99 49.65
C VAL B 1066 -44.15 -15.83 50.42
N PRO B 1067 -45.21 -16.31 49.80
CA PRO B 1067 -46.16 -17.17 50.53
C PRO B 1067 -45.59 -18.54 50.81
N ALA B 1068 -46.12 -19.20 51.84
CA ALA B 1068 -45.62 -20.51 52.23
C ALA B 1068 -46.74 -21.36 52.83
N GLN B 1069 -46.54 -22.68 52.77
CA GLN B 1069 -47.38 -23.67 53.42
C GLN B 1069 -48.84 -23.64 52.94
N GLU B 1070 -49.04 -24.03 51.70
CA GLU B 1070 -50.38 -24.01 51.14
C GLU B 1070 -51.18 -25.24 51.56
N LYS B 1071 -52.51 -25.05 51.62
CA LYS B 1071 -53.46 -26.14 51.73
C LYS B 1071 -54.43 -26.06 50.56
N ASN B 1072 -55.00 -27.21 50.21
CA ASN B 1072 -55.95 -27.26 49.12
C ASN B 1072 -57.37 -27.20 49.68
N PHE B 1073 -58.26 -26.60 48.91
CA PHE B 1073 -59.66 -26.44 49.25
C PHE B 1073 -60.48 -26.62 47.97
N THR B 1074 -61.76 -26.88 48.18
CA THR B 1074 -62.76 -26.90 47.12
C THR B 1074 -63.33 -25.49 47.01
N THR B 1075 -63.65 -25.07 45.80
CA THR B 1075 -64.07 -23.71 45.56
C THR B 1075 -65.26 -23.70 44.60
N ALA B 1076 -65.88 -22.53 44.46
CA ALA B 1076 -66.99 -22.33 43.56
C ALA B 1076 -67.04 -20.85 43.22
N PRO B 1077 -67.46 -20.49 42.03
CA PRO B 1077 -67.43 -19.09 41.63
C PRO B 1077 -68.45 -18.21 42.31
N ALA B 1078 -69.60 -18.76 42.70
CA ALA B 1078 -70.67 -17.96 43.25
C ALA B 1078 -71.49 -18.84 44.19
N ILE B 1079 -72.39 -18.21 44.94
CA ILE B 1079 -73.26 -18.95 45.86
C ILE B 1079 -74.70 -18.54 45.58
N CYS B 1080 -75.61 -19.51 45.60
CA CYS B 1080 -77.02 -19.22 45.39
C CYS B 1080 -77.73 -19.04 46.72
N HIS B 1081 -78.54 -18.00 46.81
CA HIS B 1081 -79.38 -17.76 47.98
C HIS B 1081 -80.60 -16.99 47.53
N ASP B 1082 -81.78 -17.46 47.91
CA ASP B 1082 -83.06 -16.91 47.46
C ASP B 1082 -83.20 -16.88 45.95
N GLY B 1083 -82.59 -17.82 45.24
CA GLY B 1083 -82.68 -17.83 43.81
C GLY B 1083 -81.83 -16.80 43.12
N LYS B 1084 -80.91 -16.17 43.84
CA LYS B 1084 -80.05 -15.15 43.27
C LYS B 1084 -78.60 -15.57 43.41
N ALA B 1085 -77.76 -15.12 42.49
CA ALA B 1085 -76.34 -15.43 42.50
C ALA B 1085 -75.59 -14.36 43.26
N HIS B 1086 -74.73 -14.79 44.17
CA HIS B 1086 -73.87 -13.90 44.96
C HIS B 1086 -72.42 -14.16 44.58
N PHE B 1087 -71.71 -13.14 44.37
CA PHE B 1087 -70.31 -13.11 43.99
C PHE B 1087 -69.50 -12.40 45.04
N PRO B 1088 -68.26 -12.79 45.28
CA PRO B 1088 -67.47 -12.10 46.28
C PRO B 1088 -67.05 -10.73 45.80
N ARG B 1089 -66.99 -9.78 46.73
CA ARG B 1089 -66.41 -8.48 46.45
C ARG B 1089 -64.91 -8.58 46.22
N GLU B 1090 -64.20 -9.14 47.17
CA GLU B 1090 -62.81 -9.55 47.00
C GLU B 1090 -62.65 -10.89 47.70
N GLY B 1091 -61.92 -11.80 47.09
CA GLY B 1091 -61.66 -13.07 47.71
C GLY B 1091 -62.22 -14.22 46.88
N VAL B 1092 -62.08 -15.41 47.43
CA VAL B 1092 -62.54 -16.64 46.82
C VAL B 1092 -63.36 -17.41 47.84
N PHE B 1093 -64.32 -18.18 47.36
CA PHE B 1093 -65.08 -19.10 48.19
C PHE B 1093 -64.27 -20.38 48.37
N VAL B 1094 -64.19 -20.88 49.60
CA VAL B 1094 -63.52 -22.12 49.90
C VAL B 1094 -64.43 -23.00 50.74
N SER B 1095 -64.14 -24.29 50.74
CA SER B 1095 -64.86 -25.25 51.57
C SER B 1095 -63.86 -26.07 52.35
N ASN B 1096 -64.09 -26.22 53.66
CA ASN B 1096 -63.19 -27.01 54.49
C ASN B 1096 -63.58 -28.47 54.55
N GLY B 1097 -64.63 -28.86 53.84
CA GLY B 1097 -65.12 -30.22 53.84
C GLY B 1097 -66.60 -30.27 54.17
N THR B 1098 -67.03 -29.39 55.07
CA THR B 1098 -68.42 -29.36 55.49
C THR B 1098 -69.07 -27.98 55.42
N HIS B 1099 -68.31 -26.90 55.53
CA HIS B 1099 -68.84 -25.55 55.49
C HIS B 1099 -68.04 -24.71 54.52
N TRP B 1100 -68.70 -23.69 53.96
CA TRP B 1100 -68.09 -22.79 53.00
C TRP B 1100 -67.83 -21.42 53.63
N PHE B 1101 -66.70 -20.81 53.28
CA PHE B 1101 -66.28 -19.52 53.81
C PHE B 1101 -65.77 -18.64 52.67
N VAL B 1102 -65.62 -17.35 52.95
CA VAL B 1102 -64.94 -16.41 52.06
C VAL B 1102 -63.56 -16.16 52.63
N THR B 1103 -62.55 -16.19 51.77
CA THR B 1103 -61.21 -15.86 52.20
C THR B 1103 -60.62 -14.82 51.26
N GLN B 1104 -59.64 -14.07 51.76
CA GLN B 1104 -58.83 -13.24 50.90
C GLN B 1104 -57.84 -14.12 50.14
N ARG B 1105 -57.41 -13.65 48.98
CA ARG B 1105 -56.67 -14.52 48.08
C ARG B 1105 -55.22 -14.75 48.47
N ASN B 1106 -54.63 -13.94 49.34
CA ASN B 1106 -53.21 -14.02 49.59
C ASN B 1106 -52.85 -14.57 50.96
N PHE B 1107 -53.82 -14.76 51.84
CA PHE B 1107 -53.58 -15.26 53.17
C PHE B 1107 -54.86 -15.96 53.61
N TYR B 1108 -54.75 -17.16 54.16
CA TYR B 1108 -55.93 -17.89 54.58
C TYR B 1108 -56.52 -17.29 55.86
N GLU B 1109 -57.71 -16.70 55.73
CA GLU B 1109 -58.37 -16.03 56.84
C GLU B 1109 -59.86 -16.03 56.58
N PRO B 1110 -60.56 -17.08 56.97
CA PRO B 1110 -61.98 -17.24 56.62
C PRO B 1110 -62.93 -16.42 57.45
N GLN B 1111 -63.97 -15.91 56.77
CA GLN B 1111 -65.06 -15.20 57.43
C GLN B 1111 -66.39 -15.75 56.93
N ILE B 1112 -67.45 -15.49 57.67
CA ILE B 1112 -68.75 -16.01 57.24
C ILE B 1112 -69.29 -15.18 56.09
N ILE B 1113 -69.96 -15.85 55.16
CA ILE B 1113 -70.50 -15.21 53.97
C ILE B 1113 -71.79 -14.49 54.31
N THR B 1114 -71.77 -13.17 54.20
CA THR B 1114 -72.87 -12.31 54.58
C THR B 1114 -73.24 -11.44 53.41
N THR B 1115 -74.26 -10.60 53.60
CA THR B 1115 -74.70 -9.66 52.59
C THR B 1115 -73.83 -8.41 52.53
N ASP B 1116 -72.88 -8.26 53.44
CA ASP B 1116 -72.00 -7.11 53.44
C ASP B 1116 -70.66 -7.47 52.81
N ASN B 1117 -70.41 -8.75 52.65
CA ASN B 1117 -69.22 -9.30 52.07
C ASN B 1117 -69.34 -9.56 50.59
N THR B 1118 -70.55 -9.58 50.05
CA THR B 1118 -70.81 -10.05 48.71
C THR B 1118 -71.64 -9.01 48.00
N PHE B 1119 -71.82 -9.21 46.70
CA PHE B 1119 -72.77 -8.42 45.94
C PHE B 1119 -73.55 -9.35 45.03
N VAL B 1120 -74.70 -8.88 44.57
CA VAL B 1120 -75.63 -9.68 43.79
C VAL B 1120 -75.55 -9.23 42.34
N SER B 1121 -75.55 -10.20 41.44
CA SER B 1121 -75.62 -9.90 40.02
C SER B 1121 -76.11 -11.11 39.27
N GLY B 1122 -77.26 -11.00 38.62
CA GLY B 1122 -77.80 -12.08 37.82
C GLY B 1122 -78.43 -13.19 38.64
N ASN B 1123 -78.90 -14.20 37.94
CA ASN B 1123 -79.62 -15.31 38.52
C ASN B 1123 -78.76 -16.56 38.44
N CYS B 1124 -79.12 -17.58 39.21
CA CYS B 1124 -78.37 -18.84 39.17
C CYS B 1124 -78.81 -19.73 38.02
N ASP B 1125 -78.61 -19.25 36.79
CA ASP B 1125 -78.90 -20.04 35.60
C ASP B 1125 -77.81 -19.87 34.55
N VAL B 1126 -76.91 -18.93 34.78
CA VAL B 1126 -75.85 -18.60 33.83
C VAL B 1126 -74.47 -18.93 34.33
N VAL B 1127 -74.28 -19.11 35.63
CA VAL B 1127 -72.98 -19.40 36.20
C VAL B 1127 -72.78 -20.91 36.22
N ILE B 1128 -71.66 -21.37 35.66
CA ILE B 1128 -71.33 -22.78 35.61
C ILE B 1128 -70.54 -23.12 36.86
N GLY B 1129 -71.02 -24.06 37.64
CA GLY B 1129 -70.37 -24.45 38.86
C GLY B 1129 -70.84 -23.75 40.11
N ILE B 1130 -71.96 -23.04 40.05
CA ILE B 1130 -72.50 -22.38 41.22
C ILE B 1130 -73.10 -23.40 42.18
N VAL B 1131 -72.97 -23.12 43.48
CA VAL B 1131 -73.32 -24.07 44.52
C VAL B 1131 -74.30 -23.43 45.48
N ASN B 1132 -75.08 -24.26 46.16
CA ASN B 1132 -76.03 -23.79 47.16
C ASN B 1132 -75.34 -23.62 48.51
N ASN B 1133 -75.66 -22.51 49.18
CA ASN B 1133 -75.20 -22.30 50.54
C ASN B 1133 -76.10 -21.24 51.17
N THR B 1134 -75.82 -20.92 52.41
CA THR B 1134 -76.56 -19.90 53.14
C THR B 1134 -75.72 -18.63 53.23
N VAL B 1135 -76.31 -17.51 52.86
CA VAL B 1135 -75.72 -16.20 53.04
C VAL B 1135 -76.53 -15.47 54.11
N TYR B 1136 -75.85 -15.10 55.19
CA TYR B 1136 -76.53 -14.63 56.38
C TYR B 1136 -76.71 -13.12 56.33
N ASP B 1137 -77.91 -12.68 56.64
CA ASP B 1137 -78.32 -11.30 56.71
C ASP B 1137 -78.24 -10.82 58.15
N PRO B 1138 -77.49 -9.79 58.49
CA PRO B 1138 -77.39 -9.38 59.89
C PRO B 1138 -78.64 -8.71 60.43
N LEU B 1139 -79.49 -8.25 59.52
CA LEU B 1139 -80.65 -7.45 59.91
C LEU B 1139 -81.63 -8.27 60.73
N GLN B 1140 -81.99 -9.46 60.25
CA GLN B 1140 -83.07 -10.19 60.91
C GLN B 1140 -82.74 -10.63 62.34
N PRO B 1141 -81.53 -11.12 62.65
CA PRO B 1141 -81.25 -11.48 64.04
C PRO B 1141 -81.09 -10.27 64.93
N GLU B 1142 -80.90 -9.08 64.37
CA GLU B 1142 -80.99 -7.90 65.22
C GLU B 1142 -82.43 -7.57 65.54
N LEU B 1143 -83.34 -7.84 64.60
CA LEU B 1143 -84.76 -7.59 64.82
C LEU B 1143 -85.47 -8.76 65.47
N ASP B 1144 -84.71 -9.76 65.91
CA ASP B 1144 -85.24 -10.96 66.57
C ASP B 1144 -86.33 -11.67 65.74
N PRO C 25 -25.13 -0.59 -49.85
CA PRO C 25 -25.99 -0.11 -48.77
C PRO C 25 -25.97 -1.06 -47.58
N PRO C 26 -26.12 -0.53 -46.36
CA PRO C 26 -26.12 -1.38 -45.18
C PRO C 26 -27.48 -2.00 -44.93
N ALA C 27 -27.50 -3.00 -44.05
CA ALA C 27 -28.73 -3.66 -43.63
C ALA C 27 -28.48 -4.25 -42.25
N TYR C 28 -29.27 -3.83 -41.27
CA TYR C 28 -29.02 -4.16 -39.88
C TYR C 28 -30.00 -5.22 -39.39
N THR C 29 -29.64 -5.84 -38.28
CA THR C 29 -30.52 -6.80 -37.61
C THR C 29 -30.32 -6.67 -36.11
N ASN C 30 -31.41 -6.73 -35.36
CA ASN C 30 -31.35 -6.66 -33.90
C ASN C 30 -30.90 -8.02 -33.37
N SER C 31 -29.74 -8.04 -32.72
CA SER C 31 -29.29 -9.22 -32.00
C SER C 31 -29.75 -9.07 -30.55
N PHE C 32 -30.60 -10.00 -30.11
CA PHE C 32 -31.30 -9.81 -28.84
C PHE C 32 -30.41 -10.22 -27.67
N THR C 33 -30.12 -11.50 -27.55
CA THR C 33 -29.22 -12.01 -26.51
C THR C 33 -28.31 -13.02 -27.21
N ARG C 34 -27.24 -12.53 -27.81
CA ARG C 34 -26.37 -13.34 -28.62
C ARG C 34 -24.93 -13.11 -28.19
N GLY C 35 -24.08 -14.10 -28.49
CA GLY C 35 -22.66 -13.93 -28.28
C GLY C 35 -22.21 -13.96 -26.84
N VAL C 36 -22.97 -14.58 -25.97
CA VAL C 36 -22.54 -14.78 -24.58
C VAL C 36 -21.70 -16.05 -24.54
N TYR C 37 -20.43 -15.91 -24.18
CA TYR C 37 -19.54 -17.05 -24.18
C TYR C 37 -19.09 -17.36 -22.76
N TYR C 38 -18.52 -18.54 -22.60
CA TYR C 38 -17.97 -18.93 -21.31
C TYR C 38 -16.70 -18.14 -21.07
N PRO C 39 -16.60 -17.36 -20.00
CA PRO C 39 -15.42 -16.52 -19.81
C PRO C 39 -14.16 -17.30 -19.46
N ASP C 40 -14.28 -18.38 -18.69
CA ASP C 40 -13.11 -19.11 -18.26
C ASP C 40 -13.43 -20.58 -18.13
N LYS C 41 -12.38 -21.39 -18.07
CA LYS C 41 -12.52 -22.84 -18.01
C LYS C 41 -12.61 -23.28 -16.54
N VAL C 42 -13.74 -22.95 -15.94
CA VAL C 42 -14.00 -23.19 -14.52
C VAL C 42 -15.43 -23.69 -14.39
N PHE C 43 -15.61 -24.83 -13.73
CA PHE C 43 -16.94 -25.35 -13.45
C PHE C 43 -17.57 -24.56 -12.32
N ARG C 44 -18.83 -24.22 -12.49
CA ARG C 44 -19.58 -23.53 -11.45
C ARG C 44 -20.99 -24.11 -11.38
N SER C 45 -21.46 -24.37 -10.17
CA SER C 45 -22.79 -24.91 -9.91
C SER C 45 -23.83 -23.80 -9.99
N SER C 46 -25.01 -24.00 -9.40
CA SER C 46 -26.07 -23.01 -9.53
C SER C 46 -25.68 -21.73 -8.81
N VAL C 47 -25.09 -20.81 -9.58
CA VAL C 47 -24.36 -19.67 -9.06
C VAL C 47 -24.55 -18.52 -10.05
N LEU C 48 -24.89 -17.34 -9.56
CA LEU C 48 -24.93 -16.15 -10.38
C LEU C 48 -23.59 -15.44 -10.25
N HIS C 49 -22.80 -15.48 -11.31
CA HIS C 49 -21.45 -14.93 -11.31
C HIS C 49 -21.42 -13.64 -12.12
N SER C 50 -20.83 -12.59 -11.55
CA SER C 50 -20.77 -11.28 -12.19
C SER C 50 -19.38 -11.08 -12.76
N THR C 51 -19.27 -11.07 -14.08
CA THR C 51 -18.00 -10.96 -14.77
C THR C 51 -17.92 -9.65 -15.53
N GLN C 52 -16.71 -9.28 -15.94
CA GLN C 52 -16.48 -8.04 -16.67
C GLN C 52 -15.44 -8.32 -17.75
N ASP C 53 -15.86 -8.35 -19.00
CA ASP C 53 -14.99 -8.78 -20.08
C ASP C 53 -15.55 -8.21 -21.38
N LEU C 54 -14.98 -8.62 -22.52
CA LEU C 54 -15.46 -8.17 -23.81
C LEU C 54 -16.68 -8.99 -24.20
N PHE C 55 -17.85 -8.38 -24.19
CA PHE C 55 -19.07 -9.05 -24.61
C PHE C 55 -19.76 -8.21 -25.68
N LEU C 56 -20.49 -8.87 -26.56
CA LEU C 56 -21.34 -8.16 -27.49
C LEU C 56 -22.58 -7.67 -26.75
N PRO C 57 -22.91 -6.38 -26.83
CA PRO C 57 -23.97 -5.83 -25.99
C PRO C 57 -25.36 -6.31 -26.39
N PHE C 58 -26.24 -6.37 -25.41
CA PHE C 58 -27.57 -6.91 -25.61
C PHE C 58 -28.42 -5.96 -26.45
N PHE C 59 -29.30 -6.55 -27.28
CA PHE C 59 -30.24 -5.83 -28.13
C PHE C 59 -29.54 -4.86 -29.07
N SER C 60 -28.44 -5.31 -29.65
CA SER C 60 -27.59 -4.44 -30.46
C SER C 60 -27.94 -4.55 -31.93
N ASN C 61 -27.29 -3.73 -32.74
CA ASN C 61 -27.46 -3.74 -34.19
C ASN C 61 -26.26 -4.42 -34.82
N VAL C 62 -26.42 -5.66 -35.23
CA VAL C 62 -25.38 -6.32 -36.01
C VAL C 62 -25.65 -6.02 -37.47
N THR C 63 -24.62 -6.11 -38.29
CA THR C 63 -24.74 -5.80 -39.70
C THR C 63 -24.92 -7.09 -40.48
N TRP C 64 -25.88 -7.10 -41.39
CA TRP C 64 -26.29 -8.30 -42.11
C TRP C 64 -25.75 -8.20 -43.52
N PHE C 65 -24.54 -8.72 -43.72
CA PHE C 65 -23.93 -8.71 -45.04
C PHE C 65 -24.44 -9.86 -45.88
N HIS C 66 -24.39 -9.67 -47.19
CA HIS C 66 -24.74 -10.71 -48.14
C HIS C 66 -23.54 -11.26 -48.88
N ALA C 67 -22.75 -10.39 -49.51
CA ALA C 67 -21.62 -10.76 -50.38
C ALA C 67 -22.05 -11.71 -51.50
N ILE C 68 -23.25 -11.46 -52.04
CA ILE C 68 -23.77 -12.21 -53.18
C ILE C 68 -24.83 -11.37 -53.88
N ARG C 76 -22.28 -8.75 -58.20
CA ARG C 76 -22.89 -9.64 -57.22
C ARG C 76 -21.95 -9.91 -56.06
N PHE C 77 -20.76 -10.41 -56.38
CA PHE C 77 -19.79 -10.79 -55.37
C PHE C 77 -19.11 -9.54 -54.81
N ASP C 78 -19.39 -9.23 -53.55
CA ASP C 78 -18.78 -8.05 -52.91
C ASP C 78 -18.66 -8.32 -51.41
N ASN C 79 -17.49 -8.77 -50.98
CA ASN C 79 -17.24 -8.96 -49.56
C ASN C 79 -16.23 -7.92 -49.07
N PRO C 80 -16.53 -7.17 -48.03
CA PRO C 80 -15.68 -6.06 -47.63
C PRO C 80 -14.62 -6.48 -46.62
N VAL C 81 -13.64 -5.60 -46.45
CA VAL C 81 -12.56 -5.78 -45.49
C VAL C 81 -12.92 -4.96 -44.26
N LEU C 82 -13.38 -5.61 -43.24
CA LEU C 82 -13.93 -4.93 -42.09
C LEU C 82 -12.87 -4.75 -41.01
N PRO C 83 -13.04 -3.76 -40.14
CA PRO C 83 -12.16 -3.67 -38.97
C PRO C 83 -12.48 -4.72 -37.93
N PHE C 84 -11.65 -4.73 -36.88
CA PHE C 84 -11.75 -5.68 -35.78
C PHE C 84 -12.12 -4.96 -34.48
N ASN C 85 -11.25 -4.06 -34.03
CA ASN C 85 -11.34 -3.06 -32.98
C ASN C 85 -11.41 -3.58 -31.55
N ASP C 86 -12.10 -4.70 -31.32
CA ASP C 86 -12.05 -5.56 -30.13
C ASP C 86 -12.87 -6.79 -30.46
N GLY C 87 -12.28 -7.88 -30.93
CA GLY C 87 -13.09 -9.04 -31.29
C GLY C 87 -14.14 -8.88 -32.38
N VAL C 88 -14.80 -9.98 -32.73
CA VAL C 88 -15.87 -10.00 -33.73
C VAL C 88 -16.81 -11.14 -33.36
N TYR C 89 -18.10 -10.86 -33.27
CA TYR C 89 -19.13 -11.89 -33.25
C TYR C 89 -19.59 -12.11 -34.68
N PHE C 90 -19.55 -13.36 -35.13
CA PHE C 90 -19.79 -13.71 -36.52
C PHE C 90 -20.81 -14.84 -36.56
N ALA C 91 -22.02 -14.55 -36.99
CA ALA C 91 -23.04 -15.56 -37.13
C ALA C 91 -23.29 -15.85 -38.60
N SER C 92 -23.69 -17.07 -38.91
CA SER C 92 -23.96 -17.40 -40.30
C SER C 92 -25.00 -18.50 -40.37
N THR C 93 -25.82 -18.45 -41.42
CA THR C 93 -26.90 -19.41 -41.63
C THR C 93 -26.77 -19.93 -43.06
N GLU C 94 -26.02 -21.00 -43.24
CA GLU C 94 -25.76 -21.52 -44.59
C GLU C 94 -25.74 -23.04 -44.54
N LYS C 95 -26.66 -23.66 -45.28
CA LYS C 95 -26.71 -25.12 -45.34
C LYS C 95 -25.67 -25.71 -46.27
N SER C 96 -25.14 -24.92 -47.19
CA SER C 96 -24.05 -25.37 -48.04
C SER C 96 -22.73 -25.07 -47.36
N ASN C 97 -21.61 -25.22 -48.08
CA ASN C 97 -20.29 -24.91 -47.55
C ASN C 97 -19.69 -23.82 -48.42
N ILE C 98 -20.02 -22.57 -48.10
CA ILE C 98 -19.51 -21.41 -48.81
C ILE C 98 -18.64 -20.54 -47.91
N ILE C 99 -19.15 -20.18 -46.74
CA ILE C 99 -18.33 -19.41 -45.80
C ILE C 99 -17.31 -20.36 -45.22
N ARG C 100 -16.11 -20.34 -45.79
CA ARG C 100 -15.15 -21.41 -45.62
C ARG C 100 -13.83 -20.86 -45.15
N GLY C 101 -13.85 -20.02 -44.12
CA GLY C 101 -12.65 -19.54 -43.49
C GLY C 101 -12.59 -18.04 -43.41
N TRP C 102 -11.51 -17.55 -42.83
CA TRP C 102 -11.30 -16.13 -42.58
C TRP C 102 -9.87 -15.73 -42.86
N ILE C 103 -9.67 -14.42 -42.95
CA ILE C 103 -8.38 -13.80 -43.15
C ILE C 103 -8.27 -12.69 -42.12
N PHE C 104 -7.27 -12.74 -41.26
CA PHE C 104 -7.02 -11.69 -40.28
C PHE C 104 -5.65 -11.09 -40.55
N GLY C 105 -5.48 -9.81 -40.25
CA GLY C 105 -4.18 -9.20 -40.42
C GLY C 105 -4.20 -7.74 -40.05
N THR C 106 -3.14 -7.05 -40.39
CA THR C 106 -3.06 -5.61 -40.14
C THR C 106 -2.97 -4.79 -41.41
N THR C 107 -2.22 -5.23 -42.41
CA THR C 107 -2.28 -4.60 -43.73
C THR C 107 -2.79 -5.53 -44.81
N LEU C 108 -2.93 -6.83 -44.52
CA LEU C 108 -3.33 -7.87 -45.47
C LEU C 108 -2.41 -7.89 -46.68
N ASP C 109 -1.11 -7.84 -46.41
CA ASP C 109 -0.11 -7.74 -47.46
C ASP C 109 1.15 -8.45 -46.97
N SER C 110 2.24 -8.30 -47.71
CA SER C 110 3.54 -8.78 -47.27
C SER C 110 4.11 -7.79 -46.26
N LYS C 111 5.38 -7.98 -45.88
CA LYS C 111 6.19 -7.16 -44.97
C LYS C 111 5.61 -6.98 -43.57
N THR C 112 4.52 -7.69 -43.27
CA THR C 112 3.95 -7.83 -41.94
C THR C 112 3.09 -9.08 -41.97
N GLN C 113 3.01 -9.76 -40.83
CA GLN C 113 2.41 -11.08 -40.85
C GLN C 113 0.89 -11.00 -40.78
N SER C 114 0.26 -12.12 -41.12
CA SER C 114 -1.19 -12.21 -41.14
C SER C 114 -1.60 -13.66 -40.96
N LEU C 115 -2.81 -13.85 -40.44
CA LEU C 115 -3.35 -15.14 -40.06
C LEU C 115 -4.40 -15.57 -41.08
N LEU C 116 -4.45 -16.87 -41.34
CA LEU C 116 -5.35 -17.42 -42.35
C LEU C 116 -5.99 -18.68 -41.79
N ILE C 117 -7.31 -18.70 -41.73
CA ILE C 117 -8.06 -19.88 -41.32
C ILE C 117 -8.77 -20.41 -42.55
N VAL C 118 -8.34 -21.55 -43.06
CA VAL C 118 -9.03 -22.19 -44.15
C VAL C 118 -9.62 -23.49 -43.60
N ASN C 119 -10.68 -23.96 -44.25
CA ASN C 119 -11.56 -24.96 -43.66
C ASN C 119 -11.89 -26.02 -44.72
N ASN C 120 -11.06 -27.05 -44.79
CA ASN C 120 -11.25 -28.12 -45.76
C ASN C 120 -12.43 -29.00 -45.36
N ALA C 121 -12.67 -30.04 -46.15
CA ALA C 121 -13.79 -30.92 -45.85
C ALA C 121 -13.51 -31.84 -44.67
N THR C 122 -12.23 -32.00 -44.29
CA THR C 122 -11.88 -32.83 -43.15
C THR C 122 -11.19 -32.08 -42.02
N ASN C 123 -10.44 -31.02 -42.30
CA ASN C 123 -9.66 -30.40 -41.22
C ASN C 123 -9.43 -28.92 -41.49
N VAL C 124 -9.30 -28.17 -40.41
CA VAL C 124 -8.99 -26.75 -40.44
C VAL C 124 -7.48 -26.58 -40.35
N VAL C 125 -6.92 -25.66 -41.13
CA VAL C 125 -5.49 -25.41 -41.14
C VAL C 125 -5.28 -23.92 -40.89
N ILE C 126 -4.91 -23.56 -39.67
CA ILE C 126 -4.59 -22.18 -39.34
C ILE C 126 -3.12 -21.93 -39.66
N LYS C 127 -2.82 -20.81 -40.32
CA LYS C 127 -1.47 -20.55 -40.80
C LYS C 127 -1.17 -19.06 -40.68
N VAL C 128 -0.08 -18.71 -40.03
CA VAL C 128 0.25 -17.31 -39.76
C VAL C 128 1.52 -16.99 -40.53
N CYS C 129 1.38 -16.61 -41.80
CA CYS C 129 2.54 -16.29 -42.62
C CYS C 129 2.42 -14.93 -43.30
N GLU C 130 3.52 -14.49 -43.92
CA GLU C 130 3.53 -13.19 -44.61
C GLU C 130 2.88 -13.39 -45.97
N PHE C 131 1.56 -13.44 -45.96
CA PHE C 131 0.79 -13.69 -47.18
C PHE C 131 0.71 -12.44 -48.03
N GLN C 132 1.01 -12.56 -49.31
CA GLN C 132 0.72 -11.50 -50.28
C GLN C 132 -0.71 -11.74 -50.74
N PHE C 133 -1.66 -11.15 -50.00
CA PHE C 133 -3.07 -11.41 -50.24
C PHE C 133 -3.52 -10.71 -51.51
N CYS C 134 -4.38 -11.39 -52.27
CA CYS C 134 -4.90 -10.82 -53.51
C CYS C 134 -5.99 -9.80 -53.20
N ASN C 135 -6.53 -9.19 -54.25
CA ASN C 135 -7.53 -8.15 -54.06
C ASN C 135 -8.88 -8.76 -53.69
N ASP C 136 -9.37 -9.70 -54.49
CA ASP C 136 -10.61 -10.43 -54.20
C ASP C 136 -10.24 -11.87 -53.88
N PRO C 137 -10.06 -12.22 -52.61
CA PRO C 137 -9.63 -13.58 -52.28
C PRO C 137 -10.79 -14.55 -52.25
N PHE C 138 -10.60 -15.71 -52.88
CA PHE C 138 -11.59 -16.77 -52.85
C PHE C 138 -10.86 -18.09 -53.06
N LEU C 139 -11.44 -19.16 -52.53
CA LEU C 139 -10.99 -20.49 -52.87
C LEU C 139 -11.57 -20.89 -54.22
N ASP C 140 -11.02 -21.93 -54.82
CA ASP C 140 -11.45 -22.35 -56.16
C ASP C 140 -11.61 -23.87 -56.17
N VAL C 141 -12.85 -24.32 -56.20
CA VAL C 141 -13.18 -25.74 -56.18
C VAL C 141 -13.51 -26.17 -57.61
N TYR C 142 -13.32 -27.47 -57.89
CA TYR C 142 -13.68 -28.07 -59.18
C TYR C 142 -15.18 -27.95 -59.47
N MET C 151 -10.76 -31.63 -56.77
CA MET C 151 -9.82 -30.51 -56.90
C MET C 151 -10.27 -29.36 -56.02
N GLU C 152 -9.32 -28.81 -55.25
CA GLU C 152 -9.59 -27.66 -54.40
C GLU C 152 -8.30 -26.88 -54.27
N SER C 153 -8.20 -25.75 -54.97
CA SER C 153 -6.94 -25.03 -55.07
C SER C 153 -6.87 -23.88 -54.06
N GLU C 154 -5.71 -23.23 -54.02
CA GLU C 154 -5.47 -22.17 -53.05
C GLU C 154 -4.81 -20.94 -53.66
N PHE C 155 -4.40 -20.98 -54.92
CA PHE C 155 -3.56 -19.95 -55.51
C PHE C 155 -4.33 -18.68 -55.89
N ARG C 156 -5.65 -18.67 -55.75
CA ARG C 156 -6.43 -17.46 -55.96
C ARG C 156 -6.61 -16.64 -54.69
N VAL C 157 -6.17 -17.16 -53.55
CA VAL C 157 -6.22 -16.40 -52.31
C VAL C 157 -5.01 -15.48 -52.18
N TYR C 158 -3.82 -16.06 -52.22
CA TYR C 158 -2.59 -15.30 -52.04
C TYR C 158 -1.58 -15.70 -53.11
N SER C 159 -0.39 -15.12 -53.04
CA SER C 159 0.66 -15.44 -53.99
C SER C 159 2.04 -15.52 -53.37
N SER C 160 2.16 -15.52 -52.04
CA SER C 160 3.44 -15.65 -51.37
C SER C 160 3.19 -16.19 -49.96
N ALA C 161 4.05 -17.08 -49.51
CA ALA C 161 3.87 -17.74 -48.22
C ALA C 161 5.19 -17.78 -47.46
N ASN C 162 5.87 -16.65 -47.39
CA ASN C 162 7.19 -16.62 -46.80
C ASN C 162 7.14 -16.51 -45.28
N ASN C 163 7.85 -17.42 -44.62
CA ASN C 163 8.23 -17.33 -43.20
C ASN C 163 7.03 -17.30 -42.26
N CYS C 164 6.31 -18.43 -42.23
CA CYS C 164 5.36 -18.69 -41.15
C CYS C 164 5.93 -19.45 -39.98
N THR C 165 5.56 -18.98 -38.79
CA THR C 165 6.06 -19.48 -37.52
C THR C 165 4.98 -20.20 -36.73
N PHE C 166 3.86 -20.55 -37.36
CA PHE C 166 2.77 -21.22 -36.65
C PHE C 166 1.94 -22.02 -37.64
N GLU C 167 1.71 -23.29 -37.32
CA GLU C 167 0.82 -24.16 -38.08
C GLU C 167 -0.04 -24.93 -37.10
N TYR C 168 -1.22 -25.34 -37.54
CA TYR C 168 -2.18 -25.98 -36.67
C TYR C 168 -3.14 -26.78 -37.52
N VAL C 169 -3.52 -27.97 -37.06
CA VAL C 169 -4.50 -28.82 -37.74
C VAL C 169 -5.41 -29.42 -36.67
N SER C 170 -6.71 -29.11 -36.76
CA SER C 170 -7.75 -29.75 -35.98
C SER C 170 -8.83 -30.25 -36.93
N GLN C 171 -9.66 -31.19 -36.45
CA GLN C 171 -10.61 -31.77 -37.40
C GLN C 171 -11.81 -30.88 -37.74
N PRO C 172 -12.78 -30.62 -36.82
CA PRO C 172 -14.08 -30.15 -37.32
C PRO C 172 -14.17 -28.69 -37.77
N PHE C 173 -14.20 -27.79 -36.78
CA PHE C 173 -14.24 -26.32 -36.85
C PHE C 173 -15.49 -25.73 -37.50
N LEU C 174 -16.32 -26.55 -38.13
CA LEU C 174 -17.42 -26.06 -38.96
C LEU C 174 -18.31 -27.25 -39.30
N MET C 175 -19.63 -27.01 -39.30
CA MET C 175 -20.66 -28.06 -39.43
C MET C 175 -20.51 -29.15 -38.38
N ASP C 176 -20.02 -28.76 -37.19
CA ASP C 176 -19.66 -29.64 -36.07
C ASP C 176 -18.73 -30.78 -36.50
N PHE C 184 -34.42 -27.40 -39.34
CA PHE C 184 -34.21 -27.14 -40.75
C PHE C 184 -32.82 -26.58 -40.99
N LYS C 185 -32.69 -25.26 -40.98
CA LYS C 185 -31.38 -24.62 -41.12
C LYS C 185 -30.66 -24.63 -39.77
N ASN C 186 -29.39 -24.27 -39.80
CA ASN C 186 -28.55 -24.31 -38.61
C ASN C 186 -27.74 -23.03 -38.50
N LEU C 187 -27.85 -22.36 -37.36
CA LEU C 187 -27.07 -21.17 -37.11
C LEU C 187 -25.71 -21.56 -36.57
N ARG C 188 -24.66 -20.90 -37.05
CA ARG C 188 -23.31 -21.14 -36.56
C ARG C 188 -22.74 -19.83 -36.09
N GLU C 189 -22.35 -19.75 -34.83
CA GLU C 189 -21.88 -18.51 -34.24
C GLU C 189 -20.45 -18.67 -33.76
N PHE C 190 -19.63 -17.66 -34.04
CA PHE C 190 -18.24 -17.63 -33.63
C PHE C 190 -17.96 -16.29 -32.96
N VAL C 191 -16.99 -16.29 -32.07
CA VAL C 191 -16.47 -15.05 -31.49
C VAL C 191 -14.95 -15.14 -31.53
N PHE C 192 -14.32 -14.20 -32.23
CA PHE C 192 -12.88 -14.12 -32.28
C PHE C 192 -12.42 -12.96 -31.41
N LYS C 193 -11.43 -13.19 -30.56
CA LYS C 193 -10.81 -12.06 -29.89
C LYS C 193 -9.35 -12.35 -29.66
N ASN C 194 -8.51 -11.35 -29.89
CA ASN C 194 -7.07 -11.47 -29.82
C ASN C 194 -6.58 -10.63 -28.65
N ILE C 195 -6.06 -11.29 -27.62
CA ILE C 195 -5.62 -10.60 -26.41
C ILE C 195 -4.28 -11.20 -25.97
N ASP C 196 -3.29 -10.31 -25.79
CA ASP C 196 -1.96 -10.65 -25.24
C ASP C 196 -1.25 -11.71 -26.09
N GLY C 197 -1.37 -11.59 -27.40
CA GLY C 197 -0.77 -12.56 -28.29
C GLY C 197 -1.49 -13.88 -28.39
N TYR C 198 -2.65 -14.01 -27.75
CA TYR C 198 -3.44 -15.23 -27.78
C TYR C 198 -4.71 -14.97 -28.58
N PHE C 199 -4.89 -15.73 -29.65
CA PHE C 199 -6.12 -15.71 -30.42
C PHE C 199 -7.09 -16.70 -29.80
N LYS C 200 -8.31 -16.25 -29.51
CA LYS C 200 -9.31 -17.09 -28.88
C LYS C 200 -10.53 -17.14 -29.77
N ILE C 201 -10.91 -18.34 -30.19
CA ILE C 201 -12.07 -18.58 -31.02
C ILE C 201 -13.08 -19.37 -30.20
N TYR C 202 -14.28 -18.83 -30.07
CA TYR C 202 -15.38 -19.49 -29.38
C TYR C 202 -16.43 -19.84 -30.42
N SER C 203 -17.09 -20.98 -30.28
CA SER C 203 -17.98 -21.42 -31.35
C SER C 203 -19.16 -22.21 -30.79
N LYS C 204 -20.28 -22.11 -31.49
CA LYS C 204 -21.48 -22.87 -31.14
C LYS C 204 -22.37 -23.02 -32.35
N HIS C 205 -22.75 -24.25 -32.66
CA HIS C 205 -23.57 -24.59 -33.81
C HIS C 205 -24.90 -25.11 -33.32
N THR C 206 -25.98 -24.40 -33.62
CA THR C 206 -27.27 -24.78 -33.08
C THR C 206 -28.34 -24.89 -34.17
N PRO C 207 -29.17 -25.94 -34.12
CA PRO C 207 -30.26 -26.05 -35.08
C PRO C 207 -31.43 -25.16 -34.67
N ILE C 208 -31.90 -24.34 -35.60
CA ILE C 208 -33.00 -23.41 -35.33
C ILE C 208 -34.09 -23.60 -36.37
N ASN C 209 -35.29 -23.16 -36.00
CA ASN C 209 -36.42 -23.12 -36.90
C ASN C 209 -36.36 -21.87 -37.77
N LEU C 210 -37.38 -21.71 -38.62
CA LEU C 210 -37.41 -20.58 -39.54
C LEU C 210 -37.80 -19.32 -38.78
N GLY C 211 -36.92 -18.31 -38.79
CA GLY C 211 -37.16 -17.06 -38.10
C GLY C 211 -36.37 -15.92 -38.69
N ARG C 212 -35.85 -15.03 -37.85
CA ARG C 212 -35.10 -13.88 -38.29
C ARG C 212 -33.61 -14.16 -38.44
N ASP C 213 -33.21 -15.44 -38.39
CA ASP C 213 -31.84 -15.96 -38.47
C ASP C 213 -30.95 -15.55 -37.30
N LEU C 214 -31.51 -14.83 -36.33
CA LEU C 214 -30.87 -14.54 -35.06
C LEU C 214 -31.98 -14.68 -34.03
N PRO C 215 -32.28 -15.90 -33.60
CA PRO C 215 -33.56 -16.17 -32.94
C PRO C 215 -33.59 -15.68 -31.51
N GLN C 216 -34.82 -15.49 -31.04
CA GLN C 216 -35.08 -15.08 -29.66
C GLN C 216 -34.84 -16.29 -28.76
N GLY C 217 -33.72 -16.30 -28.06
CA GLY C 217 -33.39 -17.41 -27.20
C GLY C 217 -32.04 -17.17 -26.56
N PHE C 218 -31.42 -18.26 -26.11
CA PHE C 218 -30.13 -18.13 -25.46
C PHE C 218 -29.32 -19.40 -25.67
N SER C 219 -28.04 -19.23 -25.99
CA SER C 219 -27.13 -20.35 -26.17
C SER C 219 -25.72 -19.86 -25.93
N ALA C 220 -25.03 -20.44 -24.96
CA ALA C 220 -23.69 -20.02 -24.61
C ALA C 220 -22.69 -20.60 -25.59
N LEU C 221 -21.61 -19.85 -25.83
CA LEU C 221 -20.58 -20.23 -26.78
C LEU C 221 -19.42 -20.87 -26.03
N GLU C 222 -19.05 -22.08 -26.44
CA GLU C 222 -18.01 -22.84 -25.76
C GLU C 222 -16.70 -22.73 -26.53
N PRO C 223 -15.55 -22.66 -25.85
CA PRO C 223 -14.30 -22.36 -26.55
C PRO C 223 -13.81 -23.50 -27.42
N LEU C 224 -13.08 -23.14 -28.46
CA LEU C 224 -12.63 -24.09 -29.46
C LEU C 224 -11.12 -24.24 -29.49
N VAL C 225 -10.37 -23.17 -29.76
CA VAL C 225 -8.91 -23.20 -29.79
C VAL C 225 -8.40 -22.02 -28.99
N ASP C 226 -7.07 -22.00 -28.81
CA ASP C 226 -6.40 -20.93 -28.06
C ASP C 226 -4.98 -20.86 -28.62
N LEU C 227 -4.76 -19.96 -29.54
CA LEU C 227 -3.54 -20.00 -30.34
C LEU C 227 -2.54 -18.98 -29.84
N PRO C 228 -1.30 -19.39 -29.59
CA PRO C 228 -0.21 -18.42 -29.29
C PRO C 228 0.45 -17.86 -30.54
N ILE C 229 -0.15 -16.80 -31.10
CA ILE C 229 0.32 -16.26 -32.37
C ILE C 229 1.29 -15.09 -32.17
N GLY C 230 0.99 -14.16 -31.27
CA GLY C 230 1.80 -12.97 -31.13
C GLY C 230 1.72 -12.00 -32.28
N ILE C 231 0.50 -11.61 -32.69
CA ILE C 231 0.26 -10.85 -33.90
C ILE C 231 -0.69 -9.70 -33.60
N ASN C 232 -0.35 -8.51 -34.06
CA ASN C 232 -1.30 -7.39 -34.10
C ASN C 232 -2.35 -7.66 -35.16
N ILE C 233 -3.62 -7.65 -34.77
CA ILE C 233 -4.74 -7.91 -35.67
C ILE C 233 -5.68 -6.73 -35.59
N THR C 234 -5.94 -6.09 -36.74
CA THR C 234 -6.90 -5.01 -36.78
C THR C 234 -7.86 -5.02 -37.96
N ARG C 235 -7.59 -5.83 -38.99
CA ARG C 235 -8.46 -5.93 -40.15
C ARG C 235 -8.76 -7.39 -40.46
N PHE C 236 -9.93 -7.68 -41.02
CA PHE C 236 -10.27 -9.05 -41.33
C PHE C 236 -11.30 -9.07 -42.45
N GLN C 237 -11.34 -10.18 -43.17
CA GLN C 237 -12.43 -10.42 -44.11
C GLN C 237 -12.63 -11.93 -44.21
N THR C 238 -13.63 -12.33 -44.98
CA THR C 238 -14.03 -13.73 -45.03
C THR C 238 -13.67 -14.34 -46.38
N LEU C 239 -13.22 -15.59 -46.33
CA LEU C 239 -12.98 -16.38 -47.52
C LEU C 239 -14.29 -16.99 -48.01
N LEU C 240 -14.31 -17.34 -49.29
CA LEU C 240 -15.44 -18.01 -49.89
C LEU C 240 -14.90 -19.08 -50.85
N ALA C 241 -15.82 -19.90 -51.35
CA ALA C 241 -15.51 -20.85 -52.42
C ALA C 241 -16.43 -20.55 -53.59
N LEU C 242 -15.93 -20.71 -54.81
CA LEU C 242 -16.67 -20.27 -55.97
C LEU C 242 -16.94 -21.33 -57.03
N HIS C 243 -16.53 -22.58 -56.83
CA HIS C 243 -16.88 -23.77 -57.63
C HIS C 243 -16.47 -23.70 -59.09
N ARG C 244 -15.69 -22.71 -59.51
CA ARG C 244 -15.34 -22.41 -60.91
C ARG C 244 -16.55 -22.33 -61.84
N TRP C 256 -16.84 -16.89 -59.91
CA TRP C 256 -17.63 -17.11 -61.12
C TRP C 256 -19.11 -17.22 -60.79
N THR C 257 -19.48 -18.34 -60.18
CA THR C 257 -20.87 -18.59 -59.81
C THR C 257 -20.92 -19.19 -58.41
N ALA C 258 -21.72 -18.58 -57.54
CA ALA C 258 -21.89 -19.05 -56.17
C ALA C 258 -23.37 -19.14 -55.86
N GLY C 259 -23.68 -19.42 -54.61
CA GLY C 259 -25.06 -19.58 -54.19
C GLY C 259 -25.64 -18.32 -53.61
N ALA C 260 -25.82 -18.28 -52.29
CA ALA C 260 -26.37 -17.11 -51.63
C ALA C 260 -25.81 -17.08 -50.20
N ALA C 261 -24.80 -16.26 -49.99
CA ALA C 261 -24.20 -16.12 -48.68
C ALA C 261 -24.89 -15.02 -47.89
N ALA C 262 -24.73 -15.08 -46.57
CA ALA C 262 -25.26 -14.09 -45.65
C ALA C 262 -24.57 -14.28 -44.33
N TYR C 263 -23.93 -13.24 -43.80
CA TYR C 263 -23.31 -13.38 -42.50
C TYR C 263 -23.54 -12.12 -41.67
N TYR C 264 -23.61 -12.30 -40.36
CA TYR C 264 -23.95 -11.24 -39.44
C TYR C 264 -22.72 -10.91 -38.62
N VAL C 265 -22.30 -9.65 -38.63
CA VAL C 265 -21.09 -9.22 -37.95
C VAL C 265 -21.45 -8.20 -36.89
N GLY C 266 -21.00 -8.45 -35.66
CA GLY C 266 -21.15 -7.50 -34.58
C GLY C 266 -19.84 -7.37 -33.82
N TYR C 267 -19.70 -6.28 -33.08
CA TYR C 267 -18.44 -5.96 -32.46
C TYR C 267 -18.56 -6.01 -30.94
N LEU C 268 -17.53 -6.57 -30.31
CA LEU C 268 -17.50 -6.76 -28.87
C LEU C 268 -17.08 -5.47 -28.19
N GLN C 269 -17.63 -5.23 -27.00
CA GLN C 269 -17.31 -4.06 -26.19
C GLN C 269 -17.07 -4.49 -24.76
N PRO C 270 -16.28 -3.73 -23.99
CA PRO C 270 -16.07 -4.10 -22.58
C PRO C 270 -17.31 -3.86 -21.74
N ARG C 271 -17.97 -4.95 -21.35
CA ARG C 271 -19.21 -4.88 -20.60
C ARG C 271 -19.15 -5.77 -19.37
N THR C 272 -20.02 -5.47 -18.42
CA THR C 272 -20.20 -6.26 -17.22
C THR C 272 -21.46 -7.09 -17.37
N PHE C 273 -21.34 -8.40 -17.24
CA PHE C 273 -22.45 -9.32 -17.36
C PHE C 273 -22.68 -10.03 -16.04
N LEU C 274 -23.88 -10.55 -15.87
CA LEU C 274 -24.21 -11.40 -14.74
C LEU C 274 -24.74 -12.71 -15.33
N LEU C 275 -23.93 -13.75 -15.30
CA LEU C 275 -24.28 -15.04 -15.88
C LEU C 275 -24.83 -15.95 -14.80
N LYS C 276 -25.73 -16.85 -15.18
CA LYS C 276 -26.39 -17.72 -14.23
C LYS C 276 -26.11 -19.16 -14.61
N TYR C 277 -25.28 -19.84 -13.83
CA TYR C 277 -24.97 -21.23 -14.10
C TYR C 277 -25.92 -22.13 -13.33
N ASN C 278 -26.51 -23.08 -14.02
CA ASN C 278 -27.46 -23.99 -13.40
C ASN C 278 -26.69 -25.15 -12.77
N GLU C 279 -27.37 -26.26 -12.49
CA GLU C 279 -26.76 -27.37 -11.77
C GLU C 279 -25.64 -28.01 -12.58
N ASN C 280 -25.83 -28.17 -13.88
CA ASN C 280 -24.86 -28.91 -14.66
C ASN C 280 -23.72 -28.04 -15.17
N GLY C 281 -23.60 -26.80 -14.71
CA GLY C 281 -22.51 -25.95 -15.13
C GLY C 281 -22.71 -25.23 -16.43
N THR C 282 -23.91 -25.27 -17.00
CA THR C 282 -24.22 -24.57 -18.24
C THR C 282 -24.78 -23.19 -17.94
N ILE C 283 -24.58 -22.27 -18.88
CA ILE C 283 -25.16 -20.94 -18.74
C ILE C 283 -26.54 -20.95 -19.37
N THR C 284 -27.55 -20.55 -18.59
CA THR C 284 -28.91 -20.48 -19.09
C THR C 284 -29.43 -19.06 -19.26
N ASP C 285 -28.87 -18.09 -18.56
CA ASP C 285 -29.35 -16.72 -18.63
C ASP C 285 -28.24 -15.76 -18.26
N ALA C 286 -28.36 -14.53 -18.73
CA ALA C 286 -27.37 -13.49 -18.47
C ALA C 286 -28.07 -12.14 -18.47
N VAL C 287 -27.49 -11.20 -17.73
CA VAL C 287 -28.04 -9.86 -17.61
C VAL C 287 -26.94 -8.85 -17.86
N ASP C 288 -27.16 -7.95 -18.81
CA ASP C 288 -26.21 -6.92 -19.19
C ASP C 288 -26.38 -5.69 -18.30
N CYS C 289 -25.43 -5.53 -17.39
CA CYS C 289 -25.44 -4.47 -16.37
C CYS C 289 -25.36 -3.04 -16.87
N ALA C 290 -25.65 -2.83 -18.15
CA ALA C 290 -25.60 -1.47 -18.66
C ALA C 290 -26.77 -1.20 -19.56
N LEU C 291 -27.78 -2.05 -19.51
CA LEU C 291 -28.95 -1.85 -20.33
C LEU C 291 -29.93 -0.94 -19.59
N ASP C 292 -31.19 -1.32 -19.54
CA ASP C 292 -32.20 -0.53 -18.87
C ASP C 292 -31.85 -0.43 -17.40
N PRO C 293 -32.78 0.07 -16.60
CA PRO C 293 -32.56 0.24 -15.16
C PRO C 293 -32.86 -1.01 -14.33
N LEU C 294 -33.81 -1.85 -14.75
CA LEU C 294 -34.11 -3.04 -13.98
C LEU C 294 -33.02 -4.09 -14.09
N SER C 295 -32.36 -4.19 -15.25
CA SER C 295 -31.24 -5.12 -15.36
C SER C 295 -30.05 -4.65 -14.56
N GLU C 296 -29.87 -3.33 -14.44
CA GLU C 296 -28.83 -2.80 -13.56
C GLU C 296 -29.15 -3.09 -12.10
N THR C 297 -30.43 -3.05 -11.73
CA THR C 297 -30.83 -3.40 -10.37
C THR C 297 -30.60 -4.88 -10.09
N LYS C 298 -30.95 -5.74 -11.05
CA LYS C 298 -30.73 -7.18 -10.89
C LYS C 298 -29.26 -7.52 -10.81
N CYS C 299 -28.42 -6.72 -11.48
CA CYS C 299 -26.98 -6.91 -11.45
C CYS C 299 -26.43 -6.45 -10.10
N THR C 300 -27.02 -5.41 -9.53
CA THR C 300 -26.58 -4.89 -8.25
C THR C 300 -26.92 -5.86 -7.11
N LEU C 301 -28.15 -6.38 -7.12
CA LEU C 301 -28.57 -7.30 -6.07
C LEU C 301 -27.92 -8.67 -6.17
N LYS C 302 -27.38 -9.02 -7.35
CA LYS C 302 -26.98 -10.38 -7.71
C LYS C 302 -28.13 -11.36 -7.51
N SER C 303 -29.25 -11.07 -8.16
CA SER C 303 -30.43 -11.91 -8.13
C SER C 303 -31.21 -11.69 -9.40
N PHE C 304 -32.23 -12.52 -9.62
CA PHE C 304 -33.13 -12.33 -10.74
C PHE C 304 -34.53 -11.91 -10.33
N THR C 305 -34.81 -11.81 -9.04
CA THR C 305 -36.09 -11.37 -8.53
C THR C 305 -35.87 -10.16 -7.65
N VAL C 306 -36.54 -9.06 -7.97
CA VAL C 306 -36.39 -7.81 -7.25
C VAL C 306 -37.72 -7.48 -6.60
N GLU C 307 -37.77 -7.56 -5.27
CA GLU C 307 -39.00 -7.23 -4.57
C GLU C 307 -39.17 -5.71 -4.52
N LYS C 308 -40.35 -5.31 -4.07
CA LYS C 308 -40.76 -3.93 -4.04
C LYS C 308 -40.00 -2.95 -3.19
N GLY C 309 -39.42 -1.94 -3.81
CA GLY C 309 -38.80 -0.88 -3.06
C GLY C 309 -37.73 -0.17 -3.84
N ILE C 310 -37.30 0.97 -3.30
CA ILE C 310 -36.20 1.73 -3.90
C ILE C 310 -34.91 0.96 -3.71
N TYR C 311 -34.16 0.78 -4.81
CA TYR C 311 -32.90 0.05 -4.79
C TYR C 311 -31.83 0.91 -5.41
N GLN C 312 -30.88 1.37 -4.61
CA GLN C 312 -29.83 2.24 -5.11
C GLN C 312 -28.84 1.42 -5.93
N THR C 313 -28.60 1.82 -7.18
CA THR C 313 -27.72 1.06 -8.05
C THR C 313 -26.44 1.81 -8.41
N SER C 314 -26.53 2.96 -9.06
CA SER C 314 -25.37 3.56 -9.69
C SER C 314 -25.16 4.98 -9.18
N ASN C 315 -24.23 5.69 -9.81
CA ASN C 315 -23.91 7.07 -9.45
C ASN C 315 -23.98 7.95 -10.69
N PHE C 316 -24.55 9.13 -10.51
CA PHE C 316 -24.74 10.09 -11.58
C PHE C 316 -23.78 11.25 -11.39
N ARG C 317 -22.82 11.38 -12.29
CA ARG C 317 -21.87 12.49 -12.28
C ARG C 317 -21.80 13.08 -13.67
N VAL C 318 -21.77 14.42 -13.74
CA VAL C 318 -21.76 15.14 -15.01
C VAL C 318 -20.31 15.50 -15.35
N GLN C 319 -19.99 15.26 -16.62
CA GLN C 319 -18.67 15.52 -17.13
C GLN C 319 -18.67 16.96 -17.54
N PRO C 320 -17.48 17.51 -17.76
CA PRO C 320 -17.34 18.92 -18.16
C PRO C 320 -17.32 19.13 -19.66
N THR C 321 -18.15 20.06 -20.14
CA THR C 321 -18.21 20.38 -21.55
C THR C 321 -16.84 20.34 -22.21
N GLU C 322 -16.05 21.39 -22.02
CA GLU C 322 -14.70 21.50 -22.58
C GLU C 322 -13.69 22.03 -21.56
N SER C 323 -12.85 22.98 -21.97
CA SER C 323 -11.86 23.58 -21.09
C SER C 323 -11.77 25.10 -21.26
N ILE C 324 -11.24 25.77 -20.26
CA ILE C 324 -11.12 27.21 -20.30
C ILE C 324 -9.92 27.73 -19.56
N VAL C 325 -8.83 27.92 -20.26
CA VAL C 325 -7.62 28.44 -19.65
C VAL C 325 -7.58 29.92 -19.94
N ARG C 326 -7.76 30.74 -18.92
CA ARG C 326 -7.76 32.19 -19.08
C ARG C 326 -6.50 32.75 -18.44
N PHE C 327 -6.15 34.00 -18.77
CA PHE C 327 -4.95 34.58 -18.20
C PHE C 327 -4.87 36.11 -18.16
N PRO C 328 -3.70 36.60 -17.62
CA PRO C 328 -3.62 38.07 -17.60
C PRO C 328 -3.12 38.66 -18.91
N ASN C 329 -3.62 39.84 -19.26
CA ASN C 329 -3.22 40.51 -20.49
C ASN C 329 -1.75 40.28 -20.85
N ILE C 330 -0.92 41.28 -20.59
CA ILE C 330 0.52 41.17 -20.88
C ILE C 330 1.33 42.14 -20.04
N THR C 331 2.64 42.11 -20.22
CA THR C 331 3.56 42.99 -19.49
C THR C 331 4.87 43.13 -20.26
N ASN C 332 5.97 43.30 -19.53
CA ASN C 332 7.29 43.43 -20.15
C ASN C 332 7.49 42.37 -21.23
N LEU C 333 8.17 42.73 -22.31
CA LEU C 333 8.40 41.80 -23.40
C LEU C 333 9.86 41.60 -23.76
N CYS C 334 10.81 42.12 -22.94
CA CYS C 334 12.27 41.92 -22.97
C CYS C 334 12.86 42.06 -24.36
N PRO C 335 13.07 43.27 -24.83
CA PRO C 335 13.19 43.51 -26.27
C PRO C 335 14.42 42.89 -26.92
N PHE C 336 14.13 41.92 -27.79
CA PHE C 336 15.18 41.28 -28.52
C PHE C 336 15.50 42.28 -29.59
N ASP C 337 14.45 42.78 -30.22
CA ASP C 337 14.50 43.78 -31.30
C ASP C 337 15.73 44.64 -31.27
N GLU C 338 16.04 45.18 -30.09
CA GLU C 338 17.21 46.02 -29.91
C GLU C 338 18.48 45.24 -30.24
N VAL C 339 18.62 44.06 -29.63
CA VAL C 339 19.78 43.22 -29.87
C VAL C 339 19.76 42.49 -31.21
N PHE C 340 18.64 42.52 -31.91
CA PHE C 340 18.56 41.83 -33.20
C PHE C 340 18.33 42.85 -34.28
N ASN C 341 18.59 44.11 -33.97
CA ASN C 341 18.33 45.15 -34.93
C ASN C 341 19.17 46.37 -34.64
N ALA C 342 20.20 46.22 -33.82
CA ALA C 342 21.00 47.40 -33.55
C ALA C 342 21.59 47.94 -34.85
N THR C 343 21.85 49.24 -34.86
CA THR C 343 22.47 49.85 -36.02
C THR C 343 23.96 49.57 -36.10
N ARG C 344 24.59 49.23 -34.97
CA ARG C 344 26.04 49.02 -34.92
C ARG C 344 26.32 47.86 -33.97
N PHE C 345 26.50 46.67 -34.52
CA PHE C 345 27.04 45.59 -33.72
C PHE C 345 28.48 45.89 -33.37
N ALA C 346 28.92 45.41 -32.23
CA ALA C 346 30.28 45.63 -31.79
C ALA C 346 31.19 44.62 -32.46
N SER C 347 32.47 44.95 -32.58
CA SER C 347 33.42 44.05 -33.21
C SER C 347 33.71 42.86 -32.31
N VAL C 348 34.36 41.86 -32.89
CA VAL C 348 34.37 40.55 -32.26
C VAL C 348 35.28 40.47 -31.04
N TYR C 349 36.38 41.23 -30.98
CA TYR C 349 37.24 41.14 -29.80
C TYR C 349 36.62 41.83 -28.61
N ALA C 350 35.70 42.77 -28.83
CA ALA C 350 35.03 43.49 -27.75
C ALA C 350 33.53 43.41 -27.99
N TRP C 351 32.95 42.29 -27.60
CA TRP C 351 31.54 42.03 -27.82
C TRP C 351 30.69 42.53 -26.67
N ASN C 352 29.46 42.90 -27.02
CA ASN C 352 28.50 43.33 -26.02
C ASN C 352 28.04 42.15 -25.18
N ARG C 353 27.29 42.46 -24.13
CA ARG C 353 26.69 41.40 -23.33
C ARG C 353 25.44 41.99 -22.69
N LYS C 354 24.30 41.80 -23.31
CA LYS C 354 23.06 42.28 -22.72
C LYS C 354 22.49 41.21 -21.82
N ARG C 355 22.29 41.57 -20.56
CA ARG C 355 21.68 40.69 -19.57
C ARG C 355 20.18 40.96 -19.71
N ILE C 356 19.40 39.90 -19.83
CA ILE C 356 17.96 40.04 -20.03
C ILE C 356 17.25 39.77 -18.71
N SER C 357 16.59 40.80 -18.20
CA SER C 357 15.86 40.74 -16.94
C SER C 357 14.43 40.27 -17.20
N ASN C 358 13.58 40.45 -16.19
CA ASN C 358 12.23 39.88 -16.12
C ASN C 358 11.33 40.32 -17.27
N CYS C 359 10.69 39.34 -17.91
CA CYS C 359 9.80 39.58 -19.03
C CYS C 359 8.99 38.33 -19.29
N VAL C 360 8.11 38.41 -20.29
CA VAL C 360 7.59 37.24 -20.97
C VAL C 360 8.25 37.24 -22.34
N ALA C 361 8.81 36.11 -22.72
CA ALA C 361 9.74 36.04 -23.83
C ALA C 361 9.12 35.25 -24.96
N ASP C 362 8.55 35.95 -25.93
CA ASP C 362 7.95 35.31 -27.10
C ASP C 362 9.07 35.14 -28.11
N TYR C 363 9.48 33.89 -28.33
CA TYR C 363 10.57 33.63 -29.25
C TYR C 363 10.12 33.50 -30.69
N SER C 364 8.81 33.49 -30.88
CA SER C 364 8.17 33.41 -32.18
C SER C 364 8.71 34.59 -32.99
N VAL C 365 8.97 35.69 -32.30
CA VAL C 365 9.53 36.82 -32.99
C VAL C 365 10.86 36.22 -33.38
N LEU C 366 11.89 37.03 -33.50
CA LEU C 366 13.19 36.46 -33.81
C LEU C 366 13.04 35.47 -34.96
N TYR C 367 11.86 35.44 -35.56
CA TYR C 367 11.56 34.57 -36.69
C TYR C 367 10.99 35.47 -37.76
N ASN C 368 11.45 36.71 -37.79
CA ASN C 368 11.01 37.70 -38.72
C ASN C 368 12.20 38.59 -39.01
N PHE C 369 13.35 37.97 -39.28
CA PHE C 369 14.55 38.75 -39.52
C PHE C 369 15.31 38.36 -40.79
N ALA C 370 15.20 37.10 -41.19
CA ALA C 370 15.86 36.67 -42.40
C ALA C 370 15.83 35.17 -42.47
N PRO C 371 16.75 34.59 -43.23
CA PRO C 371 16.84 33.13 -43.39
C PRO C 371 17.79 32.55 -42.36
N PHE C 372 18.55 33.42 -41.70
CA PHE C 372 19.49 32.99 -40.68
C PHE C 372 20.37 31.92 -41.25
N PHE C 373 21.52 32.29 -41.80
CA PHE C 373 22.47 31.34 -42.35
C PHE C 373 22.65 30.15 -41.41
N ALA C 374 22.31 30.35 -40.14
CA ALA C 374 22.40 29.29 -39.14
C ALA C 374 21.29 29.49 -38.14
N PHE C 375 21.34 28.75 -37.04
CA PHE C 375 20.36 28.80 -35.97
C PHE C 375 20.45 27.45 -35.31
N LYS C 376 21.42 27.32 -34.44
CA LYS C 376 21.73 26.06 -33.79
C LYS C 376 21.47 26.20 -32.31
N CYS C 377 20.38 25.61 -31.83
CA CYS C 377 20.10 25.53 -30.41
C CYS C 377 20.70 24.25 -29.86
N TYR C 378 21.48 24.37 -28.79
CA TYR C 378 22.33 23.27 -28.34
C TYR C 378 21.76 22.48 -27.18
N GLY C 379 21.46 23.11 -26.05
CA GLY C 379 20.92 22.36 -24.95
C GLY C 379 19.42 22.15 -25.07
N VAL C 380 18.76 23.06 -25.78
CA VAL C 380 17.30 23.07 -25.91
C VAL C 380 16.97 22.78 -27.36
N SER C 381 15.75 22.35 -27.61
CA SER C 381 15.28 22.26 -28.98
C SER C 381 14.35 23.43 -29.28
N PRO C 382 14.52 24.10 -30.43
CA PRO C 382 13.90 25.42 -30.63
C PRO C 382 12.39 25.39 -30.79
N THR C 383 11.77 24.23 -30.96
CA THR C 383 10.33 24.19 -31.08
C THR C 383 9.62 24.27 -29.75
N LYS C 384 10.35 24.14 -28.63
CA LYS C 384 9.74 24.08 -27.31
C LYS C 384 10.04 25.29 -26.46
N LEU C 385 10.58 26.37 -27.04
CA LEU C 385 11.10 27.46 -26.23
C LEU C 385 10.02 28.27 -25.54
N ASN C 386 8.79 28.25 -26.05
CA ASN C 386 7.75 29.11 -25.54
C ASN C 386 7.05 28.52 -24.32
N ASP C 387 7.59 27.46 -23.73
CA ASP C 387 6.95 26.85 -22.57
C ASP C 387 7.93 26.53 -21.46
N LEU C 388 9.05 27.24 -21.38
CA LEU C 388 10.08 26.96 -20.40
C LEU C 388 10.43 28.23 -19.65
N CYS C 389 10.90 28.07 -18.42
CA CYS C 389 11.38 29.18 -17.63
C CYS C 389 12.89 29.14 -17.54
N PHE C 390 13.53 30.28 -17.76
CA PHE C 390 14.97 30.40 -17.67
C PHE C 390 15.27 31.41 -16.59
N THR C 391 16.47 31.34 -15.98
CA THR C 391 16.80 32.36 -15.00
C THR C 391 17.52 33.54 -15.64
N ASN C 392 18.67 33.30 -16.25
CA ASN C 392 19.34 34.40 -16.93
C ASN C 392 19.59 34.07 -18.38
N VAL C 393 19.26 35.02 -19.24
CA VAL C 393 19.40 34.91 -20.67
C VAL C 393 20.45 35.92 -21.10
N TYR C 394 21.68 35.49 -21.25
CA TYR C 394 22.74 36.40 -21.66
C TYR C 394 22.85 36.42 -23.18
N ALA C 395 22.73 37.60 -23.77
CA ALA C 395 22.80 37.74 -25.22
C ALA C 395 24.09 38.44 -25.59
N ASP C 396 25.02 37.68 -26.15
CA ASP C 396 26.25 38.25 -26.71
C ASP C 396 26.03 38.58 -28.18
N SER C 397 26.81 39.51 -28.70
CA SER C 397 26.53 40.02 -30.03
C SER C 397 27.78 40.56 -30.68
N PHE C 398 28.07 40.14 -31.91
CA PHE C 398 29.28 40.59 -32.61
C PHE C 398 29.12 40.33 -34.10
N VAL C 399 30.18 40.63 -34.88
CA VAL C 399 30.23 40.28 -36.30
C VAL C 399 31.47 39.42 -36.53
N ILE C 400 31.41 38.56 -37.54
CA ILE C 400 32.52 37.68 -37.92
C ILE C 400 32.42 37.39 -39.41
N ARG C 401 33.51 36.88 -39.97
CA ARG C 401 33.51 36.44 -41.37
C ARG C 401 32.71 35.16 -41.52
N GLY C 402 32.38 34.82 -42.76
CA GLY C 402 31.45 33.74 -43.01
C GLY C 402 32.01 32.35 -42.87
N ASN C 403 33.31 32.19 -43.12
CA ASN C 403 33.89 30.86 -42.95
C ASN C 403 34.28 30.56 -41.51
N GLU C 404 33.96 31.46 -40.58
CA GLU C 404 34.25 31.26 -39.18
C GLU C 404 33.00 31.15 -38.33
N VAL C 405 31.81 31.13 -38.94
CA VAL C 405 30.58 30.92 -38.20
C VAL C 405 30.53 29.54 -37.58
N SER C 406 31.19 28.56 -38.18
CA SER C 406 31.31 27.24 -37.57
C SER C 406 32.21 27.22 -36.36
N GLN C 407 32.93 28.30 -36.07
CA GLN C 407 33.77 28.33 -34.88
C GLN C 407 33.03 28.84 -33.66
N ILE C 408 31.82 29.34 -33.82
CA ILE C 408 30.99 29.69 -32.67
C ILE C 408 30.22 28.42 -32.31
N ALA C 409 30.89 27.56 -31.56
CA ALA C 409 30.36 26.28 -31.12
C ALA C 409 31.17 25.84 -29.92
N PRO C 410 30.61 25.01 -29.03
CA PRO C 410 31.39 24.53 -27.89
C PRO C 410 32.51 23.62 -28.34
N GLY C 411 33.73 23.96 -27.92
CA GLY C 411 34.89 23.16 -28.27
C GLY C 411 35.27 23.24 -29.72
N GLN C 412 35.77 24.39 -30.15
CA GLN C 412 36.23 24.57 -31.51
C GLN C 412 37.60 25.22 -31.51
N THR C 413 38.26 25.19 -32.67
CA THR C 413 39.57 25.80 -32.80
C THR C 413 39.57 26.75 -34.00
N GLY C 414 40.56 27.62 -34.04
CA GLY C 414 40.67 28.65 -35.04
C GLY C 414 40.61 30.03 -34.41
N ASN C 415 41.06 31.02 -35.18
CA ASN C 415 41.45 32.33 -34.65
C ASN C 415 40.30 33.16 -34.12
N ILE C 416 39.07 32.69 -34.19
CA ILE C 416 37.96 33.29 -33.47
C ILE C 416 37.73 32.59 -32.14
N ALA C 417 37.63 31.26 -32.17
CA ALA C 417 37.26 30.54 -30.97
C ALA C 417 38.41 30.39 -30.00
N ASP C 418 39.66 30.49 -30.44
CA ASP C 418 40.74 30.37 -29.47
C ASP C 418 40.86 31.60 -28.59
N TYR C 419 41.17 32.75 -29.19
CA TYR C 419 41.21 34.00 -28.46
C TYR C 419 40.50 35.11 -29.23
N ASN C 420 39.18 35.02 -29.32
CA ASN C 420 38.32 36.19 -29.43
C ASN C 420 37.05 35.97 -28.62
N TYR C 421 36.55 34.73 -28.68
CA TYR C 421 35.28 34.38 -28.05
C TYR C 421 35.26 32.88 -27.88
N LYS C 422 35.28 32.41 -26.63
CA LYS C 422 35.34 30.99 -26.35
C LYS C 422 34.04 30.54 -25.72
N LEU C 423 33.30 29.69 -26.43
CA LEU C 423 32.14 29.12 -25.79
C LEU C 423 32.55 28.00 -24.86
N PRO C 424 31.92 27.89 -23.69
CA PRO C 424 32.21 26.79 -22.79
C PRO C 424 31.73 25.46 -23.35
N ASP C 425 32.29 24.37 -22.83
CA ASP C 425 31.86 23.04 -23.21
C ASP C 425 30.61 22.59 -22.45
N ASP C 426 30.06 23.44 -21.61
CA ASP C 426 28.85 23.17 -20.83
C ASP C 426 27.76 24.08 -21.36
N PHE C 427 27.62 24.10 -22.68
CA PHE C 427 26.80 25.11 -23.33
C PHE C 427 25.37 24.62 -23.51
N THR C 428 24.43 25.51 -23.27
CA THR C 428 23.01 25.23 -23.38
C THR C 428 22.21 26.37 -23.99
N GLY C 429 22.83 27.20 -24.81
CA GLY C 429 22.16 28.32 -25.42
C GLY C 429 21.69 28.04 -26.83
N CYS C 430 21.92 29.00 -27.71
CA CYS C 430 21.52 28.94 -29.10
C CYS C 430 22.30 29.98 -29.86
N VAL C 431 22.97 29.57 -30.92
CA VAL C 431 23.81 30.44 -31.74
C VAL C 431 23.02 30.82 -32.99
N ILE C 432 22.81 32.12 -33.19
CA ILE C 432 22.06 32.62 -34.32
C ILE C 432 22.99 33.47 -35.16
N ALA C 433 22.94 33.32 -36.48
CA ALA C 433 23.85 34.05 -37.33
C ALA C 433 23.21 34.32 -38.67
N TRP C 434 23.29 35.56 -39.12
CA TRP C 434 22.73 35.87 -40.43
C TRP C 434 23.61 36.86 -41.17
N ASN C 435 23.54 36.80 -42.49
CA ASN C 435 24.36 37.66 -43.33
C ASN C 435 23.91 39.10 -43.21
N SER C 436 24.87 40.01 -43.27
CA SER C 436 24.56 41.43 -43.28
C SER C 436 25.49 42.17 -44.23
N ASN C 437 25.70 41.60 -45.42
CA ASN C 437 26.52 42.28 -46.41
C ASN C 437 25.81 43.51 -46.95
N LYS C 438 24.51 43.58 -46.73
CA LYS C 438 23.72 44.72 -47.18
C LYS C 438 23.73 45.83 -46.13
N LEU C 439 24.46 45.66 -45.02
CA LEU C 439 24.47 46.71 -44.02
C LEU C 439 25.85 47.01 -43.46
N ASP C 440 26.62 46.01 -43.06
CA ASP C 440 27.84 46.21 -42.30
C ASP C 440 29.08 46.31 -43.17
N SER C 441 28.93 46.43 -44.48
CA SER C 441 30.08 46.43 -45.38
C SER C 441 29.88 47.53 -46.39
N LYS C 442 30.89 48.35 -46.58
CA LYS C 442 30.79 49.43 -47.54
C LYS C 442 31.89 49.32 -48.57
N VAL C 443 31.67 49.97 -49.71
CA VAL C 443 32.65 50.01 -50.77
C VAL C 443 33.84 50.87 -50.33
N GLY C 444 35.05 50.35 -50.55
CA GLY C 444 36.23 51.06 -50.15
C GLY C 444 36.80 50.65 -48.82
N GLY C 445 36.42 49.49 -48.31
CA GLY C 445 37.00 48.99 -47.07
C GLY C 445 36.30 49.53 -45.85
N ASN C 446 35.96 48.64 -44.94
CA ASN C 446 35.31 49.02 -43.68
C ASN C 446 36.27 48.65 -42.55
N TYR C 447 37.07 49.61 -42.12
CA TYR C 447 38.16 49.39 -41.18
C TYR C 447 37.73 49.52 -39.73
N ASN C 448 36.46 49.27 -39.43
CA ASN C 448 35.98 49.39 -38.06
C ASN C 448 35.58 48.06 -37.46
N TYR C 449 35.87 46.95 -38.13
CA TYR C 449 35.70 45.64 -37.55
C TYR C 449 37.06 44.98 -37.45
N ARG C 450 37.50 44.68 -36.22
CA ARG C 450 38.83 44.18 -35.96
C ARG C 450 38.77 42.90 -35.15
N TYR C 451 39.73 42.04 -35.40
CA TYR C 451 39.88 40.81 -34.64
C TYR C 451 41.32 40.66 -34.21
N ARG C 452 41.50 40.05 -33.04
CA ARG C 452 42.83 39.88 -32.47
C ARG C 452 43.41 38.56 -32.92
N LEU C 453 44.56 38.63 -33.56
CA LEU C 453 45.14 37.45 -34.17
C LEU C 453 46.37 36.91 -33.45
N PHE C 454 47.05 37.70 -32.63
CA PHE C 454 48.19 37.23 -31.86
C PHE C 454 47.92 37.45 -30.38
N ARG C 455 48.20 36.44 -29.56
CA ARG C 455 48.07 36.59 -28.12
C ARG C 455 49.07 35.66 -27.45
N LYS C 456 49.18 35.82 -26.12
CA LYS C 456 50.02 34.94 -25.33
C LYS C 456 49.51 33.51 -25.37
N SER C 457 48.28 33.30 -24.92
CA SER C 457 47.63 32.01 -25.05
C SER C 457 46.13 32.24 -25.19
N ASN C 458 45.37 31.16 -24.99
CA ASN C 458 43.95 31.19 -25.26
C ASN C 458 43.19 31.99 -24.20
N LEU C 459 41.88 32.01 -24.36
CA LEU C 459 41.03 32.61 -23.35
C LEU C 459 40.34 31.52 -22.54
N LYS C 460 39.78 31.91 -21.41
CA LYS C 460 38.80 31.09 -20.73
C LYS C 460 37.46 31.26 -21.44
N PRO C 461 36.48 30.40 -21.16
CA PRO C 461 35.11 30.64 -21.65
C PRO C 461 34.56 31.98 -21.20
N PHE C 462 33.90 32.67 -22.14
CA PHE C 462 33.28 33.99 -21.93
C PHE C 462 34.27 35.04 -21.46
N GLU C 463 35.47 35.05 -22.05
CA GLU C 463 36.50 35.99 -21.64
C GLU C 463 36.68 37.09 -22.67
N ARG C 464 36.72 38.33 -22.20
CA ARG C 464 36.75 39.50 -23.07
C ARG C 464 37.97 40.36 -22.77
N ASP C 465 38.75 40.66 -23.80
CA ASP C 465 39.96 41.46 -23.66
C ASP C 465 39.92 42.63 -24.63
N ILE C 466 40.42 43.78 -24.19
CA ILE C 466 40.47 44.96 -25.04
C ILE C 466 41.88 45.51 -25.06
N SER C 467 42.86 44.62 -24.89
CA SER C 467 44.25 45.03 -24.82
C SER C 467 44.76 45.43 -26.20
N THR C 468 45.70 46.38 -26.20
CA THR C 468 46.32 46.87 -27.43
C THR C 468 47.84 46.90 -27.24
N GLU C 469 48.33 46.21 -26.21
CA GLU C 469 49.76 46.15 -25.97
C GLU C 469 50.42 45.24 -27.01
N ILE C 470 51.57 45.68 -27.52
CA ILE C 470 52.26 45.00 -28.61
C ILE C 470 52.79 43.67 -28.11
N TYR C 471 52.30 42.59 -28.70
CA TYR C 471 52.76 41.24 -28.38
C TYR C 471 54.22 41.09 -28.81
N GLN C 472 55.07 40.73 -27.85
CA GLN C 472 56.49 40.54 -28.12
C GLN C 472 56.77 39.12 -28.60
N ALA C 473 56.98 38.98 -29.91
CA ALA C 473 57.26 37.67 -30.49
C ALA C 473 58.75 37.51 -30.80
N GLY C 474 59.58 37.76 -29.79
CA GLY C 474 61.02 37.64 -29.94
C GLY C 474 61.74 37.61 -28.61
N ASN C 475 63.07 37.70 -28.66
CA ASN C 475 63.89 37.68 -27.45
C ASN C 475 64.46 39.06 -27.13
N LYS C 476 63.76 40.10 -27.55
CA LYS C 476 64.20 41.48 -27.30
C LYS C 476 63.02 42.45 -27.34
N PRO C 477 62.85 43.20 -26.27
CA PRO C 477 61.76 44.17 -26.17
C PRO C 477 61.84 45.19 -27.29
N CYS C 478 60.66 45.56 -27.78
CA CYS C 478 60.53 46.66 -28.73
C CYS C 478 59.69 47.80 -28.21
N ASN C 479 59.48 47.88 -26.87
CA ASN C 479 59.02 49.03 -26.05
C ASN C 479 57.97 49.92 -26.72
N GLY C 480 56.91 49.32 -27.24
CA GLY C 480 55.82 50.08 -27.79
C GLY C 480 56.01 50.52 -29.23
N VAL C 481 57.05 50.05 -29.90
CA VAL C 481 57.27 50.32 -31.31
C VAL C 481 57.26 49.00 -32.06
N ALA C 482 56.22 48.77 -32.86
CA ALA C 482 56.06 47.49 -33.51
C ALA C 482 57.01 47.37 -34.70
N GLY C 483 57.04 46.19 -35.29
CA GLY C 483 57.93 45.93 -36.41
C GLY C 483 58.31 44.47 -36.51
N VAL C 484 59.60 44.20 -36.56
CA VAL C 484 60.09 42.82 -36.70
C VAL C 484 59.93 42.10 -35.37
N ASN C 485 59.33 40.92 -35.42
CA ASN C 485 59.13 40.10 -34.23
C ASN C 485 58.03 40.53 -33.26
N CYS C 486 57.52 41.76 -33.42
CA CYS C 486 56.48 42.24 -32.53
C CYS C 486 55.50 43.05 -33.37
N TYR C 487 54.25 42.62 -33.39
CA TYR C 487 53.23 43.18 -34.26
C TYR C 487 52.11 43.81 -33.44
N PHE C 488 51.38 44.71 -34.09
CA PHE C 488 50.11 45.17 -33.55
C PHE C 488 49.16 43.99 -33.45
N PRO C 489 48.39 43.87 -32.38
CA PRO C 489 47.59 42.65 -32.19
C PRO C 489 46.20 42.67 -32.81
N LEU C 490 45.60 43.84 -33.04
CA LEU C 490 44.24 43.93 -33.53
C LEU C 490 44.31 44.25 -35.01
N GLN C 491 43.98 43.30 -35.86
CA GLN C 491 43.94 43.57 -37.28
C GLN C 491 42.51 43.80 -37.74
N SER C 492 42.36 44.80 -38.59
CA SER C 492 41.05 45.14 -39.13
C SER C 492 40.63 44.12 -40.17
N TYR C 493 39.34 43.82 -40.17
CA TYR C 493 38.75 43.04 -41.24
C TYR C 493 38.70 43.83 -42.54
N GLY C 494 38.18 43.18 -43.57
CA GLY C 494 38.10 43.71 -44.90
C GLY C 494 36.71 44.26 -45.15
N PHE C 495 35.83 43.40 -45.66
CA PHE C 495 34.41 43.65 -45.90
C PHE C 495 34.21 44.64 -47.03
N ARG C 496 34.85 44.36 -48.14
CA ARG C 496 34.41 44.88 -49.41
C ARG C 496 33.13 44.14 -49.81
N PRO C 497 32.26 44.77 -50.59
CA PRO C 497 31.07 44.04 -51.05
C PRO C 497 31.37 43.00 -52.09
N THR C 498 32.46 43.15 -52.84
CA THR C 498 32.80 42.15 -53.85
C THR C 498 33.74 41.09 -53.29
N TYR C 499 33.35 40.50 -52.18
CA TYR C 499 34.02 39.36 -51.60
C TYR C 499 33.07 38.17 -51.66
N GLY C 500 33.62 36.98 -51.70
CA GLY C 500 32.81 35.79 -51.73
C GLY C 500 32.08 35.57 -50.42
N VAL C 501 30.99 34.83 -50.49
CA VAL C 501 30.34 34.38 -49.27
C VAL C 501 31.26 33.43 -48.53
N GLY C 502 31.71 33.85 -47.36
CA GLY C 502 32.89 33.32 -46.74
C GLY C 502 33.93 34.39 -46.49
N HIS C 503 33.73 35.57 -47.05
CA HIS C 503 34.38 36.78 -46.55
C HIS C 503 33.39 37.91 -46.38
N GLN C 504 32.13 37.61 -46.09
CA GLN C 504 31.14 38.64 -45.93
C GLN C 504 30.85 38.85 -44.44
N PRO C 505 30.40 40.04 -44.06
CA PRO C 505 30.12 40.29 -42.65
C PRO C 505 28.87 39.58 -42.18
N TYR C 506 29.05 38.60 -41.32
CA TYR C 506 27.93 37.87 -40.73
C TYR C 506 27.74 38.32 -39.31
N ARG C 507 26.55 38.82 -39.00
CA ARG C 507 26.22 39.20 -37.65
C ARG C 507 25.85 37.96 -36.86
N VAL C 508 26.16 37.95 -35.57
CA VAL C 508 25.99 36.78 -34.72
C VAL C 508 25.42 37.26 -33.40
N VAL C 509 24.39 36.57 -32.91
CA VAL C 509 23.90 36.72 -31.55
C VAL C 509 23.92 35.36 -30.89
N VAL C 510 24.60 35.26 -29.76
CA VAL C 510 24.71 34.03 -29.01
C VAL C 510 23.86 34.17 -27.77
N LEU C 511 22.76 33.42 -27.70
CA LEU C 511 21.95 33.39 -26.49
C LEU C 511 22.49 32.29 -25.60
N SER C 512 22.60 32.57 -24.32
CA SER C 512 22.97 31.54 -23.36
C SER C 512 22.00 31.59 -22.21
N PHE C 513 21.18 30.55 -22.11
CA PHE C 513 20.22 30.41 -21.04
C PHE C 513 20.89 29.69 -19.90
N GLU C 514 20.63 30.11 -18.67
CA GLU C 514 20.99 29.28 -17.53
C GLU C 514 19.87 29.32 -16.53
N LEU C 515 19.72 28.22 -15.79
CA LEU C 515 18.76 28.08 -14.71
C LEU C 515 19.50 27.81 -13.40
N LEU C 516 19.75 28.88 -12.62
CA LEU C 516 20.71 28.80 -11.51
C LEU C 516 20.09 28.50 -10.15
N HIS C 517 19.35 29.47 -9.59
CA HIS C 517 18.77 29.28 -8.25
C HIS C 517 17.33 29.72 -8.11
N ALA C 518 16.90 30.78 -8.82
CA ALA C 518 15.68 31.50 -8.50
C ALA C 518 14.45 30.65 -8.80
N PRO C 519 13.42 30.71 -7.97
CA PRO C 519 12.25 29.86 -8.19
C PRO C 519 11.34 30.38 -9.29
N ALA C 520 11.52 31.64 -9.68
CA ALA C 520 10.73 32.23 -10.75
C ALA C 520 11.49 33.40 -11.36
N THR C 521 11.53 33.44 -12.68
CA THR C 521 12.28 34.42 -13.48
C THR C 521 11.56 34.62 -14.81
N VAL C 522 12.31 35.10 -15.81
CA VAL C 522 11.82 35.22 -17.18
C VAL C 522 11.33 33.88 -17.70
N CYS C 523 10.08 33.85 -18.14
CA CYS C 523 9.45 32.63 -18.61
C CYS C 523 8.58 32.95 -19.81
N GLY C 524 8.27 31.94 -20.61
CA GLY C 524 7.45 32.13 -21.79
C GLY C 524 6.00 32.35 -21.46
N PRO C 525 5.21 32.51 -22.51
CA PRO C 525 3.80 32.88 -22.36
C PRO C 525 2.77 31.79 -22.34
N LYS C 526 2.05 31.73 -21.22
CA LYS C 526 0.98 30.78 -21.08
C LYS C 526 -0.05 31.16 -22.14
N LYS C 527 -0.81 30.19 -22.61
CA LYS C 527 -1.83 30.46 -23.62
C LYS C 527 -3.12 30.82 -22.89
N SER C 528 -4.03 31.49 -23.59
CA SER C 528 -5.29 31.88 -22.96
C SER C 528 -6.50 31.70 -23.85
N THR C 529 -7.40 30.79 -23.46
CA THR C 529 -8.62 30.53 -24.19
C THR C 529 -9.78 31.11 -23.41
N ASN C 530 -10.62 31.90 -24.07
CA ASN C 530 -11.77 32.52 -23.41
C ASN C 530 -12.50 31.58 -22.49
N LEU C 531 -13.31 32.13 -21.58
CA LEU C 531 -14.07 31.31 -20.65
C LEU C 531 -15.57 31.28 -20.97
N VAL C 532 -16.20 30.15 -20.68
CA VAL C 532 -17.63 29.99 -20.93
C VAL C 532 -18.37 30.22 -19.63
N LYS C 533 -19.56 30.83 -19.70
CA LYS C 533 -20.28 31.09 -18.46
C LYS C 533 -21.52 30.23 -18.35
N ASN C 534 -21.78 29.72 -17.15
CA ASN C 534 -22.94 28.88 -16.91
C ASN C 534 -22.83 27.51 -17.56
N LYS C 535 -21.63 26.97 -17.66
CA LYS C 535 -21.39 25.65 -18.25
C LYS C 535 -20.38 24.92 -17.39
N CYS C 536 -20.59 23.61 -17.22
CA CYS C 536 -19.58 22.81 -16.53
C CYS C 536 -18.38 22.67 -17.46
N VAL C 537 -17.25 23.20 -17.03
CA VAL C 537 -16.05 23.26 -17.84
C VAL C 537 -14.86 22.83 -16.98
N ASN C 538 -13.75 22.59 -17.64
CA ASN C 538 -12.48 22.33 -16.98
C ASN C 538 -11.73 23.66 -17.00
N PHE C 539 -11.41 24.19 -15.82
CA PHE C 539 -10.83 25.53 -15.74
C PHE C 539 -9.46 25.51 -15.09
N ASN C 540 -8.70 26.56 -15.39
CA ASN C 540 -7.43 26.85 -14.75
C ASN C 540 -7.33 28.37 -14.63
N PHE C 541 -7.25 28.86 -13.39
CA PHE C 541 -7.11 30.28 -13.09
C PHE C 541 -5.73 30.51 -12.48
N ASN C 542 -4.77 30.89 -13.31
CA ASN C 542 -3.39 31.16 -12.97
C ASN C 542 -2.79 30.15 -12.00
N GLY C 543 -2.97 28.87 -12.29
CA GLY C 543 -2.39 27.85 -11.47
C GLY C 543 -3.43 26.97 -10.80
N LEU C 544 -4.59 27.53 -10.48
CA LEU C 544 -5.65 26.78 -9.81
C LEU C 544 -6.32 25.86 -10.82
N THR C 545 -6.15 24.56 -10.65
CA THR C 545 -6.70 23.58 -11.58
C THR C 545 -7.95 22.99 -10.94
N GLY C 546 -9.06 22.99 -11.68
CA GLY C 546 -10.27 22.39 -11.17
C GLY C 546 -11.40 22.19 -12.17
N THR C 547 -12.56 21.78 -11.67
CA THR C 547 -13.73 21.53 -12.50
C THR C 547 -14.93 22.17 -11.85
N GLY C 548 -15.84 22.69 -12.66
CA GLY C 548 -17.05 23.25 -12.11
C GLY C 548 -17.67 24.27 -13.04
N VAL C 549 -18.80 24.78 -12.59
CA VAL C 549 -19.59 25.77 -13.30
C VAL C 549 -19.20 27.15 -12.80
N LEU C 550 -18.99 28.08 -13.74
CA LEU C 550 -18.58 29.45 -13.45
C LEU C 550 -19.82 30.33 -13.48
N THR C 551 -20.00 31.14 -12.45
CA THR C 551 -21.15 32.04 -12.41
C THR C 551 -20.74 33.39 -11.83
N GLU C 552 -21.51 34.42 -12.18
CA GLU C 552 -21.29 35.75 -11.60
C GLU C 552 -21.42 35.70 -10.08
N SER C 553 -20.46 36.31 -9.40
CA SER C 553 -20.44 36.29 -7.96
C SER C 553 -20.98 37.59 -7.37
N ASN C 554 -21.07 37.61 -6.05
CA ASN C 554 -21.38 38.84 -5.33
C ASN C 554 -20.41 39.05 -4.16
N LYS C 555 -19.26 38.40 -4.19
CA LYS C 555 -18.22 38.58 -3.17
C LYS C 555 -17.30 39.72 -3.57
N LYS C 556 -16.58 40.23 -2.59
CA LYS C 556 -15.65 41.35 -2.79
C LYS C 556 -14.30 41.00 -2.19
N PHE C 557 -13.34 40.79 -3.08
CA PHE C 557 -11.97 40.48 -2.75
C PHE C 557 -11.18 41.74 -2.49
N LEU C 558 -10.12 41.63 -1.70
CA LEU C 558 -9.27 42.78 -1.42
C LEU C 558 -8.29 42.82 -2.57
N PRO C 559 -8.19 44.05 -3.21
CA PRO C 559 -7.28 44.14 -4.37
C PRO C 559 -6.06 43.26 -4.48
N PHE C 560 -5.62 42.63 -3.40
CA PHE C 560 -4.42 41.82 -3.50
C PHE C 560 -4.74 40.35 -3.55
N GLN C 561 -5.99 40.01 -3.28
CA GLN C 561 -6.41 38.62 -3.32
C GLN C 561 -6.88 38.12 -4.67
N GLN C 562 -6.43 36.93 -5.02
CA GLN C 562 -6.76 36.32 -6.28
C GLN C 562 -7.96 35.41 -6.24
N PHE C 563 -8.06 34.58 -5.22
CA PHE C 563 -9.14 33.64 -5.08
C PHE C 563 -9.51 33.51 -3.61
N GLY C 564 -10.71 32.97 -3.38
CA GLY C 564 -11.22 32.74 -2.05
C GLY C 564 -11.48 31.26 -1.81
N ARG C 565 -11.51 30.91 -0.53
CA ARG C 565 -11.90 29.58 -0.12
C ARG C 565 -13.01 29.67 0.90
N ASP C 566 -13.80 28.60 1.00
CA ASP C 566 -14.91 28.53 1.91
C ASP C 566 -14.48 27.83 3.20
N ILE C 567 -15.41 27.68 4.13
CA ILE C 567 -15.19 26.91 5.33
C ILE C 567 -14.98 25.49 4.87
N ALA C 568 -14.04 24.78 5.52
CA ALA C 568 -13.56 23.45 5.13
C ALA C 568 -12.46 23.56 4.09
N ASP C 569 -11.98 24.78 3.86
CA ASP C 569 -10.78 25.01 3.06
C ASP C 569 -10.83 24.51 1.63
N THR C 570 -11.87 24.87 0.88
CA THR C 570 -11.95 24.53 -0.53
C THR C 570 -12.21 25.79 -1.32
N THR C 571 -11.56 25.93 -2.47
CA THR C 571 -11.73 27.10 -3.32
C THR C 571 -13.17 27.24 -3.74
N ASP C 572 -13.74 28.42 -3.54
CA ASP C 572 -15.12 28.64 -3.96
C ASP C 572 -15.32 29.86 -4.82
N ALA C 573 -14.31 30.69 -5.01
CA ALA C 573 -14.39 31.84 -5.90
C ALA C 573 -13.01 32.14 -6.42
N VAL C 574 -12.92 32.66 -7.65
CA VAL C 574 -11.67 33.07 -8.24
C VAL C 574 -11.87 34.43 -8.88
N ARG C 575 -10.77 35.02 -9.32
CA ARG C 575 -10.76 36.30 -10.00
C ARG C 575 -10.09 36.01 -11.34
N ASP C 576 -10.73 36.36 -12.45
CA ASP C 576 -10.18 36.06 -13.76
C ASP C 576 -8.94 36.91 -13.98
N PRO C 577 -7.80 36.31 -14.23
CA PRO C 577 -6.57 37.12 -14.39
C PRO C 577 -6.66 38.17 -15.48
N GLN C 578 -7.37 37.87 -16.56
CA GLN C 578 -7.42 38.81 -17.68
C GLN C 578 -8.45 39.91 -17.47
N THR C 579 -9.67 39.54 -17.10
CA THR C 579 -10.74 40.53 -17.01
C THR C 579 -10.93 41.09 -15.60
N LEU C 580 -10.34 40.45 -14.57
CA LEU C 580 -10.40 40.91 -13.18
C LEU C 580 -11.84 40.94 -12.66
N GLU C 581 -12.57 39.86 -12.86
CA GLU C 581 -13.91 39.71 -12.34
C GLU C 581 -14.00 38.49 -11.45
N ILE C 582 -14.81 38.61 -10.40
CA ILE C 582 -14.95 37.57 -9.40
C ILE C 582 -16.07 36.64 -9.82
N LEU C 583 -15.79 35.35 -9.84
CA LEU C 583 -16.72 34.33 -10.30
C LEU C 583 -16.81 33.22 -9.27
N ASP C 584 -18.03 32.81 -8.94
CA ASP C 584 -18.21 31.66 -8.08
C ASP C 584 -18.11 30.36 -8.85
N ILE C 585 -17.71 29.31 -8.13
CA ILE C 585 -17.54 27.98 -8.68
C ILE C 585 -18.49 27.07 -7.95
N THR C 586 -19.47 26.53 -8.66
CA THR C 586 -20.37 25.57 -8.06
C THR C 586 -19.92 24.27 -8.71
N PRO C 587 -19.95 23.16 -7.98
CA PRO C 587 -19.51 21.87 -8.54
C PRO C 587 -20.51 21.20 -9.48
N CYS C 588 -20.02 20.34 -10.36
CA CYS C 588 -20.88 19.63 -11.30
C CYS C 588 -21.81 18.72 -10.51
N SER C 589 -23.12 18.89 -10.70
CA SER C 589 -24.12 18.10 -9.98
C SER C 589 -23.76 16.63 -9.90
N PHE C 590 -24.35 15.92 -8.95
CA PHE C 590 -24.08 14.51 -8.79
C PHE C 590 -25.00 13.91 -7.74
N GLY C 591 -24.87 12.61 -7.54
CA GLY C 591 -25.69 11.92 -6.56
C GLY C 591 -26.00 10.50 -6.94
N GLY C 592 -26.49 9.71 -6.01
CA GLY C 592 -26.77 8.32 -6.30
C GLY C 592 -27.96 8.13 -7.21
N VAL C 593 -28.01 6.98 -7.85
CA VAL C 593 -29.12 6.60 -8.71
C VAL C 593 -29.69 5.30 -8.19
N SER C 594 -30.99 5.30 -7.89
CA SER C 594 -31.65 4.10 -7.40
C SER C 594 -32.80 3.76 -8.33
N VAL C 595 -33.12 2.48 -8.39
CA VAL C 595 -34.17 1.96 -9.25
C VAL C 595 -35.29 1.40 -8.39
N ILE C 596 -36.51 1.83 -8.69
CA ILE C 596 -37.72 1.42 -7.98
C ILE C 596 -38.41 0.38 -8.83
N THR C 597 -38.55 -0.83 -8.30
CA THR C 597 -39.12 -1.94 -9.03
C THR C 597 -40.16 -2.69 -8.18
N PRO C 598 -41.32 -3.00 -8.74
CA PRO C 598 -42.30 -3.81 -8.01
C PRO C 598 -41.95 -5.28 -7.90
N GLY C 599 -40.91 -5.75 -8.57
CA GLY C 599 -40.56 -7.15 -8.62
C GLY C 599 -40.94 -7.70 -9.98
N THR C 600 -40.06 -8.53 -10.55
CA THR C 600 -40.25 -9.03 -11.91
C THR C 600 -41.44 -9.96 -12.03
N ASN C 601 -41.98 -10.39 -10.90
CA ASN C 601 -43.16 -11.24 -10.83
C ASN C 601 -44.44 -10.41 -10.73
N THR C 602 -44.30 -9.10 -10.84
CA THR C 602 -45.45 -8.21 -10.85
C THR C 602 -45.44 -7.39 -12.12
N SER C 603 -44.27 -6.87 -12.47
CA SER C 603 -44.11 -6.01 -13.63
C SER C 603 -42.62 -5.80 -13.84
N ASN C 604 -42.29 -5.26 -15.01
CA ASN C 604 -40.91 -4.89 -15.32
C ASN C 604 -40.78 -3.38 -15.49
N GLN C 605 -41.79 -2.62 -15.13
CA GLN C 605 -41.64 -1.20 -15.26
C GLN C 605 -40.75 -0.77 -14.09
N VAL C 606 -40.23 0.45 -14.14
CA VAL C 606 -39.39 1.02 -13.10
C VAL C 606 -39.43 2.52 -13.23
N ALA C 607 -39.27 3.22 -12.11
CA ALA C 607 -39.08 4.66 -12.11
C ALA C 607 -37.77 4.99 -11.40
N VAL C 608 -37.17 6.12 -11.73
CA VAL C 608 -35.86 6.47 -11.20
C VAL C 608 -35.93 7.85 -10.56
N LEU C 609 -35.42 7.96 -9.34
CA LEU C 609 -35.29 9.23 -8.65
C LEU C 609 -33.82 9.63 -8.59
N TYR C 610 -33.51 10.81 -9.10
CA TYR C 610 -32.17 11.37 -9.03
C TYR C 610 -32.17 12.34 -7.87
N GLN C 611 -31.52 11.93 -6.77
CA GLN C 611 -31.48 12.71 -5.51
C GLN C 611 -30.91 14.13 -5.58
N GLY C 612 -31.77 15.10 -5.33
CA GLY C 612 -31.47 16.53 -5.43
C GLY C 612 -30.81 16.91 -6.75
N VAL C 613 -31.32 16.33 -7.82
CA VAL C 613 -30.92 16.67 -9.16
C VAL C 613 -32.10 17.33 -9.85
N ASN C 614 -31.84 18.48 -10.47
CA ASN C 614 -32.90 19.15 -11.19
C ASN C 614 -33.20 18.41 -12.48
N CYS C 615 -34.47 18.43 -12.86
CA CYS C 615 -34.89 17.66 -14.02
C CYS C 615 -34.40 18.26 -15.34
N THR C 616 -33.61 19.32 -15.28
CA THR C 616 -33.05 19.96 -16.47
C THR C 616 -31.59 19.58 -16.66
N GLU C 617 -31.02 18.90 -15.66
CA GLU C 617 -29.61 18.57 -15.68
C GLU C 617 -29.40 17.08 -15.50
N VAL C 618 -30.41 16.29 -15.89
CA VAL C 618 -30.33 14.84 -15.76
C VAL C 618 -29.54 14.23 -16.91
N PRO C 619 -29.81 14.58 -18.18
CA PRO C 619 -29.06 13.85 -19.21
C PRO C 619 -27.70 14.46 -19.47
N SER C 638 -43.59 11.95 -21.55
CA SER C 638 -43.46 11.11 -20.36
C SER C 638 -43.85 11.86 -19.09
N ASN C 639 -43.54 11.25 -17.95
CA ASN C 639 -43.98 11.76 -16.66
C ASN C 639 -42.77 12.25 -15.87
N VAL C 640 -42.52 13.54 -15.84
CA VAL C 640 -41.35 14.02 -15.11
C VAL C 640 -41.71 14.87 -13.91
N PHE C 641 -42.11 14.22 -12.83
CA PHE C 641 -42.48 14.91 -11.63
C PHE C 641 -41.24 15.40 -10.92
N GLN C 642 -41.30 16.54 -10.25
CA GLN C 642 -40.15 17.08 -9.56
C GLN C 642 -40.35 17.06 -8.05
N THR C 643 -40.06 15.93 -7.42
CA THR C 643 -40.22 15.82 -5.98
C THR C 643 -39.22 16.76 -5.35
N ARG C 644 -39.31 16.98 -4.04
CA ARG C 644 -38.37 17.86 -3.37
C ARG C 644 -37.39 17.06 -2.55
N ALA C 645 -36.80 16.08 -3.20
CA ALA C 645 -35.83 15.22 -2.60
C ALA C 645 -35.37 14.30 -3.69
N GLY C 646 -35.19 14.88 -4.87
CA GLY C 646 -34.77 14.15 -6.05
C GLY C 646 -35.44 14.69 -7.28
N CYS C 647 -35.67 13.85 -8.27
CA CYS C 647 -36.31 14.25 -9.50
C CYS C 647 -36.93 13.05 -10.16
N LEU C 648 -38.02 12.58 -9.59
CA LEU C 648 -38.71 11.41 -10.09
C LEU C 648 -39.21 11.50 -11.52
N ILE C 649 -38.77 10.52 -12.29
CA ILE C 649 -39.05 10.24 -13.69
C ILE C 649 -39.74 8.88 -13.79
N GLY C 650 -40.84 8.83 -14.51
CA GLY C 650 -41.53 7.59 -14.77
C GLY C 650 -42.76 7.34 -13.94
N ALA C 651 -43.17 8.30 -13.11
CA ALA C 651 -44.37 8.22 -12.31
C ALA C 651 -45.09 9.54 -12.41
N GLU C 652 -46.42 9.51 -12.46
CA GLU C 652 -47.21 10.72 -12.46
C GLU C 652 -47.61 11.11 -11.05
N TYR C 653 -47.50 12.40 -10.75
CA TYR C 653 -47.82 12.89 -9.42
C TYR C 653 -49.27 13.34 -9.35
N VAL C 654 -50.00 12.79 -8.39
CA VAL C 654 -51.40 13.08 -8.20
C VAL C 654 -51.59 13.82 -6.87
N ASN C 655 -52.76 14.40 -6.68
CA ASN C 655 -53.07 15.17 -5.48
C ASN C 655 -53.85 14.38 -4.44
N ASN C 656 -54.26 13.16 -4.77
CA ASN C 656 -54.93 12.28 -3.82
C ASN C 656 -53.94 11.75 -2.81
N SER C 657 -54.41 10.86 -1.93
CA SER C 657 -53.55 10.27 -0.94
C SER C 657 -53.92 8.83 -0.65
N TYR C 658 -52.93 7.98 -0.46
CA TYR C 658 -53.17 6.59 -0.14
C TYR C 658 -52.19 6.22 0.96
N GLU C 659 -52.12 4.95 1.31
CA GLU C 659 -51.20 4.53 2.34
C GLU C 659 -49.82 4.36 1.72
N CYS C 660 -48.78 4.59 2.51
CA CYS C 660 -47.41 4.43 2.00
C CYS C 660 -47.22 3.04 1.42
N ASP C 661 -46.66 2.97 0.22
CA ASP C 661 -46.43 1.70 -0.44
C ASP C 661 -44.93 1.51 -0.56
N ILE C 662 -44.31 2.32 -1.39
CA ILE C 662 -42.88 2.29 -1.61
C ILE C 662 -42.43 3.67 -1.23
N PRO C 663 -41.83 3.82 0.01
CA PRO C 663 -41.45 5.20 0.35
C PRO C 663 -40.44 5.86 -0.56
N ILE C 664 -40.76 7.04 -1.07
CA ILE C 664 -39.83 7.75 -1.94
C ILE C 664 -39.07 8.81 -1.17
N GLY C 665 -39.65 9.36 -0.12
CA GLY C 665 -38.95 10.35 0.67
C GLY C 665 -39.61 11.71 0.70
N ALA C 666 -39.62 12.32 1.87
CA ALA C 666 -40.19 13.65 2.07
C ALA C 666 -41.71 13.76 1.95
N GLY C 667 -42.39 12.66 2.16
CA GLY C 667 -43.83 12.65 2.11
C GLY C 667 -44.36 12.37 0.74
N ILE C 668 -43.65 11.53 0.00
CA ILE C 668 -44.06 11.17 -1.34
C ILE C 668 -43.99 9.66 -1.37
N CYS C 669 -44.59 9.03 -2.36
CA CYS C 669 -44.58 7.58 -2.44
C CYS C 669 -44.91 7.08 -3.81
N ALA C 670 -44.58 5.83 -4.06
CA ALA C 670 -44.88 5.26 -5.36
C ALA C 670 -45.54 3.94 -5.16
N SER C 671 -46.18 3.44 -6.20
CA SER C 671 -46.87 2.18 -6.09
C SER C 671 -47.58 1.87 -7.39
N TYR C 672 -47.77 0.59 -7.63
CA TYR C 672 -48.43 0.11 -8.83
C TYR C 672 -49.94 0.31 -8.74
N GLN C 673 -50.46 1.25 -9.52
CA GLN C 673 -51.89 1.49 -9.52
C GLN C 673 -52.36 1.76 -10.93
N THR C 674 -53.59 2.26 -11.05
CA THR C 674 -54.17 2.57 -12.34
C THR C 674 -55.04 3.82 -12.28
N GLN C 688 -51.90 0.07 -16.01
CA GLN C 688 -51.37 -0.34 -14.71
C GLN C 688 -50.01 0.28 -14.45
N SER C 689 -49.92 1.59 -14.69
CA SER C 689 -48.67 2.31 -14.49
C SER C 689 -48.40 2.49 -13.01
N ILE C 690 -47.32 3.19 -12.68
CA ILE C 690 -46.92 3.42 -11.31
C ILE C 690 -47.05 4.91 -11.03
N ILE C 691 -47.52 5.29 -9.83
CA ILE C 691 -47.70 6.72 -9.53
C ILE C 691 -47.11 7.19 -8.20
N ALA C 692 -46.99 8.49 -8.03
CA ALA C 692 -46.44 9.07 -6.82
C ALA C 692 -47.49 9.99 -6.26
N TYR C 693 -47.61 10.06 -4.95
CA TYR C 693 -48.63 10.89 -4.33
C TYR C 693 -48.19 11.19 -2.91
N THR C 694 -48.90 12.04 -2.20
CA THR C 694 -48.51 12.34 -0.82
C THR C 694 -49.24 11.45 0.13
N MET C 695 -48.52 10.57 0.79
CA MET C 695 -49.07 9.62 1.73
C MET C 695 -50.16 10.16 2.64
N SER C 696 -51.13 9.31 2.97
CA SER C 696 -52.23 9.64 3.84
C SER C 696 -51.84 9.18 5.21
N LEU C 697 -52.09 9.99 6.22
CA LEU C 697 -51.72 9.62 7.57
C LEU C 697 -52.71 8.68 8.21
N GLY C 698 -53.93 8.64 7.69
CA GLY C 698 -54.93 7.76 8.23
C GLY C 698 -56.30 8.31 7.97
N ALA C 699 -57.31 7.55 8.36
CA ALA C 699 -58.68 8.00 8.17
C ALA C 699 -58.90 9.11 9.15
N GLU C 700 -59.89 9.93 8.88
CA GLU C 700 -60.17 11.06 9.73
C GLU C 700 -61.39 10.75 10.59
N ASN C 701 -61.37 11.21 11.83
CA ASN C 701 -62.57 10.97 12.64
C ASN C 701 -62.69 12.00 13.75
N SER C 702 -63.88 12.57 13.84
CA SER C 702 -64.27 13.47 14.90
C SER C 702 -64.91 12.69 16.04
N VAL C 703 -64.48 12.99 17.24
CA VAL C 703 -65.09 12.46 18.45
C VAL C 703 -66.29 13.33 18.77
N ALA C 704 -67.40 12.70 19.12
CA ALA C 704 -68.63 13.43 19.38
C ALA C 704 -68.65 13.98 20.81
N TYR C 705 -67.71 14.88 21.09
CA TYR C 705 -67.59 15.44 22.43
C TYR C 705 -68.72 16.40 22.73
N SER C 706 -69.24 16.35 23.95
CA SER C 706 -70.08 17.41 24.48
C SER C 706 -69.82 17.56 25.97
N ASN C 707 -70.46 18.52 26.63
CA ASN C 707 -70.16 18.72 28.04
C ASN C 707 -70.99 17.86 28.96
N ASN C 708 -71.88 17.01 28.45
CA ASN C 708 -72.63 16.13 29.32
C ASN C 708 -72.93 14.78 28.68
N SER C 709 -72.08 14.32 27.77
CA SER C 709 -72.29 13.08 27.04
C SER C 709 -71.16 12.11 27.35
N ILE C 710 -71.50 10.82 27.43
CA ILE C 710 -70.51 9.77 27.64
C ILE C 710 -70.82 8.60 26.72
N ALA C 711 -69.79 7.83 26.38
CA ALA C 711 -69.93 6.62 25.59
C ALA C 711 -69.36 5.45 26.38
N ILE C 712 -70.16 4.39 26.57
CA ILE C 712 -69.78 3.23 27.35
C ILE C 712 -70.00 1.99 26.49
N PRO C 713 -69.06 1.05 26.45
CA PRO C 713 -69.27 -0.18 25.67
C PRO C 713 -70.30 -1.10 26.31
N THR C 714 -71.04 -1.79 25.45
CA THR C 714 -72.00 -2.81 25.92
C THR C 714 -71.58 -4.24 25.58
N ASN C 715 -70.48 -4.40 24.84
CA ASN C 715 -69.98 -5.72 24.49
C ASN C 715 -68.47 -5.61 24.32
N PHE C 716 -67.84 -6.73 24.03
CA PHE C 716 -66.38 -6.78 23.93
C PHE C 716 -65.97 -7.97 23.08
N THR C 717 -64.72 -7.95 22.64
CA THR C 717 -64.09 -9.10 22.03
C THR C 717 -62.74 -9.38 22.69
N ILE C 718 -62.29 -10.62 22.55
CA ILE C 718 -60.96 -11.05 22.97
C ILE C 718 -60.07 -11.13 21.73
N SER C 719 -58.98 -10.38 21.72
CA SER C 719 -58.06 -10.36 20.59
C SER C 719 -56.78 -11.09 20.92
N VAL C 720 -56.11 -11.61 19.89
CA VAL C 720 -54.79 -12.21 20.03
C VAL C 720 -53.86 -11.56 19.01
N THR C 721 -52.68 -11.16 19.46
CA THR C 721 -51.69 -10.56 18.58
C THR C 721 -50.31 -11.15 18.85
N THR C 722 -49.47 -11.15 17.83
CA THR C 722 -48.12 -11.66 17.93
C THR C 722 -47.11 -10.54 18.12
N GLU C 723 -46.03 -10.87 18.80
CA GLU C 723 -44.84 -10.04 18.87
C GLU C 723 -43.63 -10.97 18.81
N ILE C 724 -42.63 -10.58 18.03
CA ILE C 724 -41.48 -11.44 17.77
C ILE C 724 -40.22 -10.72 18.21
N LEU C 725 -39.35 -11.42 18.93
CA LEU C 725 -38.10 -10.83 19.37
C LEU C 725 -36.94 -11.78 19.16
N PRO C 726 -35.85 -11.31 18.55
CA PRO C 726 -34.63 -12.13 18.47
C PRO C 726 -33.94 -12.26 19.80
N VAL C 727 -33.29 -13.40 20.02
CA VAL C 727 -32.55 -13.58 21.27
C VAL C 727 -31.10 -13.96 21.06
N SER C 728 -30.67 -14.51 19.92
CA SER C 728 -29.27 -14.92 19.79
C SER C 728 -28.83 -14.97 18.34
N MET C 729 -27.52 -14.95 18.15
CA MET C 729 -26.83 -15.14 16.87
C MET C 729 -26.04 -16.44 16.89
N THR C 730 -25.54 -16.83 15.72
CA THR C 730 -24.57 -17.91 15.61
C THR C 730 -23.21 -17.48 16.15
N LYS C 731 -22.58 -18.39 16.86
CA LYS C 731 -21.26 -18.18 17.45
C LYS C 731 -20.20 -18.54 16.42
N THR C 732 -19.34 -17.59 16.11
CA THR C 732 -18.32 -17.79 15.11
C THR C 732 -16.96 -17.68 15.75
N SER C 733 -15.98 -18.34 15.13
CA SER C 733 -14.59 -18.27 15.54
C SER C 733 -13.67 -18.32 14.32
N VAL C 734 -12.67 -17.45 14.29
CA VAL C 734 -11.76 -17.35 13.16
C VAL C 734 -10.40 -17.75 13.64
N ASP C 735 -9.73 -18.62 12.89
CA ASP C 735 -8.34 -18.95 13.12
C ASP C 735 -7.48 -17.87 12.46
N CYS C 736 -6.91 -16.98 13.27
CA CYS C 736 -6.18 -15.83 12.76
C CYS C 736 -5.03 -16.25 11.85
N THR C 737 -4.24 -17.23 12.27
CA THR C 737 -3.11 -17.68 11.48
C THR C 737 -3.53 -18.34 10.18
N MET C 738 -4.61 -19.12 10.19
CA MET C 738 -5.04 -19.77 8.97
C MET C 738 -5.78 -18.83 8.03
N TYR C 739 -6.42 -17.80 8.56
CA TYR C 739 -7.05 -16.81 7.70
C TYR C 739 -6.00 -15.98 6.99
N ILE C 740 -5.05 -15.44 7.72
CA ILE C 740 -4.08 -14.55 7.11
C ILE C 740 -3.09 -15.35 6.29
N CYS C 741 -2.16 -16.01 6.95
CA CYS C 741 -1.13 -16.76 6.26
C CYS C 741 -1.79 -17.82 5.37
N GLY C 742 -2.32 -18.87 6.00
CA GLY C 742 -2.93 -19.96 5.27
C GLY C 742 -1.93 -21.03 4.89
N ASP C 743 -1.76 -22.01 5.77
CA ASP C 743 -0.92 -23.17 5.50
C ASP C 743 0.58 -22.86 5.57
N SER C 744 1.02 -21.88 4.79
CA SER C 744 2.43 -21.50 4.74
C SER C 744 3.04 -21.38 6.13
N THR C 745 4.32 -21.71 6.25
CA THR C 745 5.00 -21.68 7.54
C THR C 745 6.07 -20.59 7.62
N GLU C 746 6.47 -20.08 6.46
CA GLU C 746 7.44 -18.99 6.43
C GLU C 746 6.72 -17.74 6.91
N CYS C 747 5.41 -17.72 6.70
CA CYS C 747 4.54 -16.63 7.12
C CYS C 747 4.42 -16.55 8.63
N SER C 748 4.38 -17.69 9.31
CA SER C 748 4.13 -17.67 10.75
C SER C 748 5.17 -16.85 11.50
N ASN C 749 6.44 -16.92 11.10
CA ASN C 749 7.45 -16.12 11.76
C ASN C 749 7.26 -14.63 11.48
N LEU C 750 6.72 -14.29 10.31
CA LEU C 750 6.46 -12.89 10.01
C LEU C 750 5.27 -12.37 10.78
N LEU C 751 4.23 -13.20 10.96
CA LEU C 751 3.03 -12.76 11.66
C LEU C 751 3.30 -12.50 13.13
N LEU C 752 4.22 -13.24 13.73
CA LEU C 752 4.61 -13.00 15.11
C LEU C 752 5.20 -11.62 15.34
N GLN C 753 5.63 -10.94 14.28
CA GLN C 753 6.28 -9.64 14.38
C GLN C 753 5.29 -8.49 14.54
N TYR C 754 3.99 -8.76 14.50
CA TYR C 754 3.00 -7.73 14.67
C TYR C 754 2.42 -7.68 16.06
N GLY C 755 2.91 -8.50 16.98
CA GLY C 755 2.47 -8.40 18.35
C GLY C 755 1.26 -9.27 18.61
N SER C 756 0.36 -8.80 19.46
CA SER C 756 -0.71 -9.63 20.01
C SER C 756 -2.03 -9.37 19.33
N PHE C 757 -2.05 -9.02 18.05
CA PHE C 757 -3.32 -8.79 17.37
C PHE C 757 -4.18 -10.04 17.31
N CYS C 758 -3.59 -11.21 17.13
CA CYS C 758 -4.34 -12.45 17.10
C CYS C 758 -4.87 -12.87 18.46
N THR C 759 -4.22 -12.48 19.55
CA THR C 759 -4.75 -12.71 20.88
C THR C 759 -5.97 -11.83 21.14
N GLN C 760 -5.93 -10.58 20.70
CA GLN C 760 -7.06 -9.69 20.86
C GLN C 760 -8.29 -10.20 20.14
N LEU C 761 -8.12 -10.76 18.94
CA LEU C 761 -9.26 -11.27 18.21
C LEU C 761 -9.91 -12.44 18.93
N LYS C 762 -9.12 -13.35 19.47
CA LYS C 762 -9.66 -14.47 20.21
C LYS C 762 -10.35 -14.05 21.48
N ARG C 763 -9.78 -13.10 22.21
CA ARG C 763 -10.44 -12.63 23.43
C ARG C 763 -11.76 -11.94 23.12
N ALA C 764 -11.77 -11.09 22.09
CA ALA C 764 -12.98 -10.36 21.75
C ALA C 764 -14.08 -11.31 21.32
N LEU C 765 -13.77 -12.28 20.47
CA LEU C 765 -14.81 -13.20 20.03
C LEU C 765 -15.29 -14.14 21.12
N THR C 766 -14.42 -14.52 22.06
CA THR C 766 -14.88 -15.34 23.18
C THR C 766 -15.88 -14.61 24.06
N GLY C 767 -15.68 -13.31 24.27
CA GLY C 767 -16.66 -12.55 25.01
C GLY C 767 -18.05 -12.62 24.42
N ILE C 768 -18.17 -12.48 23.10
CA ILE C 768 -19.42 -12.66 22.39
C ILE C 768 -19.98 -14.06 22.56
N ALA C 769 -19.15 -15.08 22.39
CA ALA C 769 -19.59 -16.47 22.47
C ALA C 769 -20.16 -16.83 23.82
N VAL C 770 -19.60 -16.30 24.89
CA VAL C 770 -20.13 -16.61 26.22
C VAL C 770 -21.44 -15.87 26.46
N GLU C 771 -21.56 -14.63 25.99
CA GLU C 771 -22.77 -13.86 26.25
C GLU C 771 -23.98 -14.43 25.50
N GLN C 772 -23.78 -15.01 24.32
CA GLN C 772 -24.90 -15.50 23.53
C GLN C 772 -25.62 -16.67 24.17
N ASP C 773 -24.95 -17.46 24.99
CA ASP C 773 -25.62 -18.52 25.72
C ASP C 773 -26.32 -17.99 26.96
N LYS C 774 -25.74 -16.99 27.59
CA LYS C 774 -26.37 -16.33 28.71
C LYS C 774 -27.63 -15.57 28.31
N ASN C 775 -27.62 -14.96 27.13
CA ASN C 775 -28.82 -14.30 26.61
C ASN C 775 -30.02 -15.25 26.60
N THR C 776 -29.81 -16.49 26.13
CA THR C 776 -30.87 -17.47 26.03
C THR C 776 -31.33 -17.96 27.39
N GLN C 777 -30.41 -18.17 28.32
CA GLN C 777 -30.78 -18.62 29.65
C GLN C 777 -31.63 -17.57 30.35
N GLU C 778 -31.29 -16.30 30.21
CA GLU C 778 -32.06 -15.26 30.85
C GLU C 778 -33.45 -15.10 30.27
N VAL C 779 -33.65 -15.36 28.98
CA VAL C 779 -35.01 -15.25 28.45
C VAL C 779 -35.84 -16.47 28.83
N PHE C 780 -35.30 -17.67 28.70
CA PHE C 780 -36.12 -18.87 28.87
C PHE C 780 -35.98 -19.56 30.20
N ALA C 781 -34.83 -19.55 30.84
CA ALA C 781 -34.62 -20.37 32.04
C ALA C 781 -35.07 -19.63 33.30
N GLN C 782 -36.35 -19.27 33.30
CA GLN C 782 -36.99 -18.56 34.40
C GLN C 782 -37.93 -19.46 35.19
N VAL C 783 -37.70 -20.76 35.19
CA VAL C 783 -38.57 -21.66 35.92
C VAL C 783 -37.71 -22.71 36.61
N LYS C 784 -38.04 -22.98 37.87
CA LYS C 784 -37.25 -23.92 38.66
C LYS C 784 -37.54 -25.36 38.27
N GLN C 785 -38.81 -25.74 38.28
CA GLN C 785 -39.24 -27.10 38.03
C GLN C 785 -39.89 -27.18 36.66
N ILE C 786 -39.94 -28.37 36.12
CA ILE C 786 -40.55 -28.60 34.82
C ILE C 786 -41.97 -29.07 35.08
N TYR C 787 -42.93 -28.20 34.79
CA TYR C 787 -44.34 -28.47 35.02
C TYR C 787 -44.94 -29.27 33.86
N LYS C 788 -45.93 -30.09 34.19
CA LYS C 788 -46.70 -30.83 33.20
C LYS C 788 -48.19 -30.63 33.41
N THR C 789 -48.92 -30.63 32.31
CA THR C 789 -50.38 -30.54 32.37
C THR C 789 -50.97 -31.91 32.66
N PRO C 790 -52.18 -31.95 33.22
CA PRO C 790 -52.83 -33.23 33.46
C PRO C 790 -53.29 -33.86 32.16
N PRO C 791 -53.38 -35.18 32.16
CA PRO C 791 -53.77 -35.96 30.98
C PRO C 791 -55.04 -35.50 30.30
N ILE C 792 -56.06 -35.13 31.07
CA ILE C 792 -57.36 -34.82 30.52
C ILE C 792 -57.25 -33.69 29.50
N LYS C 793 -56.51 -32.66 29.88
CA LYS C 793 -56.37 -31.48 29.03
C LYS C 793 -57.69 -30.84 28.60
N TYR C 794 -58.56 -30.55 29.56
CA TYR C 794 -59.81 -29.87 29.26
C TYR C 794 -60.06 -28.82 30.31
N PHE C 795 -59.75 -27.57 29.99
CA PHE C 795 -59.75 -26.49 30.98
C PHE C 795 -61.02 -25.65 30.82
N GLY C 796 -62.11 -26.14 31.37
CA GLY C 796 -63.39 -25.44 31.30
C GLY C 796 -63.82 -24.99 29.92
N GLY C 797 -63.28 -25.61 28.89
CA GLY C 797 -63.66 -25.29 27.53
C GLY C 797 -62.45 -24.82 26.75
N PHE C 798 -61.92 -23.68 27.13
CA PHE C 798 -60.75 -23.17 26.48
C PHE C 798 -59.92 -24.33 25.94
N ASN C 799 -59.51 -24.23 24.69
CA ASN C 799 -58.82 -25.29 23.98
C ASN C 799 -57.44 -24.79 23.60
N PHE C 800 -56.41 -25.36 24.19
CA PHE C 800 -55.06 -24.86 24.05
C PHE C 800 -54.19 -25.79 23.22
N SER C 801 -54.82 -26.68 22.44
CA SER C 801 -54.05 -27.70 21.75
C SER C 801 -53.08 -27.12 20.73
N GLN C 802 -53.29 -25.89 20.26
CA GLN C 802 -52.38 -25.32 19.29
C GLN C 802 -51.13 -24.77 19.90
N ILE C 803 -51.04 -24.65 21.22
CA ILE C 803 -49.85 -24.14 21.87
C ILE C 803 -49.22 -25.14 22.81
N LEU C 804 -49.86 -26.23 23.09
CA LEU C 804 -49.24 -27.26 23.90
C LEU C 804 -48.52 -28.27 23.00
N PRO C 805 -47.55 -29.00 23.53
CA PRO C 805 -46.82 -29.97 22.70
C PRO C 805 -47.72 -31.05 22.11
N ASP C 806 -47.31 -31.54 20.94
CA ASP C 806 -47.99 -32.64 20.28
C ASP C 806 -47.33 -33.96 20.65
N PRO C 807 -47.98 -34.83 21.44
CA PRO C 807 -47.32 -36.07 21.86
C PRO C 807 -46.96 -37.01 20.71
N SER C 808 -47.58 -36.84 19.54
CA SER C 808 -47.30 -37.69 18.38
C SER C 808 -46.24 -37.10 17.48
N LYS C 809 -45.09 -36.71 18.05
CA LYS C 809 -43.99 -36.15 17.29
C LYS C 809 -42.69 -36.48 18.00
N PRO C 810 -41.62 -36.71 17.24
CA PRO C 810 -40.31 -36.94 17.88
C PRO C 810 -39.79 -35.71 18.59
N SER C 811 -40.15 -34.52 18.12
CA SER C 811 -39.61 -33.27 18.65
C SER C 811 -40.44 -32.72 19.80
N LYS C 812 -41.72 -33.11 19.91
CA LYS C 812 -42.63 -32.61 20.93
C LYS C 812 -42.85 -31.11 20.83
N ARG C 813 -42.87 -30.57 19.62
CA ARG C 813 -43.20 -29.17 19.43
C ARG C 813 -44.70 -29.00 19.36
N SER C 814 -45.14 -27.77 19.50
CA SER C 814 -46.54 -27.47 19.28
C SER C 814 -46.78 -27.22 17.79
N PRO C 815 -48.04 -27.30 17.41
CA PRO C 815 -48.44 -27.07 16.01
C PRO C 815 -47.98 -25.72 15.49
N ILE C 816 -47.98 -24.70 16.34
CA ILE C 816 -47.57 -23.37 15.93
C ILE C 816 -46.06 -23.26 15.90
N GLU C 817 -45.37 -23.91 16.83
CA GLU C 817 -43.92 -23.94 16.80
C GLU C 817 -43.37 -24.65 15.56
N ASP C 818 -44.08 -25.66 15.06
CA ASP C 818 -43.68 -26.30 13.82
C ASP C 818 -43.71 -25.35 12.64
N LEU C 819 -44.70 -24.46 12.57
CA LEU C 819 -44.67 -23.43 11.55
C LEU C 819 -43.54 -22.45 11.77
N LEU C 820 -43.24 -22.09 13.02
CA LEU C 820 -42.26 -21.04 13.24
C LEU C 820 -40.86 -21.45 12.81
N PHE C 821 -40.51 -22.73 12.90
CA PHE C 821 -39.21 -23.16 12.44
C PHE C 821 -39.18 -23.53 10.96
N ASN C 822 -40.29 -23.40 10.25
CA ASN C 822 -40.35 -23.69 8.84
C ASN C 822 -40.30 -22.46 7.97
N LYS C 823 -40.10 -21.28 8.57
CA LYS C 823 -40.02 -20.05 7.82
C LYS C 823 -38.64 -19.45 7.80
N VAL C 824 -37.74 -19.86 8.70
CA VAL C 824 -36.40 -19.31 8.73
C VAL C 824 -35.38 -20.39 8.41
N LYS C 852 -18.23 -24.41 6.41
CA LYS C 852 -16.85 -24.26 6.84
C LYS C 852 -16.01 -23.60 5.75
N PHE C 853 -14.99 -22.85 6.17
CA PHE C 853 -14.16 -22.11 5.24
C PHE C 853 -12.70 -22.13 5.68
N ASN C 854 -11.93 -21.16 5.18
CA ASN C 854 -10.49 -21.08 5.39
C ASN C 854 -10.12 -20.62 6.78
N GLY C 855 -10.38 -21.43 7.80
CA GLY C 855 -10.14 -21.04 9.18
C GLY C 855 -11.36 -20.55 9.93
N LEU C 856 -12.53 -20.53 9.30
CA LEU C 856 -13.76 -20.11 9.94
C LEU C 856 -14.54 -21.31 10.42
N THR C 857 -15.07 -21.22 11.63
CA THR C 857 -15.91 -22.29 12.17
C THR C 857 -17.07 -21.73 12.98
N VAL C 858 -18.14 -22.51 13.02
CA VAL C 858 -19.37 -22.15 13.73
C VAL C 858 -19.54 -23.11 14.90
N LEU C 859 -19.65 -22.56 16.08
CA LEU C 859 -19.78 -23.38 17.27
C LEU C 859 -21.24 -23.68 17.56
N PRO C 860 -21.55 -24.83 18.14
CA PRO C 860 -22.94 -25.16 18.44
C PRO C 860 -23.42 -24.46 19.70
N PRO C 861 -24.73 -24.22 19.82
CA PRO C 861 -25.27 -23.67 21.07
C PRO C 861 -25.17 -24.65 22.22
N LEU C 862 -25.13 -24.12 23.44
CA LEU C 862 -25.11 -24.95 24.63
C LEU C 862 -26.44 -25.67 24.83
N LEU C 863 -27.55 -24.95 24.65
CA LEU C 863 -28.87 -25.53 24.80
C LEU C 863 -29.39 -25.96 23.44
N THR C 864 -29.82 -27.21 23.35
CA THR C 864 -30.47 -27.71 22.15
C THR C 864 -31.86 -27.11 22.05
N ASP C 865 -32.50 -27.25 20.91
CA ASP C 865 -33.84 -26.71 20.82
C ASP C 865 -34.89 -27.60 21.47
N GLU C 866 -34.58 -28.84 21.75
CA GLU C 866 -35.44 -29.65 22.59
C GLU C 866 -35.51 -29.14 24.00
N MET C 867 -34.36 -28.77 24.58
CA MET C 867 -34.32 -28.21 25.91
C MET C 867 -35.06 -26.90 26.03
N ILE C 868 -34.98 -26.06 25.01
CA ILE C 868 -35.75 -24.82 25.01
C ILE C 868 -37.25 -25.12 24.96
N ALA C 869 -37.64 -26.11 24.17
CA ALA C 869 -39.05 -26.48 24.14
C ALA C 869 -39.54 -26.93 25.51
N GLN C 870 -38.67 -27.54 26.30
CA GLN C 870 -39.05 -27.97 27.64
C GLN C 870 -39.21 -26.81 28.60
N TYR C 871 -38.43 -25.74 28.45
CA TYR C 871 -38.68 -24.52 29.22
C TYR C 871 -40.02 -23.90 28.83
N THR C 872 -40.33 -23.86 27.53
CA THR C 872 -41.60 -23.27 27.12
C THR C 872 -42.79 -24.06 27.58
N SER C 873 -42.75 -25.39 27.50
CA SER C 873 -43.87 -26.16 28.00
C SER C 873 -44.06 -26.06 29.49
N ALA C 874 -42.98 -25.86 30.25
CA ALA C 874 -43.10 -25.64 31.68
C ALA C 874 -43.76 -24.32 32.01
N LEU C 875 -43.42 -23.26 31.26
CA LEU C 875 -44.10 -21.99 31.46
C LEU C 875 -45.57 -22.07 31.10
N LEU C 876 -45.91 -22.81 30.04
CA LEU C 876 -47.31 -22.98 29.68
C LEU C 876 -48.09 -23.79 30.70
N ALA C 877 -47.54 -24.89 31.17
CA ALA C 877 -48.20 -25.71 32.18
C ALA C 877 -48.31 -25.02 33.52
N GLY C 878 -47.34 -24.21 33.92
CA GLY C 878 -47.46 -23.47 35.16
C GLY C 878 -48.58 -22.45 35.10
N THR C 879 -48.61 -21.66 34.03
CA THR C 879 -49.58 -20.59 33.89
C THR C 879 -51.01 -21.08 33.78
N ILE C 880 -51.26 -22.13 33.01
CA ILE C 880 -52.64 -22.56 32.77
C ILE C 880 -53.24 -23.18 34.01
N THR C 881 -52.41 -23.69 34.91
CA THR C 881 -52.90 -24.35 36.10
C THR C 881 -52.80 -23.51 37.36
N SER C 882 -51.82 -22.61 37.45
CA SER C 882 -51.66 -21.82 38.65
C SER C 882 -51.51 -20.33 38.39
N GLY C 883 -51.71 -19.88 37.16
CA GLY C 883 -51.67 -18.46 36.89
C GLY C 883 -50.30 -17.87 37.09
N TRP C 884 -50.18 -16.90 37.99
CA TRP C 884 -48.90 -16.24 38.24
C TRP C 884 -48.33 -16.56 39.61
N THR C 885 -48.90 -17.51 40.34
CA THR C 885 -48.44 -17.76 41.68
C THR C 885 -47.12 -18.49 41.73
N PHE C 886 -46.84 -19.33 40.74
CA PHE C 886 -45.62 -20.12 40.77
C PHE C 886 -44.37 -19.28 40.54
N GLY C 887 -44.50 -18.07 40.02
CA GLY C 887 -43.36 -17.20 39.84
C GLY C 887 -42.94 -16.45 41.09
N ALA C 888 -43.74 -16.52 42.15
CA ALA C 888 -43.43 -15.84 43.40
C ALA C 888 -43.25 -16.79 44.56
N GLY C 889 -43.35 -18.08 44.34
CA GLY C 889 -43.29 -19.05 45.42
C GLY C 889 -43.74 -20.41 44.94
N PRO C 890 -44.52 -21.08 45.77
CA PRO C 890 -45.10 -22.38 45.41
C PRO C 890 -46.21 -22.18 44.40
N ALA C 891 -46.41 -23.15 43.51
CA ALA C 891 -47.53 -23.12 42.59
C ALA C 891 -48.82 -23.46 43.32
N LEU C 892 -49.81 -22.59 43.21
CA LEU C 892 -51.09 -22.73 43.88
C LEU C 892 -52.15 -22.96 42.84
N GLN C 893 -52.75 -24.14 42.84
CA GLN C 893 -53.77 -24.44 41.86
C GLN C 893 -55.04 -23.65 42.12
N ILE C 894 -55.73 -23.29 41.04
CA ILE C 894 -57.02 -22.64 41.07
C ILE C 894 -57.67 -23.00 39.74
N PRO C 895 -58.98 -23.24 39.66
CA PRO C 895 -59.59 -23.53 38.36
C PRO C 895 -59.38 -22.40 37.36
N PHE C 896 -59.18 -22.76 36.09
CA PHE C 896 -58.80 -21.78 35.09
C PHE C 896 -59.88 -20.73 34.85
N PRO C 897 -61.14 -21.14 34.82
CA PRO C 897 -62.25 -20.20 34.67
C PRO C 897 -62.19 -19.11 35.74
N MET C 898 -61.76 -19.47 36.95
CA MET C 898 -61.58 -18.51 38.02
C MET C 898 -60.33 -17.66 37.82
N GLN C 899 -59.33 -18.20 37.16
CA GLN C 899 -58.16 -17.43 36.82
C GLN C 899 -58.51 -16.30 35.87
N MET C 900 -59.33 -16.59 34.86
CA MET C 900 -59.74 -15.60 33.89
C MET C 900 -60.58 -14.51 34.52
N ALA C 901 -61.43 -14.86 35.46
CA ALA C 901 -62.24 -13.88 36.17
C ALA C 901 -61.42 -12.91 37.00
N TYR C 902 -60.35 -13.37 37.66
CA TYR C 902 -59.45 -12.46 38.36
C TYR C 902 -58.76 -11.51 37.39
N ARG C 903 -58.41 -12.00 36.20
CA ARG C 903 -57.74 -11.19 35.21
C ARG C 903 -58.63 -10.09 34.68
N PHE C 904 -59.93 -10.35 34.50
CA PHE C 904 -60.83 -9.26 34.16
C PHE C 904 -60.96 -8.25 35.29
N ASN C 905 -60.97 -8.72 36.54
CA ASN C 905 -61.00 -7.81 37.67
C ASN C 905 -59.81 -6.90 37.73
N GLY C 906 -58.64 -7.38 37.32
CA GLY C 906 -57.44 -6.57 37.35
C GLY C 906 -57.50 -5.41 36.39
N ILE C 907 -58.34 -5.49 35.35
CA ILE C 907 -58.48 -4.41 34.41
C ILE C 907 -59.73 -3.57 34.66
N GLY C 908 -60.39 -3.76 35.80
CA GLY C 908 -61.53 -2.95 36.13
C GLY C 908 -62.86 -3.44 35.61
N VAL C 909 -62.99 -4.71 35.30
CA VAL C 909 -64.25 -5.28 34.88
C VAL C 909 -64.74 -6.18 36.00
N THR C 910 -66.01 -6.10 36.29
CA THR C 910 -66.59 -6.85 37.39
C THR C 910 -66.64 -8.33 37.03
N GLN C 911 -66.38 -9.17 38.01
CA GLN C 911 -66.09 -10.57 37.68
C GLN C 911 -67.29 -11.37 37.23
N ASN C 912 -68.52 -10.89 37.39
CA ASN C 912 -69.65 -11.63 36.88
C ASN C 912 -69.72 -11.64 35.37
N VAL C 913 -69.01 -10.74 34.69
CA VAL C 913 -69.04 -10.70 33.24
C VAL C 913 -68.51 -11.99 32.66
N LEU C 914 -67.52 -12.61 33.30
CA LEU C 914 -67.06 -13.90 32.84
C LEU C 914 -67.98 -15.03 33.29
N TYR C 915 -68.38 -15.04 34.55
CA TYR C 915 -69.05 -16.21 35.08
C TYR C 915 -70.40 -16.43 34.41
N GLU C 916 -71.06 -15.36 33.98
CA GLU C 916 -72.32 -15.48 33.29
C GLU C 916 -72.17 -15.67 31.79
N ASN C 917 -70.97 -15.51 31.26
CA ASN C 917 -70.72 -15.59 29.83
C ASN C 917 -69.53 -16.50 29.53
N GLN C 918 -69.21 -17.41 30.43
CA GLN C 918 -68.06 -18.30 30.28
C GLN C 918 -68.01 -19.00 28.93
N LYS C 919 -69.11 -19.54 28.45
CA LYS C 919 -69.09 -20.24 27.17
C LYS C 919 -68.79 -19.32 26.01
N LEU C 920 -69.34 -18.11 26.02
CA LEU C 920 -69.11 -17.18 24.94
C LEU C 920 -67.65 -16.78 24.84
N ILE C 921 -67.02 -16.49 25.98
CA ILE C 921 -65.63 -16.05 25.96
C ILE C 921 -64.70 -17.17 25.53
N ALA C 922 -64.95 -18.38 26.01
CA ALA C 922 -64.15 -19.53 25.63
C ALA C 922 -64.28 -19.88 24.16
N ASN C 923 -65.48 -19.86 23.60
CA ASN C 923 -65.66 -20.09 22.17
C ASN C 923 -65.07 -18.99 21.31
N GLN C 924 -65.27 -17.72 21.68
CA GLN C 924 -64.64 -16.65 20.93
C GLN C 924 -63.13 -16.68 21.01
N PHE C 925 -62.57 -16.98 22.18
CA PHE C 925 -61.13 -17.12 22.27
C PHE C 925 -60.62 -18.20 21.33
N ASN C 926 -61.27 -19.37 21.33
CA ASN C 926 -60.78 -20.50 20.55
C ASN C 926 -60.69 -20.19 19.07
N SER C 927 -61.65 -19.47 18.52
CA SER C 927 -61.52 -19.01 17.15
C SER C 927 -60.47 -17.93 16.98
N ALA C 928 -60.35 -17.00 17.93
CA ALA C 928 -59.36 -15.94 17.78
C ALA C 928 -57.94 -16.47 17.77
N ILE C 929 -57.65 -17.49 18.58
CA ILE C 929 -56.31 -18.06 18.55
C ILE C 929 -56.14 -18.90 17.29
N GLY C 930 -57.20 -19.58 16.86
CA GLY C 930 -57.13 -20.32 15.61
C GLY C 930 -56.76 -19.48 14.41
N LYS C 931 -57.14 -18.22 14.38
CA LYS C 931 -56.76 -17.37 13.26
C LYS C 931 -55.27 -17.11 13.17
N ILE C 932 -54.51 -17.37 14.24
CA ILE C 932 -53.09 -17.03 14.21
C ILE C 932 -52.35 -17.87 13.18
N GLN C 933 -52.68 -19.16 13.07
CA GLN C 933 -52.00 -19.97 12.06
C GLN C 933 -52.25 -19.46 10.65
N ASP C 934 -53.46 -19.01 10.36
CA ASP C 934 -53.76 -18.49 9.02
C ASP C 934 -52.86 -17.31 8.67
N SER C 935 -52.57 -16.45 9.63
CA SER C 935 -51.71 -15.31 9.34
C SER C 935 -50.27 -15.73 9.13
N LEU C 936 -49.90 -16.96 9.47
CA LEU C 936 -48.52 -17.42 9.31
C LEU C 936 -48.38 -18.33 8.10
N SER C 937 -49.23 -19.34 7.98
CA SER C 937 -49.18 -20.28 6.85
C SER C 937 -49.89 -19.71 5.63
N ALA C 942 -43.55 -11.15 8.85
CA ALA C 942 -43.75 -11.93 10.07
C ALA C 942 -42.41 -12.16 10.77
N LEU C 943 -41.72 -13.22 10.37
CA LEU C 943 -40.47 -13.62 11.01
C LEU C 943 -39.26 -13.03 10.30
N GLY C 944 -39.42 -11.86 9.67
CA GLY C 944 -38.30 -11.19 9.04
C GLY C 944 -37.24 -10.73 10.01
N LYS C 945 -37.61 -10.44 11.25
CA LYS C 945 -36.60 -10.06 12.24
C LYS C 945 -35.68 -11.21 12.59
N LEU C 946 -36.15 -12.44 12.46
CA LEU C 946 -35.31 -13.59 12.71
C LEU C 946 -34.46 -13.96 11.52
N GLN C 947 -34.98 -13.78 10.31
CA GLN C 947 -34.19 -14.03 9.13
C GLN C 947 -33.08 -13.00 8.95
N ASP C 948 -33.33 -11.74 9.30
CA ASP C 948 -32.30 -10.71 9.26
C ASP C 948 -31.09 -11.04 10.12
N VAL C 949 -31.27 -11.65 11.27
CA VAL C 949 -30.11 -12.02 12.08
C VAL C 949 -29.25 -13.03 11.35
N VAL C 950 -29.88 -14.04 10.74
CA VAL C 950 -29.18 -15.04 9.95
C VAL C 950 -28.48 -14.40 8.75
N ASN C 951 -29.16 -13.48 8.07
CA ASN C 951 -28.59 -12.85 6.90
C ASN C 951 -27.37 -12.02 7.24
N HIS C 952 -27.44 -11.24 8.31
CA HIS C 952 -26.32 -10.37 8.66
C HIS C 952 -25.07 -11.16 8.97
N ASN C 953 -25.18 -12.28 9.67
CA ASN C 953 -23.99 -13.05 9.90
C ASN C 953 -23.52 -13.78 8.64
N ALA C 954 -24.45 -14.30 7.83
CA ALA C 954 -24.03 -14.96 6.61
C ALA C 954 -23.30 -14.00 5.68
N GLN C 955 -23.75 -12.76 5.61
CA GLN C 955 -23.10 -11.77 4.78
C GLN C 955 -21.72 -11.40 5.30
N ALA C 956 -21.52 -11.33 6.62
CA ALA C 956 -20.18 -11.04 7.10
C ALA C 956 -19.22 -12.20 6.88
N LEU C 957 -19.72 -13.42 6.91
CA LEU C 957 -18.84 -14.56 6.64
C LEU C 957 -18.54 -14.75 5.17
N ASN C 958 -19.48 -14.42 4.29
CA ASN C 958 -19.24 -14.47 2.86
C ASN C 958 -18.28 -13.36 2.41
N THR C 959 -18.40 -12.16 2.97
CA THR C 959 -17.45 -11.08 2.71
C THR C 959 -16.06 -11.35 3.27
N LEU C 960 -15.96 -11.87 4.48
CA LEU C 960 -14.66 -12.17 5.06
C LEU C 960 -13.86 -13.14 4.21
N VAL C 961 -14.51 -14.15 3.67
CA VAL C 961 -13.81 -15.09 2.80
C VAL C 961 -13.46 -14.44 1.46
N LYS C 962 -14.37 -13.68 0.88
CA LYS C 962 -14.07 -13.09 -0.41
C LYS C 962 -12.92 -12.11 -0.36
N GLN C 963 -12.68 -11.46 0.77
CA GLN C 963 -11.58 -10.52 0.91
C GLN C 963 -10.21 -11.18 0.85
N LEU C 964 -10.13 -12.49 0.75
CA LEU C 964 -8.84 -13.12 0.55
C LEU C 964 -8.38 -13.09 -0.89
N SER C 965 -9.27 -12.85 -1.83
CA SER C 965 -8.86 -12.72 -3.21
C SER C 965 -8.66 -11.26 -3.61
N SER C 966 -7.77 -10.57 -2.92
CA SER C 966 -7.46 -9.17 -3.19
C SER C 966 -5.96 -9.00 -3.10
N LYS C 967 -5.38 -8.24 -4.03
CA LYS C 967 -3.92 -8.04 -4.04
C LYS C 967 -3.42 -6.85 -3.22
N PHE C 968 -4.31 -5.94 -2.90
CA PHE C 968 -3.97 -4.78 -2.07
C PHE C 968 -2.74 -4.05 -2.59
N GLY C 969 -2.49 -4.15 -3.89
CA GLY C 969 -1.36 -3.47 -4.48
C GLY C 969 -0.07 -4.24 -4.45
N ALA C 970 -0.13 -5.55 -4.25
CA ALA C 970 1.03 -6.41 -4.23
C ALA C 970 1.15 -7.05 -5.60
N ILE C 971 2.23 -7.81 -5.83
CA ILE C 971 2.37 -8.45 -7.12
C ILE C 971 1.36 -9.57 -7.28
N SER C 972 1.02 -10.26 -6.20
CA SER C 972 0.07 -11.35 -6.28
C SER C 972 -0.73 -11.38 -4.99
N SER C 973 -1.66 -12.33 -4.91
CA SER C 973 -2.51 -12.48 -3.74
C SER C 973 -2.30 -13.83 -3.07
N VAL C 974 -1.27 -14.57 -3.45
CA VAL C 974 -1.00 -15.90 -2.91
C VAL C 974 0.42 -15.91 -2.36
N LEU C 975 0.54 -16.20 -1.07
CA LEU C 975 1.80 -16.17 -0.34
C LEU C 975 2.78 -17.26 -0.76
N ASN C 976 2.34 -18.29 -1.47
CA ASN C 976 3.30 -19.23 -2.03
C ASN C 976 3.81 -18.80 -3.39
N ASP C 977 2.95 -18.21 -4.22
CA ASP C 977 3.37 -17.81 -5.56
C ASP C 977 4.43 -16.73 -5.51
N ILE C 978 4.41 -15.93 -4.46
CA ILE C 978 5.39 -14.86 -4.32
C ILE C 978 6.79 -15.43 -4.29
N LEU C 979 6.97 -16.47 -3.50
CA LEU C 979 8.29 -17.08 -3.32
C LEU C 979 8.74 -17.76 -4.60
N SER C 980 7.82 -18.50 -5.20
CA SER C 980 8.06 -19.22 -6.44
C SER C 980 8.66 -18.36 -7.55
N ARG C 981 8.36 -17.07 -7.53
CA ARG C 981 8.86 -16.16 -8.55
C ARG C 981 9.44 -14.90 -7.93
N LEU C 982 10.13 -15.03 -6.80
CA LEU C 982 10.79 -13.88 -6.19
C LEU C 982 11.66 -14.20 -4.99
N ASP C 983 12.69 -13.38 -4.81
CA ASP C 983 13.70 -13.60 -3.79
C ASP C 983 13.17 -13.14 -2.44
N PRO C 984 13.79 -13.59 -1.36
CA PRO C 984 13.26 -13.27 -0.02
C PRO C 984 13.23 -11.79 0.31
N PRO C 985 14.31 -11.07 0.00
CA PRO C 985 14.39 -9.65 0.34
C PRO C 985 13.17 -8.86 -0.13
N GLU C 986 12.69 -9.20 -1.32
CA GLU C 986 11.49 -8.58 -1.87
C GLU C 986 10.20 -9.30 -1.53
N ALA C 987 10.28 -10.59 -1.22
CA ALA C 987 9.08 -11.34 -0.89
C ALA C 987 8.54 -11.01 0.48
N GLU C 988 9.43 -10.71 1.44
CA GLU C 988 9.01 -10.22 2.75
C GLU C 988 8.17 -8.95 2.65
N VAL C 989 8.52 -8.03 1.75
CA VAL C 989 7.72 -6.83 1.58
C VAL C 989 6.35 -7.16 1.00
N GLN C 990 6.27 -8.02 -0.01
CA GLN C 990 5.00 -8.31 -0.64
C GLN C 990 4.08 -9.07 0.28
N ILE C 991 4.62 -9.99 1.07
CA ILE C 991 3.80 -10.72 2.01
C ILE C 991 3.39 -9.82 3.16
N ASP C 992 4.26 -8.92 3.60
CA ASP C 992 3.83 -8.00 4.64
C ASP C 992 2.67 -7.12 4.22
N ARG C 993 2.58 -6.72 2.96
CA ARG C 993 1.43 -5.96 2.49
C ARG C 993 0.14 -6.75 2.56
N LEU C 994 0.18 -8.01 2.11
CA LEU C 994 -1.01 -8.86 2.18
C LEU C 994 -1.42 -9.13 3.61
N ILE C 995 -0.45 -9.34 4.51
CA ILE C 995 -0.76 -9.57 5.92
C ILE C 995 -1.46 -8.36 6.51
N THR C 996 -0.96 -7.17 6.24
CA THR C 996 -1.62 -5.97 6.75
C THR C 996 -3.04 -5.86 6.23
N GLY C 997 -3.24 -6.10 4.92
CA GLY C 997 -4.58 -6.02 4.39
C GLY C 997 -5.55 -6.99 5.00
N ARG C 998 -5.16 -8.26 5.12
CA ARG C 998 -6.03 -9.26 5.70
C ARG C 998 -6.16 -9.12 7.21
N LEU C 999 -5.16 -8.58 7.88
CA LEU C 999 -5.32 -8.26 9.28
C LEU C 999 -6.32 -7.14 9.50
N GLN C 1000 -6.35 -6.14 8.62
CA GLN C 1000 -7.41 -5.14 8.66
C GLN C 1000 -8.79 -5.74 8.45
N SER C 1001 -8.89 -6.78 7.61
CA SER C 1001 -10.18 -7.44 7.42
C SER C 1001 -10.71 -8.05 8.71
N LEU C 1002 -9.85 -8.70 9.48
CA LEU C 1002 -10.23 -9.26 10.75
C LEU C 1002 -10.62 -8.19 11.76
N GLN C 1003 -9.93 -7.07 11.78
CA GLN C 1003 -10.34 -6.02 12.71
C GLN C 1003 -11.70 -5.45 12.36
N THR C 1004 -11.99 -5.29 11.08
CA THR C 1004 -13.32 -4.86 10.68
C THR C 1004 -14.38 -5.86 11.10
N TYR C 1005 -14.12 -7.15 10.85
CA TYR C 1005 -15.08 -8.19 11.19
C TYR C 1005 -15.39 -8.20 12.69
N VAL C 1006 -14.35 -8.22 13.53
CA VAL C 1006 -14.60 -8.35 14.96
C VAL C 1006 -15.26 -7.11 15.53
N THR C 1007 -14.89 -5.92 15.04
CA THR C 1007 -15.53 -4.71 15.55
C THR C 1007 -17.03 -4.71 15.26
N GLN C 1008 -17.42 -5.12 14.05
CA GLN C 1008 -18.84 -5.18 13.79
C GLN C 1008 -19.57 -6.25 14.59
N GLN C 1009 -18.94 -7.37 14.90
CA GLN C 1009 -19.64 -8.37 15.70
C GLN C 1009 -19.91 -7.88 17.11
N LEU C 1010 -18.99 -7.11 17.69
CA LEU C 1010 -19.22 -6.51 18.99
C LEU C 1010 -20.34 -5.49 18.97
N ILE C 1011 -20.40 -4.66 17.93
CA ILE C 1011 -21.46 -3.66 17.86
C ILE C 1011 -22.82 -4.33 17.62
N ARG C 1012 -22.86 -5.34 16.77
CA ARG C 1012 -24.09 -6.08 16.53
C ARG C 1012 -24.49 -6.98 17.68
N ALA C 1013 -23.54 -7.49 18.46
CA ALA C 1013 -23.91 -8.30 19.61
C ALA C 1013 -24.55 -7.49 20.72
N ALA C 1014 -24.21 -6.22 20.84
CA ALA C 1014 -24.86 -5.34 21.78
C ALA C 1014 -26.33 -5.11 21.44
N GLU C 1015 -26.70 -5.16 20.18
CA GLU C 1015 -28.06 -4.96 19.75
C GLU C 1015 -28.95 -6.17 20.02
N ILE C 1016 -28.41 -7.37 19.82
CA ILE C 1016 -29.13 -8.60 20.11
C ILE C 1016 -29.21 -8.81 21.61
N ARG C 1017 -28.21 -8.35 22.34
CA ARG C 1017 -28.25 -8.37 23.79
C ARG C 1017 -29.33 -7.45 24.34
N ALA C 1018 -29.48 -6.26 23.77
CA ALA C 1018 -30.57 -5.38 24.18
C ALA C 1018 -31.93 -5.98 23.87
N SER C 1019 -32.04 -6.73 22.80
CA SER C 1019 -33.26 -7.44 22.45
C SER C 1019 -33.53 -8.61 23.37
N ALA C 1020 -32.51 -9.37 23.73
CA ALA C 1020 -32.67 -10.42 24.72
C ALA C 1020 -33.06 -9.89 26.09
N ASN C 1021 -32.62 -8.69 26.46
CA ASN C 1021 -33.04 -8.07 27.70
C ASN C 1021 -34.50 -7.68 27.68
N LEU C 1022 -34.98 -7.16 26.56
CA LEU C 1022 -36.40 -6.86 26.38
C LEU C 1022 -37.25 -8.11 26.39
N ALA C 1023 -36.83 -9.16 25.70
CA ALA C 1023 -37.54 -10.43 25.73
C ALA C 1023 -37.58 -11.06 27.12
N ALA C 1024 -36.48 -11.03 27.86
CA ALA C 1024 -36.50 -11.51 29.24
C ALA C 1024 -37.42 -10.71 30.15
N THR C 1025 -37.45 -9.39 29.98
CA THR C 1025 -38.33 -8.53 30.73
C THR C 1025 -39.79 -8.80 30.42
N LYS C 1026 -40.15 -8.94 29.15
CA LYS C 1026 -41.50 -9.34 28.82
C LYS C 1026 -41.83 -10.73 29.31
N MET C 1027 -40.90 -11.67 29.29
CA MET C 1027 -41.18 -12.98 29.83
C MET C 1027 -41.61 -12.92 31.28
N SER C 1028 -40.98 -12.04 32.05
CA SER C 1028 -41.37 -11.89 33.44
C SER C 1028 -42.69 -11.15 33.59
N GLU C 1029 -42.85 -10.06 32.86
CA GLU C 1029 -43.94 -9.16 33.11
C GLU C 1029 -45.19 -9.43 32.29
N CYS C 1030 -45.09 -10.19 31.22
CA CYS C 1030 -46.26 -10.48 30.39
C CYS C 1030 -46.76 -11.91 30.57
N VAL C 1031 -45.84 -12.80 30.94
CA VAL C 1031 -46.16 -14.21 31.00
C VAL C 1031 -46.32 -14.68 32.44
N LEU C 1032 -45.43 -14.23 33.33
CA LEU C 1032 -45.50 -14.57 34.74
C LEU C 1032 -46.34 -13.61 35.55
N GLY C 1033 -47.01 -12.67 34.92
CA GLY C 1033 -47.90 -11.79 35.65
C GLY C 1033 -48.78 -11.01 34.72
N GLN C 1034 -49.54 -10.10 35.29
CA GLN C 1034 -50.41 -9.20 34.55
C GLN C 1034 -49.86 -7.77 34.63
N SER C 1035 -49.67 -7.16 33.47
CA SER C 1035 -49.07 -5.84 33.40
C SER C 1035 -50.11 -4.76 33.17
N LYS C 1036 -49.87 -3.59 33.74
CA LYS C 1036 -50.65 -2.41 33.44
C LYS C 1036 -49.93 -1.45 32.50
N ARG C 1037 -48.73 -1.80 32.05
CA ARG C 1037 -47.94 -0.97 31.14
C ARG C 1037 -48.60 -0.94 29.76
N VAL C 1038 -48.84 0.26 29.25
CA VAL C 1038 -49.59 0.43 28.01
C VAL C 1038 -48.75 0.00 26.82
N ASP C 1039 -49.33 -0.86 25.99
CA ASP C 1039 -48.68 -1.38 24.79
C ASP C 1039 -47.43 -2.24 25.00
N PHE C 1040 -47.19 -2.66 26.24
CA PHE C 1040 -46.01 -3.45 26.54
C PHE C 1040 -46.30 -4.92 26.29
N CYS C 1041 -47.56 -5.30 26.45
CA CYS C 1041 -47.99 -6.68 26.29
C CYS C 1041 -49.12 -6.79 25.26
N GLY C 1042 -48.96 -6.17 24.10
CA GLY C 1042 -50.00 -6.18 23.08
C GLY C 1042 -50.92 -4.97 23.06
N LYS C 1043 -51.88 -4.97 22.12
CA LYS C 1043 -52.79 -3.85 21.94
C LYS C 1043 -54.13 -4.18 22.59
N GLY C 1044 -54.58 -3.32 23.51
CA GLY C 1044 -55.77 -3.58 24.27
C GLY C 1044 -55.43 -3.73 25.71
N TYR C 1045 -56.37 -4.20 26.49
CA TYR C 1045 -56.15 -4.41 27.91
C TYR C 1045 -55.61 -5.81 28.16
N HIS C 1046 -54.40 -5.87 28.72
CA HIS C 1046 -53.71 -7.12 28.88
C HIS C 1046 -54.48 -8.08 29.78
N LEU C 1047 -54.75 -9.28 29.28
CA LEU C 1047 -55.22 -10.35 30.13
C LEU C 1047 -54.14 -11.37 30.41
N MET C 1048 -53.52 -11.93 29.36
CA MET C 1048 -52.55 -13.00 29.58
C MET C 1048 -51.72 -13.16 28.31
N SER C 1049 -50.60 -13.88 28.43
CA SER C 1049 -49.75 -14.17 27.28
C SER C 1049 -49.20 -15.57 27.38
N PHE C 1050 -48.96 -16.19 26.22
CA PHE C 1050 -48.39 -17.53 26.09
C PHE C 1050 -47.13 -17.50 25.23
N PRO C 1051 -46.00 -18.02 25.72
CA PRO C 1051 -44.80 -18.06 24.89
C PRO C 1051 -44.76 -19.22 23.91
N GLN C 1052 -44.05 -19.00 22.81
CA GLN C 1052 -43.74 -20.04 21.85
C GLN C 1052 -42.27 -19.90 21.47
N SER C 1053 -41.62 -21.01 21.19
CA SER C 1053 -40.22 -20.97 20.81
C SER C 1053 -40.08 -20.79 19.31
N ALA C 1054 -39.12 -19.95 18.90
CA ALA C 1054 -38.84 -19.74 17.50
C ALA C 1054 -37.34 -19.94 17.34
N PRO C 1055 -36.81 -20.19 16.15
CA PRO C 1055 -35.36 -20.34 16.01
C PRO C 1055 -34.63 -19.02 16.22
N HIS C 1056 -33.77 -18.98 17.24
CA HIS C 1056 -33.03 -17.81 17.69
C HIS C 1056 -33.94 -16.69 18.22
N GLY C 1057 -35.13 -17.03 18.66
CA GLY C 1057 -36.01 -15.97 19.12
C GLY C 1057 -37.16 -16.50 19.93
N VAL C 1058 -38.06 -15.57 20.26
CA VAL C 1058 -39.24 -15.91 21.04
C VAL C 1058 -40.44 -15.21 20.41
N VAL C 1059 -41.58 -15.88 20.47
CA VAL C 1059 -42.85 -15.37 19.98
C VAL C 1059 -43.80 -15.30 21.18
N PHE C 1060 -44.47 -14.18 21.33
CA PHE C 1060 -45.42 -13.95 22.40
C PHE C 1060 -46.81 -13.91 21.79
N LEU C 1061 -47.72 -14.71 22.33
CA LEU C 1061 -49.12 -14.66 21.97
C LEU C 1061 -49.84 -13.83 23.01
N HIS C 1062 -50.21 -12.61 22.65
CA HIS C 1062 -50.79 -11.64 23.58
C HIS C 1062 -52.31 -11.71 23.51
N VAL C 1063 -52.93 -11.97 24.66
CA VAL C 1063 -54.38 -12.00 24.82
C VAL C 1063 -54.82 -10.72 25.50
N THR C 1064 -55.70 -9.98 24.83
CA THR C 1064 -56.13 -8.66 25.26
C THR C 1064 -57.65 -8.57 25.29
N TYR C 1065 -58.13 -7.60 26.05
CA TYR C 1065 -59.54 -7.25 26.21
C TYR C 1065 -59.81 -5.98 25.41
N VAL C 1066 -60.74 -6.04 24.47
CA VAL C 1066 -61.06 -4.89 23.64
C VAL C 1066 -62.55 -4.59 23.75
N PRO C 1067 -62.95 -3.40 24.21
CA PRO C 1067 -64.39 -3.09 24.26
C PRO C 1067 -64.98 -2.87 22.88
N ALA C 1068 -66.29 -3.06 22.77
CA ALA C 1068 -66.97 -2.93 21.48
C ALA C 1068 -68.39 -2.44 21.67
N GLN C 1069 -68.92 -1.83 20.61
CA GLN C 1069 -70.33 -1.44 20.49
C GLN C 1069 -70.77 -0.45 21.56
N GLU C 1070 -70.24 0.77 21.47
CA GLU C 1070 -70.57 1.78 22.46
C GLU C 1070 -71.91 2.45 22.17
N LYS C 1071 -72.56 2.90 23.23
CA LYS C 1071 -73.70 3.79 23.16
C LYS C 1071 -73.38 5.05 23.93
N ASN C 1072 -74.05 6.15 23.55
CA ASN C 1072 -73.85 7.42 24.24
C ASN C 1072 -74.96 7.61 25.28
N PHE C 1073 -74.61 8.28 26.36
CA PHE C 1073 -75.50 8.58 27.46
C PHE C 1073 -75.18 9.98 27.95
N THR C 1074 -76.12 10.55 28.67
CA THR C 1074 -75.96 11.79 29.41
C THR C 1074 -75.47 11.43 30.81
N THR C 1075 -74.61 12.27 31.37
CA THR C 1075 -73.99 11.95 32.64
C THR C 1075 -73.96 13.19 33.52
N ALA C 1076 -73.61 12.99 34.78
CA ALA C 1076 -73.49 14.06 35.76
C ALA C 1076 -72.54 13.60 36.83
N PRO C 1077 -71.77 14.50 37.42
CA PRO C 1077 -70.76 14.08 38.40
C PRO C 1077 -71.32 13.61 39.72
N ALA C 1078 -72.47 14.11 40.15
CA ALA C 1078 -73.01 13.78 41.45
C ALA C 1078 -74.51 13.90 41.39
N ILE C 1079 -75.19 13.44 42.44
CA ILE C 1079 -76.64 13.52 42.52
C ILE C 1079 -77.02 14.18 43.84
N CYS C 1080 -78.02 15.05 43.81
CA CYS C 1080 -78.48 15.70 45.02
C CYS C 1080 -79.66 14.95 45.61
N HIS C 1081 -79.62 14.73 46.91
CA HIS C 1081 -80.73 14.13 47.64
C HIS C 1081 -80.69 14.63 49.08
N ASP C 1082 -81.82 15.13 49.57
CA ASP C 1082 -81.91 15.76 50.89
C ASP C 1082 -80.96 16.92 51.05
N GLY C 1083 -80.64 17.64 49.99
CA GLY C 1083 -79.74 18.74 50.09
C GLY C 1083 -78.29 18.35 50.24
N LYS C 1084 -77.95 17.10 49.99
CA LYS C 1084 -76.59 16.63 50.11
C LYS C 1084 -76.12 16.06 48.77
N ALA C 1085 -74.82 16.14 48.53
CA ALA C 1085 -74.23 15.65 47.29
C ALA C 1085 -73.80 14.21 47.48
N HIS C 1086 -74.16 13.36 46.53
CA HIS C 1086 -73.78 11.95 46.51
C HIS C 1086 -72.88 11.71 45.31
N PHE C 1087 -71.83 11.03 45.52
CA PHE C 1087 -70.82 10.68 44.56
C PHE C 1087 -70.72 9.16 44.44
N PRO C 1088 -70.43 8.63 43.27
CA PRO C 1088 -70.33 7.18 43.15
C PRO C 1088 -69.08 6.66 43.83
N ARG C 1089 -69.18 5.47 44.42
CA ARG C 1089 -68.01 4.78 44.93
C ARG C 1089 -67.10 4.32 43.80
N GLU C 1090 -67.65 3.57 42.86
CA GLU C 1090 -67.00 3.28 41.59
C GLU C 1090 -68.08 3.34 40.52
N GLY C 1091 -67.75 3.92 39.39
CA GLY C 1091 -68.68 3.99 38.28
C GLY C 1091 -69.01 5.42 37.91
N VAL C 1092 -69.91 5.53 36.96
CA VAL C 1092 -70.38 6.81 36.45
C VAL C 1092 -71.90 6.81 36.45
N PHE C 1093 -72.49 7.99 36.62
CA PHE C 1093 -73.92 8.17 36.49
C PHE C 1093 -74.26 8.31 35.02
N VAL C 1094 -75.30 7.60 34.57
CA VAL C 1094 -75.79 7.70 33.20
C VAL C 1094 -77.29 7.92 33.22
N SER C 1095 -77.80 8.45 32.11
CA SER C 1095 -79.23 8.63 31.93
C SER C 1095 -79.65 8.01 30.60
N ASN C 1096 -80.71 7.21 30.63
CA ASN C 1096 -81.19 6.59 29.40
C ASN C 1096 -82.20 7.45 28.65
N GLY C 1097 -82.48 8.65 29.16
CA GLY C 1097 -83.44 9.54 28.55
C GLY C 1097 -84.47 9.98 29.56
N THR C 1098 -84.86 9.08 30.46
CA THR C 1098 -85.87 9.39 31.46
C THR C 1098 -85.46 9.04 32.88
N HIS C 1099 -84.57 8.08 33.09
CA HIS C 1099 -84.15 7.68 34.42
C HIS C 1099 -82.63 7.63 34.47
N TRP C 1100 -82.09 7.82 35.66
CA TRP C 1100 -80.64 7.80 35.90
C TRP C 1100 -80.24 6.54 36.66
N PHE C 1101 -79.08 5.99 36.28
CA PHE C 1101 -78.55 4.76 36.87
C PHE C 1101 -77.07 4.94 37.16
N VAL C 1102 -76.51 4.02 37.94
CA VAL C 1102 -75.07 3.90 38.14
C VAL C 1102 -74.58 2.73 37.32
N THR C 1103 -73.48 2.93 36.61
CA THR C 1103 -72.87 1.83 35.86
C THR C 1103 -71.41 1.74 36.20
N GLN C 1104 -70.84 0.56 36.02
CA GLN C 1104 -69.39 0.43 36.04
C GLN C 1104 -68.81 0.97 34.74
N ARG C 1105 -67.56 1.40 34.80
CA ARG C 1105 -67.00 2.16 33.69
C ARG C 1105 -66.60 1.33 32.48
N ASN C 1106 -66.46 0.02 32.61
CA ASN C 1106 -65.90 -0.77 31.52
C ASN C 1106 -66.92 -1.67 30.84
N PHE C 1107 -68.12 -1.79 31.37
CA PHE C 1107 -69.16 -2.63 30.80
C PHE C 1107 -70.49 -2.03 31.21
N TYR C 1108 -71.42 -1.89 30.28
CA TYR C 1108 -72.71 -1.29 30.60
C TYR C 1108 -73.56 -2.28 31.38
N GLU C 1109 -73.81 -1.95 32.65
CA GLU C 1109 -74.57 -2.81 33.56
C GLU C 1109 -75.19 -1.93 34.63
N PRO C 1110 -76.37 -1.38 34.38
CA PRO C 1110 -76.97 -0.40 35.29
C PRO C 1110 -77.62 -0.99 36.52
N GLN C 1111 -77.45 -0.28 37.64
CA GLN C 1111 -78.11 -0.61 38.89
C GLN C 1111 -78.77 0.64 39.47
N ILE C 1112 -79.70 0.44 40.40
CA ILE C 1112 -80.38 1.60 40.96
C ILE C 1112 -79.46 2.27 41.97
N ILE C 1113 -79.55 3.60 42.02
CA ILE C 1113 -78.71 4.41 42.88
C ILE C 1113 -79.25 4.38 44.30
N THR C 1114 -78.49 3.80 45.21
CA THR C 1114 -78.90 3.59 46.59
C THR C 1114 -77.86 4.19 47.51
N THR C 1115 -78.10 4.09 48.81
CA THR C 1115 -77.17 4.57 49.82
C THR C 1115 -76.03 3.61 50.07
N ASP C 1116 -76.06 2.42 49.47
CA ASP C 1116 -74.99 1.45 49.64
C ASP C 1116 -74.04 1.49 48.46
N ASN C 1117 -74.46 2.13 47.39
CA ASN C 1117 -73.71 2.30 46.16
C ASN C 1117 -72.91 3.57 46.13
N THR C 1118 -73.22 4.53 46.99
CA THR C 1118 -72.69 5.88 46.90
C THR C 1118 -72.12 6.26 48.25
N PHE C 1119 -71.45 7.40 48.27
CA PHE C 1119 -71.04 8.01 49.52
C PHE C 1119 -71.32 9.50 49.45
N VAL C 1120 -71.39 10.12 50.63
CA VAL C 1120 -71.76 11.52 50.77
C VAL C 1120 -70.53 12.32 51.06
N SER C 1121 -70.41 13.47 50.42
CA SER C 1121 -69.34 14.40 50.72
C SER C 1121 -69.72 15.79 50.25
N GLY C 1122 -69.83 16.74 51.17
CA GLY C 1122 -70.14 18.11 50.83
C GLY C 1122 -71.60 18.33 50.48
N ASN C 1123 -71.89 19.58 50.12
CA ASN C 1123 -73.25 20.01 49.85
C ASN C 1123 -73.38 20.32 48.37
N CYS C 1124 -74.61 20.41 47.87
CA CYS C 1124 -74.83 20.73 46.47
C CYS C 1124 -74.75 22.22 46.20
N ASP C 1125 -73.57 22.80 46.42
CA ASP C 1125 -73.33 24.21 46.12
C ASP C 1125 -71.95 24.41 45.51
N VAL C 1126 -71.14 23.36 45.50
CA VAL C 1126 -69.77 23.42 45.02
C VAL C 1126 -69.53 22.59 43.77
N VAL C 1127 -70.41 21.64 43.48
CA VAL C 1127 -70.24 20.77 42.32
C VAL C 1127 -70.92 21.41 41.13
N ILE C 1128 -70.19 21.54 40.03
CA ILE C 1128 -70.70 22.13 38.80
C ILE C 1128 -71.28 21.02 37.96
N GLY C 1129 -72.54 21.13 37.62
CA GLY C 1129 -73.22 20.13 36.83
C GLY C 1129 -73.95 19.08 37.61
N ILE C 1130 -74.15 19.27 38.93
CA ILE C 1130 -74.88 18.31 39.73
C ILE C 1130 -76.37 18.37 39.41
N VAL C 1131 -77.04 17.23 39.47
CA VAL C 1131 -78.41 17.09 39.02
C VAL C 1131 -79.25 16.51 40.14
N ASN C 1132 -80.54 16.76 40.10
CA ASN C 1132 -81.49 16.23 41.07
C ASN C 1132 -81.93 14.82 40.65
N ASN C 1133 -81.99 13.93 41.62
CA ASN C 1133 -82.55 12.60 41.40
C ASN C 1133 -82.90 12.02 42.75
N THR C 1134 -83.43 10.82 42.74
CA THR C 1134 -83.78 10.10 43.96
C THR C 1134 -82.75 9.02 44.24
N VAL C 1135 -82.25 9.01 45.47
CA VAL C 1135 -81.37 7.95 45.96
C VAL C 1135 -82.14 7.16 47.00
N TYR C 1136 -82.33 5.87 46.75
CA TYR C 1136 -83.25 5.06 47.53
C TYR C 1136 -82.54 4.43 48.71
N ASP C 1137 -83.16 4.53 49.86
CA ASP C 1137 -82.71 3.97 51.12
C ASP C 1137 -83.40 2.64 51.35
N PRO C 1138 -82.69 1.53 51.52
CA PRO C 1138 -83.37 0.24 51.69
C PRO C 1138 -84.05 0.07 53.04
N LEU C 1139 -83.65 0.91 53.98
CA LEU C 1139 -84.13 0.75 55.36
C LEU C 1139 -85.63 1.00 55.47
N GLN C 1140 -86.11 2.10 54.90
CA GLN C 1140 -87.51 2.47 55.14
C GLN C 1140 -88.51 1.48 54.55
N PRO C 1141 -88.33 0.95 53.34
CA PRO C 1141 -89.30 -0.04 52.84
C PRO C 1141 -89.20 -1.37 53.54
N GLU C 1142 -88.11 -1.63 54.26
CA GLU C 1142 -88.10 -2.80 55.11
C GLU C 1142 -88.94 -2.54 56.37
N LEU C 1143 -88.93 -1.31 56.85
CA LEU C 1143 -89.71 -0.95 58.04
C LEU C 1143 -91.13 -0.54 57.70
N ASP C 1144 -91.53 -0.71 56.43
CA ASP C 1144 -92.86 -0.35 55.96
C ASP C 1144 -93.25 1.10 56.27
N GLN D 1 74.12 3.58 -26.81
CA GLN D 1 74.76 2.56 -25.99
C GLN D 1 73.74 1.51 -25.54
N VAL D 2 72.47 1.90 -25.56
CA VAL D 2 71.36 0.98 -25.34
C VAL D 2 70.40 1.10 -26.52
N GLN D 3 70.21 -0.01 -27.23
CA GLN D 3 69.52 0.07 -28.51
C GLN D 3 68.69 -1.19 -28.69
N LEU D 4 67.60 -1.03 -29.43
CA LEU D 4 66.71 -2.12 -29.80
C LEU D 4 66.73 -2.26 -31.31
N VAL D 5 67.38 -3.32 -31.79
CA VAL D 5 67.64 -3.45 -33.22
C VAL D 5 66.68 -4.47 -33.82
N GLN D 6 66.40 -4.31 -35.11
CA GLN D 6 65.36 -5.07 -35.79
C GLN D 6 65.91 -5.74 -37.04
N SER D 7 64.99 -6.23 -37.87
CA SER D 7 65.32 -6.81 -39.15
C SER D 7 64.55 -6.09 -40.25
N GLY D 8 65.23 -5.76 -41.34
CA GLY D 8 64.56 -5.11 -42.46
C GLY D 8 63.63 -6.07 -43.16
N ALA D 9 62.43 -5.59 -43.50
CA ALA D 9 61.37 -6.44 -44.01
C ALA D 9 61.01 -6.05 -45.43
N GLU D 10 60.12 -6.84 -46.04
CA GLU D 10 59.82 -6.73 -47.46
C GLU D 10 58.33 -6.80 -47.75
N VAL D 11 57.99 -6.85 -49.04
CA VAL D 11 56.62 -7.06 -49.46
C VAL D 11 56.18 -8.47 -49.08
N LYS D 12 54.96 -8.59 -48.55
CA LYS D 12 54.39 -9.88 -48.20
C LYS D 12 52.99 -9.99 -48.77
N LYS D 13 52.66 -11.17 -49.31
CA LYS D 13 51.35 -11.41 -49.85
C LYS D 13 50.33 -11.53 -48.72
N PRO D 14 49.08 -11.07 -48.93
CA PRO D 14 48.11 -11.08 -47.84
C PRO D 14 47.66 -12.49 -47.50
N GLY D 15 47.24 -12.66 -46.24
CA GLY D 15 46.88 -13.98 -45.75
C GLY D 15 48.05 -14.78 -45.22
N ALA D 16 49.27 -14.31 -45.42
CA ALA D 16 50.45 -15.01 -44.96
C ALA D 16 50.72 -14.65 -43.50
N SER D 17 51.94 -14.97 -43.03
CA SER D 17 52.37 -14.62 -41.69
C SER D 17 53.63 -13.77 -41.79
N LEU D 18 54.07 -13.24 -40.65
CA LEU D 18 55.28 -12.43 -40.61
C LEU D 18 55.87 -12.46 -39.21
N LYS D 19 57.06 -13.05 -39.09
CA LYS D 19 57.85 -13.05 -37.86
C LYS D 19 58.89 -11.94 -38.00
N VAL D 20 58.87 -11.00 -37.06
CA VAL D 20 59.86 -9.93 -37.00
C VAL D 20 60.54 -9.96 -35.64
N SER D 21 61.83 -9.69 -35.64
CA SER D 21 62.66 -9.77 -34.46
C SER D 21 62.75 -8.43 -33.76
N CYS D 22 63.23 -8.48 -32.52
CA CYS D 22 63.56 -7.26 -31.77
C CYS D 22 64.63 -7.66 -30.77
N ARG D 23 65.89 -7.40 -31.11
CA ARG D 23 67.03 -7.78 -30.28
C ARG D 23 67.39 -6.62 -29.36
N ALA D 24 67.41 -6.90 -28.07
CA ALA D 24 67.75 -5.91 -27.06
C ALA D 24 69.22 -6.02 -26.70
N SER D 25 69.82 -4.88 -26.41
CA SER D 25 71.23 -4.83 -26.06
C SER D 25 71.49 -3.65 -25.14
N GLY D 26 72.65 -3.68 -24.50
CA GLY D 26 73.12 -2.58 -23.69
C GLY D 26 72.65 -2.56 -22.26
N TYR D 27 71.70 -3.43 -21.89
CA TYR D 27 71.18 -3.43 -20.53
C TYR D 27 70.53 -4.77 -20.25
N THR D 28 70.02 -4.91 -19.03
CA THR D 28 69.44 -6.15 -18.54
C THR D 28 68.14 -6.47 -19.27
N PHE D 29 68.06 -7.68 -19.85
CA PHE D 29 66.94 -8.02 -20.71
C PHE D 29 65.68 -8.27 -19.90
N THR D 30 65.78 -9.00 -18.80
CA THR D 30 64.60 -9.29 -17.98
C THR D 30 64.39 -8.27 -16.86
N SER D 31 64.48 -7.00 -17.22
CA SER D 31 64.25 -5.93 -16.27
C SER D 31 63.20 -4.94 -16.74
N HIS D 32 62.74 -5.03 -17.99
CA HIS D 32 61.91 -4.02 -18.60
C HIS D 32 60.97 -4.69 -19.59
N PHE D 33 59.67 -4.49 -19.38
CA PHE D 33 58.66 -4.97 -20.31
C PHE D 33 58.79 -4.24 -21.65
N ILE D 34 58.28 -4.88 -22.70
CA ILE D 34 58.51 -4.39 -24.06
C ILE D 34 57.18 -3.98 -24.65
N HIS D 35 57.14 -2.78 -25.23
CA HIS D 35 55.99 -2.27 -25.95
C HIS D 35 56.19 -2.50 -27.45
N TRP D 36 55.12 -2.90 -28.11
CA TRP D 36 55.07 -3.00 -29.56
C TRP D 36 54.03 -2.03 -30.08
N VAL D 37 54.46 -1.06 -30.89
CA VAL D 37 53.62 0.02 -31.38
C VAL D 37 53.71 0.07 -32.90
N ARG D 38 52.65 0.55 -33.53
CA ARG D 38 52.48 0.49 -34.99
C ARG D 38 51.96 1.81 -35.51
N GLN D 39 52.46 2.24 -36.66
CA GLN D 39 52.05 3.51 -37.26
C GLN D 39 51.89 3.36 -38.76
N ALA D 40 50.71 3.63 -39.25
CA ALA D 40 50.49 3.71 -40.67
C ALA D 40 50.86 5.09 -41.20
N PRO D 41 51.49 5.16 -42.38
CA PRO D 41 51.95 6.46 -42.88
C PRO D 41 50.79 7.34 -43.30
N GLY D 42 50.87 8.61 -42.91
CA GLY D 42 49.74 9.50 -43.08
C GLY D 42 48.64 9.24 -42.09
N GLN D 43 48.94 8.54 -41.01
CA GLN D 43 47.96 8.24 -39.98
C GLN D 43 48.64 8.39 -38.62
N GLY D 44 47.89 8.09 -37.56
CA GLY D 44 48.44 8.14 -36.23
C GLY D 44 49.14 6.86 -35.84
N LEU D 45 49.47 6.73 -34.56
CA LEU D 45 50.10 5.54 -34.03
C LEU D 45 49.08 4.77 -33.21
N GLU D 46 49.27 3.46 -33.13
CA GLU D 46 48.47 2.63 -32.25
C GLU D 46 49.36 1.49 -31.78
N TRP D 47 49.22 1.10 -30.51
CA TRP D 47 50.19 0.15 -29.96
C TRP D 47 49.65 -1.26 -30.03
N MET D 48 50.54 -2.20 -30.37
CA MET D 48 50.13 -3.59 -30.52
C MET D 48 50.11 -4.29 -29.17
N GLY D 49 51.26 -4.41 -28.53
CA GLY D 49 51.35 -5.39 -27.46
C GLY D 49 52.31 -4.99 -26.36
N ILE D 50 52.27 -5.77 -25.29
CA ILE D 50 53.15 -5.59 -24.14
C ILE D 50 53.65 -6.95 -23.71
N ILE D 51 54.95 -7.06 -23.48
CA ILE D 51 55.59 -8.36 -23.27
C ILE D 51 56.38 -8.35 -21.97
N ASN D 52 56.12 -9.33 -21.11
CA ASN D 52 57.07 -9.70 -20.08
C ASN D 52 58.29 -10.34 -20.72
N PRO D 53 59.46 -9.74 -20.57
CA PRO D 53 60.65 -10.25 -21.26
C PRO D 53 61.13 -11.60 -20.74
N SER D 54 60.70 -12.01 -19.56
CA SER D 54 60.80 -13.39 -19.12
C SER D 54 59.44 -13.73 -18.50
N GLY D 55 58.50 -14.14 -19.34
CA GLY D 55 57.16 -14.38 -18.85
C GLY D 55 56.16 -14.38 -20.00
N GLY D 56 55.05 -13.70 -19.78
CA GLY D 56 53.95 -13.70 -20.72
C GLY D 56 53.84 -12.41 -21.51
N ALA D 57 52.61 -12.13 -21.94
CA ALA D 57 52.33 -10.96 -22.77
C ALA D 57 50.85 -10.62 -22.65
N SER D 58 50.51 -9.41 -23.09
CA SER D 58 49.12 -9.00 -23.24
C SER D 58 49.01 -8.14 -24.48
N TYR D 59 47.77 -7.96 -24.94
CA TYR D 59 47.52 -7.40 -26.26
C TYR D 59 46.46 -6.32 -26.21
N ALA D 60 46.63 -5.34 -27.10
CA ALA D 60 45.58 -4.36 -27.33
C ALA D 60 44.42 -5.02 -28.07
N GLN D 61 43.22 -4.86 -27.53
CA GLN D 61 42.11 -5.71 -27.93
C GLN D 61 41.62 -5.39 -29.34
N ASN D 62 41.96 -4.23 -29.89
CA ASN D 62 41.66 -3.96 -31.29
C ASN D 62 42.53 -4.79 -32.20
N PHE D 63 43.69 -5.22 -31.72
CA PHE D 63 44.57 -6.07 -32.49
C PHE D 63 44.75 -7.43 -31.86
N ARG D 64 43.74 -7.94 -31.16
CA ARG D 64 43.81 -9.31 -30.70
C ARG D 64 43.55 -10.25 -31.88
N ASP D 65 43.72 -11.55 -31.62
CA ASP D 65 43.45 -12.68 -32.51
C ASP D 65 44.32 -12.70 -33.75
N ARG D 66 45.34 -11.86 -33.87
CA ARG D 66 46.23 -11.95 -35.01
C ARG D 66 47.70 -11.75 -34.66
N VAL D 67 48.05 -11.44 -33.42
CA VAL D 67 49.42 -11.22 -33.02
C VAL D 67 49.79 -12.24 -31.95
N THR D 68 51.01 -12.76 -32.04
CA THR D 68 51.58 -13.57 -30.99
C THR D 68 52.99 -13.05 -30.70
N MET D 69 53.44 -13.25 -29.48
CA MET D 69 54.76 -12.80 -29.05
C MET D 69 55.52 -13.96 -28.43
N THR D 70 56.84 -13.89 -28.48
CA THR D 70 57.66 -14.82 -27.70
C THR D 70 58.91 -14.12 -27.20
N THR D 71 59.24 -14.40 -25.94
CA THR D 71 60.49 -14.01 -25.35
C THR D 71 61.55 -15.04 -25.72
N ASP D 72 62.81 -14.65 -25.55
CA ASP D 72 63.94 -15.56 -25.74
C ASP D 72 65.10 -14.99 -24.96
N PRO D 73 65.09 -15.12 -23.65
CA PRO D 73 66.05 -14.36 -22.83
C PRO D 73 67.41 -15.05 -22.70
N SER D 74 67.94 -15.54 -23.82
CA SER D 74 69.29 -16.07 -23.89
C SER D 74 70.17 -15.24 -24.81
N THR D 75 69.75 -15.08 -26.06
CA THR D 75 70.34 -14.11 -26.96
C THR D 75 69.58 -12.79 -26.98
N SER D 76 68.78 -12.53 -25.94
CA SER D 76 68.29 -11.19 -25.55
C SER D 76 67.38 -10.59 -26.61
N THR D 77 66.36 -11.36 -26.99
CA THR D 77 65.49 -10.98 -28.08
C THR D 77 64.04 -11.32 -27.77
N VAL D 78 63.14 -10.52 -28.32
CA VAL D 78 61.71 -10.78 -28.31
C VAL D 78 61.26 -10.80 -29.76
N TYR D 79 60.10 -11.39 -30.04
CA TYR D 79 59.64 -11.54 -31.41
C TYR D 79 58.15 -11.25 -31.52
N MET D 80 57.75 -10.76 -32.70
CA MET D 80 56.35 -10.48 -33.00
C MET D 80 55.97 -11.27 -34.25
N GLU D 81 54.93 -12.07 -34.15
CA GLU D 81 54.41 -12.82 -35.28
C GLU D 81 53.00 -12.33 -35.57
N LEU D 82 52.79 -11.91 -36.81
CA LEU D 82 51.49 -11.43 -37.28
C LEU D 82 51.06 -12.22 -38.50
N GLY D 83 50.03 -13.04 -38.32
CA GLY D 83 49.52 -13.85 -39.40
C GLY D 83 48.23 -13.28 -39.95
N SER D 84 47.89 -13.71 -41.17
CA SER D 84 46.78 -13.20 -41.97
C SER D 84 46.82 -11.67 -42.08
N LEU D 85 47.88 -11.17 -42.72
CA LEU D 85 47.99 -9.74 -42.94
C LEU D 85 47.05 -9.30 -44.06
N ARG D 86 46.76 -8.00 -44.08
CA ARG D 86 45.83 -7.43 -45.04
C ARG D 86 46.54 -6.36 -45.85
N SER D 87 45.76 -5.68 -46.70
CA SER D 87 46.31 -4.60 -47.50
C SER D 87 46.27 -3.26 -46.79
N GLU D 88 45.43 -3.12 -45.77
CA GLU D 88 45.40 -1.90 -44.97
C GLU D 88 46.38 -1.94 -43.81
N ASP D 89 47.12 -3.03 -43.65
CA ASP D 89 48.13 -3.15 -42.60
C ASP D 89 49.50 -2.72 -43.07
N THR D 90 49.59 -2.01 -44.20
CA THR D 90 50.85 -1.42 -44.65
C THR D 90 51.24 -0.28 -43.72
N ALA D 91 52.37 -0.43 -43.03
CA ALA D 91 52.70 0.48 -41.93
C ALA D 91 54.19 0.41 -41.65
N VAL D 92 54.59 0.99 -40.52
CA VAL D 92 55.92 0.82 -39.94
C VAL D 92 55.75 0.53 -38.46
N TYR D 93 56.51 -0.45 -37.98
CA TYR D 93 56.36 -0.97 -36.63
C TYR D 93 57.59 -0.60 -35.81
N TYR D 94 57.35 -0.03 -34.63
CA TYR D 94 58.41 0.26 -33.68
C TYR D 94 58.32 -0.69 -32.51
N CYS D 95 59.48 -1.08 -32.02
CA CYS D 95 59.62 -1.96 -30.87
C CYS D 95 60.31 -1.17 -29.76
N ALA D 96 59.52 -0.73 -28.78
CA ALA D 96 60.01 0.17 -27.74
C ALA D 96 60.20 -0.59 -26.44
N ARG D 97 61.08 -0.08 -25.60
CA ARG D 97 61.27 -0.59 -24.25
C ARG D 97 60.56 0.32 -23.25
N ALA D 98 60.08 -0.26 -22.16
CA ALA D 98 59.25 0.47 -21.22
C ALA D 98 60.02 0.66 -19.93
N GLU D 99 59.39 1.31 -18.96
CA GLU D 99 59.94 1.41 -17.61
C GLU D 99 59.93 0.05 -16.95
N GLY D 100 60.77 -0.11 -15.93
CA GLY D 100 61.09 -1.42 -15.37
C GLY D 100 59.92 -2.14 -14.73
N SER D 101 58.97 -1.41 -14.15
CA SER D 101 57.75 -2.00 -13.64
C SER D 101 56.68 -2.17 -14.70
N SER D 102 55.47 -2.52 -14.31
CA SER D 102 54.33 -2.75 -15.19
C SER D 102 53.95 -1.56 -16.06
N TRP D 103 52.97 -1.77 -16.95
CA TRP D 103 52.66 -1.03 -18.18
C TRP D 103 52.86 0.48 -18.19
N LEU D 104 52.49 1.18 -17.12
CA LEU D 104 52.69 2.62 -17.06
C LEU D 104 54.16 2.97 -16.97
N GLY D 105 54.63 3.79 -17.89
CA GLY D 105 56.01 4.24 -17.83
C GLY D 105 56.40 4.93 -19.12
N TRP D 106 57.59 5.53 -19.09
CA TRP D 106 58.13 6.20 -20.27
C TRP D 106 58.71 5.16 -21.21
N PHE D 107 58.90 5.55 -22.47
CA PHE D 107 59.39 4.64 -23.51
C PHE D 107 60.74 5.16 -23.96
N ASP D 108 61.81 4.84 -23.22
CA ASP D 108 63.03 5.58 -23.54
C ASP D 108 63.79 5.01 -24.74
N PRO D 109 64.17 3.74 -24.82
CA PRO D 109 64.80 3.28 -26.06
C PRO D 109 63.73 2.94 -27.08
N TRP D 110 64.02 3.22 -28.35
CA TRP D 110 63.06 2.88 -29.39
C TRP D 110 63.77 2.10 -30.49
N GLY D 111 62.96 1.35 -31.24
CA GLY D 111 63.50 0.60 -32.35
C GLY D 111 63.78 1.50 -33.53
N GLN D 112 64.55 0.97 -34.47
CA GLN D 112 64.82 1.68 -35.71
C GLN D 112 63.59 1.78 -36.61
N GLY D 113 62.62 0.90 -36.43
CA GLY D 113 61.42 0.93 -37.25
C GLY D 113 61.49 -0.08 -38.37
N THR D 114 60.38 -0.76 -38.64
CA THR D 114 60.32 -1.77 -39.68
C THR D 114 59.18 -1.47 -40.64
N LEU D 115 59.47 -1.50 -41.93
CA LEU D 115 58.45 -1.26 -42.94
C LEU D 115 57.74 -2.56 -43.29
N VAL D 116 56.42 -2.53 -43.25
CA VAL D 116 55.60 -3.68 -43.62
C VAL D 116 54.67 -3.26 -44.75
N THR D 117 54.58 -4.07 -45.78
CA THR D 117 53.97 -3.64 -47.03
C THR D 117 53.49 -4.84 -47.83
N VAL D 118 52.59 -4.55 -48.78
CA VAL D 118 51.97 -5.54 -49.65
C VAL D 118 51.84 -4.93 -51.05
N SER D 119 52.20 -5.71 -52.07
CA SER D 119 52.19 -5.23 -53.45
C SER D 119 52.13 -6.42 -54.39
N SER D 120 52.09 -6.11 -55.69
CA SER D 120 52.04 -7.13 -56.73
C SER D 120 52.63 -6.58 -58.03
N SER E 1 42.49 7.73 -31.25
CA SER E 1 41.46 8.53 -31.90
C SER E 1 40.43 8.99 -30.88
N VAL E 2 40.44 8.38 -29.70
CA VAL E 2 39.59 8.85 -28.61
C VAL E 2 40.13 10.17 -28.08
N LEU E 3 41.43 10.37 -28.17
CA LEU E 3 42.03 11.63 -27.79
C LEU E 3 41.80 12.68 -28.88
N THR E 4 41.83 13.95 -28.50
CA THR E 4 41.51 15.05 -29.40
C THR E 4 42.69 16.01 -29.49
N GLN E 5 43.29 16.11 -30.66
CA GLN E 5 44.43 16.98 -30.90
C GLN E 5 44.15 17.81 -32.14
N PRO E 6 44.72 19.01 -32.23
CA PRO E 6 44.61 19.77 -33.48
C PRO E 6 45.42 19.10 -34.57
N PRO E 7 44.95 19.12 -35.81
CA PRO E 7 45.66 18.39 -36.87
C PRO E 7 46.92 19.09 -37.34
N SER E 8 47.01 20.40 -37.17
CA SER E 8 48.21 21.13 -37.59
C SER E 8 48.35 22.39 -36.77
N ALA E 9 49.54 22.98 -36.85
CA ALA E 9 49.86 24.24 -36.20
C ALA E 9 51.06 24.85 -36.91
N SER E 10 51.22 26.16 -36.74
CA SER E 10 52.31 26.87 -37.39
C SER E 10 52.72 28.05 -36.52
N GLY E 11 53.84 28.67 -36.88
CA GLY E 11 54.38 29.78 -36.12
C GLY E 11 55.69 30.32 -36.64
N THR E 12 56.25 31.31 -35.94
CA THR E 12 57.54 31.92 -36.27
C THR E 12 58.56 31.66 -35.15
N PRO E 13 59.85 31.57 -35.49
CA PRO E 13 60.88 31.45 -34.46
C PRO E 13 60.93 32.66 -33.54
N GLY E 14 60.62 32.43 -32.26
CA GLY E 14 60.43 33.50 -31.31
C GLY E 14 59.01 33.62 -30.79
N GLN E 15 58.12 32.74 -31.22
CA GLN E 15 56.73 32.77 -30.77
C GLN E 15 56.41 31.60 -29.84
N ARG E 16 55.41 31.78 -28.98
CA ARG E 16 55.01 30.73 -28.05
C ARG E 16 53.74 30.08 -28.56
N VAL E 17 53.86 28.83 -28.99
CA VAL E 17 52.75 28.05 -29.53
C VAL E 17 52.37 26.97 -28.52
N THR E 18 51.06 26.81 -28.31
CA THR E 18 50.52 25.79 -27.41
C THR E 18 49.80 24.75 -28.23
N ILE E 19 50.04 23.49 -27.91
CA ILE E 19 49.37 22.35 -28.54
C ILE E 19 48.59 21.60 -27.46
N PRO E 20 47.28 21.49 -27.58
CA PRO E 20 46.50 20.84 -26.52
C PRO E 20 46.12 19.42 -26.86
N CYS E 21 45.55 18.76 -25.85
CA CYS E 21 45.02 17.40 -25.92
C CYS E 21 43.99 17.23 -24.78
N SER E 22 42.70 17.14 -25.11
CA SER E 22 41.68 17.02 -24.08
C SER E 22 40.94 15.71 -24.27
N GLY E 23 40.70 15.01 -23.17
CA GLY E 23 40.11 13.69 -23.22
C GLY E 23 38.97 13.56 -22.23
N SER E 24 39.01 12.54 -21.39
CA SER E 24 37.90 12.27 -20.49
C SER E 24 38.45 11.83 -19.14
N SER E 25 37.55 11.37 -18.27
CA SER E 25 37.97 10.86 -16.96
C SER E 25 38.70 9.55 -17.10
N SER E 26 38.32 8.74 -18.09
CA SER E 26 39.05 7.50 -18.33
C SER E 26 40.40 7.77 -18.96
N ASN E 27 40.45 8.71 -19.90
CA ASN E 27 41.70 8.98 -20.60
C ASN E 27 42.69 9.76 -19.75
N ILE E 28 42.32 10.98 -19.35
CA ILE E 28 43.27 11.90 -18.74
C ILE E 28 42.99 12.15 -17.26
N GLY E 29 41.71 12.35 -16.92
CA GLY E 29 41.34 12.62 -15.54
C GLY E 29 41.49 11.42 -14.62
N ASN E 30 42.60 10.72 -14.76
CA ASN E 30 42.87 9.56 -13.93
C ASN E 30 44.08 8.75 -14.41
N ASN E 31 45.09 9.46 -14.93
CA ASN E 31 46.29 8.80 -15.41
C ASN E 31 47.25 9.72 -16.16
N TYR E 32 48.39 10.02 -15.54
CA TYR E 32 49.40 10.88 -16.14
C TYR E 32 49.36 10.90 -17.65
N VAL E 33 49.96 11.94 -18.21
CA VAL E 33 50.13 12.18 -19.63
C VAL E 33 51.61 12.17 -19.96
N TYR E 34 51.92 11.87 -21.22
CA TYR E 34 53.29 11.79 -21.70
C TYR E 34 53.38 12.44 -23.07
N TRP E 35 54.50 13.07 -23.39
CA TRP E 35 54.61 13.77 -24.66
C TRP E 35 55.80 13.26 -25.48
N TYR E 36 55.50 12.82 -26.70
CA TYR E 36 56.51 12.26 -27.59
C TYR E 36 56.59 13.07 -28.87
N GLN E 37 57.82 13.25 -29.34
CA GLN E 37 58.10 14.04 -30.53
C GLN E 37 58.58 13.12 -31.64
N GLN E 38 57.91 13.19 -32.78
CA GLN E 38 58.31 12.46 -33.97
C GLN E 38 58.85 13.46 -34.99
N LEU E 39 60.13 13.44 -35.16
CA LEU E 39 60.84 14.09 -36.24
C LEU E 39 60.69 13.26 -37.49
N PRO E 40 60.55 13.89 -38.67
CA PRO E 40 60.34 13.13 -39.90
C PRO E 40 61.55 12.29 -40.28
N GLY E 41 61.30 11.00 -40.49
CA GLY E 41 62.36 10.08 -40.86
C GLY E 41 63.15 9.53 -39.70
N THR E 42 62.56 9.52 -38.50
CA THR E 42 63.21 8.99 -37.31
C THR E 42 62.20 8.20 -36.48
N ALA E 43 62.66 7.79 -35.31
CA ALA E 43 61.83 7.21 -34.27
C ALA E 43 61.49 8.28 -33.23
N PRO E 44 60.37 8.13 -32.53
CA PRO E 44 60.02 9.13 -31.51
C PRO E 44 60.95 9.13 -30.31
N LYS E 45 60.98 10.28 -29.64
CA LYS E 45 61.79 10.55 -28.46
C LYS E 45 60.89 11.01 -27.32
N LEU E 46 61.50 11.47 -26.24
CA LEU E 46 60.80 11.96 -25.06
C LEU E 46 60.87 13.48 -25.02
N LEU E 47 59.78 14.13 -24.63
CA LEU E 47 59.78 15.56 -24.38
C LEU E 47 59.50 15.90 -22.92
N VAL E 48 58.38 15.45 -22.38
CA VAL E 48 58.02 15.76 -21.00
C VAL E 48 57.10 14.65 -20.49
N TYR E 49 57.17 14.39 -19.18
CA TYR E 49 56.41 13.31 -18.59
C TYR E 49 56.18 13.55 -17.10
N GLY E 50 54.96 13.27 -16.65
CA GLY E 50 54.65 13.33 -15.25
C GLY E 50 54.20 14.70 -14.78
N ASN E 51 54.03 15.62 -15.74
CA ASN E 51 53.40 16.94 -15.61
C ASN E 51 54.29 17.93 -14.82
N ASN E 52 55.38 17.46 -14.22
CA ASN E 52 56.30 18.33 -13.52
C ASN E 52 57.74 18.03 -13.84
N GLN E 53 58.03 16.95 -14.56
CA GLN E 53 59.40 16.49 -14.74
C GLN E 53 59.71 16.40 -16.22
N ARG E 54 60.98 16.59 -16.54
CA ARG E 54 61.46 16.53 -17.90
C ARG E 54 62.70 15.64 -17.97
N PRO E 55 62.87 14.87 -19.03
CA PRO E 55 64.06 14.01 -19.14
C PRO E 55 65.28 14.81 -19.54
N SER E 56 66.37 14.08 -19.76
CA SER E 56 67.61 14.69 -20.21
C SER E 56 67.58 14.89 -21.72
N GLY E 57 68.59 15.58 -22.23
CA GLY E 57 68.73 15.79 -23.66
C GLY E 57 67.79 16.80 -24.28
N VAL E 58 66.94 17.45 -23.48
CA VAL E 58 65.94 18.36 -24.02
C VAL E 58 66.07 19.71 -23.32
N PRO E 59 65.99 20.82 -24.04
CA PRO E 59 65.84 22.11 -23.36
C PRO E 59 64.46 22.23 -22.74
N ASP E 60 64.41 22.80 -21.54
CA ASP E 60 63.15 22.93 -20.81
C ASP E 60 62.32 24.14 -21.24
N ARG E 61 62.60 24.67 -22.43
CA ARG E 61 61.74 25.67 -23.07
C ARG E 61 60.35 25.12 -23.37
N PHE E 62 60.25 23.82 -23.57
CA PHE E 62 58.96 23.14 -23.66
C PHE E 62 58.37 22.99 -22.28
N SER E 63 57.10 23.36 -22.10
CA SER E 63 56.46 23.19 -20.80
C SER E 63 55.13 22.46 -20.93
N VAL E 64 54.64 21.95 -19.81
CA VAL E 64 53.45 21.12 -19.79
C VAL E 64 52.40 21.77 -18.91
N SER E 65 51.15 21.70 -19.34
CA SER E 65 50.04 22.20 -18.53
C SER E 65 48.94 21.13 -18.51
N LYS E 66 48.17 21.14 -17.42
CA LYS E 66 47.05 20.22 -17.24
C LYS E 66 45.92 20.96 -16.55
N SER E 67 44.79 21.05 -17.23
CA SER E 67 43.57 21.65 -16.69
C SER E 67 42.45 20.62 -16.79
N GLY E 68 42.17 19.98 -15.65
CA GLY E 68 41.06 19.04 -15.53
C GLY E 68 41.19 17.82 -16.42
N THR E 69 40.38 17.78 -17.46
CA THR E 69 40.44 16.75 -18.49
C THR E 69 41.13 17.25 -19.75
N SER E 70 42.19 18.05 -19.57
CA SER E 70 42.93 18.56 -20.71
C SER E 70 44.40 18.74 -20.31
N ALA E 71 45.26 18.71 -21.30
CA ALA E 71 46.68 19.00 -21.13
C ALA E 71 47.19 19.72 -22.37
N SER E 72 48.38 20.28 -22.29
CA SER E 72 48.96 21.02 -23.41
C SER E 72 50.47 21.15 -23.26
N LEU E 73 51.12 21.45 -24.37
CA LEU E 73 52.56 21.65 -24.44
C LEU E 73 52.82 23.04 -24.99
N ALA E 74 53.77 23.75 -24.40
CA ALA E 74 54.05 25.14 -24.73
C ALA E 74 55.48 25.30 -25.20
N ILE E 75 55.65 25.99 -26.32
CA ILE E 75 56.93 26.18 -26.99
C ILE E 75 57.15 27.65 -27.24
N SER E 76 58.09 28.26 -26.51
CA SER E 76 58.55 29.60 -26.80
C SER E 76 59.84 29.52 -27.60
N GLY E 77 59.99 30.40 -28.59
CA GLY E 77 61.22 30.47 -29.34
C GLY E 77 61.49 29.27 -30.23
N LEU E 78 60.74 29.15 -31.32
CA LEU E 78 60.88 28.02 -32.23
C LEU E 78 62.25 27.98 -32.89
N ARG E 79 62.65 26.80 -33.32
CA ARG E 79 63.82 26.67 -34.19
C ARG E 79 63.49 25.80 -35.39
N SER E 80 64.49 25.53 -36.23
CA SER E 80 64.24 24.78 -37.46
C SER E 80 64.09 23.29 -37.18
N GLU E 81 64.42 22.85 -35.98
CA GLU E 81 64.23 21.44 -35.62
C GLU E 81 62.83 21.16 -35.11
N ASP E 82 62.00 22.19 -34.91
CA ASP E 82 60.71 22.00 -34.28
C ASP E 82 59.60 21.72 -35.28
N GLU E 83 59.91 21.64 -36.57
CA GLU E 83 58.92 21.21 -37.53
C GLU E 83 58.73 19.71 -37.40
N ALA E 84 57.81 19.29 -36.53
CA ALA E 84 57.70 17.88 -36.21
C ALA E 84 56.27 17.58 -35.79
N ASP E 85 56.01 16.32 -35.53
CA ASP E 85 54.69 15.87 -35.11
C ASP E 85 54.76 15.59 -33.63
N TYR E 86 53.72 15.97 -32.89
CA TYR E 86 53.72 15.81 -31.45
C TYR E 86 52.50 15.02 -30.99
N TYR E 87 52.72 14.04 -30.11
CA TYR E 87 51.68 13.16 -29.61
C TYR E 87 51.67 13.14 -28.09
N CYS E 88 50.48 13.09 -27.50
CA CYS E 88 50.34 12.91 -26.07
C CYS E 88 49.73 11.54 -25.80
N ALA E 89 50.11 10.94 -24.69
CA ALA E 89 49.82 9.55 -24.39
C ALA E 89 49.22 9.41 -23.01
N ALA E 90 48.30 8.45 -22.88
CA ALA E 90 47.64 8.22 -21.59
C ALA E 90 47.08 6.82 -21.55
N TRP E 91 47.06 6.23 -20.36
CA TRP E 91 46.36 4.96 -20.18
C TRP E 91 44.87 5.23 -20.14
N ASP E 92 44.06 4.27 -20.57
CA ASP E 92 42.62 4.43 -20.44
C ASP E 92 41.91 3.12 -20.17
N ASP E 93 40.90 3.19 -19.32
CA ASP E 93 40.05 2.06 -18.96
C ASP E 93 38.65 2.39 -19.46
N GLY E 94 38.24 1.74 -20.54
CA GLY E 94 36.95 2.00 -21.15
C GLY E 94 36.08 0.77 -21.05
N LEU E 95 34.81 0.96 -21.42
CA LEU E 95 33.84 -0.14 -21.35
C LEU E 95 34.13 -1.21 -22.39
N SER E 96 34.44 -0.82 -23.62
CA SER E 96 34.74 -1.78 -24.68
C SER E 96 36.11 -2.39 -24.55
N GLY E 97 37.11 -1.59 -24.21
CA GLY E 97 38.45 -2.11 -24.05
C GLY E 97 39.27 -1.17 -23.20
N SER E 98 40.52 -1.54 -22.99
CA SER E 98 41.41 -0.70 -22.22
C SER E 98 42.80 -0.84 -22.79
N GLY E 99 43.61 0.19 -22.60
CA GLY E 99 44.95 0.08 -23.15
C GLY E 99 45.67 1.40 -23.12
N TRP E 100 46.69 1.47 -23.95
CA TRP E 100 47.61 2.60 -23.93
C TRP E 100 47.37 3.47 -25.15
N VAL E 101 46.52 4.47 -24.96
CA VAL E 101 45.99 5.22 -26.07
C VAL E 101 46.82 6.47 -26.31
N PHE E 102 46.84 6.90 -27.57
CA PHE E 102 47.63 8.03 -28.04
C PHE E 102 46.74 9.19 -28.48
N GLY E 103 47.40 10.30 -28.77
CA GLY E 103 46.73 11.41 -29.41
C GLY E 103 46.83 11.32 -30.91
N GLY E 104 46.14 12.23 -31.59
CA GLY E 104 46.18 12.26 -33.04
C GLY E 104 47.48 12.84 -33.57
N GLY E 105 48.13 13.67 -32.76
CA GLY E 105 49.35 14.32 -33.17
C GLY E 105 49.07 15.66 -33.84
N THR E 106 50.10 16.52 -33.83
CA THR E 106 49.99 17.80 -34.51
C THR E 106 51.29 18.07 -35.24
N LYS E 107 51.16 18.37 -36.54
CA LYS E 107 52.29 18.76 -37.38
C LYS E 107 52.55 20.25 -37.22
N LEU E 108 53.74 20.60 -36.76
CA LEU E 108 54.11 22.00 -36.52
C LEU E 108 55.30 22.36 -37.40
N THR E 109 55.19 23.47 -38.13
CA THR E 109 56.21 23.87 -39.08
C THR E 109 56.24 25.39 -39.19
N VAL E 110 57.25 25.88 -39.92
CA VAL E 110 57.39 27.30 -40.22
C VAL E 110 57.60 27.45 -41.74
N LEU E 111 56.88 28.40 -42.33
CA LEU E 111 56.93 28.62 -43.77
C LEU E 111 58.28 29.23 -44.19
N GLN F 1 40.95 -70.96 -52.52
CA GLN F 1 39.96 -70.68 -53.54
C GLN F 1 39.84 -69.17 -53.77
N VAL F 2 40.28 -68.39 -52.79
CA VAL F 2 40.41 -66.95 -52.92
C VAL F 2 41.83 -66.57 -52.55
N GLN F 3 42.55 -65.98 -53.50
CA GLN F 3 43.99 -65.81 -53.33
C GLN F 3 44.41 -64.50 -53.97
N LEU F 4 45.47 -63.93 -53.42
CA LEU F 4 46.08 -62.71 -53.92
C LEU F 4 47.49 -63.03 -54.35
N VAL F 5 47.72 -63.07 -55.66
CA VAL F 5 48.99 -63.57 -56.19
C VAL F 5 49.85 -62.40 -56.63
N GLN F 6 51.15 -62.60 -56.62
CA GLN F 6 52.12 -61.53 -56.83
C GLN F 6 53.12 -61.91 -57.92
N SER F 7 54.19 -61.12 -58.00
CA SER F 7 55.29 -61.38 -58.92
C SER F 7 56.58 -61.47 -58.12
N GLY F 8 57.41 -62.48 -58.43
CA GLY F 8 58.69 -62.60 -57.76
C GLY F 8 59.64 -61.51 -58.19
N ALA F 9 60.35 -60.93 -57.24
CA ALA F 9 61.17 -59.75 -57.48
C ALA F 9 62.65 -60.06 -57.26
N GLU F 10 63.48 -59.06 -57.56
CA GLU F 10 64.93 -59.26 -57.60
C GLU F 10 65.68 -58.12 -56.93
N VAL F 11 67.01 -58.17 -57.03
CA VAL F 11 67.85 -57.08 -56.58
C VAL F 11 67.61 -55.84 -57.43
N LYS F 12 67.51 -54.68 -56.78
CA LYS F 12 67.33 -53.41 -57.48
C LYS F 12 68.33 -52.40 -56.94
N LYS F 13 68.92 -51.63 -57.85
CA LYS F 13 69.85 -50.59 -57.46
C LYS F 13 69.11 -49.43 -56.80
N PRO F 14 69.72 -48.77 -55.81
CA PRO F 14 69.00 -47.71 -55.07
C PRO F 14 68.80 -46.47 -55.94
N GLY F 15 67.75 -45.72 -55.62
CA GLY F 15 67.37 -44.58 -56.41
C GLY F 15 66.47 -44.89 -57.58
N ALA F 16 66.28 -46.18 -57.89
CA ALA F 16 65.44 -46.59 -59.00
C ALA F 16 63.99 -46.65 -58.55
N SER F 17 63.14 -47.29 -59.35
CA SER F 17 61.74 -47.48 -59.03
C SER F 17 61.44 -48.98 -59.02
N LEU F 18 60.23 -49.33 -58.59
CA LEU F 18 59.81 -50.72 -58.55
C LEU F 18 58.29 -50.81 -58.60
N LYS F 19 57.79 -51.37 -59.70
CA LYS F 19 56.37 -51.68 -59.87
C LYS F 19 56.18 -53.15 -59.54
N VAL F 20 55.33 -53.43 -58.56
CA VAL F 20 54.96 -54.78 -58.18
C VAL F 20 53.46 -54.95 -58.30
N SER F 21 53.04 -56.13 -58.75
CA SER F 21 51.65 -56.41 -59.03
C SER F 21 50.99 -57.07 -57.83
N CYS F 22 49.66 -57.11 -57.87
CA CYS F 22 48.87 -57.85 -56.90
C CYS F 22 47.56 -58.20 -57.59
N ARG F 23 47.48 -59.42 -58.11
CA ARG F 23 46.32 -59.90 -58.86
C ARG F 23 45.37 -60.60 -57.90
N ALA F 24 44.13 -60.12 -57.88
CA ALA F 24 43.07 -60.67 -57.04
C ALA F 24 42.27 -61.68 -57.84
N SER F 25 41.80 -62.73 -57.16
CA SER F 25 41.02 -63.76 -57.80
C SER F 25 40.09 -64.39 -56.78
N GLY F 26 39.10 -65.13 -57.28
CA GLY F 26 38.22 -65.90 -56.46
C GLY F 26 37.01 -65.17 -55.91
N TYR F 27 36.95 -63.84 -56.06
CA TYR F 27 35.84 -63.08 -55.51
C TYR F 27 35.75 -61.75 -56.23
N THR F 28 34.76 -60.95 -55.82
CA THR F 28 34.46 -59.67 -56.45
C THR F 28 35.57 -58.65 -56.18
N PHE F 29 36.13 -58.08 -57.25
CA PHE F 29 37.29 -57.21 -57.11
C PHE F 29 36.94 -55.88 -56.50
N THR F 30 35.85 -55.26 -56.92
CA THR F 30 35.45 -53.96 -56.38
C THR F 30 34.48 -54.08 -55.20
N SER F 31 34.81 -54.97 -54.28
CA SER F 31 34.01 -55.13 -53.08
C SER F 31 34.82 -55.00 -51.81
N HIS F 32 36.14 -54.90 -51.89
CA HIS F 32 37.01 -54.98 -50.73
C HIS F 32 38.24 -54.12 -50.98
N PHE F 33 38.47 -53.16 -50.10
CA PHE F 33 39.67 -52.33 -50.13
C PHE F 33 40.91 -53.19 -49.87
N ILE F 34 42.05 -52.71 -50.34
CA ILE F 34 43.27 -53.51 -50.34
C ILE F 34 44.27 -52.85 -49.41
N HIS F 35 44.86 -53.64 -48.51
CA HIS F 35 45.92 -53.21 -47.63
C HIS F 35 47.26 -53.62 -48.20
N TRP F 36 48.24 -52.74 -48.11
CA TRP F 36 49.63 -53.01 -48.45
C TRP F 36 50.47 -52.87 -47.20
N VAL F 37 51.11 -53.98 -46.79
CA VAL F 37 51.87 -54.04 -45.55
C VAL F 37 53.28 -54.53 -45.86
N ARG F 38 54.24 -54.14 -45.02
CA ARG F 38 55.66 -54.34 -45.28
C ARG F 38 56.35 -54.81 -44.01
N GLN F 39 57.29 -55.75 -44.15
CA GLN F 39 58.00 -56.30 -43.01
C GLN F 39 59.48 -56.47 -43.35
N ALA F 40 60.32 -55.83 -42.59
CA ALA F 40 61.74 -56.06 -42.70
C ALA F 40 62.16 -57.27 -41.86
N PRO F 41 63.06 -58.10 -42.36
CA PRO F 41 63.41 -59.33 -41.64
C PRO F 41 64.20 -59.02 -40.38
N GLY F 42 63.83 -59.70 -39.30
CA GLY F 42 64.38 -59.36 -38.00
C GLY F 42 63.80 -58.09 -37.43
N GLN F 43 62.66 -57.66 -37.96
CA GLN F 43 61.99 -56.45 -37.48
C GLN F 43 60.50 -56.71 -37.46
N GLY F 44 59.74 -55.68 -37.09
CA GLY F 44 58.30 -55.81 -37.07
C GLY F 44 57.68 -55.54 -38.42
N LEU F 45 56.36 -55.39 -38.45
CA LEU F 45 55.63 -55.07 -39.66
C LEU F 45 55.17 -53.63 -39.59
N GLU F 46 55.00 -53.02 -40.76
CA GLU F 46 54.41 -51.69 -40.86
C GLU F 46 53.65 -51.63 -42.17
N TRP F 47 52.50 -50.98 -42.17
CA TRP F 47 51.64 -51.06 -43.35
C TRP F 47 51.86 -49.86 -44.25
N MET F 48 51.88 -50.12 -45.56
CA MET F 48 52.12 -49.06 -46.52
C MET F 48 50.85 -48.29 -46.82
N GLY F 49 49.86 -48.96 -47.41
CA GLY F 49 48.80 -48.20 -48.05
C GLY F 49 47.46 -48.89 -48.00
N ILE F 50 46.44 -48.15 -48.42
CA ILE F 50 45.07 -48.64 -48.50
C ILE F 50 44.47 -48.16 -49.81
N ILE F 51 43.82 -49.06 -50.54
CA ILE F 51 43.40 -48.78 -51.91
C ILE F 51 41.92 -49.07 -52.06
N ASN F 52 41.17 -48.09 -52.56
CA ASN F 52 39.87 -48.36 -53.16
C ASN F 52 40.07 -49.12 -54.46
N PRO F 53 39.56 -50.34 -54.55
CA PRO F 53 39.81 -51.17 -55.75
C PRO F 53 39.14 -50.66 -57.00
N SER F 54 38.16 -49.78 -56.87
CA SER F 54 37.69 -48.96 -57.99
C SER F 54 37.53 -47.55 -57.43
N GLY F 55 38.62 -46.80 -57.43
CA GLY F 55 38.60 -45.48 -56.83
C GLY F 55 40.00 -44.99 -56.54
N GLY F 56 40.17 -44.44 -55.34
CA GLY F 56 41.42 -43.82 -54.94
C GLY F 56 42.22 -44.66 -53.98
N ALA F 57 43.04 -43.97 -53.19
CA ALA F 57 43.93 -44.62 -52.24
C ALA F 57 44.31 -43.62 -51.15
N SER F 58 44.85 -44.15 -50.07
CA SER F 58 45.46 -43.33 -49.03
C SER F 58 46.69 -44.04 -48.49
N TYR F 59 47.53 -43.30 -47.79
CA TYR F 59 48.87 -43.75 -47.46
C TYR F 59 49.19 -43.52 -45.99
N ALA F 60 49.99 -44.43 -45.44
CA ALA F 60 50.57 -44.22 -44.13
C ALA F 60 51.63 -43.13 -44.22
N GLN F 61 51.51 -42.14 -43.33
CA GLN F 61 52.25 -40.89 -43.53
C GLN F 61 53.75 -41.04 -43.30
N ASN F 62 54.16 -42.11 -42.62
CA ASN F 62 55.60 -42.39 -42.51
C ASN F 62 56.16 -42.84 -43.84
N PHE F 63 55.31 -43.38 -44.71
CA PHE F 63 55.74 -43.79 -46.03
C PHE F 63 55.07 -43.01 -47.13
N ARG F 64 54.71 -41.76 -46.88
CA ARG F 64 54.24 -40.90 -47.95
C ARG F 64 55.41 -40.48 -48.83
N ASP F 65 55.09 -39.81 -49.94
CA ASP F 65 56.00 -39.19 -50.90
C ASP F 65 56.89 -40.19 -51.63
N ARG F 66 56.68 -41.49 -51.49
CA ARG F 66 57.47 -42.44 -52.26
C ARG F 66 56.68 -43.62 -52.81
N VAL F 67 55.39 -43.73 -52.48
CA VAL F 67 54.57 -44.84 -52.95
C VAL F 67 53.42 -44.29 -53.78
N THR F 68 53.10 -44.97 -54.87
CA THR F 68 51.90 -44.69 -55.64
C THR F 68 51.18 -46.01 -55.88
N MET F 69 49.87 -45.94 -56.05
CA MET F 69 49.05 -47.12 -56.29
C MET F 69 48.19 -46.89 -57.52
N THR F 70 47.80 -47.99 -58.17
CA THR F 70 46.79 -47.91 -59.21
C THR F 70 45.92 -49.15 -59.20
N THR F 71 44.63 -48.93 -59.35
CA THR F 71 43.67 -49.98 -59.58
C THR F 71 43.65 -50.32 -61.06
N ASP F 72 43.08 -51.49 -61.37
CA ASP F 72 42.88 -51.91 -62.75
C ASP F 72 41.77 -52.95 -62.74
N PRO F 73 40.52 -52.53 -62.58
CA PRO F 73 39.46 -53.49 -62.30
C PRO F 73 38.89 -54.14 -63.55
N SER F 74 39.77 -54.57 -64.47
CA SER F 74 39.38 -55.35 -65.63
C SER F 74 39.98 -56.73 -65.59
N THR F 75 41.30 -56.82 -65.48
CA THR F 75 41.98 -58.08 -65.18
C THR F 75 42.27 -58.22 -63.68
N SER F 76 41.55 -57.47 -62.84
CA SER F 76 41.38 -57.74 -61.41
C SER F 76 42.69 -57.63 -60.63
N THR F 77 43.36 -56.51 -60.81
CA THR F 77 44.68 -56.31 -60.24
C THR F 77 44.85 -54.90 -59.70
N VAL F 78 45.68 -54.79 -58.68
CA VAL F 78 46.12 -53.52 -58.13
C VAL F 78 47.64 -53.53 -58.20
N TYR F 79 48.27 -52.36 -58.13
CA TYR F 79 49.72 -52.27 -58.28
C TYR F 79 50.32 -51.30 -57.29
N MET F 80 51.56 -51.56 -56.90
CA MET F 80 52.31 -50.70 -56.00
C MET F 80 53.60 -50.27 -56.69
N GLU F 81 53.82 -48.97 -56.78
CA GLU F 81 55.04 -48.43 -57.35
C GLU F 81 55.79 -47.69 -56.26
N LEU F 82 57.05 -48.07 -56.05
CA LEU F 82 57.91 -47.46 -55.06
C LEU F 82 59.19 -46.97 -55.73
N GLY F 83 59.34 -45.66 -55.82
CA GLY F 83 60.52 -45.08 -56.45
C GLY F 83 61.46 -44.53 -55.39
N SER F 84 62.71 -44.34 -55.82
CA SER F 84 63.84 -43.96 -54.96
C SER F 84 63.97 -44.88 -53.75
N LEU F 85 64.24 -46.15 -54.03
CA LEU F 85 64.44 -47.11 -52.95
C LEU F 85 65.80 -46.90 -52.30
N ARG F 86 65.95 -47.42 -51.08
CA ARG F 86 67.17 -47.26 -50.32
C ARG F 86 67.74 -48.62 -49.96
N SER F 87 68.80 -48.61 -49.16
CA SER F 87 69.40 -49.86 -48.71
C SER F 87 68.77 -50.40 -47.45
N GLU F 88 68.07 -49.57 -46.69
CA GLU F 88 67.35 -50.01 -45.50
C GLU F 88 65.93 -50.46 -45.82
N ASP F 89 65.53 -50.39 -47.08
CA ASP F 89 64.20 -50.85 -47.50
C ASP F 89 64.21 -52.30 -47.96
N THR F 90 65.27 -53.04 -47.65
CA THR F 90 65.28 -54.48 -47.92
C THR F 90 64.31 -55.18 -47.00
N ALA F 91 63.29 -55.82 -47.58
CA ALA F 91 62.16 -56.30 -46.79
C ALA F 91 61.40 -57.36 -47.57
N VAL F 92 60.21 -57.70 -47.07
CA VAL F 92 59.23 -58.51 -47.80
C VAL F 92 57.88 -57.82 -47.67
N TYR F 93 57.16 -57.75 -48.77
CA TYR F 93 55.92 -56.99 -48.87
C TYR F 93 54.76 -57.95 -49.04
N TYR F 94 53.73 -57.78 -48.21
CA TYR F 94 52.50 -58.54 -48.34
C TYR F 94 51.39 -57.62 -48.84
N CYS F 95 50.54 -58.19 -49.69
CA CYS F 95 49.40 -57.51 -50.26
C CYS F 95 48.14 -58.20 -49.74
N ALA F 96 47.48 -57.59 -48.77
CA ALA F 96 46.36 -58.20 -48.08
C ALA F 96 45.05 -57.58 -48.55
N ARG F 97 43.97 -58.35 -48.42
CA ARG F 97 42.63 -57.86 -48.67
C ARG F 97 41.94 -57.56 -47.35
N ALA F 98 41.04 -56.58 -47.37
CA ALA F 98 40.44 -56.10 -46.14
C ALA F 98 38.97 -56.48 -46.14
N GLU F 99 38.27 -56.09 -45.07
CA GLU F 99 36.83 -56.24 -45.01
C GLU F 99 36.18 -55.28 -46.00
N GLY F 100 34.94 -55.59 -46.37
CA GLY F 100 34.28 -54.96 -47.51
C GLY F 100 34.03 -53.47 -47.36
N SER F 101 33.82 -52.99 -46.14
CA SER F 101 33.71 -51.56 -45.88
C SER F 101 35.06 -50.90 -45.68
N SER F 102 35.08 -49.65 -45.24
CA SER F 102 36.27 -48.86 -45.00
C SER F 102 37.25 -49.46 -43.99
N TRP F 103 38.40 -48.81 -43.83
CA TRP F 103 39.67 -49.28 -43.30
C TRP F 103 39.66 -50.30 -42.16
N LEU F 104 38.77 -50.13 -41.18
CA LEU F 104 38.69 -51.08 -40.08
C LEU F 104 38.12 -52.41 -40.54
N GLY F 105 38.86 -53.48 -40.30
CA GLY F 105 38.37 -54.80 -40.65
C GLY F 105 39.47 -55.83 -40.54
N TRP F 106 39.08 -57.09 -40.66
CA TRP F 106 40.02 -58.19 -40.63
C TRP F 106 40.70 -58.32 -41.98
N PHE F 107 41.84 -59.01 -42.01
CA PHE F 107 42.65 -59.14 -43.22
C PHE F 107 42.63 -60.62 -43.59
N ASP F 108 41.58 -61.08 -44.27
CA ASP F 108 41.51 -62.54 -44.37
C ASP F 108 42.39 -63.13 -45.48
N PRO F 109 42.31 -62.72 -46.75
CA PRO F 109 43.28 -63.28 -47.70
C PRO F 109 44.58 -62.52 -47.63
N TRP F 110 45.69 -63.23 -47.79
CA TRP F 110 46.97 -62.55 -47.78
C TRP F 110 47.76 -62.95 -49.01
N GLY F 111 48.72 -62.09 -49.36
CA GLY F 111 49.58 -62.37 -50.48
C GLY F 111 50.63 -63.41 -50.12
N GLN F 112 51.26 -63.96 -51.15
CA GLN F 112 52.36 -64.89 -50.96
C GLN F 112 53.61 -64.22 -50.40
N GLY F 113 53.74 -62.90 -50.56
CA GLY F 113 54.90 -62.19 -50.09
C GLY F 113 55.93 -61.97 -51.18
N THR F 114 56.52 -60.78 -51.21
CA THR F 114 57.50 -60.44 -52.22
C THR F 114 58.77 -59.97 -51.55
N LEU F 115 59.91 -60.50 -51.99
CA LEU F 115 61.20 -60.11 -51.45
C LEU F 115 61.74 -58.90 -52.22
N VAL F 116 62.14 -57.86 -51.50
CA VAL F 116 62.73 -56.67 -52.09
C VAL F 116 64.10 -56.48 -51.46
N THR F 117 65.09 -56.21 -52.30
CA THR F 117 66.48 -56.29 -51.87
C THR F 117 67.37 -55.45 -52.76
N VAL F 118 68.56 -55.16 -52.24
CA VAL F 118 69.57 -54.34 -52.91
C VAL F 118 70.95 -54.94 -52.61
N SER F 119 71.79 -55.04 -53.65
CA SER F 119 73.10 -55.67 -53.51
C SER F 119 73.99 -55.18 -54.65
N SER F 120 75.23 -55.66 -54.63
CA SER F 120 76.21 -55.32 -55.66
C SER F 120 77.27 -56.42 -55.77
N SER G 1 55.52 -49.62 -33.28
CA SER G 1 56.48 -49.43 -32.22
C SER G 1 55.87 -48.62 -31.08
N VAL G 2 54.74 -47.97 -31.37
CA VAL G 2 53.99 -47.29 -30.32
C VAL G 2 53.33 -48.31 -29.40
N LEU G 3 53.00 -49.48 -29.94
CA LEU G 3 52.47 -50.57 -29.13
C LEU G 3 53.60 -51.25 -28.37
N THR G 4 53.25 -51.89 -27.26
CA THR G 4 54.22 -52.50 -26.36
C THR G 4 53.94 -53.98 -26.21
N GLN G 5 54.87 -54.81 -26.67
CA GLN G 5 54.73 -56.26 -26.60
C GLN G 5 56.01 -56.82 -26.01
N PRO G 6 55.94 -57.96 -25.34
CA PRO G 6 57.17 -58.63 -24.91
C PRO G 6 57.92 -59.18 -26.10
N PRO G 7 59.25 -59.13 -26.08
CA PRO G 7 60.00 -59.55 -27.27
C PRO G 7 60.06 -61.07 -27.45
N SER G 8 59.89 -61.84 -26.38
CA SER G 8 59.92 -63.28 -26.50
C SER G 8 59.11 -63.89 -25.36
N ALA G 9 58.82 -65.18 -25.53
CA ALA G 9 58.11 -65.98 -24.53
C ALA G 9 58.41 -67.44 -24.78
N SER G 10 58.23 -68.26 -23.76
CA SER G 10 58.50 -69.69 -23.87
C SER G 10 57.57 -70.45 -22.93
N GLY G 11 57.56 -71.77 -23.10
CA GLY G 11 56.69 -72.62 -22.30
C GLY G 11 56.76 -74.09 -22.66
N THR G 12 55.93 -74.91 -21.99
CA THR G 12 55.84 -76.34 -22.24
C THR G 12 54.45 -76.71 -22.78
N PRO G 13 54.36 -77.77 -23.59
CA PRO G 13 53.04 -78.24 -24.03
C PRO G 13 52.17 -78.72 -22.87
N GLY G 14 51.06 -78.03 -22.65
CA GLY G 14 50.24 -78.22 -21.49
C GLY G 14 50.21 -77.05 -20.53
N GLN G 15 50.90 -75.95 -20.84
CA GLN G 15 50.95 -74.77 -20.00
C GLN G 15 50.05 -73.69 -20.60
N ARG G 16 49.64 -72.72 -19.79
CA ARG G 16 48.87 -71.58 -20.26
C ARG G 16 49.75 -70.34 -20.23
N VAL G 17 50.09 -69.84 -21.41
CA VAL G 17 50.95 -68.67 -21.57
C VAL G 17 50.10 -67.49 -22.06
N THR G 18 50.32 -66.32 -21.47
CA THR G 18 49.62 -65.10 -21.84
C THR G 18 50.62 -64.16 -22.49
N ILE G 19 50.21 -63.55 -23.60
CA ILE G 19 50.99 -62.55 -24.30
C ILE G 19 50.22 -61.24 -24.30
N PRO G 20 50.75 -60.17 -23.72
CA PRO G 20 50.00 -58.93 -23.64
C PRO G 20 50.40 -57.91 -24.68
N CYS G 21 49.63 -56.83 -24.73
CA CYS G 21 49.84 -55.67 -25.58
C CYS G 21 49.10 -54.48 -24.95
N SER G 22 49.82 -53.49 -24.41
CA SER G 22 49.18 -52.37 -23.77
C SER G 22 49.57 -51.09 -24.50
N GLY G 23 48.59 -50.22 -24.73
CA GLY G 23 48.81 -49.03 -25.52
C GLY G 23 48.24 -47.80 -24.83
N SER G 24 47.41 -47.04 -25.52
CA SER G 24 46.92 -45.78 -24.98
C SER G 24 45.46 -45.63 -25.37
N SER G 25 44.91 -44.43 -25.11
CA SER G 25 43.54 -44.14 -25.48
C SER G 25 43.40 -44.00 -26.98
N SER G 26 44.44 -43.51 -27.64
CA SER G 26 44.41 -43.44 -29.10
C SER G 26 44.57 -44.82 -29.72
N ASN G 27 45.46 -45.65 -29.16
CA ASN G 27 45.74 -46.95 -29.73
C ASN G 27 44.62 -47.94 -29.43
N ILE G 28 44.38 -48.23 -28.15
CA ILE G 28 43.51 -49.34 -27.78
C ILE G 28 42.21 -48.88 -27.12
N GLY G 29 42.30 -47.90 -26.22
CA GLY G 29 41.13 -47.41 -25.52
C GLY G 29 40.20 -46.61 -26.41
N ASN G 30 39.94 -47.13 -27.62
CA ASN G 30 39.05 -46.47 -28.56
C ASN G 30 39.09 -47.10 -29.94
N ASN G 31 39.28 -48.41 -30.00
CA ASN G 31 39.32 -49.11 -31.27
C ASN G 31 39.74 -50.57 -31.15
N TYR G 32 38.79 -51.47 -31.39
CA TYR G 32 39.05 -52.90 -31.34
C TYR G 32 40.49 -53.29 -31.60
N VAL G 33 40.83 -54.50 -31.16
CA VAL G 33 42.13 -55.11 -31.34
C VAL G 33 41.96 -56.36 -32.19
N TYR G 34 43.05 -56.76 -32.85
CA TYR G 34 43.05 -57.91 -33.74
C TYR G 34 44.33 -58.70 -33.53
N TRP G 35 44.28 -60.03 -33.66
CA TRP G 35 45.47 -60.83 -33.39
C TRP G 35 45.84 -61.68 -34.58
N TYR G 36 47.08 -61.52 -35.05
CA TYR G 36 47.58 -62.23 -36.22
C TYR G 36 48.78 -63.07 -35.85
N GLN G 37 48.84 -64.26 -36.44
CA GLN G 37 49.87 -65.24 -36.17
C GLN G 37 50.76 -65.38 -37.39
N GLN G 38 52.06 -65.19 -37.22
CA GLN G 38 53.03 -65.41 -38.26
C GLN G 38 53.85 -66.65 -37.93
N LEU G 39 53.59 -67.68 -38.66
CA LEU G 39 54.39 -68.88 -38.70
C LEU G 39 55.62 -68.63 -39.57
N PRO G 40 56.77 -69.18 -39.20
CA PRO G 40 58.01 -68.90 -39.96
C PRO G 40 57.95 -69.47 -41.36
N GLY G 41 58.21 -68.61 -42.35
CA GLY G 41 58.19 -69.02 -43.73
C GLY G 41 56.82 -69.02 -44.37
N THR G 42 55.88 -68.25 -43.82
CA THR G 42 54.54 -68.15 -44.38
C THR G 42 54.07 -66.71 -44.34
N ALA G 43 52.80 -66.53 -44.69
CA ALA G 43 52.07 -65.29 -44.52
C ALA G 43 51.23 -65.35 -43.25
N PRO G 44 50.91 -64.20 -42.65
CA PRO G 44 50.09 -64.23 -41.42
C PRO G 44 48.66 -64.66 -41.68
N LYS G 45 48.03 -65.15 -40.62
CA LYS G 45 46.66 -65.63 -40.59
C LYS G 45 45.88 -64.90 -39.50
N LEU G 46 44.66 -65.35 -39.24
CA LEU G 46 43.79 -64.78 -38.23
C LEU G 46 43.76 -65.68 -37.00
N LEU G 47 43.76 -65.07 -35.81
CA LEU G 47 43.55 -65.82 -34.58
C LEU G 47 42.26 -65.42 -33.86
N VAL G 48 42.11 -64.14 -33.53
CA VAL G 48 40.93 -63.68 -32.81
C VAL G 48 40.73 -62.20 -33.14
N TYR G 49 39.46 -61.78 -33.14
CA TYR G 49 39.12 -60.41 -33.51
C TYR G 49 37.81 -59.99 -32.90
N GLY G 50 37.77 -58.76 -32.40
CA GLY G 50 36.54 -58.17 -31.90
C GLY G 50 36.27 -58.48 -30.44
N ASN G 51 37.25 -59.11 -29.79
CA ASN G 51 37.35 -59.33 -28.34
C ASN G 51 36.35 -60.37 -27.83
N ASN G 52 35.42 -60.81 -28.68
CA ASN G 52 34.47 -61.85 -28.30
C ASN G 52 34.30 -62.90 -29.38
N GLN G 53 34.85 -62.69 -30.56
CA GLN G 53 34.58 -63.55 -31.70
C GLN G 53 35.88 -64.14 -32.23
N ARG G 54 35.77 -65.33 -32.80
CA ARG G 54 36.91 -66.01 -33.38
C ARG G 54 36.54 -66.51 -34.77
N PRO G 55 37.48 -66.48 -35.72
CA PRO G 55 37.18 -66.95 -37.07
C PRO G 55 37.16 -68.48 -37.13
N SER G 56 37.01 -68.98 -38.36
CA SER G 56 37.06 -70.40 -38.60
C SER G 56 38.49 -70.88 -38.71
N GLY G 57 38.66 -72.19 -38.78
CA GLY G 57 39.97 -72.80 -38.96
C GLY G 57 40.88 -72.77 -37.76
N VAL G 58 40.41 -72.28 -36.62
CA VAL G 58 41.26 -72.14 -35.44
C VAL G 58 40.58 -72.82 -34.26
N PRO G 59 41.32 -73.57 -33.43
CA PRO G 59 40.75 -74.01 -32.15
C PRO G 59 40.61 -72.82 -31.21
N ASP G 60 39.50 -72.80 -30.48
CA ASP G 60 39.22 -71.70 -29.56
C ASP G 60 39.93 -71.83 -28.22
N ARG G 61 40.97 -72.68 -28.15
CA ARG G 61 41.86 -72.72 -27.00
C ARG G 61 42.59 -71.40 -26.78
N PHE G 62 42.80 -70.63 -27.85
CA PHE G 62 43.29 -69.26 -27.75
C PHE G 62 42.16 -68.35 -27.28
N SER G 63 42.41 -67.52 -26.27
CA SER G 63 41.40 -66.59 -25.81
C SER G 63 41.93 -65.17 -25.74
N VAL G 64 41.02 -64.21 -25.69
CA VAL G 64 41.39 -62.80 -25.74
C VAL G 64 40.89 -62.12 -24.47
N SER G 65 41.71 -61.20 -23.95
CA SER G 65 41.32 -60.40 -22.80
C SER G 65 41.64 -58.95 -23.09
N LYS G 66 40.86 -58.05 -22.48
CA LYS G 66 41.03 -56.62 -22.60
C LYS G 66 40.76 -55.96 -21.26
N SER G 67 41.77 -55.29 -20.72
CA SER G 67 41.67 -54.54 -19.47
C SER G 67 42.10 -53.11 -19.75
N GLY G 68 41.10 -52.23 -19.91
CA GLY G 68 41.33 -50.80 -20.07
C GLY G 68 42.11 -50.44 -21.33
N THR G 69 43.37 -50.06 -21.13
CA THR G 69 44.29 -49.78 -22.23
C THR G 69 45.26 -50.94 -22.43
N SER G 70 44.77 -52.17 -22.28
CA SER G 70 45.61 -53.34 -22.49
C SER G 70 44.76 -54.47 -23.03
N ALA G 71 45.42 -55.41 -23.71
CA ALA G 71 44.80 -56.64 -24.18
C ALA G 71 45.83 -57.76 -24.09
N SER G 72 45.37 -59.00 -24.26
CA SER G 72 46.26 -60.15 -24.17
C SER G 72 45.63 -61.37 -24.82
N LEU G 73 46.48 -62.35 -25.13
CA LEU G 73 46.08 -63.61 -25.75
C LEU G 73 46.54 -64.72 -24.85
N ALA G 74 45.68 -65.72 -24.65
CA ALA G 74 45.92 -66.81 -23.71
C ALA G 74 45.92 -68.15 -24.43
N ILE G 75 46.94 -68.95 -24.15
CA ILE G 75 47.15 -70.24 -24.82
C ILE G 75 47.35 -71.31 -23.76
N SER G 76 46.36 -72.19 -23.62
CA SER G 76 46.52 -73.40 -22.81
C SER G 76 46.85 -74.56 -23.73
N GLY G 77 47.75 -75.43 -23.26
CA GLY G 77 48.06 -76.63 -24.00
C GLY G 77 48.79 -76.40 -25.31
N LEU G 78 50.07 -76.02 -25.24
CA LEU G 78 50.86 -75.72 -26.42
C LEU G 78 51.03 -76.96 -27.30
N ARG G 79 51.29 -76.72 -28.59
CA ARG G 79 51.73 -77.78 -29.48
C ARG G 79 52.96 -77.34 -30.26
N SER G 80 53.42 -78.19 -31.18
CA SER G 80 54.65 -77.89 -31.90
C SER G 80 54.41 -76.86 -33.00
N GLU G 81 53.15 -76.56 -33.31
CA GLU G 81 52.85 -75.53 -34.30
C GLU G 81 52.81 -74.14 -33.68
N ASP G 82 52.92 -74.03 -32.36
CA ASP G 82 52.73 -72.73 -31.71
C ASP G 82 54.03 -71.97 -31.55
N GLU G 83 55.16 -72.50 -32.04
CA GLU G 83 56.38 -71.72 -32.07
C GLU G 83 56.29 -70.69 -33.18
N ALA G 84 55.75 -69.52 -32.87
CA ALA G 84 55.46 -68.55 -33.91
C ALA G 84 55.53 -67.15 -33.31
N ASP G 85 55.34 -66.17 -34.17
CA ASP G 85 55.36 -64.77 -33.77
C ASP G 85 53.92 -64.29 -33.74
N TYR G 86 53.58 -63.49 -32.73
CA TYR G 86 52.21 -63.03 -32.58
C TYR G 86 52.16 -61.51 -32.50
N TYR G 87 51.24 -60.90 -33.26
CA TYR G 87 51.08 -59.45 -33.33
C TYR G 87 49.65 -59.05 -33.05
N CYS G 88 49.48 -57.95 -32.34
CA CYS G 88 48.16 -57.35 -32.12
C CYS G 88 48.09 -56.04 -32.89
N ALA G 89 46.90 -55.71 -33.36
CA ALA G 89 46.68 -54.62 -34.30
C ALA G 89 45.58 -53.72 -33.81
N ALA G 90 45.72 -52.42 -34.09
CA ALA G 90 44.72 -51.45 -33.69
C ALA G 90 44.83 -50.20 -34.54
N TRP G 91 43.71 -49.54 -34.78
CA TRP G 91 43.73 -48.24 -35.42
C TRP G 91 44.19 -47.21 -34.41
N ASP G 92 44.85 -46.14 -34.86
CA ASP G 92 45.17 -45.07 -33.94
C ASP G 92 45.14 -43.70 -34.60
N ASP G 93 44.67 -42.73 -33.83
CA ASP G 93 44.58 -41.34 -34.25
C ASP G 93 45.51 -40.55 -33.33
N GLY G 94 46.65 -40.14 -33.87
CA GLY G 94 47.65 -39.43 -33.09
C GLY G 94 47.82 -38.02 -33.63
N LEU G 95 48.58 -37.22 -32.88
CA LEU G 95 48.82 -35.84 -33.26
C LEU G 95 49.68 -35.73 -34.50
N SER G 96 50.75 -36.51 -34.59
CA SER G 96 51.64 -36.48 -35.74
C SER G 96 51.05 -37.18 -36.96
N GLY G 97 50.43 -38.33 -36.75
CA GLY G 97 49.82 -39.04 -37.85
C GLY G 97 48.78 -40.00 -37.33
N SER G 98 48.16 -40.72 -38.26
CA SER G 98 47.15 -41.68 -37.90
C SER G 98 47.25 -42.85 -38.85
N GLY G 99 46.82 -44.02 -38.39
CA GLY G 99 46.90 -45.14 -39.30
C GLY G 99 46.66 -46.44 -38.58
N TRP G 100 47.13 -47.51 -39.22
CA TRP G 100 46.82 -48.85 -38.78
C TRP G 100 48.08 -49.47 -38.17
N VAL G 101 48.19 -49.32 -36.86
CA VAL G 101 49.44 -49.61 -36.19
C VAL G 101 49.42 -51.03 -35.64
N PHE G 102 50.61 -51.61 -35.53
CA PHE G 102 50.81 -52.99 -35.12
C PHE G 102 51.53 -53.06 -33.79
N GLY G 103 51.63 -54.28 -33.27
CA GLY G 103 52.47 -54.54 -32.12
C GLY G 103 53.86 -54.95 -32.55
N GLY G 104 54.73 -55.10 -31.56
CA GLY G 104 56.10 -55.52 -31.86
C GLY G 104 56.19 -57.01 -32.16
N GLY G 105 55.23 -57.78 -31.66
CA GLY G 105 55.22 -59.21 -31.84
C GLY G 105 55.97 -59.92 -30.72
N THR G 106 55.65 -61.20 -30.56
CA THR G 106 56.35 -62.01 -29.57
C THR G 106 56.63 -63.38 -30.18
N LYS G 107 57.90 -63.78 -30.11
CA LYS G 107 58.33 -65.10 -30.56
C LYS G 107 58.12 -66.10 -29.43
N LEU G 108 57.32 -67.12 -29.68
CA LEU G 108 57.00 -68.13 -28.68
C LEU G 108 57.46 -69.50 -29.18
N THR G 109 58.21 -70.22 -28.35
CA THR G 109 58.78 -71.50 -28.74
C THR G 109 58.90 -72.41 -27.53
N VAL G 110 59.27 -73.66 -27.80
CA VAL G 110 59.54 -74.66 -26.76
C VAL G 110 60.90 -75.28 -27.05
N LEU G 111 61.72 -75.41 -26.00
CA LEU G 111 63.07 -75.95 -26.14
C LEU G 111 63.04 -77.45 -26.42
N GLN H 1 20.47 66.73 -69.84
CA GLN H 1 20.73 67.77 -68.84
C GLN H 1 21.63 67.23 -67.74
N VAL H 2 21.68 65.90 -67.61
CA VAL H 2 22.63 65.22 -66.74
C VAL H 2 23.38 64.19 -67.58
N GLN H 3 24.70 64.36 -67.66
CA GLN H 3 25.46 63.58 -68.62
C GLN H 3 26.82 63.24 -68.03
N LEU H 4 27.35 62.11 -68.48
CA LEU H 4 28.66 61.64 -68.09
C LEU H 4 29.54 61.60 -69.33
N VAL H 5 30.47 62.53 -69.44
CA VAL H 5 31.22 62.71 -70.68
C VAL H 5 32.61 62.13 -70.51
N GLN H 6 33.21 61.71 -71.62
CA GLN H 6 34.45 60.96 -71.62
C GLN H 6 35.48 61.60 -72.54
N SER H 7 36.54 60.87 -72.81
CA SER H 7 37.58 61.26 -73.75
C SER H 7 37.73 60.20 -74.81
N GLY H 8 37.82 60.62 -76.08
CA GLY H 8 38.02 59.68 -77.16
C GLY H 8 39.43 59.09 -77.12
N ALA H 9 39.52 57.78 -77.33
CA ALA H 9 40.77 57.05 -77.13
C ALA H 9 41.26 56.47 -78.45
N GLU H 10 42.44 55.87 -78.40
CA GLU H 10 43.15 55.44 -79.60
C GLU H 10 43.76 54.06 -79.46
N VAL H 11 44.53 53.65 -80.46
CA VAL H 11 45.29 52.41 -80.39
C VAL H 11 46.38 52.54 -79.33
N LYS H 12 46.55 51.50 -78.53
CA LYS H 12 47.59 51.45 -77.51
C LYS H 12 48.35 50.14 -77.61
N LYS H 13 49.66 50.22 -77.48
CA LYS H 13 50.51 49.03 -77.52
C LYS H 13 50.32 48.23 -76.23
N PRO H 14 50.38 46.89 -76.32
CA PRO H 14 50.10 46.07 -75.13
C PRO H 14 51.22 46.18 -74.10
N GLY H 15 50.86 45.96 -72.83
CA GLY H 15 51.79 46.14 -71.75
C GLY H 15 51.86 47.55 -71.21
N ALA H 16 51.25 48.51 -71.90
CA ALA H 16 51.28 49.89 -71.48
C ALA H 16 50.17 50.14 -70.46
N SER H 17 49.87 51.41 -70.20
CA SER H 17 48.79 51.80 -69.30
C SER H 17 47.81 52.66 -70.07
N LEU H 18 46.68 52.98 -69.44
CA LEU H 18 45.65 53.82 -70.05
C LEU H 18 44.82 54.50 -68.98
N LYS H 19 44.94 55.82 -68.91
CA LYS H 19 44.10 56.65 -68.04
C LYS H 19 42.98 57.21 -68.90
N VAL H 20 41.73 56.93 -68.51
CA VAL H 20 40.56 57.47 -69.17
C VAL H 20 39.72 58.23 -68.15
N SER H 21 39.14 59.33 -68.59
CA SER H 21 38.39 60.23 -67.73
C SER H 21 36.91 59.90 -67.75
N CYS H 22 36.20 60.46 -66.78
CA CYS H 22 34.75 60.39 -66.74
C CYS H 22 34.28 61.61 -65.96
N ARG H 23 33.89 62.66 -66.68
CA ARG H 23 33.48 63.92 -66.08
C ARG H 23 31.97 63.92 -65.89
N ALA H 24 31.54 64.14 -64.66
CA ALA H 24 30.14 64.19 -64.29
C ALA H 24 29.65 65.62 -64.30
N SER H 25 28.40 65.80 -64.71
CA SER H 25 27.81 67.12 -64.77
C SER H 25 26.31 67.01 -64.57
N GLY H 26 25.69 68.16 -64.28
CA GLY H 26 24.26 68.27 -64.19
C GLY H 26 23.66 67.94 -62.85
N TYR H 27 24.43 67.40 -61.91
CA TYR H 27 23.91 67.02 -60.61
C TYR H 27 25.05 66.93 -59.61
N THR H 28 24.69 66.60 -58.37
CA THR H 28 25.63 66.54 -57.26
C THR H 28 26.61 65.39 -57.42
N PHE H 29 27.91 65.71 -57.38
CA PHE H 29 28.93 64.72 -57.69
C PHE H 29 29.08 63.69 -56.58
N THR H 30 29.10 64.14 -55.33
CA THR H 30 29.26 63.21 -54.20
C THR H 30 27.92 62.74 -53.64
N SER H 31 27.02 62.35 -54.54
CA SER H 31 25.73 61.82 -54.12
C SER H 31 25.44 60.46 -54.71
N HIS H 32 26.26 59.96 -55.63
CA HIS H 32 25.96 58.77 -56.40
C HIS H 32 27.26 58.05 -56.73
N PHE H 33 27.35 56.79 -56.32
CA PHE H 33 28.47 55.94 -56.66
C PHE H 33 28.51 55.70 -58.17
N ILE H 34 29.69 55.37 -58.68
CA ILE H 34 29.92 55.30 -60.11
C ILE H 34 30.24 53.87 -60.49
N HIS H 35 29.54 53.35 -61.50
CA HIS H 35 29.80 52.04 -62.07
C HIS H 35 30.68 52.18 -63.30
N TRP H 36 31.63 51.27 -63.44
CA TRP H 36 32.45 51.14 -64.63
C TRP H 36 32.19 49.79 -65.26
N VAL H 37 31.68 49.78 -66.49
CA VAL H 37 31.26 48.56 -67.18
C VAL H 37 31.96 48.52 -68.53
N ARG H 38 32.17 47.29 -69.03
CA ARG H 38 32.99 47.05 -70.22
C ARG H 38 32.30 46.05 -71.13
N GLN H 39 32.39 46.27 -72.44
CA GLN H 39 31.76 45.38 -73.41
C GLN H 39 32.67 45.16 -74.60
N ALA H 40 33.00 43.92 -74.85
CA ALA H 40 33.73 43.58 -76.06
C ALA H 40 32.75 43.39 -77.21
N PRO H 41 33.10 43.85 -78.42
CA PRO H 41 32.16 43.77 -79.53
C PRO H 41 31.95 42.35 -79.99
N GLY H 42 30.69 42.00 -80.24
CA GLY H 42 30.36 40.61 -80.51
C GLY H 42 30.38 39.76 -79.27
N GLN H 43 30.33 40.38 -78.10
CA GLN H 43 30.33 39.66 -76.84
C GLN H 43 29.35 40.35 -75.89
N GLY H 44 29.27 39.84 -74.67
CA GLY H 44 28.41 40.45 -73.68
C GLY H 44 29.08 41.59 -72.96
N LEU H 45 28.47 42.04 -71.87
CA LEU H 45 29.01 43.10 -71.03
C LEU H 45 29.51 42.49 -69.74
N GLU H 46 30.49 43.15 -69.13
CA GLU H 46 30.95 42.78 -67.81
C GLU H 46 31.42 44.05 -67.13
N TRP H 47 31.14 44.17 -65.82
CA TRP H 47 31.39 45.44 -65.16
C TRP H 47 32.74 45.45 -64.48
N MET H 48 33.43 46.58 -64.58
CA MET H 48 34.76 46.69 -63.99
C MET H 48 34.67 47.02 -62.51
N GLY H 49 34.14 48.19 -62.18
CA GLY H 49 34.39 48.72 -60.84
C GLY H 49 33.24 49.55 -60.31
N ILE H 50 33.36 49.88 -59.03
CA ILE H 50 32.40 50.72 -58.34
C ILE H 50 33.17 51.72 -57.50
N ILE H 51 32.79 53.00 -57.56
CA ILE H 51 33.58 54.06 -56.97
C ILE H 51 32.71 54.90 -56.05
N ASN H 52 33.17 55.08 -54.80
CA ASN H 52 32.68 56.18 -53.99
C ASN H 52 33.20 57.49 -54.56
N PRO H 53 32.31 58.38 -54.98
CA PRO H 53 32.76 59.61 -55.65
C PRO H 53 33.47 60.59 -54.72
N SER H 54 33.34 60.42 -53.40
CA SER H 54 34.24 61.05 -52.45
C SER H 54 34.57 59.96 -51.42
N GLY H 55 35.58 59.16 -51.74
CA GLY H 55 35.90 58.03 -50.88
C GLY H 55 36.75 57.02 -51.62
N GLY H 56 36.39 55.76 -51.46
CA GLY H 56 37.15 54.65 -52.00
C GLY H 56 36.52 54.02 -53.23
N ALA H 57 36.83 52.75 -53.43
CA ALA H 57 36.36 52.01 -54.58
C ALA H 57 36.43 50.52 -54.26
N SER H 58 35.74 49.73 -55.08
CA SER H 58 35.86 48.28 -55.07
C SER H 58 35.80 47.76 -56.49
N TYR H 59 36.23 46.50 -56.65
CA TYR H 59 36.49 45.97 -57.98
C TYR H 59 35.85 44.60 -58.17
N ALA H 60 35.45 44.33 -59.41
CA ALA H 60 35.05 42.99 -59.78
C ALA H 60 36.27 42.10 -59.84
N GLN H 61 36.20 40.96 -59.14
CA GLN H 61 37.41 40.19 -58.85
C GLN H 61 37.99 39.50 -60.08
N ASN H 62 37.20 39.37 -61.15
CA ASN H 62 37.75 38.87 -62.40
C ASN H 62 38.66 39.91 -63.04
N PHE H 63 38.45 41.19 -62.71
CA PHE H 63 39.30 42.24 -63.22
C PHE H 63 40.06 42.96 -62.13
N ARG H 64 40.41 42.26 -61.05
CA ARG H 64 41.29 42.84 -60.06
C ARG H 64 42.72 42.83 -60.59
N ASP H 65 43.62 43.48 -59.84
CA ASP H 65 45.06 43.56 -60.05
C ASP H 65 45.46 44.28 -61.33
N ARG H 66 44.54 44.92 -62.05
CA ARG H 66 44.94 45.69 -63.21
C ARG H 66 44.20 47.01 -63.37
N VAL H 67 43.24 47.31 -62.51
CA VAL H 67 42.48 48.55 -62.61
C VAL H 67 42.69 49.34 -61.33
N THR H 68 42.83 50.66 -61.47
CA THR H 68 42.82 51.58 -60.34
C THR H 68 41.86 52.71 -60.67
N MET H 69 41.28 53.31 -59.63
CA MET H 69 40.35 54.41 -59.78
C MET H 69 40.79 55.58 -58.92
N THR H 70 40.39 56.79 -59.32
CA THR H 70 40.55 57.94 -58.44
C THR H 70 39.38 58.90 -58.63
N THR H 71 38.89 59.40 -57.51
CA THR H 71 37.94 60.48 -57.47
C THR H 71 38.68 61.80 -57.60
N ASP H 72 37.92 62.84 -57.93
CA ASP H 72 38.46 64.21 -57.97
C ASP H 72 37.29 65.15 -57.84
N PRO H 73 36.73 65.30 -56.64
CA PRO H 73 35.44 65.98 -56.50
C PRO H 73 35.58 67.50 -56.43
N SER H 74 36.40 68.08 -57.30
CA SER H 74 36.49 69.52 -57.45
C SER H 74 36.03 69.96 -58.83
N THR H 75 36.64 69.42 -59.88
CA THR H 75 36.13 69.54 -61.24
C THR H 75 35.27 68.36 -61.64
N SER H 76 34.74 67.61 -60.67
CA SER H 76 33.59 66.71 -60.80
C SER H 76 33.87 65.56 -61.76
N THR H 77 34.97 64.85 -61.50
CA THR H 77 35.43 63.81 -62.39
C THR H 77 35.96 62.62 -61.61
N VAL H 78 35.82 61.45 -62.22
CA VAL H 78 36.41 60.21 -61.75
C VAL H 78 37.28 59.68 -62.88
N TYR H 79 38.22 58.79 -62.57
CA TYR H 79 39.15 58.30 -63.57
C TYR H 79 39.38 56.81 -63.44
N MET H 80 39.67 56.16 -64.57
CA MET H 80 39.98 54.74 -64.62
C MET H 80 41.34 54.56 -65.25
N GLU H 81 42.25 53.88 -64.54
CA GLU H 81 43.57 53.58 -65.06
C GLU H 81 43.68 52.07 -65.19
N LEU H 82 44.02 51.62 -66.39
CA LEU H 82 44.20 50.21 -66.70
C LEU H 82 45.59 49.99 -67.28
N GLY H 83 46.46 49.33 -66.52
CA GLY H 83 47.80 49.07 -66.97
C GLY H 83 47.95 47.61 -67.38
N SER H 84 49.01 47.36 -68.16
CA SER H 84 49.29 46.06 -68.80
C SER H 84 48.08 45.55 -69.58
N LEU H 85 47.70 46.30 -70.60
CA LEU H 85 46.59 45.89 -71.46
C LEU H 85 47.05 44.76 -72.39
N ARG H 86 46.07 44.03 -72.91
CA ARG H 86 46.34 42.88 -73.77
C ARG H 86 45.66 43.08 -75.11
N SER H 87 45.74 42.04 -75.95
CA SER H 87 45.11 42.10 -77.26
C SER H 87 43.66 41.64 -77.22
N GLU H 88 43.26 40.90 -76.20
CA GLU H 88 41.87 40.50 -76.03
C GLU H 88 41.05 41.52 -75.26
N ASP H 89 41.66 42.61 -74.83
CA ASP H 89 40.97 43.67 -74.11
C ASP H 89 40.47 44.77 -75.05
N THR H 90 40.43 44.50 -76.36
CA THR H 90 39.83 45.42 -77.30
C THR H 90 38.32 45.46 -77.11
N ALA H 91 37.79 46.61 -76.73
CA ALA H 91 36.40 46.68 -76.26
C ALA H 91 35.91 48.12 -76.35
N VAL H 92 34.76 48.38 -75.73
CA VAL H 92 34.25 49.71 -75.48
C VAL H 92 33.80 49.79 -74.03
N TYR H 93 34.15 50.88 -73.38
CA TYR H 93 33.95 51.05 -71.95
C TYR H 93 32.90 52.12 -71.70
N TYR H 94 31.91 51.79 -70.88
CA TYR H 94 30.91 52.75 -70.45
C TYR H 94 31.12 53.10 -68.99
N CYS H 95 30.89 54.36 -68.68
CA CYS H 95 31.01 54.91 -67.34
C CYS H 95 29.61 55.35 -66.90
N ALA H 96 28.98 54.54 -66.05
CA ALA H 96 27.59 54.76 -65.68
C ALA H 96 27.52 55.31 -64.27
N ARG H 97 26.43 56.02 -63.98
CA ARG H 97 26.12 56.49 -62.63
C ARG H 97 25.08 55.58 -62.00
N ALA H 98 25.14 55.44 -60.68
CA ALA H 98 24.30 54.48 -59.99
C ALA H 98 23.28 55.25 -59.15
N GLU H 99 22.44 54.49 -58.44
CA GLU H 99 21.54 55.08 -57.47
C GLU H 99 22.34 55.61 -56.29
N GLY H 100 21.72 56.54 -55.54
CA GLY H 100 22.43 57.34 -54.56
C GLY H 100 23.03 56.56 -53.40
N SER H 101 22.40 55.47 -53.00
CA SER H 101 22.95 54.58 -51.99
C SER H 101 23.92 53.57 -52.56
N SER H 102 24.34 52.59 -51.78
CA SER H 102 25.28 51.54 -52.15
C SER H 102 24.84 50.69 -53.35
N TRP H 103 25.73 49.80 -53.78
CA TRP H 103 25.81 49.13 -55.07
C TRP H 103 24.52 48.78 -55.81
N LEU H 104 23.52 48.27 -55.10
CA LEU H 104 22.25 47.95 -55.74
C LEU H 104 21.50 49.20 -56.18
N GLY H 105 21.16 49.26 -57.45
CA GLY H 105 20.39 50.40 -57.93
C GLY H 105 20.36 50.41 -59.45
N TRP H 106 19.53 51.29 -59.98
CA TRP H 106 19.41 51.46 -61.43
C TRP H 106 20.58 52.31 -61.93
N PHE H 107 20.83 52.23 -63.23
CA PHE H 107 21.97 52.93 -63.84
C PHE H 107 21.39 53.96 -64.79
N ASP H 108 20.99 55.13 -64.27
CA ASP H 108 20.21 55.98 -65.18
C ASP H 108 21.07 56.79 -66.16
N PRO H 109 22.06 57.59 -65.76
CA PRO H 109 22.89 58.24 -66.78
C PRO H 109 23.97 57.28 -67.25
N TRP H 110 24.28 57.34 -68.53
CA TRP H 110 25.35 56.50 -69.04
C TRP H 110 26.35 57.34 -69.81
N GLY H 111 27.55 56.80 -69.94
CA GLY H 111 28.57 57.47 -70.70
C GLY H 111 28.35 57.32 -72.19
N GLN H 112 29.05 58.14 -72.96
CA GLN H 112 29.00 58.04 -74.41
C GLN H 112 29.71 56.80 -74.92
N GLY H 113 30.60 56.21 -74.13
CA GLY H 113 31.32 55.03 -74.56
C GLY H 113 32.69 55.35 -75.11
N THR H 114 33.69 54.55 -74.76
CA THR H 114 35.05 54.77 -75.20
C THR H 114 35.58 53.52 -75.88
N LEU H 115 36.19 53.70 -77.05
CA LEU H 115 36.76 52.58 -77.78
C LEU H 115 38.20 52.35 -77.33
N VAL H 116 38.52 51.11 -76.98
CA VAL H 116 39.87 50.74 -76.60
C VAL H 116 40.34 49.63 -77.52
N THR H 117 41.56 49.76 -78.04
CA THR H 117 41.99 48.93 -79.15
C THR H 117 43.50 48.84 -79.20
N VAL H 118 43.98 47.83 -79.93
CA VAL H 118 45.40 47.53 -80.09
C VAL H 118 45.64 47.08 -81.53
N SER H 119 46.69 47.61 -82.16
CA SER H 119 46.98 47.32 -83.56
C SER H 119 48.45 47.60 -83.83
N SER H 120 48.85 47.35 -85.07
CA SER H 120 50.22 47.59 -85.51
C SER H 120 50.26 47.83 -87.02
N SER I 1 27.89 35.47 -67.74
CA SER I 1 27.84 34.18 -68.39
C SER I 1 27.23 33.13 -67.48
N VAL I 2 27.16 33.46 -66.19
CA VAL I 2 26.45 32.59 -65.24
C VAL I 2 24.95 32.65 -65.49
N LEU I 3 24.47 33.80 -65.98
CA LEU I 3 23.08 33.93 -66.36
C LEU I 3 22.84 33.25 -67.70
N THR I 4 21.59 32.86 -67.95
CA THR I 4 21.21 32.09 -69.13
C THR I 4 20.15 32.83 -69.91
N GLN I 5 20.49 33.26 -71.12
CA GLN I 5 19.58 33.99 -71.99
C GLN I 5 19.59 33.33 -73.36
N PRO I 6 18.50 33.42 -74.11
CA PRO I 6 18.52 32.95 -75.49
C PRO I 6 19.39 33.86 -76.34
N PRO I 7 20.13 33.30 -77.30
CA PRO I 7 21.06 34.14 -78.07
C PRO I 7 20.38 35.03 -79.09
N SER I 8 19.18 34.66 -79.56
CA SER I 8 18.48 35.47 -80.52
C SER I 8 16.98 35.22 -80.41
N ALA I 9 16.22 36.11 -81.04
CA ALA I 9 14.77 36.02 -81.10
C ALA I 9 14.29 36.85 -82.28
N SER I 10 13.08 36.55 -82.75
CA SER I 10 12.52 37.25 -83.90
C SER I 10 11.01 37.28 -83.77
N GLY I 11 10.38 38.08 -84.63
CA GLY I 11 8.94 38.23 -84.59
C GLY I 11 8.39 39.22 -85.60
N THR I 12 7.07 39.45 -85.57
CA THR I 12 6.40 40.40 -86.44
C THR I 12 5.77 41.53 -85.62
N PRO I 13 5.66 42.74 -86.19
CA PRO I 13 4.96 43.83 -85.50
C PRO I 13 3.49 43.51 -85.25
N GLY I 14 3.13 43.42 -83.98
CA GLY I 14 1.83 42.93 -83.56
C GLY I 14 1.86 41.62 -82.82
N GLN I 15 3.03 41.04 -82.60
CA GLN I 15 3.17 39.76 -81.90
C GLN I 15 3.66 40.03 -80.47
N ARG I 16 3.46 39.07 -79.57
CA ARG I 16 3.96 39.15 -78.20
C ARG I 16 5.10 38.16 -78.05
N VAL I 17 6.31 38.67 -77.89
CA VAL I 17 7.52 37.88 -77.74
C VAL I 17 8.01 37.99 -76.31
N THR I 18 8.39 36.85 -75.72
CA THR I 18 8.92 36.79 -74.37
C THR I 18 10.39 36.42 -74.44
N ILE I 19 11.21 37.13 -73.66
CA ILE I 19 12.63 36.86 -73.54
C ILE I 19 12.92 36.49 -72.09
N PRO I 20 13.43 35.30 -71.82
CA PRO I 20 13.65 34.90 -70.43
C PRO I 20 15.09 35.02 -70.00
N CYS I 21 15.29 34.81 -68.69
CA CYS I 21 16.59 34.80 -68.03
C CYS I 21 16.43 33.99 -66.72
N SER I 22 17.04 32.80 -66.64
CA SER I 22 16.90 31.98 -65.45
C SER I 22 18.27 31.74 -64.85
N GLY I 23 18.36 31.86 -63.54
CA GLY I 23 19.62 31.78 -62.85
C GLY I 23 19.56 30.85 -61.66
N SER I 24 19.96 31.32 -60.49
CA SER I 24 20.04 30.45 -59.33
C SER I 24 19.59 31.24 -58.10
N SER I 25 19.78 30.64 -56.92
CA SER I 25 19.43 31.31 -55.68
C SER I 25 20.38 32.45 -55.39
N SER I 26 21.64 32.31 -55.80
CA SER I 26 22.58 33.40 -55.64
C SER I 26 22.30 34.51 -56.64
N ASN I 27 21.99 34.16 -57.87
CA ASN I 27 21.78 35.16 -58.91
C ASN I 27 20.43 35.87 -58.76
N ILE I 28 19.33 35.12 -58.85
CA ILE I 28 18.02 35.73 -58.97
C ILE I 28 17.14 35.49 -57.74
N GLY I 29 17.15 34.27 -57.22
CA GLY I 29 16.35 33.93 -56.06
C GLY I 29 16.85 34.57 -54.77
N ASN I 30 17.17 35.86 -54.86
CA ASN I 30 17.66 36.58 -53.69
C ASN I 30 18.22 37.97 -54.04
N ASN I 31 17.63 38.60 -55.05
CA ASN I 31 18.08 39.92 -55.47
C ASN I 31 17.43 40.41 -56.76
N TYR I 32 16.57 41.42 -56.64
CA TYR I 32 15.89 42.00 -57.78
C TYR I 32 16.62 41.84 -59.09
N VAL I 33 15.88 41.98 -60.18
CA VAL I 33 16.36 41.93 -61.55
C VAL I 33 16.13 43.29 -62.19
N TYR I 34 16.91 43.57 -63.23
CA TYR I 34 16.85 44.85 -63.93
C TYR I 34 16.98 44.58 -65.42
N TRP I 35 16.31 45.38 -66.26
CA TRP I 35 16.33 45.13 -67.70
C TRP I 35 16.83 46.34 -68.47
N TYR I 36 17.89 46.13 -69.25
CA TYR I 36 18.52 47.19 -70.02
C TYR I 36 18.47 46.87 -71.50
N GLN I 37 18.22 47.91 -72.29
CA GLN I 37 18.08 47.80 -73.74
C GLN I 37 19.26 48.47 -74.40
N GLN I 38 19.96 47.73 -75.26
CA GLN I 38 21.04 48.26 -76.06
C GLN I 38 20.58 48.34 -77.51
N LEU I 39 20.34 49.51 -77.97
CA LEU I 39 20.14 49.85 -79.36
C LEU I 39 21.50 49.91 -80.04
N PRO I 40 21.59 49.45 -81.29
CA PRO I 40 22.90 49.43 -81.97
C PRO I 40 23.45 50.82 -82.23
N GLY I 41 24.68 51.04 -81.78
CA GLY I 41 25.33 52.33 -81.95
C GLY I 41 24.99 53.35 -80.89
N THR I 42 24.56 52.90 -79.71
CA THR I 42 24.23 53.79 -78.61
C THR I 42 24.74 53.22 -77.31
N ALA I 43 24.37 53.88 -76.22
CA ALA I 43 24.55 53.40 -74.86
C ALA I 43 23.25 52.78 -74.36
N PRO I 44 23.32 51.85 -73.40
CA PRO I 44 22.10 51.25 -72.88
C PRO I 44 21.24 52.22 -72.08
N LYS I 45 19.95 51.89 -72.01
CA LYS I 45 18.92 52.65 -71.32
C LYS I 45 18.21 51.73 -70.32
N LEU I 46 17.13 52.24 -69.72
CA LEU I 46 16.33 51.50 -68.76
C LEU I 46 15.05 51.02 -69.42
N LEU I 47 14.62 49.81 -69.09
CA LEU I 47 13.31 49.31 -69.51
C LEU I 47 12.38 49.05 -68.33
N VAL I 48 12.78 48.22 -67.38
CA VAL I 48 11.94 47.87 -66.25
C VAL I 48 12.85 47.45 -65.09
N TYR I 49 12.39 47.73 -63.87
CA TYR I 49 13.20 47.45 -62.69
C TYR I 49 12.32 47.28 -61.46
N GLY I 50 12.66 46.28 -60.66
CA GLY I 50 11.99 46.08 -59.38
C GLY I 50 10.76 45.22 -59.48
N ASN I 51 10.52 44.66 -60.66
CA ASN I 51 9.54 43.61 -60.98
C ASN I 51 8.10 44.13 -60.95
N ASN I 52 7.88 45.36 -60.50
CA ASN I 52 6.57 45.97 -60.50
C ASN I 52 6.58 47.40 -61.01
N GLN I 53 7.74 47.99 -61.22
CA GLN I 53 7.84 49.41 -61.50
C GLN I 53 8.57 49.61 -62.82
N ARG I 54 8.22 50.70 -63.50
CA ARG I 54 8.83 51.05 -64.76
C ARG I 54 9.25 52.52 -64.73
N PRO I 55 10.37 52.87 -65.35
CA PRO I 55 10.80 54.27 -65.35
C PRO I 55 10.01 55.10 -66.35
N SER I 56 10.42 56.35 -66.50
CA SER I 56 9.82 57.25 -67.45
C SER I 56 10.41 57.02 -68.84
N GLY I 57 9.82 57.67 -69.84
CA GLY I 57 10.32 57.62 -71.19
C GLY I 57 10.06 56.33 -71.93
N VAL I 58 9.36 55.37 -71.33
CA VAL I 58 9.15 54.07 -71.95
C VAL I 58 7.65 53.76 -71.97
N PRO I 59 7.12 53.23 -73.07
CA PRO I 59 5.76 52.68 -73.02
C PRO I 59 5.73 51.41 -72.18
N ASP I 60 4.67 51.25 -71.39
CA ASP I 60 4.54 50.10 -70.51
C ASP I 60 4.00 48.87 -71.21
N ARG I 61 4.06 48.84 -72.55
CA ARG I 61 3.80 47.63 -73.32
C ARG I 61 4.78 46.51 -73.00
N PHE I 62 5.99 46.85 -72.57
CA PHE I 62 6.95 45.90 -72.03
C PHE I 62 6.53 45.51 -70.62
N SER I 63 6.49 44.22 -70.32
CA SER I 63 6.15 43.78 -68.98
C SER I 63 7.18 42.81 -68.44
N VAL I 64 7.17 42.62 -67.12
CA VAL I 64 8.17 41.81 -66.45
C VAL I 64 7.48 40.67 -65.72
N SER I 65 8.10 39.49 -65.75
CA SER I 65 7.59 38.35 -65.00
C SER I 65 8.75 37.71 -64.24
N LYS I 66 8.43 37.09 -63.12
CA LYS I 66 9.39 36.40 -62.28
C LYS I 66 8.75 35.13 -61.74
N SER I 67 9.32 33.98 -62.07
CA SER I 67 8.88 32.68 -61.59
C SER I 67 10.08 32.00 -60.93
N GLY I 68 10.13 32.06 -59.59
CA GLY I 68 11.14 31.38 -58.81
C GLY I 68 12.55 31.86 -59.07
N THR I 69 13.33 31.02 -59.76
CA THR I 69 14.68 31.38 -60.20
C THR I 69 14.69 31.75 -61.67
N SER I 70 13.67 32.44 -62.14
CA SER I 70 13.61 32.87 -63.53
C SER I 70 12.87 34.19 -63.62
N ALA I 71 13.14 34.94 -64.68
CA ALA I 71 12.43 36.16 -65.01
C ALA I 71 12.32 36.27 -66.52
N SER I 72 11.50 37.20 -67.00
CA SER I 72 11.29 37.38 -68.43
C SER I 72 10.69 38.74 -68.72
N LEU I 73 10.82 39.15 -69.98
CA LEU I 73 10.31 40.41 -70.48
C LEU I 73 9.36 40.11 -71.63
N ALA I 74 8.22 40.79 -71.67
CA ALA I 74 7.16 40.52 -72.63
C ALA I 74 6.87 41.77 -73.46
N ILE I 75 6.82 41.57 -74.79
CA ILE I 75 6.65 42.65 -75.74
C ILE I 75 5.50 42.31 -76.68
N SER I 76 4.39 43.02 -76.54
CA SER I 76 3.30 42.95 -77.50
C SER I 76 3.42 44.12 -78.46
N GLY I 77 3.14 43.85 -79.75
CA GLY I 77 3.13 44.91 -80.72
C GLY I 77 4.47 45.52 -81.03
N LEU I 78 5.32 44.77 -81.74
CA LEU I 78 6.68 45.23 -82.05
C LEU I 78 6.66 46.47 -82.95
N ARG I 79 7.74 47.24 -82.89
CA ARG I 79 7.96 48.30 -83.87
C ARG I 79 9.36 48.20 -84.44
N SER I 80 9.73 49.16 -85.30
CA SER I 80 11.03 49.09 -85.96
C SER I 80 12.16 49.50 -85.03
N GLU I 81 11.83 50.07 -83.87
CA GLU I 81 12.86 50.42 -82.91
C GLU I 81 13.21 49.27 -81.98
N ASP I 82 12.49 48.15 -82.08
CA ASP I 82 12.69 47.07 -81.12
C ASP I 82 13.72 46.05 -81.59
N GLU I 83 14.34 46.26 -82.75
CA GLU I 83 15.45 45.41 -83.14
C GLU I 83 16.68 45.78 -82.32
N ALA I 84 16.84 45.16 -81.16
CA ALA I 84 17.86 45.58 -80.23
C ALA I 84 18.29 44.38 -79.40
N ASP I 85 19.27 44.62 -78.54
CA ASP I 85 19.79 43.59 -77.66
C ASP I 85 19.27 43.88 -76.26
N TYR I 86 18.87 42.83 -75.55
CA TYR I 86 18.28 43.01 -74.23
C TYR I 86 19.04 42.19 -73.19
N TYR I 87 19.34 42.82 -72.05
CA TYR I 87 20.11 42.21 -70.97
C TYR I 87 19.37 42.34 -69.65
N CYS I 88 19.43 41.29 -68.83
CA CYS I 88 18.91 41.34 -67.48
C CYS I 88 20.07 41.29 -66.50
N ALA I 89 19.90 41.95 -65.36
CA ALA I 89 20.98 42.20 -64.42
C ALA I 89 20.57 41.80 -63.03
N ALA I 90 21.54 41.30 -62.25
CA ALA I 90 21.27 40.88 -60.88
C ALA I 90 22.56 40.86 -60.09
N TRP I 91 22.45 41.15 -58.80
CA TRP I 91 23.60 40.97 -57.91
C TRP I 91 23.77 39.48 -57.63
N ASP I 92 24.99 39.05 -57.38
CA ASP I 92 25.18 37.65 -56.98
C ASP I 92 26.33 37.49 -56.00
N ASP I 93 26.12 36.59 -55.05
CA ASP I 93 27.10 36.24 -54.03
C ASP I 93 27.46 34.77 -54.26
N GLY I 94 28.64 34.53 -54.80
CA GLY I 94 29.08 33.19 -55.13
C GLY I 94 30.29 32.82 -54.27
N LEU I 95 30.66 31.55 -54.36
CA LEU I 95 31.80 31.05 -53.60
C LEU I 95 33.11 31.61 -54.10
N SER I 96 33.32 31.67 -55.41
CA SER I 96 34.55 32.19 -55.96
C SER I 96 34.62 33.71 -55.92
N GLY I 97 33.52 34.37 -56.23
CA GLY I 97 33.50 35.81 -56.18
C GLY I 97 32.08 36.30 -56.07
N SER I 98 31.93 37.62 -56.03
CA SER I 98 30.62 38.22 -55.95
C SER I 98 30.64 39.52 -56.73
N GLY I 99 29.49 39.91 -57.22
CA GLY I 99 29.48 41.15 -57.97
C GLY I 99 28.18 41.36 -58.70
N TRP I 100 28.26 42.21 -59.71
CA TRP I 100 27.07 42.67 -60.41
C TRP I 100 27.02 42.03 -61.79
N VAL I 101 26.34 40.91 -61.85
CA VAL I 101 26.43 40.04 -63.03
C VAL I 101 25.29 40.36 -63.99
N PHE I 102 25.55 40.11 -65.27
CA PHE I 102 24.65 40.40 -66.36
C PHE I 102 24.16 39.14 -67.03
N GLY I 103 23.21 39.32 -67.94
CA GLY I 103 22.79 38.25 -68.81
C GLY I 103 23.60 38.25 -70.10
N GLY I 104 23.37 37.23 -70.92
CA GLY I 104 24.05 37.15 -72.18
C GLY I 104 23.48 38.09 -73.21
N GLY I 105 22.23 38.47 -73.05
CA GLY I 105 21.55 39.34 -73.98
C GLY I 105 20.86 38.55 -75.09
N THR I 106 19.88 39.20 -75.71
CA THR I 106 19.18 38.58 -76.84
C THR I 106 18.98 39.62 -77.91
N LYS I 107 19.40 39.30 -79.13
CA LYS I 107 19.20 40.13 -80.29
C LYS I 107 17.83 39.85 -80.88
N LEU I 108 16.98 40.87 -80.94
CA LEU I 108 15.62 40.74 -81.43
C LEU I 108 15.44 41.64 -82.65
N THR I 109 14.92 41.08 -83.74
CA THR I 109 14.78 41.81 -84.99
C THR I 109 13.57 41.29 -85.77
N VAL I 110 13.26 41.99 -86.85
CA VAL I 110 12.21 41.60 -87.78
C VAL I 110 12.78 41.61 -89.20
N LEU I 111 12.49 40.55 -89.96
CA LEU I 111 13.01 40.41 -91.31
C LEU I 111 12.35 41.40 -92.27
#